data_8EMB
#
_entry.id   8EMB
#
_cell.length_a   178.663
_cell.length_b   178.663
_cell.length_c   281.038
_cell.angle_alpha   90.000
_cell.angle_beta   90.000
_cell.angle_gamma   120.000
#
_symmetry.space_group_name_H-M   'P 32 2 1'
#
_entity_poly.entity_id   1
_entity_poly.type   'polypeptide(L)'
_entity_poly.pdbx_seq_one_letter_code
;GSH(MSE)ATEKVTKDVASDLAGQVKFVNLDAEEKRDRQGTTTRIAPKGGLIWVLSGEVYNLPPGAEPVVKNGDRIEAGA
V(MSE)AETTVKTEHGGVVRLPEQQDSKGGREVEIITASV(MSE)LDKAKVLKETQQGREHYIIETATGQRFSLKAAPGT
KVANGQVVAELIDDRYHTTTGGILKYADIEVAKKGKAKQGYEVLKGGTLLWIPEETHEVNKDISLLMVEDNQYVEAGTEV
VKDIFCQNSGVVEVIQKNDILREIIIKPGELHLVDDPEAARLKHGTLARPGEEVLPGLVVDTLSQVDYLEDTPEGPAIL
(MSE)RPVQEFSVPDEPSVPSQDSSDGSGQSIRLRAVQRLPYKHDERVKSVDGVDLLRTQLVLEIGSEAPQLAADIEIVT
DEVDPEAQRLQLVILESLIIRRDIAADQTQGSTFTSLLVKDGDHIGPGAVIARTDIKAKQAGEVQGIVRSGESVRRILVV
TDSDRLRVETNGAKPTVKVGDLVRPGDE(MSE)AKGVTAPETAAV(MSE)AVADDHVILRLARPYLVSPGAVLQIEEGDL
VQRGDNLALLVFERAKTG
;
_entity_poly.pdbx_strand_id   A,B,C,D,E,F
#
# COMPACT_ATOMS: atom_id res chain seq x y z
N MSE A 4 2.45 -28.17 -1.33
CA MSE A 4 3.69 -27.43 -1.17
C MSE A 4 3.41 -25.93 -1.29
O MSE A 4 2.26 -25.53 -1.47
CB MSE A 4 4.73 -27.87 -2.21
CG MSE A 4 6.17 -27.83 -1.73
SE MSE A 4 6.45 -28.82 -0.06
CE MSE A 4 8.27 -29.44 -0.40
N ALA A 5 4.46 -25.12 -1.18
CA ALA A 5 4.28 -23.66 -1.10
C ALA A 5 5.36 -22.95 -1.90
N THR A 6 5.76 -23.50 -3.04
CA THR A 6 6.79 -22.90 -3.88
C THR A 6 6.23 -22.65 -5.28
N GLU A 7 7.07 -22.10 -6.14
CA GLU A 7 6.69 -21.73 -7.49
C GLU A 7 7.89 -21.95 -8.41
N LYS A 8 7.62 -22.48 -9.60
CA LYS A 8 8.66 -22.75 -10.58
C LYS A 8 8.88 -21.51 -11.44
N VAL A 9 10.14 -21.06 -11.51
CA VAL A 9 10.50 -19.82 -12.19
C VAL A 9 11.60 -20.14 -13.20
N THR A 10 11.73 -19.28 -14.22
CA THR A 10 12.79 -19.45 -15.21
C THR A 10 13.45 -18.11 -15.48
N LYS A 11 14.78 -18.09 -15.37
CA LYS A 11 15.59 -16.96 -15.83
C LYS A 11 16.52 -17.46 -16.92
N ASP A 12 16.59 -16.75 -18.04
CA ASP A 12 17.40 -17.26 -19.13
C ASP A 12 18.72 -16.50 -19.20
N VAL A 13 19.73 -17.19 -19.72
CA VAL A 13 21.10 -16.72 -19.77
C VAL A 13 21.38 -16.38 -21.22
N ALA A 14 21.39 -15.10 -21.54
CA ALA A 14 21.70 -14.64 -22.89
C ALA A 14 23.16 -14.22 -22.95
N SER A 15 23.79 -14.48 -24.09
CA SER A 15 25.18 -14.09 -24.25
C SER A 15 25.29 -12.57 -24.38
N ASP A 16 26.34 -12.02 -23.79
CA ASP A 16 26.62 -10.60 -23.89
C ASP A 16 27.60 -10.27 -25.01
N LEU A 17 27.99 -11.27 -25.80
CA LEU A 17 28.96 -11.08 -26.87
C LEU A 17 28.76 -12.20 -27.89
N ALA A 18 29.09 -11.90 -29.15
CA ALA A 18 29.12 -12.91 -30.18
C ALA A 18 30.36 -13.79 -30.03
N GLY A 19 30.20 -15.07 -30.35
CA GLY A 19 31.32 -15.99 -30.24
C GLY A 19 30.88 -17.42 -30.48
N GLN A 20 31.76 -18.34 -30.09
CA GLN A 20 31.53 -19.78 -30.22
C GLN A 20 31.37 -20.42 -28.85
N VAL A 21 30.45 -21.37 -28.76
CA VAL A 21 30.11 -22.00 -27.48
C VAL A 21 31.04 -23.17 -27.24
N LYS A 22 31.58 -23.25 -26.03
CA LYS A 22 32.46 -24.33 -25.62
C LYS A 22 32.05 -24.81 -24.22
N PHE A 23 31.72 -26.08 -24.12
CA PHE A 23 31.57 -26.72 -22.82
C PHE A 23 32.95 -27.16 -22.34
N VAL A 24 33.28 -26.87 -21.09
CA VAL A 24 34.59 -27.22 -20.54
C VAL A 24 34.48 -28.36 -19.55
N ASN A 25 33.79 -28.15 -18.43
CA ASN A 25 33.48 -29.20 -17.48
C ASN A 25 31.98 -29.02 -17.25
N LEU A 26 31.21 -29.47 -18.24
CA LEU A 26 29.77 -29.25 -18.27
C LEU A 26 29.14 -30.52 -18.83
N ASP A 27 28.66 -31.37 -17.94
CA ASP A 27 27.91 -32.54 -18.37
C ASP A 27 26.62 -32.10 -19.03
N ALA A 28 26.42 -32.52 -20.27
CA ALA A 28 25.21 -32.21 -21.02
C ALA A 28 24.44 -33.51 -21.20
N GLU A 29 23.22 -33.54 -20.66
CA GLU A 29 22.38 -34.72 -20.73
C GLU A 29 21.19 -34.47 -21.64
N GLU A 30 20.77 -35.51 -22.35
CA GLU A 30 19.56 -35.46 -23.15
C GLU A 30 18.53 -36.30 -22.40
N LYS A 31 17.54 -35.63 -21.81
CA LYS A 31 16.53 -36.32 -21.03
C LYS A 31 15.29 -36.53 -21.86
N ARG A 32 14.74 -37.74 -21.79
CA ARG A 32 13.51 -38.09 -22.47
C ARG A 32 12.49 -38.53 -21.44
N ASP A 33 11.30 -37.93 -21.50
CA ASP A 33 10.19 -38.27 -20.62
C ASP A 33 9.11 -38.97 -21.45
N ARG A 34 8.01 -39.32 -20.79
CA ARG A 34 6.88 -39.97 -21.49
C ARG A 34 6.22 -38.92 -22.40
N GLN A 35 6.02 -37.71 -21.88
CA GLN A 35 5.34 -36.64 -22.68
C GLN A 35 6.28 -35.44 -22.79
N GLY A 36 7.19 -35.26 -21.83
CA GLY A 36 8.16 -34.16 -21.89
C GLY A 36 9.11 -34.34 -23.06
N THR A 37 9.36 -35.59 -23.46
CA THR A 37 10.22 -35.91 -24.64
C THR A 37 11.63 -35.31 -24.46
N THR A 38 12.28 -34.92 -25.56
CA THR A 38 13.69 -34.47 -25.50
C THR A 38 13.87 -33.14 -24.76
N THR A 39 14.94 -33.03 -23.96
CA THR A 39 15.26 -31.78 -23.21
C THR A 39 16.76 -31.78 -22.90
N ARG A 40 17.51 -30.81 -23.45
CA ARG A 40 18.96 -30.69 -23.13
C ARG A 40 19.10 -30.09 -21.74
N ILE A 41 19.70 -30.82 -20.79
CA ILE A 41 19.79 -30.41 -19.41
C ILE A 41 21.25 -30.40 -18.98
N ALA A 42 21.59 -29.52 -18.04
CA ALA A 42 22.87 -29.58 -17.37
C ALA A 42 22.62 -30.15 -15.97
N PRO A 43 22.71 -31.48 -15.82
CA PRO A 43 22.31 -32.09 -14.54
C PRO A 43 23.08 -31.58 -13.34
N LYS A 44 24.37 -31.32 -13.49
CA LYS A 44 25.19 -30.82 -12.39
C LYS A 44 25.48 -29.34 -12.49
N GLY A 45 25.08 -28.68 -13.57
CA GLY A 45 25.45 -27.30 -13.79
C GLY A 45 26.87 -27.23 -14.29
N GLY A 46 27.29 -26.03 -14.66
CA GLY A 46 28.66 -25.88 -15.12
C GLY A 46 28.95 -24.51 -15.68
N LEU A 47 29.88 -24.48 -16.62
CA LEU A 47 30.31 -23.24 -17.26
C LEU A 47 30.16 -23.39 -18.76
N ILE A 48 29.52 -22.40 -19.39
CA ILE A 48 29.45 -22.28 -20.84
C ILE A 48 30.38 -21.14 -21.23
N TRP A 49 31.42 -21.44 -22.01
CA TRP A 49 32.35 -20.41 -22.42
C TRP A 49 31.99 -19.93 -23.81
N VAL A 50 31.98 -18.61 -23.98
CA VAL A 50 31.81 -17.99 -25.28
C VAL A 50 33.17 -17.46 -25.69
N LEU A 51 33.78 -18.09 -26.68
CA LEU A 51 35.02 -17.59 -27.26
C LEU A 51 34.66 -16.43 -28.18
N SER A 52 35.22 -15.25 -27.89
CA SER A 52 34.79 -14.03 -28.58
C SER A 52 35.09 -14.11 -30.07
N GLY A 53 34.19 -13.57 -30.86
CA GLY A 53 34.39 -13.48 -32.30
C GLY A 53 33.24 -12.74 -32.92
N GLU A 54 33.47 -12.27 -34.15
CA GLU A 54 32.43 -11.64 -34.95
C GLU A 54 31.71 -12.73 -35.74
N VAL A 55 30.44 -12.97 -35.40
CA VAL A 55 29.65 -14.04 -35.99
C VAL A 55 28.75 -13.45 -37.07
N TYR A 56 28.77 -14.07 -38.24
CA TYR A 56 28.02 -13.61 -39.40
C TYR A 56 26.91 -14.62 -39.69
N ASN A 57 25.67 -14.16 -39.65
CA ASN A 57 24.53 -14.93 -40.10
C ASN A 57 24.48 -14.93 -41.62
N LEU A 58 24.40 -16.10 -42.20
CA LEU A 58 24.41 -16.11 -43.65
C LEU A 58 23.00 -16.24 -44.20
N PRO A 59 22.75 -15.72 -45.40
CA PRO A 59 21.46 -15.93 -46.06
C PRO A 59 21.25 -17.40 -46.36
N PRO A 60 20.00 -17.85 -46.54
CA PRO A 60 19.72 -19.28 -46.51
C PRO A 60 20.34 -20.07 -47.66
N GLY A 61 20.76 -19.41 -48.73
CA GLY A 61 21.39 -20.07 -49.86
C GLY A 61 22.90 -19.99 -49.89
N ALA A 62 23.54 -19.58 -48.80
CA ALA A 62 24.95 -19.21 -48.84
C ALA A 62 25.84 -20.44 -48.90
N GLU A 63 26.83 -20.40 -49.79
CA GLU A 63 27.89 -21.39 -49.86
C GLU A 63 29.21 -20.74 -49.46
N PRO A 64 29.90 -21.26 -48.43
CA PRO A 64 31.15 -20.61 -48.01
C PRO A 64 32.25 -20.78 -49.04
N VAL A 65 33.06 -19.73 -49.21
CA VAL A 65 34.22 -19.76 -50.08
C VAL A 65 35.51 -19.75 -49.27
N VAL A 66 35.40 -19.93 -47.95
CA VAL A 66 36.56 -19.93 -47.05
C VAL A 66 36.49 -21.16 -46.16
N LYS A 67 37.65 -21.74 -45.89
CA LYS A 67 37.79 -22.87 -44.99
C LYS A 67 38.35 -22.39 -43.65
N ASN A 68 38.21 -23.23 -42.63
CA ASN A 68 38.70 -22.89 -41.31
C ASN A 68 40.20 -22.60 -41.34
N GLY A 69 40.61 -21.52 -40.68
CA GLY A 69 42.00 -21.13 -40.59
C GLY A 69 42.43 -20.04 -41.56
N ASP A 70 41.65 -19.79 -42.61
CA ASP A 70 42.01 -18.77 -43.58
C ASP A 70 42.10 -17.39 -42.93
N ARG A 71 43.08 -16.61 -43.36
CA ARG A 71 43.22 -15.21 -42.97
C ARG A 71 42.64 -14.34 -44.08
N ILE A 72 41.63 -13.54 -43.75
CA ILE A 72 40.87 -12.78 -44.73
C ILE A 72 41.02 -11.29 -44.44
N GLU A 73 41.22 -10.51 -45.50
CA GLU A 73 41.23 -9.07 -45.37
C GLU A 73 39.82 -8.54 -45.14
N ALA A 74 39.74 -7.33 -44.57
CA ALA A 74 38.45 -6.70 -44.33
C ALA A 74 37.69 -6.48 -45.63
N GLY A 75 36.40 -6.79 -45.62
CA GLY A 75 35.57 -6.69 -46.80
C GLY A 75 35.70 -7.84 -47.78
N ALA A 76 36.43 -8.89 -47.42
CA ALA A 76 36.52 -10.06 -48.30
C ALA A 76 35.20 -10.81 -48.31
N VAL A 77 34.97 -11.53 -49.41
CA VAL A 77 33.74 -12.31 -49.56
C VAL A 77 33.90 -13.63 -48.81
N MSE A 78 33.07 -13.83 -47.80
CA MSE A 78 33.12 -15.06 -47.00
C MSE A 78 32.29 -16.17 -47.61
O MSE A 78 32.63 -17.35 -47.50
CB MSE A 78 32.65 -14.80 -45.58
CG MSE A 78 33.39 -13.71 -44.84
SE MSE A 78 32.41 -13.22 -43.22
CE MSE A 78 33.91 -12.76 -42.08
N ALA A 79 31.18 -15.79 -48.24
CA ALA A 79 30.29 -16.75 -48.85
C ALA A 79 29.55 -16.08 -50.00
N GLU A 80 29.08 -16.90 -50.94
CA GLU A 80 28.28 -16.43 -52.06
C GLU A 80 26.99 -17.23 -52.14
N THR A 81 25.91 -16.56 -52.51
CA THR A 81 24.65 -17.19 -52.84
C THR A 81 24.39 -17.05 -54.33
N THR A 82 23.52 -17.90 -54.86
CA THR A 82 23.23 -17.90 -56.28
C THR A 82 21.72 -17.89 -56.48
N VAL A 83 21.29 -17.14 -57.50
CA VAL A 83 19.91 -17.12 -57.93
C VAL A 83 19.84 -17.88 -59.25
N LYS A 84 19.06 -18.95 -59.26
CA LYS A 84 18.89 -19.78 -60.45
C LYS A 84 17.52 -19.53 -61.04
N THR A 85 17.32 -20.03 -62.26
CA THR A 85 16.02 -19.93 -62.92
C THR A 85 15.41 -21.31 -63.12
N GLU A 86 14.23 -21.52 -62.53
CA GLU A 86 13.41 -22.64 -62.91
C GLU A 86 12.79 -22.33 -64.27
N HIS A 87 12.64 -23.37 -65.12
CA HIS A 87 12.04 -23.17 -66.44
C HIS A 87 12.81 -22.11 -67.23
N GLY A 88 14.03 -22.48 -67.63
CA GLY A 88 14.86 -21.52 -68.32
C GLY A 88 14.26 -21.13 -69.66
N GLY A 89 14.48 -19.87 -70.03
CA GLY A 89 13.97 -19.29 -71.26
C GLY A 89 14.79 -18.10 -71.72
N VAL A 90 14.15 -17.07 -72.26
CA VAL A 90 14.88 -15.90 -72.73
C VAL A 90 14.74 -14.78 -71.70
N VAL A 91 15.86 -14.29 -71.20
CA VAL A 91 15.87 -13.32 -70.12
C VAL A 91 15.57 -11.92 -70.66
N ARG A 92 14.76 -11.18 -69.91
CA ARG A 92 14.48 -9.77 -70.14
C ARG A 92 14.78 -9.04 -68.83
N LEU A 93 15.47 -7.93 -68.93
CA LEU A 93 15.83 -7.16 -67.74
C LEU A 93 14.98 -5.91 -67.67
N PRO A 94 14.07 -5.82 -66.72
CA PRO A 94 13.25 -4.62 -66.60
C PRO A 94 14.01 -3.38 -66.15
N GLU A 95 13.25 -2.31 -65.94
CA GLU A 95 13.74 -0.98 -65.63
C GLU A 95 14.33 -0.92 -64.22
N GLN A 96 14.72 0.28 -63.81
CA GLN A 96 15.23 0.56 -62.46
C GLN A 96 14.06 0.84 -61.51
N GLN A 97 13.10 -0.08 -61.52
CA GLN A 97 11.95 0.00 -60.63
C GLN A 97 12.37 -0.34 -59.22
N ASP A 98 12.64 0.69 -58.41
CA ASP A 98 13.07 0.48 -57.03
C ASP A 98 11.84 0.08 -56.22
N SER A 99 11.42 -1.17 -56.43
CA SER A 99 10.25 -1.71 -55.75
C SER A 99 10.67 -2.08 -54.34
N LYS A 100 10.66 -1.07 -53.47
CA LYS A 100 11.17 -1.18 -52.11
C LYS A 100 12.61 -1.69 -52.10
N GLY A 101 13.39 -1.23 -53.08
CA GLY A 101 14.80 -1.52 -53.20
C GLY A 101 15.17 -2.62 -54.18
N GLY A 102 14.36 -3.67 -54.29
CA GLY A 102 14.75 -4.83 -55.07
C GLY A 102 14.67 -4.60 -56.57
N ARG A 103 15.56 -5.26 -57.30
CA ARG A 103 15.56 -5.27 -58.76
C ARG A 103 14.81 -6.51 -59.27
N GLU A 104 14.12 -6.35 -60.39
CA GLU A 104 13.31 -7.40 -60.98
C GLU A 104 13.92 -7.89 -62.28
N VAL A 105 13.88 -9.21 -62.49
CA VAL A 105 14.37 -9.85 -63.72
C VAL A 105 13.30 -10.81 -64.20
N GLU A 106 12.92 -10.71 -65.47
CA GLU A 106 11.88 -11.58 -66.01
C GLU A 106 12.50 -12.57 -67.00
N ILE A 107 11.89 -13.75 -67.09
CA ILE A 107 12.35 -14.80 -67.99
C ILE A 107 11.15 -15.26 -68.80
N ILE A 108 11.14 -14.93 -70.09
CA ILE A 108 10.09 -15.36 -71.01
C ILE A 108 10.29 -16.84 -71.31
N THR A 109 9.45 -17.70 -70.74
CA THR A 109 9.59 -19.13 -70.95
C THR A 109 8.87 -19.61 -72.20
N ALA A 110 7.91 -18.83 -72.71
CA ALA A 110 7.27 -19.12 -73.99
C ALA A 110 6.63 -17.83 -74.48
N SER A 111 6.45 -17.74 -75.80
CA SER A 111 5.92 -16.51 -76.38
C SER A 111 5.36 -16.79 -77.77
N VAL A 112 4.31 -16.06 -78.12
CA VAL A 112 3.76 -16.02 -79.47
C VAL A 112 3.54 -14.57 -79.87
N MSE A 113 3.86 -14.25 -81.13
CA MSE A 113 3.65 -12.91 -81.66
C MSE A 113 3.03 -12.99 -83.06
O MSE A 113 3.45 -13.79 -83.88
CB MSE A 113 4.97 -12.14 -81.70
CG MSE A 113 4.97 -10.95 -82.63
SE MSE A 113 6.77 -10.55 -83.26
CE MSE A 113 7.22 -12.31 -83.97
N LEU A 114 2.04 -12.13 -83.32
CA LEU A 114 1.41 -12.03 -84.63
C LEU A 114 2.32 -11.25 -85.56
N ASP A 115 3.19 -11.96 -86.28
CA ASP A 115 3.89 -11.33 -87.38
C ASP A 115 2.93 -11.01 -88.51
N LYS A 116 3.38 -10.15 -89.41
CA LYS A 116 2.61 -9.69 -90.58
C LYS A 116 1.36 -8.90 -90.19
N ALA A 117 1.17 -8.60 -88.90
CA ALA A 117 0.02 -7.85 -88.43
C ALA A 117 0.49 -6.61 -87.67
N LYS A 118 -0.05 -5.45 -88.03
CA LYS A 118 0.35 -4.18 -87.48
C LYS A 118 -0.70 -3.65 -86.52
N VAL A 119 -0.27 -3.19 -85.35
CA VAL A 119 -1.15 -2.59 -84.35
C VAL A 119 -1.10 -1.08 -84.48
N LEU A 120 -2.27 -0.44 -84.53
CA LEU A 120 -2.39 1.00 -84.61
C LEU A 120 -3.38 1.47 -83.54
N LYS A 121 -3.36 2.76 -83.23
CA LYS A 121 -4.16 3.31 -82.15
C LYS A 121 -5.14 4.32 -82.73
N GLU A 122 -6.33 3.85 -83.06
CA GLU A 122 -7.36 4.66 -83.73
C GLU A 122 -7.98 5.60 -82.72
N THR A 123 -7.32 6.75 -82.52
CA THR A 123 -7.85 7.87 -81.73
C THR A 123 -9.32 8.15 -82.02
N GLN A 124 -9.77 7.84 -83.23
CA GLN A 124 -11.18 7.96 -83.57
C GLN A 124 -11.98 6.93 -82.77
N GLN A 125 -13.30 6.88 -83.02
CA GLN A 125 -14.21 6.01 -82.27
C GLN A 125 -14.18 6.34 -80.78
N GLY A 126 -14.65 7.55 -80.46
CA GLY A 126 -14.63 8.02 -79.09
C GLY A 126 -13.24 8.18 -78.50
N ARG A 127 -12.85 7.25 -77.64
CA ARG A 127 -11.52 7.27 -77.03
C ARG A 127 -10.63 6.24 -77.71
N GLU A 128 -9.32 6.38 -77.47
CA GLU A 128 -8.36 5.58 -78.22
C GLU A 128 -8.55 4.09 -78.01
N HIS A 129 -8.43 3.34 -79.11
CA HIS A 129 -8.53 1.89 -79.12
C HIS A 129 -7.40 1.29 -79.96
N TYR A 130 -6.91 0.14 -79.53
CA TYR A 130 -5.90 -0.59 -80.30
C TYR A 130 -6.59 -1.47 -81.34
N ILE A 131 -6.15 -1.33 -82.60
CA ILE A 131 -6.69 -2.08 -83.73
C ILE A 131 -5.54 -2.86 -84.37
N ILE A 132 -5.76 -4.14 -84.59
CA ILE A 132 -4.77 -5.02 -85.23
C ILE A 132 -5.23 -5.24 -86.66
N GLU A 133 -4.44 -4.75 -87.62
CA GLU A 133 -4.71 -4.94 -89.04
C GLU A 133 -3.78 -6.01 -89.59
N THR A 134 -4.36 -7.05 -90.19
CA THR A 134 -3.60 -8.13 -90.80
C THR A 134 -3.34 -7.81 -92.27
N ALA A 135 -2.39 -8.54 -92.86
CA ALA A 135 -2.12 -8.41 -94.29
C ALA A 135 -3.38 -8.67 -95.13
N THR A 136 -4.28 -9.51 -94.64
CA THR A 136 -5.54 -9.73 -95.32
C THR A 136 -6.43 -8.49 -95.32
N GLY A 137 -6.23 -7.58 -94.36
CA GLY A 137 -7.03 -6.39 -94.24
C GLY A 137 -8.04 -6.42 -93.13
N GLN A 138 -8.19 -7.55 -92.43
CA GLN A 138 -9.11 -7.63 -91.31
C GLN A 138 -8.64 -6.74 -90.17
N ARG A 139 -9.59 -6.11 -89.49
CA ARG A 139 -9.30 -5.25 -88.35
C ARG A 139 -9.90 -5.88 -87.11
N PHE A 140 -9.06 -6.11 -86.10
CA PHE A 140 -9.49 -6.67 -84.83
C PHE A 140 -9.36 -5.61 -83.74
N SER A 141 -10.43 -5.41 -82.98
CA SER A 141 -10.35 -4.55 -81.81
C SER A 141 -9.72 -5.33 -80.67
N LEU A 142 -8.66 -4.76 -80.08
CA LEU A 142 -7.93 -5.41 -78.99
C LEU A 142 -8.67 -5.18 -77.70
N LYS A 143 -8.99 -6.25 -76.99
CA LYS A 143 -9.81 -6.17 -75.78
C LYS A 143 -8.97 -6.32 -74.51
N ALA A 144 -7.68 -6.00 -74.58
CA ALA A 144 -6.81 -6.02 -73.41
C ALA A 144 -5.76 -4.93 -73.54
N ALA A 145 -5.78 -3.97 -72.61
CA ALA A 145 -4.86 -2.85 -72.69
C ALA A 145 -3.44 -3.34 -72.39
N PRO A 146 -2.42 -2.68 -72.93
CA PRO A 146 -1.05 -3.19 -72.79
C PRO A 146 -0.65 -3.37 -71.34
N GLY A 147 0.09 -4.45 -71.08
CA GLY A 147 0.52 -4.78 -69.74
C GLY A 147 -0.48 -5.56 -68.92
N THR A 148 -1.63 -5.91 -69.48
CA THR A 148 -2.63 -6.67 -68.73
C THR A 148 -2.34 -8.16 -68.81
N LYS A 149 -2.56 -8.84 -67.69
CA LYS A 149 -2.49 -10.30 -67.64
C LYS A 149 -3.74 -10.89 -68.29
N VAL A 150 -3.56 -11.99 -69.01
CA VAL A 150 -4.63 -12.63 -69.77
C VAL A 150 -4.65 -14.12 -69.44
N ALA A 151 -5.79 -14.62 -69.00
CA ALA A 151 -5.93 -16.02 -68.61
C ALA A 151 -6.19 -16.89 -69.85
N ASN A 152 -5.90 -18.18 -69.70
CA ASN A 152 -6.12 -19.14 -70.78
C ASN A 152 -7.59 -19.20 -71.17
N GLY A 153 -7.86 -19.18 -72.47
CA GLY A 153 -9.21 -19.20 -72.98
C GLY A 153 -9.87 -17.84 -73.14
N GLN A 154 -9.20 -16.77 -72.74
CA GLN A 154 -9.79 -15.44 -72.77
C GLN A 154 -9.74 -14.85 -74.17
N VAL A 155 -10.77 -14.09 -74.52
CA VAL A 155 -10.80 -13.42 -75.81
C VAL A 155 -9.83 -12.26 -75.78
N VAL A 156 -8.93 -12.22 -76.77
CA VAL A 156 -7.94 -11.16 -76.87
C VAL A 156 -8.43 -10.03 -77.76
N ALA A 157 -8.90 -10.36 -78.96
CA ALA A 157 -9.39 -9.36 -79.90
C ALA A 157 -10.67 -9.89 -80.55
N GLU A 158 -11.47 -8.96 -81.06
CA GLU A 158 -12.71 -9.29 -81.75
C GLU A 158 -12.70 -8.67 -83.14
N LEU A 159 -13.09 -9.46 -84.12
CA LEU A 159 -13.12 -8.99 -85.51
C LEU A 159 -14.19 -7.92 -85.65
N ILE A 160 -13.85 -6.80 -86.29
CA ILE A 160 -14.83 -5.79 -86.66
C ILE A 160 -15.48 -6.25 -87.96
N ASP A 161 -16.73 -6.71 -87.86
CA ASP A 161 -17.35 -7.47 -88.95
C ASP A 161 -18.82 -7.11 -89.07
N ASP A 162 -19.18 -6.42 -90.15
CA ASP A 162 -20.55 -6.05 -90.46
C ASP A 162 -21.25 -7.02 -91.42
N ARG A 163 -20.59 -8.10 -91.84
CA ARG A 163 -21.26 -9.12 -92.64
C ARG A 163 -22.34 -9.88 -91.89
N TYR A 164 -22.29 -9.92 -90.56
CA TYR A 164 -23.26 -10.67 -89.76
C TYR A 164 -24.14 -9.76 -88.92
N HIS A 165 -24.21 -8.47 -89.26
CA HIS A 165 -25.06 -7.52 -88.58
C HIS A 165 -26.40 -7.42 -89.30
N THR A 166 -27.49 -7.57 -88.55
CA THR A 166 -28.84 -7.57 -89.10
C THR A 166 -29.46 -6.17 -88.98
N THR A 167 -30.67 -6.04 -89.51
CA THR A 167 -31.40 -4.78 -89.44
C THR A 167 -32.31 -4.68 -88.22
N THR A 168 -33.03 -5.74 -87.89
CA THR A 168 -33.83 -5.81 -86.66
C THR A 168 -33.64 -7.20 -86.06
N GLY A 169 -34.49 -7.53 -85.09
CA GLY A 169 -34.54 -8.87 -84.57
C GLY A 169 -35.20 -9.80 -85.56
N GLY A 170 -35.38 -11.05 -85.13
CA GLY A 170 -36.02 -12.02 -86.01
C GLY A 170 -35.87 -13.43 -85.48
N ILE A 171 -35.98 -14.37 -86.41
CA ILE A 171 -35.94 -15.80 -86.13
C ILE A 171 -34.74 -16.38 -86.87
N LEU A 172 -33.94 -17.18 -86.17
CA LEU A 172 -32.69 -17.71 -86.70
C LEU A 172 -32.79 -19.23 -86.77
N LYS A 173 -32.43 -19.79 -87.93
CA LYS A 173 -32.32 -21.23 -88.08
C LYS A 173 -30.98 -21.59 -88.69
N TYR A 174 -30.51 -22.80 -88.40
CA TYR A 174 -29.26 -23.31 -88.94
C TYR A 174 -29.52 -24.20 -90.14
N ALA A 175 -28.49 -24.37 -90.96
CA ALA A 175 -28.52 -25.27 -92.12
C ALA A 175 -27.12 -25.85 -92.25
N ASP A 176 -26.96 -27.11 -91.83
CA ASP A 176 -25.71 -27.86 -91.89
C ASP A 176 -24.69 -27.37 -90.85
N ILE A 177 -25.01 -26.30 -90.13
CA ILE A 177 -24.10 -25.76 -89.14
C ILE A 177 -24.20 -26.61 -87.87
N GLU A 178 -23.07 -27.14 -87.43
CA GLU A 178 -23.00 -27.92 -86.19
C GLU A 178 -22.19 -27.12 -85.17
N VAL A 179 -22.79 -26.85 -84.02
CA VAL A 179 -22.13 -26.08 -82.97
C VAL A 179 -21.87 -26.99 -81.78
N ALA A 180 -20.86 -26.60 -80.99
CA ALA A 180 -20.61 -27.26 -79.71
C ALA A 180 -21.64 -26.77 -78.70
N LYS A 181 -22.36 -27.72 -78.09
CA LYS A 181 -23.39 -27.34 -77.13
C LYS A 181 -22.77 -26.85 -75.84
N LYS A 182 -22.02 -25.74 -75.91
CA LYS A 182 -21.43 -25.14 -74.73
C LYS A 182 -22.45 -24.24 -74.05
N GLY A 183 -22.36 -24.16 -72.73
CA GLY A 183 -23.12 -23.16 -72.01
C GLY A 183 -22.79 -21.77 -72.53
N LYS A 184 -23.81 -20.92 -72.63
CA LYS A 184 -23.55 -19.60 -73.20
C LYS A 184 -22.63 -18.74 -72.32
N ALA A 185 -22.07 -19.32 -71.26
CA ALA A 185 -21.09 -18.62 -70.44
C ALA A 185 -19.96 -18.04 -71.27
N LYS A 186 -19.59 -18.70 -72.37
CA LYS A 186 -18.66 -18.12 -73.33
C LYS A 186 -19.41 -17.57 -74.55
N GLN A 187 -20.25 -16.58 -74.27
CA GLN A 187 -20.81 -15.68 -75.28
C GLN A 187 -21.47 -16.43 -76.44
N GLY A 188 -21.97 -17.63 -76.20
CA GLY A 188 -22.66 -18.34 -77.26
C GLY A 188 -22.08 -19.70 -77.57
N TYR A 189 -22.36 -20.22 -78.77
CA TYR A 189 -21.96 -21.56 -79.16
C TYR A 189 -20.86 -21.47 -80.22
N GLU A 190 -19.83 -22.29 -80.06
CA GLU A 190 -18.71 -22.31 -80.99
C GLU A 190 -19.08 -23.11 -82.23
N VAL A 191 -18.67 -22.61 -83.40
CA VAL A 191 -18.97 -23.27 -84.65
C VAL A 191 -17.98 -24.40 -84.87
N LEU A 192 -18.50 -25.61 -85.08
CA LEU A 192 -17.69 -26.80 -85.33
C LEU A 192 -17.73 -27.24 -86.77
N LYS A 193 -18.92 -27.28 -87.36
CA LYS A 193 -19.11 -27.55 -88.78
C LYS A 193 -19.85 -26.37 -89.40
N GLY A 194 -19.39 -25.93 -90.56
CA GLY A 194 -19.95 -24.76 -91.20
C GLY A 194 -21.24 -25.06 -91.94
N GLY A 195 -21.71 -24.04 -92.66
CA GLY A 195 -22.93 -24.17 -93.44
C GLY A 195 -23.55 -22.83 -93.77
N THR A 196 -24.88 -22.75 -93.68
CA THR A 196 -25.59 -21.49 -93.87
C THR A 196 -26.50 -21.24 -92.68
N LEU A 197 -26.66 -19.97 -92.32
CA LEU A 197 -27.60 -19.61 -91.26
C LEU A 197 -28.66 -18.71 -91.86
N LEU A 198 -29.92 -19.06 -91.63
CA LEU A 198 -31.07 -18.42 -92.25
C LEU A 198 -31.73 -17.48 -91.24
N TRP A 199 -32.04 -16.27 -91.69
CA TRP A 199 -32.52 -15.20 -90.82
C TRP A 199 -33.81 -14.65 -91.40
N ILE A 200 -34.87 -14.68 -90.59
CA ILE A 200 -36.19 -14.21 -90.96
C ILE A 200 -36.50 -12.98 -90.10
N PRO A 201 -36.50 -11.77 -90.65
CA PRO A 201 -36.65 -10.58 -89.81
C PRO A 201 -38.03 -10.46 -89.18
N GLU A 202 -38.03 -9.88 -87.98
CA GLU A 202 -39.26 -9.43 -87.33
C GLU A 202 -38.87 -8.43 -86.25
N GLU A 203 -39.56 -7.29 -86.21
CA GLU A 203 -39.25 -6.22 -85.29
C GLU A 203 -40.20 -6.31 -84.10
N THR A 204 -39.67 -6.72 -82.95
CA THR A 204 -40.47 -6.99 -81.77
C THR A 204 -40.36 -5.83 -80.79
N HIS A 205 -41.51 -5.34 -80.33
CA HIS A 205 -41.58 -4.25 -79.36
C HIS A 205 -42.29 -4.75 -78.11
N GLU A 206 -41.65 -4.57 -76.96
CA GLU A 206 -42.24 -4.95 -75.68
C GLU A 206 -43.08 -3.78 -75.17
N VAL A 207 -44.39 -4.00 -75.03
CA VAL A 207 -45.31 -2.97 -74.61
C VAL A 207 -46.21 -3.53 -73.51
N ASN A 208 -46.81 -2.61 -72.73
CA ASN A 208 -47.74 -3.01 -71.70
C ASN A 208 -48.99 -2.15 -71.61
N LYS A 209 -49.13 -1.13 -72.45
CA LYS A 209 -50.32 -0.30 -72.42
C LYS A 209 -51.53 -1.11 -72.87
N ASP A 210 -52.71 -0.67 -72.45
CA ASP A 210 -53.93 -1.39 -72.77
C ASP A 210 -54.21 -1.37 -74.27
N ILE A 211 -55.12 -2.25 -74.70
CA ILE A 211 -55.42 -2.41 -76.12
C ILE A 211 -55.98 -1.11 -76.70
N SER A 212 -56.61 -0.28 -75.87
CA SER A 212 -57.16 0.98 -76.36
C SER A 212 -56.09 1.92 -76.88
N LEU A 213 -54.85 1.76 -76.44
CA LEU A 213 -53.74 2.56 -76.96
C LEU A 213 -53.10 1.90 -78.18
N LEU A 214 -53.93 1.58 -79.16
CA LEU A 214 -53.48 1.06 -80.45
C LEU A 214 -53.92 2.00 -81.57
N MET A 215 -53.03 2.23 -82.53
CA MET A 215 -53.35 3.01 -83.72
C MET A 215 -53.24 2.17 -84.99
N VAL A 216 -53.39 0.85 -84.86
CA VAL A 216 -53.20 -0.06 -85.97
C VAL A 216 -54.04 -1.30 -85.73
N GLU A 217 -54.48 -1.93 -86.81
CA GLU A 217 -55.24 -3.17 -86.73
C GLU A 217 -54.29 -4.36 -86.82
N ASP A 218 -54.77 -5.51 -86.34
CA ASP A 218 -53.95 -6.71 -86.32
C ASP A 218 -53.65 -7.17 -87.75
N ASN A 219 -52.39 -7.54 -88.00
CA ASN A 219 -51.94 -8.02 -89.30
C ASN A 219 -52.09 -6.96 -90.38
N GLN A 220 -52.12 -5.68 -90.01
CA GLN A 220 -52.18 -4.60 -90.97
C GLN A 220 -50.77 -4.27 -91.45
N TYR A 221 -50.57 -4.28 -92.77
CA TYR A 221 -49.27 -3.88 -93.31
C TYR A 221 -49.05 -2.40 -93.08
N VAL A 222 -47.84 -2.04 -92.66
CA VAL A 222 -47.58 -0.69 -92.24
C VAL A 222 -46.22 -0.25 -92.81
N GLU A 223 -46.07 1.06 -93.00
CA GLU A 223 -44.80 1.60 -93.47
C GLU A 223 -43.89 1.94 -92.30
N ALA A 224 -42.62 2.24 -92.63
CA ALA A 224 -41.61 2.46 -91.60
C ALA A 224 -41.91 3.69 -90.75
N GLY A 225 -42.35 4.79 -91.38
CA GLY A 225 -42.51 6.03 -90.64
C GLY A 225 -43.71 6.07 -89.70
N THR A 226 -44.70 5.22 -89.92
CA THR A 226 -45.94 5.26 -89.16
C THR A 226 -45.74 4.87 -87.71
N GLU A 227 -46.62 5.38 -86.85
CA GLU A 227 -46.63 5.09 -85.42
C GLU A 227 -47.74 4.08 -85.12
N VAL A 228 -47.34 2.84 -84.82
CA VAL A 228 -48.30 1.82 -84.43
C VAL A 228 -49.01 2.19 -83.15
N VAL A 229 -48.29 2.80 -82.21
CA VAL A 229 -48.86 3.33 -80.98
C VAL A 229 -48.52 4.82 -80.93
N LYS A 230 -49.28 5.57 -80.12
CA LYS A 230 -49.08 7.01 -80.01
C LYS A 230 -47.63 7.35 -79.67
N ASP A 231 -46.99 6.54 -78.82
CA ASP A 231 -45.60 6.78 -78.43
C ASP A 231 -44.62 5.85 -79.12
N ILE A 232 -45.11 4.81 -79.80
CA ILE A 232 -44.26 3.80 -80.44
C ILE A 232 -44.28 4.02 -81.94
N PHE A 233 -43.12 4.37 -82.51
CA PHE A 233 -42.92 4.39 -83.95
C PHE A 233 -42.12 3.15 -84.33
N CYS A 234 -42.48 2.55 -85.46
CA CYS A 234 -41.75 1.39 -85.96
C CYS A 234 -40.56 1.84 -86.78
N GLN A 235 -39.55 1.00 -86.84
CA GLN A 235 -38.35 1.29 -87.61
C GLN A 235 -38.39 0.70 -89.03
N ASN A 236 -39.32 -0.19 -89.31
CA ASN A 236 -39.34 -0.93 -90.56
C ASN A 236 -40.76 -1.12 -91.04
N SER A 237 -40.90 -1.38 -92.34
CA SER A 237 -42.20 -1.65 -92.95
C SER A 237 -42.48 -3.14 -92.89
N GLY A 238 -43.73 -3.48 -92.55
CA GLY A 238 -44.11 -4.86 -92.46
C GLY A 238 -45.49 -5.01 -91.85
N VAL A 239 -45.88 -6.28 -91.69
CA VAL A 239 -47.18 -6.62 -91.11
C VAL A 239 -47.10 -6.52 -89.59
N VAL A 240 -48.06 -5.83 -88.98
CA VAL A 240 -48.08 -5.61 -87.55
C VAL A 240 -48.87 -6.75 -86.91
N GLU A 241 -48.18 -7.59 -86.15
CA GLU A 241 -48.83 -8.66 -85.40
C GLU A 241 -49.00 -8.18 -83.96
N VAL A 242 -50.23 -8.20 -83.46
CA VAL A 242 -50.58 -7.68 -82.15
C VAL A 242 -50.83 -8.86 -81.23
N ILE A 243 -50.10 -8.91 -80.12
CA ILE A 243 -50.25 -9.96 -79.12
C ILE A 243 -50.84 -9.32 -77.87
N GLN A 244 -52.08 -9.67 -77.55
CA GLN A 244 -52.74 -9.24 -76.33
C GLN A 244 -53.48 -10.42 -75.74
N LYS A 245 -53.35 -10.59 -74.43
CA LYS A 245 -53.95 -11.73 -73.74
C LYS A 245 -54.82 -11.37 -72.55
N ASN A 246 -54.71 -10.16 -72.00
CA ASN A 246 -55.43 -9.76 -70.79
C ASN A 246 -56.12 -8.43 -70.99
N ASP A 247 -56.61 -8.15 -72.19
CA ASP A 247 -57.16 -6.87 -72.61
C ASP A 247 -56.10 -5.76 -72.61
N ILE A 248 -54.82 -6.13 -72.51
CA ILE A 248 -53.71 -5.20 -72.56
C ILE A 248 -52.69 -5.73 -73.56
N LEU A 249 -52.03 -4.82 -74.27
CA LEU A 249 -51.02 -5.23 -75.24
C LEU A 249 -49.82 -5.83 -74.54
N ARG A 250 -49.38 -7.00 -75.01
CA ARG A 250 -48.16 -7.63 -74.53
C ARG A 250 -46.96 -7.31 -75.42
N GLU A 251 -47.12 -7.43 -76.73
CA GLU A 251 -46.08 -7.02 -77.66
C GLU A 251 -46.68 -6.85 -79.04
N ILE A 252 -46.01 -6.04 -79.85
CA ILE A 252 -46.35 -5.82 -81.25
C ILE A 252 -45.14 -6.20 -82.09
N ILE A 253 -45.38 -7.03 -83.10
CA ILE A 253 -44.32 -7.56 -83.95
C ILE A 253 -44.54 -7.06 -85.37
N ILE A 254 -43.49 -6.53 -85.98
CA ILE A 254 -43.53 -6.05 -87.36
C ILE A 254 -42.83 -7.07 -88.22
N LYS A 255 -43.57 -7.68 -89.14
CA LYS A 255 -43.05 -8.78 -89.95
C LYS A 255 -42.91 -8.34 -91.40
N PRO A 256 -41.71 -7.99 -91.86
CA PRO A 256 -41.54 -7.63 -93.27
C PRO A 256 -41.80 -8.82 -94.18
N GLY A 257 -42.34 -8.53 -95.36
CA GLY A 257 -42.63 -9.58 -96.31
C GLY A 257 -43.52 -9.08 -97.42
N GLU A 258 -43.98 -10.03 -98.24
CA GLU A 258 -44.89 -9.76 -99.35
C GLU A 258 -46.22 -10.43 -99.06
N LEU A 259 -47.29 -9.64 -99.04
CA LEU A 259 -48.62 -10.14 -98.71
C LEU A 259 -49.33 -10.59 -99.98
N HIS A 260 -49.69 -11.87 -100.04
CA HIS A 260 -50.45 -12.40 -101.16
C HIS A 260 -51.83 -12.80 -100.64
N LEU A 261 -52.87 -12.17 -101.18
CA LEU A 261 -54.22 -12.47 -100.73
C LEU A 261 -54.65 -13.88 -101.13
N VAL A 262 -55.45 -14.49 -100.27
CA VAL A 262 -55.83 -15.90 -100.38
C VAL A 262 -57.20 -16.09 -99.76
N ASP A 263 -57.92 -17.11 -100.23
CA ASP A 263 -59.07 -17.61 -99.49
C ASP A 263 -58.72 -18.99 -98.97
N ASP A 264 -59.08 -19.24 -97.70
CA ASP A 264 -58.67 -20.45 -96.99
C ASP A 264 -57.15 -20.61 -96.99
N PRO A 265 -56.40 -19.81 -96.22
CA PRO A 265 -54.94 -19.95 -96.22
C PRO A 265 -54.46 -21.33 -95.83
N GLU A 266 -55.19 -22.02 -94.95
CA GLU A 266 -54.79 -23.35 -94.52
C GLU A 266 -54.84 -24.34 -95.68
N ALA A 267 -55.74 -24.13 -96.63
CA ALA A 267 -55.89 -24.97 -97.81
C ALA A 267 -54.68 -24.91 -98.75
N ALA A 268 -53.75 -23.98 -98.55
CA ALA A 268 -52.59 -23.92 -99.42
C ALA A 268 -51.76 -25.20 -99.28
N ARG A 269 -50.94 -25.46 -100.30
CA ARG A 269 -50.25 -26.74 -100.37
C ARG A 269 -49.03 -26.74 -99.47
N LEU A 270 -48.08 -25.84 -99.70
CA LEU A 270 -47.01 -25.66 -98.74
C LEU A 270 -47.65 -25.15 -97.45
N LYS A 271 -47.26 -25.74 -96.33
CA LYS A 271 -47.97 -25.49 -95.09
C LYS A 271 -47.30 -24.37 -94.31
N HIS A 272 -47.72 -24.18 -93.06
CA HIS A 272 -47.16 -23.14 -92.21
C HIS A 272 -45.89 -23.70 -91.57
N GLY A 273 -45.27 -24.65 -92.26
CA GLY A 273 -43.97 -25.20 -91.92
C GLY A 273 -42.87 -24.48 -92.63
N THR A 274 -43.26 -23.50 -93.46
CA THR A 274 -42.38 -22.48 -94.02
C THR A 274 -41.27 -23.02 -94.90
N LEU A 275 -40.29 -22.16 -95.19
CA LEU A 275 -39.07 -22.51 -95.92
C LEU A 275 -39.40 -23.05 -97.31
N ALA A 276 -39.85 -22.13 -98.16
CA ALA A 276 -40.27 -22.45 -99.51
C ALA A 276 -39.17 -21.99 -100.46
N ARG A 277 -38.56 -22.94 -101.15
CA ARG A 277 -37.48 -22.64 -102.08
C ARG A 277 -38.00 -21.90 -103.30
N PRO A 278 -37.17 -21.06 -103.93
CA PRO A 278 -37.62 -20.33 -105.13
C PRO A 278 -38.03 -21.29 -106.24
N GLY A 279 -39.13 -20.92 -106.92
CA GLY A 279 -39.70 -21.75 -107.96
C GLY A 279 -40.76 -22.72 -107.49
N GLU A 280 -41.03 -22.79 -106.20
CA GLU A 280 -42.06 -23.67 -105.66
C GLU A 280 -43.41 -22.97 -105.71
N GLU A 281 -44.47 -23.77 -105.88
CA GLU A 281 -45.84 -23.26 -105.90
C GLU A 281 -46.45 -23.49 -104.52
N VAL A 282 -46.47 -22.43 -103.71
CA VAL A 282 -47.16 -22.50 -102.43
C VAL A 282 -48.66 -22.68 -102.66
N LEU A 283 -49.22 -21.92 -103.59
CA LEU A 283 -50.60 -21.97 -104.01
C LEU A 283 -50.68 -22.00 -105.54
N PRO A 284 -51.75 -22.60 -106.10
CA PRO A 284 -51.89 -22.59 -107.57
C PRO A 284 -51.82 -21.18 -108.12
N GLY A 285 -50.89 -20.94 -109.04
CA GLY A 285 -50.65 -19.64 -109.60
C GLY A 285 -49.71 -18.76 -108.81
N LEU A 286 -49.25 -19.20 -107.65
CA LEU A 286 -48.32 -18.42 -106.84
C LEU A 286 -47.00 -19.20 -106.79
N VAL A 287 -45.96 -18.64 -107.41
CA VAL A 287 -44.63 -19.21 -107.38
C VAL A 287 -43.71 -18.27 -106.62
N VAL A 288 -42.71 -18.84 -105.95
CA VAL A 288 -41.86 -18.10 -105.02
C VAL A 288 -40.66 -17.57 -105.78
N ASP A 289 -40.40 -16.27 -105.66
CA ASP A 289 -39.29 -15.64 -106.37
C ASP A 289 -37.95 -15.91 -105.70
N THR A 290 -37.85 -15.65 -104.39
CA THR A 290 -36.64 -15.83 -103.62
C THR A 290 -36.96 -16.69 -102.41
N LEU A 291 -35.92 -17.18 -101.74
CA LEU A 291 -36.12 -18.05 -100.59
C LEU A 291 -36.98 -17.32 -99.56
N SER A 292 -38.11 -17.93 -99.19
CA SER A 292 -39.09 -17.26 -98.36
C SER A 292 -39.67 -18.22 -97.33
N GLN A 293 -40.32 -17.64 -96.33
CA GLN A 293 -41.03 -18.38 -95.29
C GLN A 293 -42.52 -18.10 -95.37
N VAL A 294 -43.32 -19.16 -95.37
CA VAL A 294 -44.77 -19.03 -95.45
C VAL A 294 -45.31 -18.65 -94.09
N ASP A 295 -46.22 -17.68 -94.05
CA ASP A 295 -46.83 -17.22 -92.80
C ASP A 295 -48.34 -17.11 -92.98
N TYR A 296 -49.08 -18.08 -92.47
CA TYR A 296 -50.54 -18.07 -92.63
C TYR A 296 -51.14 -16.98 -91.75
N LEU A 297 -51.95 -16.11 -92.35
CA LEU A 297 -52.65 -15.05 -91.64
C LEU A 297 -54.13 -15.12 -91.93
N GLU A 298 -54.95 -15.20 -90.90
CA GLU A 298 -56.38 -14.96 -91.02
C GLU A 298 -56.75 -13.66 -90.33
N ASP A 299 -57.97 -13.18 -90.61
CA ASP A 299 -58.52 -11.99 -89.97
C ASP A 299 -57.61 -10.77 -90.11
N THR A 300 -56.89 -10.68 -91.22
CA THR A 300 -56.20 -9.46 -91.55
C THR A 300 -57.17 -8.51 -92.24
N PRO A 301 -56.88 -7.20 -92.25
CA PRO A 301 -57.61 -6.34 -93.16
C PRO A 301 -57.38 -6.82 -94.59
N GLU A 302 -58.43 -6.69 -95.40
CA GLU A 302 -58.51 -7.22 -96.76
C GLU A 302 -58.67 -8.73 -96.78
N GLY A 303 -58.94 -9.35 -95.63
CA GLY A 303 -59.24 -10.76 -95.58
C GLY A 303 -58.04 -11.63 -95.33
N PRO A 304 -58.24 -12.95 -95.34
CA PRO A 304 -57.14 -13.88 -95.09
C PRO A 304 -56.07 -13.78 -96.17
N ALA A 305 -54.82 -14.03 -95.78
CA ALA A 305 -53.70 -13.94 -96.69
C ALA A 305 -52.57 -14.84 -96.18
N ILE A 306 -51.56 -15.02 -97.02
CA ILE A 306 -50.31 -15.65 -96.61
C ILE A 306 -49.18 -14.67 -96.88
N LEU A 307 -48.36 -14.44 -95.86
CA LEU A 307 -47.25 -13.51 -95.95
C LEU A 307 -45.98 -14.29 -96.27
N MSE A 308 -45.27 -13.86 -97.32
CA MSE A 308 -44.02 -14.49 -97.69
C MSE A 308 -42.87 -13.77 -97.01
O MSE A 308 -42.37 -12.75 -97.51
CB MSE A 308 -43.85 -14.50 -99.20
CG MSE A 308 -44.94 -15.27 -99.94
SE MSE A 308 -45.08 -17.13 -99.36
CE MSE A 308 -43.50 -17.85 -100.23
N ARG A 309 -42.45 -14.29 -95.87
CA ARG A 309 -41.36 -13.70 -95.11
C ARG A 309 -40.04 -13.88 -95.87
N PRO A 310 -39.33 -12.81 -96.21
CA PRO A 310 -38.04 -12.97 -96.90
C PRO A 310 -36.96 -13.35 -95.91
N VAL A 311 -36.34 -14.49 -96.13
CA VAL A 311 -35.24 -14.97 -95.29
C VAL A 311 -33.92 -14.74 -96.01
N GLN A 312 -32.98 -14.10 -95.33
CA GLN A 312 -31.66 -13.86 -95.88
C GLN A 312 -30.66 -14.83 -95.25
N GLU A 313 -29.67 -15.23 -96.05
CA GLU A 313 -28.73 -16.26 -95.66
C GLU A 313 -27.36 -15.66 -95.39
N PHE A 314 -26.66 -16.25 -94.42
CA PHE A 314 -25.27 -15.90 -94.10
C PHE A 314 -24.45 -17.18 -94.18
N SER A 315 -23.45 -17.19 -95.06
CA SER A 315 -22.57 -18.35 -95.20
C SER A 315 -21.55 -18.36 -94.07
N VAL A 316 -21.32 -19.53 -93.50
CA VAL A 316 -20.45 -19.69 -92.34
C VAL A 316 -19.38 -20.74 -92.62
N PRO A 317 -18.11 -20.35 -92.67
CA PRO A 317 -17.04 -21.33 -92.90
C PRO A 317 -16.83 -22.23 -91.69
N ASP A 318 -16.26 -23.42 -91.96
CA ASP A 318 -15.92 -24.33 -90.88
C ASP A 318 -14.92 -23.72 -89.92
N GLU A 319 -13.90 -23.05 -90.46
CA GLU A 319 -12.89 -22.36 -89.65
C GLU A 319 -12.79 -20.91 -90.11
N PRO A 320 -12.64 -19.98 -89.18
CA PRO A 320 -12.39 -18.59 -89.56
C PRO A 320 -10.94 -18.41 -90.00
N SER A 321 -10.71 -17.31 -90.70
CA SER A 321 -9.36 -17.00 -91.15
C SER A 321 -8.47 -16.68 -89.95
N VAL A 322 -7.33 -17.33 -89.89
CA VAL A 322 -6.41 -17.20 -88.75
C VAL A 322 -5.24 -16.32 -89.18
N PRO A 323 -4.90 -15.29 -88.41
CA PRO A 323 -3.72 -14.48 -88.75
C PRO A 323 -2.45 -15.30 -88.62
N SER A 324 -1.46 -14.94 -89.44
CA SER A 324 -0.17 -15.61 -89.34
C SER A 324 0.48 -15.24 -88.02
N GLN A 325 1.03 -16.24 -87.35
CA GLN A 325 1.65 -16.04 -86.05
C GLN A 325 2.91 -16.85 -85.97
N ASP A 326 3.93 -16.27 -85.33
CA ASP A 326 5.20 -16.94 -85.10
C ASP A 326 5.26 -17.30 -83.63
N SER A 327 5.42 -18.59 -83.34
CA SER A 327 5.41 -19.06 -81.96
C SER A 327 6.81 -19.50 -81.58
N SER A 328 7.30 -18.95 -80.47
CA SER A 328 8.53 -19.42 -79.85
C SER A 328 8.15 -20.18 -78.58
N ASP A 329 7.58 -21.36 -78.77
CA ASP A 329 7.11 -22.15 -77.64
C ASP A 329 8.24 -23.00 -77.07
N GLY A 330 8.26 -23.12 -75.75
CA GLY A 330 9.27 -23.91 -75.08
C GLY A 330 8.82 -24.32 -73.69
N SER A 331 9.60 -25.23 -73.10
CA SER A 331 9.48 -25.61 -71.70
C SER A 331 8.06 -26.06 -71.32
N GLY A 332 7.51 -27.00 -72.09
CA GLY A 332 6.22 -27.56 -71.74
C GLY A 332 5.04 -26.69 -72.08
N GLN A 333 5.27 -25.43 -72.44
CA GLN A 333 4.23 -24.45 -72.67
C GLN A 333 4.06 -24.24 -74.16
N SER A 334 2.86 -24.45 -74.66
CA SER A 334 2.51 -24.16 -76.04
C SER A 334 1.48 -23.03 -76.03
N ILE A 335 1.82 -21.91 -76.66
CA ILE A 335 0.97 -20.74 -76.71
C ILE A 335 0.41 -20.63 -78.11
N ARG A 336 -0.84 -20.20 -78.21
CA ARG A 336 -1.45 -19.98 -79.51
C ARG A 336 -2.53 -18.93 -79.39
N LEU A 337 -2.88 -18.35 -80.53
CA LEU A 337 -4.05 -17.48 -80.66
C LEU A 337 -4.97 -18.22 -81.62
N ARG A 338 -5.97 -18.90 -81.08
CA ARG A 338 -6.88 -19.68 -81.90
C ARG A 338 -8.03 -18.81 -82.37
N ALA A 339 -8.39 -18.94 -83.64
CA ALA A 339 -9.51 -18.19 -84.18
C ALA A 339 -10.76 -19.03 -84.07
N VAL A 340 -11.79 -18.48 -83.43
CA VAL A 340 -13.04 -19.19 -83.21
C VAL A 340 -14.20 -18.32 -83.66
N GLN A 341 -15.29 -18.99 -84.05
CA GLN A 341 -16.54 -18.35 -84.41
C GLN A 341 -17.59 -18.72 -83.37
N ARG A 342 -18.25 -17.72 -82.82
CA ARG A 342 -19.28 -17.93 -81.80
C ARG A 342 -20.61 -17.42 -82.32
N LEU A 343 -21.64 -18.26 -82.21
CA LEU A 343 -23.01 -17.84 -82.49
C LEU A 343 -23.69 -17.57 -81.16
N PRO A 344 -24.04 -16.33 -80.83
CA PRO A 344 -24.66 -16.04 -79.54
C PRO A 344 -26.11 -16.49 -79.42
N TYR A 345 -26.68 -17.08 -80.46
CA TYR A 345 -28.11 -17.41 -80.48
C TYR A 345 -28.30 -18.86 -80.87
N LYS A 346 -29.34 -19.48 -80.31
CA LYS A 346 -29.58 -20.89 -80.49
C LYS A 346 -30.24 -21.14 -81.86
N HIS A 347 -30.29 -22.41 -82.25
CA HIS A 347 -30.59 -22.76 -83.64
C HIS A 347 -32.04 -22.51 -84.03
N ASP A 348 -32.93 -22.20 -83.08
CA ASP A 348 -34.29 -21.84 -83.44
C ASP A 348 -34.81 -20.72 -82.55
N GLU A 349 -33.93 -19.88 -82.03
CA GLU A 349 -34.30 -18.86 -81.05
C GLU A 349 -35.00 -17.69 -81.73
N ARG A 350 -36.05 -17.18 -81.08
CA ARG A 350 -36.66 -15.92 -81.46
C ARG A 350 -35.88 -14.77 -80.82
N VAL A 351 -35.28 -13.93 -81.65
CA VAL A 351 -34.41 -12.85 -81.18
C VAL A 351 -35.25 -11.58 -81.18
N LYS A 352 -35.86 -11.28 -80.02
CA LYS A 352 -36.72 -10.10 -79.91
C LYS A 352 -35.85 -8.85 -79.89
N SER A 353 -35.95 -8.04 -80.94
CA SER A 353 -35.16 -6.82 -81.01
C SER A 353 -35.84 -5.83 -81.94
N VAL A 354 -35.52 -4.56 -81.75
CA VAL A 354 -35.93 -3.49 -82.64
C VAL A 354 -34.80 -3.08 -83.57
N ASP A 355 -33.61 -2.87 -83.02
CA ASP A 355 -32.45 -2.48 -83.79
C ASP A 355 -31.69 -3.72 -84.27
N GLY A 356 -30.57 -3.47 -84.97
CA GLY A 356 -29.81 -4.56 -85.54
C GLY A 356 -29.19 -5.48 -84.50
N VAL A 357 -28.76 -6.64 -84.98
CA VAL A 357 -28.19 -7.70 -84.15
C VAL A 357 -27.02 -8.33 -84.89
N ASP A 358 -25.96 -8.64 -84.17
CA ASP A 358 -24.82 -9.37 -84.72
C ASP A 358 -24.89 -10.81 -84.24
N LEU A 359 -24.82 -11.75 -85.19
CA LEU A 359 -25.08 -13.16 -84.90
C LEU A 359 -23.92 -14.08 -85.24
N LEU A 360 -22.72 -13.55 -85.50
CA LEU A 360 -21.53 -14.37 -85.60
C LEU A 360 -20.34 -13.50 -85.20
N ARG A 361 -19.78 -13.79 -84.02
CA ARG A 361 -18.63 -13.06 -83.51
C ARG A 361 -17.38 -13.89 -83.71
N THR A 362 -16.38 -13.31 -84.38
CA THR A 362 -15.11 -13.98 -84.64
C THR A 362 -14.08 -13.45 -83.66
N GLN A 363 -13.46 -14.35 -82.91
CA GLN A 363 -12.61 -13.96 -81.79
C GLN A 363 -11.29 -14.73 -81.81
N LEU A 364 -10.24 -14.04 -81.36
CA LEU A 364 -8.98 -14.69 -81.06
C LEU A 364 -8.99 -15.08 -79.59
N VAL A 365 -8.66 -16.34 -79.32
CA VAL A 365 -8.76 -16.92 -77.99
C VAL A 365 -7.40 -17.45 -77.62
N LEU A 366 -6.95 -17.14 -76.41
CA LEU A 366 -5.67 -17.64 -75.96
C LEU A 366 -5.75 -19.14 -75.76
N GLU A 367 -4.71 -19.86 -76.21
CA GLU A 367 -4.68 -21.31 -76.06
C GLU A 367 -3.30 -21.71 -75.54
N ILE A 368 -3.21 -21.97 -74.24
CA ILE A 368 -2.01 -22.46 -73.59
C ILE A 368 -2.36 -23.72 -72.83
N GLY A 369 -1.34 -24.36 -72.27
CA GLY A 369 -1.58 -25.48 -71.36
C GLY A 369 -1.47 -26.84 -72.00
N SER A 370 -0.52 -27.03 -72.91
CA SER A 370 -0.20 -28.37 -73.38
C SER A 370 0.27 -29.24 -72.24
N GLU A 371 1.22 -28.72 -71.45
CA GLU A 371 1.64 -29.36 -70.21
C GLU A 371 1.89 -28.34 -69.11
N ALA A 372 1.42 -27.11 -69.26
CA ALA A 372 1.72 -26.06 -68.31
C ALA A 372 1.07 -26.34 -66.97
N PRO A 373 1.82 -26.41 -65.88
CA PRO A 373 1.21 -26.66 -64.56
C PRO A 373 0.42 -25.45 -64.09
N GLN A 374 -0.80 -25.71 -63.62
CA GLN A 374 -1.73 -24.67 -63.15
C GLN A 374 -1.95 -23.61 -64.23
N LEU A 375 -2.02 -24.05 -65.49
CA LEU A 375 -2.10 -23.16 -66.63
C LEU A 375 -1.00 -22.10 -66.56
N ALA A 376 -1.34 -20.87 -66.94
CA ALA A 376 -0.40 -19.75 -66.86
C ALA A 376 -1.18 -18.47 -67.13
N ALA A 377 -0.45 -17.36 -67.20
CA ALA A 377 -1.01 -16.06 -67.53
C ALA A 377 -0.12 -15.39 -68.57
N ASP A 378 -0.73 -14.94 -69.66
CA ASP A 378 -0.03 -14.25 -70.73
C ASP A 378 -0.09 -12.74 -70.53
N ILE A 379 1.06 -12.15 -70.22
CA ILE A 379 1.17 -10.70 -70.23
C ILE A 379 1.34 -10.30 -71.69
N GLU A 380 0.45 -9.45 -72.18
CA GLU A 380 0.56 -9.00 -73.57
C GLU A 380 1.14 -7.60 -73.64
N ILE A 381 1.98 -7.38 -74.66
CA ILE A 381 2.72 -6.15 -74.85
C ILE A 381 2.58 -5.74 -76.31
N VAL A 382 2.78 -4.45 -76.54
CA VAL A 382 2.90 -3.90 -77.89
C VAL A 382 4.36 -3.51 -78.07
N THR A 383 5.08 -4.30 -78.86
CA THR A 383 6.50 -4.12 -79.06
C THR A 383 6.77 -3.58 -80.46
N ASP A 384 8.02 -3.23 -80.71
CA ASP A 384 8.42 -2.82 -82.05
C ASP A 384 8.99 -4.01 -82.79
N GLU A 385 8.58 -4.17 -84.03
CA GLU A 385 9.12 -5.23 -84.87
C GLU A 385 10.60 -4.98 -85.14
N VAL A 386 11.35 -6.06 -85.37
CA VAL A 386 12.79 -5.94 -85.55
C VAL A 386 13.13 -5.19 -86.84
N ASP A 387 12.59 -5.65 -87.97
CA ASP A 387 13.02 -5.06 -89.24
C ASP A 387 12.36 -3.70 -89.55
N PRO A 388 11.02 -3.61 -89.71
CA PRO A 388 10.45 -2.31 -90.12
C PRO A 388 10.01 -1.40 -88.96
N GLU A 389 9.49 -0.23 -89.31
CA GLU A 389 9.10 0.81 -88.34
C GLU A 389 7.61 0.78 -87.99
N ALA A 390 7.06 -0.39 -87.66
CA ALA A 390 5.67 -0.52 -87.19
C ALA A 390 5.63 -1.14 -85.80
N GLN A 391 4.41 -1.30 -85.28
CA GLN A 391 4.17 -1.89 -83.97
C GLN A 391 3.51 -3.26 -84.14
N ARG A 392 3.90 -4.21 -83.28
CA ARG A 392 3.37 -5.57 -83.31
C ARG A 392 2.92 -6.00 -81.91
N LEU A 393 1.91 -6.88 -81.88
CA LEU A 393 1.39 -7.43 -80.64
C LEU A 393 2.08 -8.74 -80.27
N GLN A 394 2.41 -8.89 -78.98
CA GLN A 394 3.05 -10.12 -78.49
C GLN A 394 2.43 -10.51 -77.16
N LEU A 395 2.33 -11.83 -76.92
CA LEU A 395 1.89 -12.37 -75.64
C LEU A 395 2.97 -13.30 -75.08
N VAL A 396 3.41 -13.04 -73.84
CA VAL A 396 4.53 -13.74 -73.25
C VAL A 396 4.15 -14.28 -71.87
N ILE A 397 4.56 -15.52 -71.59
CA ILE A 397 4.54 -16.07 -70.25
C ILE A 397 5.93 -15.85 -69.65
N LEU A 398 5.99 -15.17 -68.52
CA LEU A 398 7.25 -14.80 -67.90
C LEU A 398 7.32 -15.28 -66.47
N GLU A 399 8.55 -15.49 -66.00
CA GLU A 399 8.84 -15.80 -64.61
C GLU A 399 9.59 -14.61 -64.03
N SER A 400 8.99 -13.96 -63.05
CA SER A 400 9.55 -12.77 -62.43
C SER A 400 10.30 -13.18 -61.16
N LEU A 401 11.61 -12.95 -61.16
CA LEU A 401 12.42 -13.16 -59.97
C LEU A 401 12.87 -11.81 -59.45
N ILE A 402 13.02 -11.71 -58.13
CA ILE A 402 13.38 -10.46 -57.48
C ILE A 402 14.69 -10.66 -56.73
N ILE A 403 15.64 -9.77 -56.99
CA ILE A 403 16.91 -9.71 -56.27
C ILE A 403 16.81 -8.55 -55.29
N ARG A 404 16.87 -8.83 -53.99
CA ARG A 404 16.98 -7.72 -53.06
C ARG A 404 18.28 -6.98 -53.36
N ARG A 405 18.24 -5.66 -53.25
CA ARG A 405 19.32 -4.82 -53.77
C ARG A 405 20.67 -5.20 -53.18
N ASP A 406 20.87 -4.90 -51.89
CA ASP A 406 22.05 -5.26 -51.13
C ASP A 406 21.82 -4.76 -49.72
N ILE A 407 22.66 -5.20 -48.79
CA ILE A 407 22.59 -4.78 -47.40
C ILE A 407 23.92 -4.18 -47.00
N ALA A 408 23.86 -3.10 -46.23
CA ALA A 408 25.04 -2.60 -45.56
C ALA A 408 25.31 -3.44 -44.32
N ALA A 409 26.56 -3.41 -43.87
CA ALA A 409 26.96 -4.25 -42.74
C ALA A 409 26.25 -3.79 -41.47
N ASP A 410 25.75 -4.77 -40.72
CA ASP A 410 25.17 -4.53 -39.39
C ASP A 410 25.90 -5.44 -38.40
N GLN A 411 25.37 -5.51 -37.18
CA GLN A 411 26.05 -6.25 -36.13
C GLN A 411 26.11 -7.74 -36.45
N THR A 412 25.04 -8.30 -37.02
CA THR A 412 24.94 -9.74 -37.21
C THR A 412 25.24 -10.19 -38.63
N GLN A 413 25.34 -9.27 -39.59
CA GLN A 413 25.65 -9.64 -40.97
C GLN A 413 26.62 -8.64 -41.58
N GLY A 414 27.41 -9.12 -42.53
CA GLY A 414 28.32 -8.28 -43.27
C GLY A 414 27.64 -7.60 -44.44
N SER A 415 28.36 -6.67 -45.07
CA SER A 415 27.85 -6.01 -46.26
C SER A 415 27.63 -7.03 -47.37
N THR A 416 26.71 -6.71 -48.28
CA THR A 416 26.40 -7.59 -49.41
C THR A 416 26.60 -6.85 -50.72
N PHE A 417 26.95 -7.62 -51.74
CA PHE A 417 27.19 -7.10 -53.09
C PHE A 417 26.60 -8.06 -54.11
N THR A 418 25.47 -7.69 -54.70
CA THR A 418 24.88 -8.51 -55.76
C THR A 418 25.55 -8.21 -57.10
N SER A 419 25.61 -9.23 -57.96
CA SER A 419 26.23 -9.09 -59.27
C SER A 419 25.43 -9.89 -60.28
N LEU A 420 25.08 -9.24 -61.39
CA LEU A 420 24.22 -9.82 -62.41
C LEU A 420 25.06 -10.49 -63.49
N LEU A 421 24.82 -11.78 -63.73
CA LEU A 421 25.60 -12.58 -64.66
C LEU A 421 24.98 -12.70 -66.04
N VAL A 422 23.78 -12.17 -66.25
CA VAL A 422 23.04 -12.35 -67.49
C VAL A 422 22.71 -10.98 -68.09
N LYS A 423 22.58 -10.97 -69.41
CA LYS A 423 22.31 -9.74 -70.16
C LYS A 423 20.86 -9.73 -70.67
N ASP A 424 20.47 -8.60 -71.27
CA ASP A 424 19.06 -8.34 -71.58
C ASP A 424 18.49 -9.21 -72.69
N GLY A 425 19.32 -9.88 -73.48
CA GLY A 425 18.80 -10.64 -74.60
C GLY A 425 19.27 -12.08 -74.70
N ASP A 426 19.67 -12.66 -73.57
CA ASP A 426 20.28 -13.98 -73.58
C ASP A 426 19.25 -15.09 -73.58
N HIS A 427 19.61 -16.22 -74.20
CA HIS A 427 18.82 -17.44 -74.19
C HIS A 427 19.36 -18.31 -73.07
N ILE A 428 18.64 -18.35 -71.96
CA ILE A 428 19.07 -19.05 -70.76
C ILE A 428 18.43 -20.44 -70.71
N GLY A 429 19.13 -21.39 -70.10
CA GLY A 429 18.63 -22.73 -69.95
C GLY A 429 18.11 -22.98 -68.54
N PRO A 430 17.53 -24.16 -68.33
CA PRO A 430 16.96 -24.47 -67.00
C PRO A 430 18.04 -24.58 -65.94
N GLY A 431 17.77 -23.98 -64.79
CA GLY A 431 18.70 -24.02 -63.66
C GLY A 431 19.93 -23.15 -63.79
N ALA A 432 19.97 -22.25 -64.77
CA ALA A 432 21.13 -21.41 -64.97
C ALA A 432 21.18 -20.30 -63.92
N VAL A 433 22.40 -19.84 -63.62
CA VAL A 433 22.62 -18.80 -62.63
C VAL A 433 22.48 -17.44 -63.30
N ILE A 434 21.63 -16.58 -62.73
CA ILE A 434 21.45 -15.23 -63.24
C ILE A 434 22.03 -14.15 -62.33
N ALA A 435 22.22 -14.43 -61.04
CA ALA A 435 22.79 -13.45 -60.13
C ALA A 435 23.56 -14.16 -59.02
N ARG A 436 24.68 -13.56 -58.62
CA ARG A 436 25.49 -14.06 -57.52
C ARG A 436 25.68 -12.96 -56.48
N THR A 437 25.43 -13.28 -55.22
CA THR A 437 25.49 -12.32 -54.14
C THR A 437 26.65 -12.64 -53.21
N ASP A 438 27.51 -11.66 -52.97
CA ASP A 438 28.65 -11.79 -52.08
C ASP A 438 28.33 -11.22 -50.71
N ILE A 439 28.75 -11.93 -49.67
CA ILE A 439 28.63 -11.47 -48.29
C ILE A 439 30.00 -11.01 -47.83
N LYS A 440 30.15 -9.69 -47.70
CA LYS A 440 31.45 -9.10 -47.39
C LYS A 440 31.75 -9.19 -45.90
N ALA A 441 33.03 -9.21 -45.57
CA ALA A 441 33.46 -9.25 -44.18
C ALA A 441 33.40 -7.84 -43.56
N LYS A 442 33.15 -7.81 -42.26
CA LYS A 442 33.09 -6.54 -41.53
C LYS A 442 34.49 -6.06 -41.17
N GLN A 443 35.21 -6.84 -40.37
CA GLN A 443 36.61 -6.59 -40.08
C GLN A 443 37.46 -7.78 -40.51
N ALA A 444 38.74 -7.52 -40.76
CA ALA A 444 39.68 -8.58 -41.11
C ALA A 444 39.92 -9.49 -39.91
N GLY A 445 40.26 -10.74 -40.19
CA GLY A 445 40.48 -11.69 -39.12
C GLY A 445 40.70 -13.09 -39.66
N GLU A 446 40.65 -14.06 -38.75
CA GLU A 446 40.80 -15.47 -39.08
C GLU A 446 39.45 -16.16 -38.94
N VAL A 447 39.05 -16.90 -39.97
CA VAL A 447 37.75 -17.56 -40.00
C VAL A 447 37.80 -18.82 -39.14
N GLN A 448 36.79 -18.97 -38.28
CA GLN A 448 36.64 -20.10 -37.39
C GLN A 448 35.20 -20.62 -37.44
N GLY A 449 35.09 -21.93 -37.20
CA GLY A 449 33.83 -22.60 -36.97
C GLY A 449 32.77 -22.49 -38.04
N ILE A 450 33.00 -23.08 -39.19
CA ILE A 450 31.94 -23.21 -40.18
C ILE A 450 31.21 -24.51 -39.90
N VAL A 451 29.88 -24.50 -40.12
CA VAL A 451 29.10 -25.71 -39.91
C VAL A 451 29.63 -26.79 -40.84
N ARG A 452 30.16 -27.87 -40.26
CA ARG A 452 30.91 -28.83 -41.05
C ARG A 452 30.03 -29.70 -41.93
N SER A 453 28.72 -29.63 -41.74
CA SER A 453 27.76 -30.29 -42.61
C SER A 453 27.59 -29.44 -43.88
N GLY A 454 26.73 -29.90 -44.78
CA GLY A 454 26.56 -29.26 -46.08
C GLY A 454 25.15 -28.73 -46.24
N GLU A 455 25.04 -27.55 -46.87
CA GLU A 455 23.79 -26.84 -47.12
C GLU A 455 23.16 -26.33 -45.83
N SER A 456 23.79 -26.56 -44.67
CA SER A 456 23.37 -26.01 -43.40
C SER A 456 24.41 -25.03 -42.87
N VAL A 457 25.16 -24.39 -43.76
CA VAL A 457 26.17 -23.41 -43.36
C VAL A 457 25.43 -22.10 -43.13
N ARG A 458 25.08 -21.84 -41.87
CA ARG A 458 24.25 -20.70 -41.53
C ARG A 458 25.00 -19.59 -40.81
N ARG A 459 26.13 -19.88 -40.19
CA ARG A 459 26.89 -18.88 -39.46
C ARG A 459 28.38 -19.15 -39.60
N ILE A 460 29.16 -18.07 -39.66
CA ILE A 460 30.61 -18.16 -39.74
C ILE A 460 31.20 -17.20 -38.72
N LEU A 461 32.16 -17.67 -37.92
CA LEU A 461 32.81 -16.81 -36.94
C LEU A 461 34.14 -16.33 -37.52
N VAL A 462 34.51 -15.10 -37.22
CA VAL A 462 35.82 -14.58 -37.59
C VAL A 462 36.40 -13.88 -36.37
N VAL A 463 37.58 -14.30 -35.95
CA VAL A 463 38.27 -13.69 -34.82
C VAL A 463 39.13 -12.55 -35.33
N THR A 464 38.94 -11.37 -34.74
CA THR A 464 39.60 -10.15 -35.15
C THR A 464 40.61 -9.75 -34.08
N ASP A 465 41.31 -8.65 -34.33
CA ASP A 465 42.25 -8.15 -33.32
C ASP A 465 41.54 -7.51 -32.12
N SER A 466 40.22 -7.64 -32.07
CA SER A 466 39.43 -7.28 -30.89
C SER A 466 39.06 -8.50 -30.07
N ASP A 467 39.34 -9.70 -30.57
CA ASP A 467 39.11 -10.95 -29.87
C ASP A 467 40.41 -11.65 -29.50
N ARG A 468 41.53 -11.26 -30.09
CA ARG A 468 42.84 -11.79 -29.76
C ARG A 468 43.66 -10.76 -28.99
N LEU A 469 44.52 -11.25 -28.10
CA LEU A 469 45.44 -10.41 -27.37
C LEU A 469 46.81 -11.08 -27.30
N ARG A 470 47.85 -10.34 -27.67
CA ARG A 470 49.23 -10.80 -27.50
C ARG A 470 49.80 -10.22 -26.21
N VAL A 471 50.30 -11.09 -25.33
CA VAL A 471 50.89 -10.70 -24.07
C VAL A 471 52.38 -11.02 -24.14
N GLU A 472 53.22 -10.02 -23.83
CA GLU A 472 54.65 -10.16 -24.02
C GLU A 472 55.29 -10.74 -22.76
N THR A 473 55.90 -11.91 -22.91
CA THR A 473 56.77 -12.47 -21.87
C THR A 473 58.21 -12.10 -22.24
N ASN A 474 58.84 -11.27 -21.40
CA ASN A 474 60.11 -10.67 -21.79
C ASN A 474 61.27 -11.65 -21.64
N GLY A 475 61.55 -12.09 -20.41
CA GLY A 475 62.64 -13.04 -20.19
C GLY A 475 62.15 -14.40 -19.72
N ALA A 476 60.97 -14.43 -19.14
CA ALA A 476 60.44 -15.64 -18.51
C ALA A 476 60.03 -16.66 -19.57
N LYS A 477 59.93 -17.91 -19.12
CA LYS A 477 59.24 -18.88 -19.95
C LYS A 477 57.80 -19.03 -19.46
N PRO A 478 56.81 -18.90 -20.34
CA PRO A 478 55.41 -18.97 -19.91
C PRO A 478 55.10 -20.26 -19.17
N THR A 479 54.46 -20.10 -18.01
CA THR A 479 54.03 -21.20 -17.15
C THR A 479 52.63 -21.72 -17.51
N VAL A 480 52.04 -21.22 -18.60
CA VAL A 480 50.69 -21.60 -19.00
C VAL A 480 50.79 -22.52 -20.22
N LYS A 481 49.79 -23.38 -20.37
CA LYS A 481 49.71 -24.32 -21.48
C LYS A 481 48.65 -23.87 -22.47
N VAL A 482 48.74 -24.40 -23.69
CA VAL A 482 47.90 -23.94 -24.79
C VAL A 482 46.41 -24.22 -24.56
N GLY A 483 46.06 -25.18 -23.72
CA GLY A 483 44.66 -25.49 -23.48
C GLY A 483 43.99 -24.72 -22.36
N ASP A 484 44.77 -23.98 -21.58
CA ASP A 484 44.29 -23.38 -20.33
C ASP A 484 43.39 -22.16 -20.53
N LEU A 485 42.51 -21.94 -19.56
CA LEU A 485 41.60 -20.79 -19.48
C LEU A 485 42.06 -19.89 -18.34
N VAL A 486 42.56 -18.72 -18.67
CA VAL A 486 43.08 -17.79 -17.68
C VAL A 486 42.00 -16.80 -17.26
N ARG A 487 41.99 -16.46 -15.97
CA ARG A 487 41.14 -15.45 -15.37
C ARG A 487 41.98 -14.25 -14.98
N PRO A 488 41.36 -13.09 -14.72
CA PRO A 488 42.15 -11.90 -14.38
C PRO A 488 43.03 -12.13 -13.17
N GLY A 489 44.28 -11.66 -13.26
CA GLY A 489 45.23 -11.77 -12.19
C GLY A 489 46.01 -13.06 -12.15
N ASP A 490 45.77 -13.99 -13.08
CA ASP A 490 46.44 -15.28 -13.06
C ASP A 490 47.84 -15.17 -13.66
N GLU A 491 48.82 -15.74 -12.96
CA GLU A 491 50.20 -15.77 -13.42
C GLU A 491 50.33 -16.71 -14.61
N MSE A 492 50.46 -16.15 -15.81
CA MSE A 492 50.70 -16.98 -16.99
C MSE A 492 52.19 -17.20 -17.17
O MSE A 492 52.63 -18.25 -17.64
CB MSE A 492 50.12 -16.33 -18.26
CG MSE A 492 48.63 -16.12 -18.23
SE MSE A 492 48.10 -14.88 -19.65
CE MSE A 492 49.28 -13.39 -19.18
N ALA A 493 52.98 -16.20 -16.80
CA ALA A 493 54.43 -16.29 -16.84
C ALA A 493 55.00 -15.52 -15.66
N LYS A 494 56.28 -15.72 -15.41
CA LYS A 494 56.94 -15.07 -14.27
C LYS A 494 56.86 -13.55 -14.42
N GLY A 495 56.17 -12.90 -13.49
CA GLY A 495 56.07 -11.46 -13.52
C GLY A 495 55.05 -10.90 -14.48
N VAL A 496 54.23 -11.75 -15.11
CA VAL A 496 53.19 -11.31 -16.03
C VAL A 496 51.89 -12.01 -15.66
N THR A 497 50.81 -11.24 -15.55
CA THR A 497 49.52 -11.76 -15.15
C THR A 497 48.48 -11.47 -16.22
N ALA A 498 47.42 -12.28 -16.21
CA ALA A 498 46.38 -12.15 -17.22
C ALA A 498 45.57 -10.88 -16.97
N PRO A 499 45.37 -10.04 -18.00
CA PRO A 499 44.59 -8.81 -17.80
C PRO A 499 43.09 -9.04 -17.81
N GLU A 500 42.62 -10.13 -18.41
CA GLU A 500 41.20 -10.35 -18.58
C GLU A 500 40.94 -11.83 -18.86
N THR A 501 39.70 -12.24 -18.69
CA THR A 501 39.32 -13.62 -18.93
C THR A 501 39.51 -13.98 -20.39
N ALA A 502 40.16 -15.11 -20.63
CA ALA A 502 40.43 -15.55 -22.00
C ALA A 502 40.94 -16.99 -21.97
N ALA A 503 41.18 -17.52 -23.17
CA ALA A 503 41.82 -18.82 -23.36
C ALA A 503 43.06 -18.61 -24.21
N VAL A 504 44.20 -19.11 -23.72
CA VAL A 504 45.45 -18.94 -24.45
C VAL A 504 45.46 -19.85 -25.67
N MSE A 505 45.78 -19.29 -26.83
CA MSE A 505 45.70 -20.04 -28.08
C MSE A 505 47.06 -20.43 -28.62
O MSE A 505 47.19 -21.41 -29.35
CB MSE A 505 44.93 -19.24 -29.13
CG MSE A 505 43.42 -19.25 -28.91
SE MSE A 505 42.75 -21.03 -28.49
CE MSE A 505 40.85 -20.60 -28.30
N ALA A 506 48.09 -19.65 -28.28
CA ALA A 506 49.44 -19.93 -28.74
C ALA A 506 50.42 -19.58 -27.63
N VAL A 507 51.34 -20.49 -27.34
CA VAL A 507 52.35 -20.27 -26.31
C VAL A 507 53.73 -20.39 -26.95
N ALA A 508 54.55 -19.35 -26.79
CA ALA A 508 55.93 -19.35 -27.24
C ALA A 508 56.81 -18.92 -26.09
N ASP A 509 58.08 -18.63 -26.36
CA ASP A 509 58.97 -18.15 -25.31
C ASP A 509 58.96 -16.63 -25.16
N ASP A 510 58.72 -15.88 -26.24
CA ASP A 510 58.69 -14.42 -26.14
C ASP A 510 57.29 -13.85 -25.98
N HIS A 511 56.26 -14.53 -26.50
CA HIS A 511 54.89 -14.02 -26.45
C HIS A 511 53.95 -15.17 -26.11
N VAL A 512 52.76 -14.79 -25.65
CA VAL A 512 51.63 -15.73 -25.53
C VAL A 512 50.37 -15.04 -26.07
N ILE A 513 49.74 -15.67 -27.06
CA ILE A 513 48.53 -15.14 -27.68
C ILE A 513 47.31 -15.86 -27.13
N LEU A 514 46.34 -15.09 -26.65
CA LEU A 514 45.13 -15.57 -25.99
C LEU A 514 43.87 -15.04 -26.66
N ARG A 515 42.87 -15.91 -26.81
CA ARG A 515 41.57 -15.55 -27.37
C ARG A 515 40.60 -15.20 -26.24
N LEU A 516 40.00 -14.01 -26.34
CA LEU A 516 39.11 -13.52 -25.29
C LEU A 516 37.86 -14.38 -25.18
N ALA A 517 37.50 -14.74 -23.95
CA ALA A 517 36.35 -15.59 -23.69
C ALA A 517 35.57 -15.06 -22.50
N ARG A 518 34.30 -15.44 -22.43
CA ARG A 518 33.46 -15.12 -21.28
C ARG A 518 32.76 -16.38 -20.76
N PRO A 519 32.86 -16.66 -19.46
CA PRO A 519 32.13 -17.80 -18.90
C PRO A 519 30.74 -17.41 -18.40
N TYR A 520 29.84 -18.40 -18.46
CA TYR A 520 28.47 -18.25 -17.99
C TYR A 520 28.14 -19.43 -17.09
N LEU A 521 27.78 -19.14 -15.84
CA LEU A 521 27.47 -20.20 -14.89
C LEU A 521 26.05 -20.70 -15.14
N VAL A 522 25.90 -22.02 -15.10
CA VAL A 522 24.61 -22.68 -15.31
C VAL A 522 24.30 -23.50 -14.06
N SER A 523 23.16 -23.21 -13.44
CA SER A 523 22.74 -23.94 -12.25
C SER A 523 22.27 -25.35 -12.64
N PRO A 524 22.27 -26.28 -11.69
CA PRO A 524 21.85 -27.66 -12.02
C PRO A 524 20.43 -27.72 -12.54
N GLY A 525 20.20 -28.60 -13.51
CA GLY A 525 18.89 -28.80 -14.07
C GLY A 525 18.46 -27.77 -15.09
N ALA A 526 19.33 -26.84 -15.45
CA ALA A 526 18.98 -25.82 -16.43
C ALA A 526 18.83 -26.44 -17.81
N VAL A 527 18.03 -25.78 -18.65
CA VAL A 527 17.72 -26.27 -19.99
C VAL A 527 18.66 -25.59 -20.96
N LEU A 528 19.60 -26.34 -21.52
CA LEU A 528 20.54 -25.79 -22.49
C LEU A 528 19.80 -25.40 -23.76
N GLN A 529 19.98 -24.15 -24.19
CA GLN A 529 19.42 -23.66 -25.44
C GLN A 529 20.41 -23.72 -26.59
N ILE A 530 21.53 -24.41 -26.41
CA ILE A 530 22.66 -24.30 -27.32
C ILE A 530 23.47 -25.59 -27.24
N GLU A 531 24.25 -25.86 -28.28
CA GLU A 531 25.08 -27.05 -28.37
C GLU A 531 26.54 -26.65 -28.44
N GLU A 532 27.41 -27.57 -28.02
CA GLU A 532 28.85 -27.37 -28.11
C GLU A 532 29.25 -27.00 -29.53
N GLY A 533 30.01 -25.91 -29.67
CA GLY A 533 30.48 -25.46 -30.95
C GLY A 533 29.56 -24.51 -31.69
N ASP A 534 28.38 -24.25 -31.15
CA ASP A 534 27.43 -23.35 -31.82
C ASP A 534 27.95 -21.93 -31.83
N LEU A 535 27.74 -21.24 -32.95
CA LEU A 535 28.07 -19.83 -33.07
C LEU A 535 26.89 -19.00 -32.62
N VAL A 536 27.10 -18.13 -31.62
CA VAL A 536 26.04 -17.30 -31.08
C VAL A 536 26.36 -15.84 -31.35
N GLN A 537 25.31 -15.03 -31.44
CA GLN A 537 25.41 -13.58 -31.47
C GLN A 537 25.07 -13.01 -30.09
N ARG A 538 25.25 -11.70 -29.95
CA ARG A 538 24.93 -11.06 -28.68
C ARG A 538 23.43 -11.13 -28.42
N GLY A 539 23.06 -11.48 -27.20
CA GLY A 539 21.68 -11.62 -26.82
C GLY A 539 21.07 -12.98 -27.12
N ASP A 540 21.76 -13.83 -27.86
CA ASP A 540 21.29 -15.19 -28.07
C ASP A 540 21.18 -15.93 -26.76
N ASN A 541 20.08 -16.64 -26.57
CA ASN A 541 19.88 -17.40 -25.35
C ASN A 541 20.78 -18.62 -25.34
N LEU A 542 21.58 -18.77 -24.27
CA LEU A 542 22.44 -19.94 -24.16
C LEU A 542 21.77 -21.07 -23.39
N ALA A 543 21.06 -20.74 -22.32
CA ALA A 543 20.32 -21.71 -21.53
C ALA A 543 19.24 -20.96 -20.77
N LEU A 544 18.38 -21.71 -20.09
CA LEU A 544 17.42 -21.11 -19.17
C LEU A 544 17.43 -21.91 -17.87
N LEU A 545 17.64 -21.21 -16.76
CA LEU A 545 17.72 -21.81 -15.45
C LEU A 545 16.32 -21.91 -14.85
N VAL A 546 16.05 -23.04 -14.20
CA VAL A 546 14.77 -23.33 -13.57
C VAL A 546 14.96 -23.25 -12.07
N PHE A 547 14.33 -22.25 -11.45
CA PHE A 547 14.41 -21.97 -10.04
C PHE A 547 13.15 -22.45 -9.32
N GLU A 548 13.29 -22.70 -8.02
CA GLU A 548 12.16 -22.79 -7.11
C GLU A 548 12.18 -21.57 -6.21
N ARG A 549 11.10 -20.81 -6.22
CA ARG A 549 11.02 -19.53 -5.53
C ARG A 549 9.85 -19.55 -4.55
N ALA A 550 10.00 -18.84 -3.43
CA ALA A 550 8.90 -18.66 -2.51
C ALA A 550 7.74 -17.95 -3.20
N LYS A 551 6.55 -18.53 -3.09
CA LYS A 551 5.34 -17.96 -3.68
C LYS A 551 4.41 -17.55 -2.56
N THR A 552 4.18 -16.26 -2.41
CA THR A 552 3.19 -15.78 -1.46
C THR A 552 1.78 -16.08 -1.95
N GLY A 553 0.86 -16.23 -1.01
CA GLY A 553 -0.52 -16.53 -1.36
C GLY A 553 -1.35 -17.02 -0.19
N MSE B 4 9.47 16.13 50.13
CA MSE B 4 8.26 15.32 50.20
C MSE B 4 8.51 13.94 50.80
O MSE B 4 9.62 13.67 51.29
CB MSE B 4 7.64 15.15 48.80
CG MSE B 4 7.19 16.46 48.17
SE MSE B 4 5.38 16.96 48.68
CE MSE B 4 4.42 15.44 47.93
N ALA B 5 7.50 13.09 50.79
CA ALA B 5 7.57 11.76 51.40
C ALA B 5 6.96 10.72 50.47
N THR B 6 7.35 10.76 49.19
CA THR B 6 6.85 9.82 48.21
C THR B 6 8.00 9.08 47.54
N GLU B 7 7.69 7.89 47.03
CA GLU B 7 8.62 7.08 46.27
C GLU B 7 7.95 6.62 44.98
N LYS B 8 8.77 6.27 44.00
CA LYS B 8 8.28 5.85 42.69
C LYS B 8 8.34 4.33 42.61
N VAL B 9 7.20 3.72 42.31
CA VAL B 9 7.08 2.28 42.10
C VAL B 9 6.76 2.05 40.64
N THR B 10 7.32 1.00 40.05
CA THR B 10 6.98 0.62 38.69
C THR B 10 6.54 -0.85 38.70
N LYS B 11 5.34 -1.10 38.21
CA LYS B 11 4.87 -2.47 37.98
C LYS B 11 4.56 -2.62 36.49
N ASP B 12 5.03 -3.70 35.88
CA ASP B 12 4.80 -3.82 34.45
C ASP B 12 3.68 -4.81 34.18
N VAL B 13 2.98 -4.56 33.08
CA VAL B 13 1.78 -5.29 32.68
C VAL B 13 2.15 -6.14 31.48
N ALA B 14 2.25 -7.44 31.71
CA ALA B 14 2.52 -8.45 30.70
C ALA B 14 1.22 -9.13 30.28
N SER B 15 1.15 -9.50 29.00
CA SER B 15 -0.03 -10.19 28.50
C SER B 15 -0.11 -11.61 29.04
N ASP B 16 -1.35 -12.06 29.29
CA ASP B 16 -1.61 -13.42 29.75
C ASP B 16 -1.90 -14.38 28.60
N LEU B 17 -1.82 -13.92 27.36
CA LEU B 17 -2.15 -14.76 26.22
C LEU B 17 -1.48 -14.20 24.98
N ALA B 18 -1.18 -15.08 24.03
CA ALA B 18 -0.70 -14.63 22.74
C ALA B 18 -1.86 -14.04 21.94
N GLY B 19 -1.56 -12.99 21.17
CA GLY B 19 -2.59 -12.36 20.38
C GLY B 19 -2.08 -11.08 19.74
N GLN B 20 -3.01 -10.27 19.29
CA GLN B 20 -2.71 -9.00 18.63
C GLN B 20 -3.18 -7.84 19.49
N VAL B 21 -2.38 -6.78 19.53
CA VAL B 21 -2.63 -5.63 20.39
C VAL B 21 -3.51 -4.63 19.67
N LYS B 22 -4.53 -4.13 20.37
CA LYS B 22 -5.44 -3.11 19.87
C LYS B 22 -5.62 -2.08 20.97
N PHE B 23 -5.31 -0.81 20.68
CA PHE B 23 -5.58 0.24 21.65
C PHE B 23 -7.02 0.70 21.59
N VAL B 24 -7.68 0.71 22.76
CA VAL B 24 -9.05 1.17 22.92
C VAL B 24 -9.02 2.38 23.84
N ASN B 25 -9.57 3.49 23.36
CA ASN B 25 -9.64 4.75 24.09
C ASN B 25 -8.32 4.99 24.81
N LEU B 26 -7.27 5.11 24.01
CA LEU B 26 -5.91 5.18 24.55
C LEU B 26 -5.10 6.17 23.72
N ASP B 27 -5.02 7.40 24.19
CA ASP B 27 -4.13 8.38 23.58
C ASP B 27 -2.67 8.00 23.86
N ALA B 28 -1.89 7.86 22.80
CA ALA B 28 -0.48 7.51 22.89
C ALA B 28 0.36 8.69 22.43
N GLU B 29 1.26 9.17 23.28
CA GLU B 29 2.14 10.29 22.99
C GLU B 29 3.58 9.78 22.86
N GLU B 30 4.32 10.37 21.92
CA GLU B 30 5.73 10.04 21.73
C GLU B 30 6.57 11.19 22.25
N LYS B 31 7.26 10.96 23.36
CA LYS B 31 8.09 11.98 24.02
C LYS B 31 9.55 11.80 23.61
N ARG B 32 10.22 12.90 23.34
CA ARG B 32 11.64 12.89 22.98
C ARG B 32 12.41 13.68 24.02
N ASP B 33 13.42 13.05 24.62
CA ASP B 33 14.28 13.67 25.63
C ASP B 33 15.70 13.82 25.09
N ARG B 34 16.58 14.36 25.94
CA ARG B 34 17.99 14.49 25.55
C ARG B 34 18.75 13.18 25.75
N GLN B 35 18.63 12.59 26.95
CA GLN B 35 19.20 11.29 27.23
C GLN B 35 18.21 10.15 27.08
N GLY B 36 16.94 10.39 27.35
CA GLY B 36 16.02 9.27 27.25
C GLY B 36 15.41 9.08 25.88
N THR B 37 15.98 9.73 24.85
CA THR B 37 15.49 9.69 23.48
C THR B 37 13.97 9.56 23.42
N THR B 38 13.48 8.56 22.69
CA THR B 38 12.07 8.42 22.41
C THR B 38 11.44 7.44 23.40
N THR B 39 10.26 7.80 23.90
CA THR B 39 9.49 6.94 24.79
C THR B 39 8.02 7.09 24.43
N ARG B 40 7.30 5.96 24.36
CA ARG B 40 5.86 6.00 24.13
C ARG B 40 5.13 5.96 25.46
N ILE B 41 4.22 6.91 25.66
CA ILE B 41 3.56 7.13 26.93
C ILE B 41 2.05 7.16 26.69
N ALA B 42 1.29 6.76 27.71
CA ALA B 42 -0.17 6.93 27.73
C ALA B 42 -0.53 8.06 28.68
N PRO B 43 -0.62 9.31 28.21
CA PRO B 43 -0.79 10.44 29.14
C PRO B 43 -2.04 10.36 30.01
N LYS B 44 -3.18 9.92 29.46
CA LYS B 44 -4.41 9.80 30.24
C LYS B 44 -4.78 8.35 30.56
N GLY B 45 -4.03 7.38 30.08
CA GLY B 45 -4.38 5.98 30.25
C GLY B 45 -5.44 5.52 29.27
N GLY B 46 -5.69 4.21 29.29
CA GLY B 46 -6.68 3.62 28.42
C GLY B 46 -6.71 2.10 28.52
N LEU B 47 -7.10 1.40 27.45
CA LEU B 47 -7.17 -0.05 27.49
C LEU B 47 -6.38 -0.65 26.33
N ILE B 48 -5.57 -1.66 26.62
CA ILE B 48 -4.90 -2.46 25.61
C ILE B 48 -5.61 -3.80 25.53
N TRP B 49 -6.21 -4.10 24.38
CA TRP B 49 -6.90 -5.36 24.18
C TRP B 49 -5.97 -6.32 23.45
N VAL B 50 -5.90 -7.55 23.92
CA VAL B 50 -5.18 -8.62 23.24
C VAL B 50 -6.24 -9.53 22.64
N LEU B 51 -6.35 -9.48 21.31
CA LEU B 51 -7.22 -10.38 20.58
C LEU B 51 -6.54 -11.73 20.46
N SER B 52 -7.19 -12.78 20.95
CA SER B 52 -6.56 -14.09 21.05
C SER B 52 -6.15 -14.62 19.70
N GLY B 53 -5.00 -15.31 19.67
CA GLY B 53 -4.55 -15.96 18.47
C GLY B 53 -3.28 -16.75 18.78
N GLU B 54 -2.99 -17.69 17.90
CA GLU B 54 -1.75 -18.46 17.97
C GLU B 54 -0.69 -17.69 17.20
N VAL B 55 0.31 -17.17 17.92
CA VAL B 55 1.35 -16.33 17.34
C VAL B 55 2.60 -17.15 17.13
N TYR B 56 3.17 -17.05 15.94
CA TYR B 56 4.36 -17.79 15.54
C TYR B 56 5.50 -16.79 15.42
N ASN B 57 6.55 -16.99 16.22
CA ASN B 57 7.79 -16.24 16.05
C ASN B 57 8.58 -16.81 14.89
N LEU B 58 8.95 -15.95 13.97
CA LEU B 58 9.63 -16.47 12.80
C LEU B 58 11.14 -16.33 12.93
N PRO B 59 11.90 -17.21 12.30
CA PRO B 59 13.36 -17.04 12.23
C PRO B 59 13.72 -15.81 11.44
N PRO B 60 14.93 -15.26 11.63
CA PRO B 60 15.20 -13.89 11.16
C PRO B 60 15.21 -13.72 9.65
N GLY B 61 15.33 -14.79 8.86
CA GLY B 61 15.33 -14.66 7.42
C GLY B 61 14.02 -15.00 6.73
N ALA B 62 12.93 -15.17 7.48
CA ALA B 62 11.72 -15.77 6.95
C ALA B 62 10.93 -14.78 6.08
N GLU B 63 10.47 -15.26 4.93
CA GLU B 63 9.54 -14.52 4.09
C GLU B 63 8.21 -15.24 4.09
N PRO B 64 7.12 -14.56 4.47
CA PRO B 64 5.82 -15.26 4.54
C PRO B 64 5.29 -15.61 3.16
N VAL B 65 4.64 -16.78 3.08
CA VAL B 65 4.00 -17.24 1.86
C VAL B 65 2.48 -17.18 1.98
N VAL B 66 1.96 -16.51 3.01
CA VAL B 66 0.53 -16.38 3.23
C VAL B 66 0.22 -14.91 3.48
N LYS B 67 -0.90 -14.43 2.94
CA LYS B 67 -1.37 -13.08 3.16
C LYS B 67 -2.51 -13.06 4.18
N ASN B 68 -2.80 -11.87 4.70
CA ASN B 68 -3.85 -11.70 5.68
C ASN B 68 -5.20 -12.17 5.13
N GLY B 69 -5.94 -12.91 5.95
CA GLY B 69 -7.25 -13.41 5.58
C GLY B 69 -7.25 -14.85 5.09
N ASP B 70 -6.09 -15.39 4.73
CA ASP B 70 -6.01 -16.75 4.24
C ASP B 70 -6.49 -17.75 5.29
N ARG B 71 -7.21 -18.76 4.82
CA ARG B 71 -7.57 -19.91 5.65
C ARG B 71 -6.60 -21.04 5.33
N ILE B 72 -5.89 -21.50 6.35
CA ILE B 72 -4.82 -22.47 6.18
C ILE B 72 -5.16 -23.74 6.95
N GLU B 73 -4.89 -24.87 6.32
CA GLU B 73 -5.04 -26.16 6.98
C GLU B 73 -3.93 -26.35 8.01
N ALA B 74 -4.16 -27.25 8.96
CA ALA B 74 -3.14 -27.56 9.94
C ALA B 74 -1.90 -28.10 9.25
N GLY B 75 -0.74 -27.60 9.65
CA GLY B 75 0.50 -27.97 8.99
C GLY B 75 0.78 -27.25 7.69
N ALA B 76 -0.01 -26.24 7.34
CA ALA B 76 0.28 -25.47 6.13
C ALA B 76 1.53 -24.62 6.33
N VAL B 77 2.19 -24.32 5.22
CA VAL B 77 3.41 -23.52 5.26
C VAL B 77 3.03 -22.04 5.36
N MSE B 78 3.60 -21.35 6.34
CA MSE B 78 3.32 -19.94 6.56
C MSE B 78 4.45 -19.05 6.04
O MSE B 78 4.21 -17.97 5.50
CB MSE B 78 3.09 -19.66 8.04
CG MSE B 78 1.87 -20.32 8.62
SE MSE B 78 1.87 -20.17 10.55
CE MSE B 78 3.57 -21.05 10.91
N ALA B 79 5.69 -19.50 6.21
CA ALA B 79 6.86 -18.74 5.79
C ALA B 79 7.97 -19.71 5.43
N GLU B 80 8.90 -19.24 4.60
CA GLU B 80 10.06 -20.03 4.22
C GLU B 80 11.33 -19.23 4.49
N THR B 81 12.36 -19.94 4.97
CA THR B 81 13.71 -19.40 5.07
C THR B 81 14.61 -20.15 4.11
N THR B 82 15.73 -19.53 3.77
CA THR B 82 16.65 -20.09 2.80
C THR B 82 18.09 -20.03 3.31
N VAL B 83 18.87 -21.05 2.97
CA VAL B 83 20.31 -21.11 3.25
C VAL B 83 21.04 -20.89 1.93
N LYS B 84 21.83 -19.82 1.86
CA LYS B 84 22.58 -19.44 0.67
C LYS B 84 24.07 -19.70 0.85
N THR B 85 24.81 -19.55 -0.25
CA THR B 85 26.26 -19.67 -0.29
C THR B 85 26.86 -18.30 -0.60
N GLU B 86 27.85 -17.88 0.19
CA GLU B 86 28.54 -16.65 -0.13
C GLU B 86 29.31 -16.75 -1.45
N HIS B 87 30.14 -17.78 -1.59
CA HIS B 87 30.92 -18.00 -2.81
C HIS B 87 30.57 -19.34 -3.43
N GLY B 88 30.27 -19.31 -4.73
CA GLY B 88 29.91 -20.53 -5.44
C GLY B 88 31.10 -21.44 -5.70
N GLY B 89 30.84 -22.73 -5.68
CA GLY B 89 31.85 -23.73 -5.99
C GLY B 89 31.16 -25.00 -6.38
N VAL B 90 31.79 -26.12 -6.05
CA VAL B 90 31.25 -27.46 -6.27
C VAL B 90 30.84 -28.04 -4.92
N VAL B 91 29.58 -28.41 -4.79
CA VAL B 91 29.07 -28.88 -3.51
C VAL B 91 29.45 -30.34 -3.29
N ARG B 92 29.88 -30.64 -2.07
CA ARG B 92 30.17 -32.00 -1.62
C ARG B 92 29.42 -32.25 -0.32
N LEU B 93 28.78 -33.41 -0.23
CA LEU B 93 27.98 -33.77 0.94
C LEU B 93 28.67 -34.85 1.75
N PRO B 94 29.18 -34.55 2.95
CA PRO B 94 29.75 -35.61 3.80
C PRO B 94 28.69 -36.55 4.35
N GLU B 95 29.09 -37.45 5.23
CA GLU B 95 28.19 -38.47 5.76
C GLU B 95 27.13 -37.81 6.65
N GLN B 96 26.28 -38.64 7.25
CA GLN B 96 25.24 -38.15 8.16
C GLN B 96 25.80 -38.03 9.58
N GLN B 97 26.93 -37.33 9.67
CA GLN B 97 27.56 -37.03 10.95
C GLN B 97 26.73 -35.93 11.63
N ASP B 98 25.87 -36.32 12.56
CA ASP B 98 25.00 -35.32 13.17
C ASP B 98 25.81 -34.47 14.13
N SER B 99 26.31 -33.33 13.63
CA SER B 99 27.07 -32.37 14.43
C SER B 99 26.07 -31.53 15.20
N LYS B 100 25.69 -32.02 16.38
CA LYS B 100 24.58 -31.44 17.14
C LYS B 100 23.31 -31.42 16.30
N GLY B 101 23.13 -32.46 15.48
CA GLY B 101 21.96 -32.65 14.65
C GLY B 101 22.11 -32.19 13.21
N GLY B 102 22.90 -31.14 12.96
CA GLY B 102 22.91 -30.54 11.65
C GLY B 102 23.62 -31.38 10.60
N ARG B 103 23.19 -31.21 9.35
CA ARG B 103 23.79 -31.82 8.19
C ARG B 103 24.88 -30.90 7.66
N GLU B 104 25.94 -31.49 7.11
CA GLU B 104 27.09 -30.72 6.66
C GLU B 104 27.12 -30.63 5.15
N VAL B 105 27.41 -29.44 4.63
CA VAL B 105 27.51 -29.18 3.21
C VAL B 105 28.79 -28.39 2.97
N GLU B 106 29.64 -28.87 2.07
CA GLU B 106 30.88 -28.16 1.77
C GLU B 106 30.84 -27.66 0.33
N ILE B 107 31.51 -26.54 0.08
CA ILE B 107 31.54 -25.93 -1.25
C ILE B 107 32.99 -25.69 -1.62
N ILE B 108 33.49 -26.45 -2.60
CA ILE B 108 34.84 -26.30 -3.13
C ILE B 108 34.86 -25.05 -4.02
N THR B 109 35.43 -23.96 -3.51
CA THR B 109 35.54 -22.71 -4.26
C THR B 109 36.81 -22.61 -5.10
N ALA B 110 37.82 -23.43 -4.80
CA ALA B 110 39.04 -23.51 -5.60
C ALA B 110 39.70 -24.86 -5.31
N SER B 111 40.52 -25.30 -6.26
CA SER B 111 41.12 -26.63 -6.14
C SER B 111 42.35 -26.75 -7.02
N VAL B 112 43.33 -27.53 -6.53
CA VAL B 112 44.47 -27.98 -7.33
C VAL B 112 44.67 -29.47 -7.14
N MSE B 113 45.10 -30.14 -8.19
CA MSE B 113 45.46 -31.55 -8.13
C MSE B 113 46.76 -31.80 -8.89
O MSE B 113 46.95 -31.27 -10.00
CB MSE B 113 44.33 -32.41 -8.68
CG MSE B 113 44.75 -33.80 -9.10
SE MSE B 113 43.20 -34.85 -9.56
CE MSE B 113 42.60 -33.66 -10.97
N LEU B 114 47.64 -32.60 -8.31
CA LEU B 114 48.87 -33.01 -8.99
C LEU B 114 48.55 -34.23 -9.83
N ASP B 115 48.13 -33.99 -11.08
CA ASP B 115 48.10 -35.08 -12.03
C ASP B 115 49.53 -35.48 -12.38
N LYS B 116 49.66 -36.65 -13.00
CA LYS B 116 50.96 -37.23 -13.37
C LYS B 116 51.81 -37.58 -12.15
N ALA B 117 51.27 -37.42 -10.95
CA ALA B 117 51.96 -37.75 -9.71
C ALA B 117 51.10 -38.74 -8.94
N LYS B 118 51.70 -39.85 -8.53
CA LYS B 118 50.99 -40.95 -7.88
C LYS B 118 51.36 -41.01 -6.40
N VAL B 119 50.36 -41.19 -5.54
CA VAL B 119 50.60 -41.34 -4.12
C VAL B 119 50.70 -42.83 -3.78
N LEU B 120 51.77 -43.19 -3.08
CA LEU B 120 52.08 -44.54 -2.65
C LEU B 120 52.40 -44.53 -1.17
N LYS B 121 52.40 -45.72 -0.57
CA LYS B 121 52.51 -45.89 0.88
C LYS B 121 51.35 -45.15 1.57
N GLU B 122 50.17 -45.72 1.35
CA GLU B 122 48.90 -45.12 1.72
C GLU B 122 48.48 -45.34 3.17
N THR B 123 49.46 -45.55 4.05
CA THR B 123 49.27 -45.59 5.51
C THR B 123 48.28 -46.69 5.91
N GLN B 124 48.65 -47.93 5.55
CA GLN B 124 47.88 -49.07 6.02
C GLN B 124 48.02 -49.24 7.53
N GLN B 125 49.16 -48.83 8.08
CA GLN B 125 49.48 -48.98 9.49
C GLN B 125 48.94 -47.83 10.34
N GLY B 126 48.80 -46.65 9.75
CA GLY B 126 48.41 -45.47 10.47
C GLY B 126 49.58 -44.59 10.89
N ARG B 127 50.78 -45.16 10.92
CA ARG B 127 52.00 -44.42 11.21
C ARG B 127 52.83 -44.18 9.96
N GLU B 128 52.49 -44.85 8.86
CA GLU B 128 53.21 -44.71 7.61
C GLU B 128 53.09 -43.27 7.11
N HIS B 129 53.83 -42.96 6.06
CA HIS B 129 53.82 -41.64 5.48
C HIS B 129 53.49 -41.74 4.00
N TYR B 130 52.77 -40.74 3.50
CA TYR B 130 52.37 -40.68 2.10
C TYR B 130 53.54 -40.19 1.27
N ILE B 131 53.84 -40.92 0.20
CA ILE B 131 54.95 -40.59 -0.69
C ILE B 131 54.37 -40.27 -2.06
N ILE B 132 54.74 -39.13 -2.61
CA ILE B 132 54.26 -38.67 -3.90
C ILE B 132 55.37 -38.85 -4.92
N GLU B 133 55.11 -39.67 -5.94
CA GLU B 133 56.05 -39.90 -7.02
C GLU B 133 55.65 -39.01 -8.19
N THR B 134 56.61 -38.23 -8.66
CA THR B 134 56.40 -37.28 -9.75
C THR B 134 56.64 -37.97 -11.08
N ALA B 135 56.14 -37.35 -12.16
CA ALA B 135 56.42 -37.87 -13.49
C ALA B 135 57.92 -37.95 -13.76
N THR B 136 58.69 -37.03 -13.18
CA THR B 136 60.14 -37.13 -13.26
C THR B 136 60.70 -38.28 -12.43
N GLY B 137 59.95 -38.74 -11.43
CA GLY B 137 60.39 -39.80 -10.54
C GLY B 137 60.78 -39.35 -9.14
N GLN B 138 60.75 -38.05 -8.86
CA GLN B 138 61.05 -37.58 -7.51
C GLN B 138 60.00 -38.05 -6.51
N ARG B 139 60.47 -38.33 -5.30
CA ARG B 139 59.61 -38.81 -4.21
C ARG B 139 59.54 -37.72 -3.14
N PHE B 140 58.31 -37.31 -2.81
CA PHE B 140 58.06 -36.31 -1.78
C PHE B 140 57.35 -36.94 -0.60
N SER B 141 57.88 -36.73 0.60
CA SER B 141 57.20 -37.12 1.82
C SER B 141 56.18 -36.05 2.19
N LEU B 142 54.93 -36.47 2.37
CA LEU B 142 53.86 -35.55 2.71
C LEU B 142 53.85 -35.29 4.21
N LYS B 143 54.01 -34.03 4.61
CA LYS B 143 54.08 -33.64 6.01
C LYS B 143 52.82 -32.91 6.48
N ALA B 144 51.69 -33.18 5.82
CA ALA B 144 50.39 -32.66 6.22
C ALA B 144 49.36 -33.74 5.97
N ALA B 145 48.74 -34.23 7.05
CA ALA B 145 47.86 -35.38 6.95
C ALA B 145 46.55 -35.01 6.24
N PRO B 146 45.95 -35.96 5.53
CA PRO B 146 44.71 -35.68 4.81
C PRO B 146 43.61 -35.23 5.76
N GLY B 147 42.80 -34.27 5.30
CA GLY B 147 41.74 -33.75 6.13
C GLY B 147 42.14 -32.66 7.10
N THR B 148 43.41 -32.26 7.10
CA THR B 148 43.89 -31.17 7.94
C THR B 148 43.81 -29.85 7.16
N LYS B 149 43.49 -28.77 7.88
CA LYS B 149 43.59 -27.45 7.27
C LYS B 149 45.06 -27.07 7.14
N VAL B 150 45.39 -26.39 6.04
CA VAL B 150 46.76 -25.99 5.74
C VAL B 150 46.75 -24.50 5.41
N ALA B 151 47.55 -23.73 6.13
CA ALA B 151 47.54 -22.29 5.95
C ALA B 151 48.38 -21.89 4.75
N ASN B 152 48.07 -20.70 4.21
CA ASN B 152 48.82 -20.17 3.08
C ASN B 152 50.28 -19.97 3.47
N GLY B 153 51.19 -20.45 2.62
CA GLY B 153 52.60 -20.38 2.91
C GLY B 153 53.16 -21.56 3.68
N GLN B 154 52.32 -22.49 4.13
CA GLN B 154 52.78 -23.63 4.90
C GLN B 154 53.29 -24.72 3.97
N VAL B 155 54.36 -25.40 4.41
CA VAL B 155 54.94 -26.49 3.63
C VAL B 155 54.03 -27.71 3.68
N VAL B 156 53.69 -28.24 2.51
CA VAL B 156 52.85 -29.43 2.39
C VAL B 156 53.69 -30.69 2.31
N ALA B 157 54.68 -30.73 1.41
CA ALA B 157 55.52 -31.90 1.23
C ALA B 157 56.97 -31.48 1.09
N GLU B 158 57.86 -32.44 1.37
CA GLU B 158 59.31 -32.24 1.29
C GLU B 158 59.92 -33.29 0.38
N LEU B 159 60.84 -32.87 -0.49
CA LEU B 159 61.47 -33.80 -1.41
C LEU B 159 62.32 -34.80 -0.64
N ILE B 160 62.15 -36.09 -0.95
CA ILE B 160 63.01 -37.12 -0.41
C ILE B 160 64.27 -37.16 -1.28
N ASP B 161 65.37 -36.65 -0.75
CA ASP B 161 66.57 -36.38 -1.54
C ASP B 161 67.78 -36.66 -0.66
N ASP B 162 68.53 -37.70 -1.01
CA ASP B 162 69.74 -38.01 -0.27
C ASP B 162 70.96 -37.29 -0.82
N ARG B 163 70.80 -36.54 -1.90
CA ARG B 163 71.79 -35.55 -2.27
C ARG B 163 71.73 -34.40 -1.26
N TYR B 164 72.77 -33.58 -1.27
CA TYR B 164 72.94 -32.49 -0.30
C TYR B 164 73.01 -33.00 1.13
N HIS B 165 73.15 -34.30 1.33
CA HIS B 165 73.35 -34.89 2.64
C HIS B 165 74.84 -35.10 2.85
N THR B 166 75.36 -34.59 3.96
CA THR B 166 76.78 -34.69 4.25
C THR B 166 77.04 -35.88 5.18
N THR B 167 78.32 -36.10 5.47
CA THR B 167 78.71 -37.17 6.38
C THR B 167 78.79 -36.66 7.81
N THR B 168 79.38 -35.48 8.02
CA THR B 168 79.36 -34.78 9.30
C THR B 168 79.14 -33.31 9.00
N GLY B 169 79.38 -32.46 10.00
CA GLY B 169 79.35 -31.04 9.80
C GLY B 169 80.58 -30.58 9.04
N GLY B 170 80.71 -29.26 8.93
CA GLY B 170 81.84 -28.71 8.20
C GLY B 170 81.67 -27.22 7.95
N ILE B 171 82.36 -26.74 6.92
CA ILE B 171 82.38 -25.33 6.56
C ILE B 171 81.78 -25.18 5.18
N LEU B 172 80.85 -24.24 5.03
CA LEU B 172 80.07 -24.07 3.83
C LEU B 172 80.35 -22.69 3.23
N LYS B 173 80.61 -22.65 1.92
CA LYS B 173 80.73 -21.40 1.18
C LYS B 173 79.84 -21.45 -0.04
N TYR B 174 79.40 -20.28 -0.49
CA TYR B 174 78.57 -20.16 -1.68
C TYR B 174 79.43 -19.78 -2.88
N ALA B 175 78.90 -20.06 -4.07
CA ALA B 175 79.57 -19.68 -5.31
C ALA B 175 78.47 -19.34 -6.32
N ASP B 176 78.25 -18.05 -6.53
CA ASP B 176 77.27 -17.47 -7.44
C ASP B 176 75.85 -17.61 -6.93
N ILE B 177 75.64 -18.30 -5.81
CA ILE B 177 74.30 -18.52 -5.26
C ILE B 177 73.86 -17.27 -4.51
N GLU B 178 72.72 -16.72 -4.90
CA GLU B 178 72.10 -15.59 -4.21
C GLU B 178 70.83 -16.09 -3.54
N VAL B 179 70.74 -15.93 -2.22
CA VAL B 179 69.58 -16.38 -1.46
C VAL B 179 68.87 -15.16 -0.89
N ALA B 180 67.57 -15.33 -0.64
CA ALA B 180 66.83 -14.33 0.11
C ALA B 180 67.12 -14.51 1.60
N LYS B 181 67.67 -13.48 2.23
CA LYS B 181 67.97 -13.52 3.67
C LYS B 181 66.67 -13.34 4.46
N LYS B 182 65.80 -14.35 4.33
CA LYS B 182 64.54 -14.33 5.05
C LYS B 182 64.79 -14.73 6.50
N GLY B 183 63.94 -14.22 7.39
CA GLY B 183 63.98 -14.63 8.78
C GLY B 183 63.91 -16.14 8.88
N LYS B 184 64.70 -16.73 9.77
CA LYS B 184 64.77 -18.18 9.86
C LYS B 184 63.47 -18.80 10.33
N ALA B 185 62.42 -18.00 10.51
CA ALA B 185 61.09 -18.53 10.79
C ALA B 185 60.66 -19.53 9.73
N LYS B 186 61.11 -19.34 8.48
CA LYS B 186 60.86 -20.32 7.44
C LYS B 186 62.09 -21.21 7.24
N GLN B 187 62.51 -21.85 8.33
CA GLN B 187 63.43 -22.99 8.32
C GLN B 187 64.66 -22.77 7.45
N GLY B 188 65.10 -21.51 7.31
CA GLY B 188 66.30 -21.20 6.56
C GLY B 188 66.02 -20.16 5.50
N TYR B 189 66.92 -20.08 4.51
CA TYR B 189 66.90 -19.04 3.50
C TYR B 189 66.53 -19.62 2.14
N GLU B 190 65.64 -18.92 1.44
CA GLU B 190 65.16 -19.36 0.14
C GLU B 190 66.19 -19.04 -0.95
N VAL B 191 66.38 -19.98 -1.87
CA VAL B 191 67.33 -19.82 -2.96
C VAL B 191 66.69 -19.01 -4.07
N LEU B 192 67.37 -17.95 -4.50
CA LEU B 192 66.91 -17.08 -5.58
C LEU B 192 67.69 -17.30 -6.87
N LYS B 193 69.00 -17.35 -6.80
CA LYS B 193 69.85 -17.67 -7.94
C LYS B 193 70.73 -18.86 -7.60
N GLY B 194 70.85 -19.79 -8.55
CA GLY B 194 71.59 -21.01 -8.32
C GLY B 194 73.09 -20.81 -8.48
N GLY B 195 73.81 -21.94 -8.43
CA GLY B 195 75.25 -21.93 -8.58
C GLY B 195 75.87 -23.19 -8.01
N THR B 196 77.01 -23.06 -7.33
CA THR B 196 77.62 -24.21 -6.66
C THR B 196 77.87 -23.85 -5.21
N LEU B 197 77.69 -24.81 -4.31
CA LEU B 197 77.99 -24.60 -2.89
C LEU B 197 79.10 -25.57 -2.49
N LEU B 198 80.15 -25.02 -1.88
CA LEU B 198 81.38 -25.75 -1.59
C LEU B 198 81.41 -26.13 -0.11
N TRP B 199 81.75 -27.38 0.17
CA TRP B 199 81.62 -27.97 1.50
C TRP B 199 82.95 -28.62 1.90
N ILE B 200 83.48 -28.21 3.04
CA ILE B 200 84.72 -28.76 3.58
C ILE B 200 84.38 -29.49 4.88
N PRO B 201 84.42 -30.81 4.91
CA PRO B 201 83.98 -31.53 6.11
C PRO B 201 84.88 -31.31 7.31
N GLU B 202 84.25 -31.31 8.49
CA GLU B 202 84.98 -31.36 9.75
C GLU B 202 84.01 -31.80 10.85
N GLU B 203 84.43 -32.76 11.67
CA GLU B 203 83.60 -33.34 12.71
C GLU B 203 83.93 -32.68 14.04
N THR B 204 83.02 -31.86 14.55
CA THR B 204 83.24 -31.05 15.74
C THR B 204 82.51 -31.66 16.94
N HIS B 205 83.23 -31.81 18.05
CA HIS B 205 82.68 -32.31 19.30
C HIS B 205 82.82 -31.25 20.38
N GLU B 206 81.71 -30.90 21.03
CA GLU B 206 81.73 -29.95 22.12
C GLU B 206 82.00 -30.69 23.43
N VAL B 207 83.12 -30.36 24.07
CA VAL B 207 83.56 -31.03 25.29
C VAL B 207 83.94 -29.99 26.33
N ASN B 208 83.99 -30.43 27.59
CA ASN B 208 84.42 -29.57 28.69
C ASN B 208 85.37 -30.25 29.66
N LYS B 209 85.72 -31.50 29.44
CA LYS B 209 86.64 -32.21 30.33
C LYS B 209 88.04 -31.59 30.24
N ASP B 210 88.82 -31.80 31.31
CA ASP B 210 90.16 -31.22 31.38
C ASP B 210 91.08 -31.85 30.34
N ILE B 211 92.21 -31.18 30.10
CA ILE B 211 93.15 -31.63 29.08
C ILE B 211 93.70 -33.02 29.40
N SER B 212 93.75 -33.39 30.69
CA SER B 212 94.25 -34.70 31.07
C SER B 212 93.40 -35.84 30.52
N LEU B 213 92.13 -35.59 30.22
CA LEU B 213 91.27 -36.62 29.64
C LEU B 213 91.35 -36.64 28.12
N LEU B 214 92.56 -36.74 27.59
CA LEU B 214 92.81 -36.92 26.17
C LEU B 214 93.58 -38.21 25.93
N MET B 215 93.20 -38.93 24.87
CA MET B 215 93.91 -40.13 24.45
C MET B 215 94.52 -39.96 23.07
N VAL B 216 94.78 -38.71 22.66
CA VAL B 216 95.28 -38.42 21.32
C VAL B 216 96.07 -37.12 21.40
N GLU B 217 97.06 -37.00 20.52
CA GLU B 217 97.87 -35.80 20.44
C GLU B 217 97.28 -34.83 19.42
N ASP B 218 97.64 -33.55 19.57
CA ASP B 218 97.12 -32.53 18.67
C ASP B 218 97.69 -32.72 17.27
N ASN B 219 96.82 -32.53 16.27
CA ASN B 219 97.15 -32.69 14.85
C ASN B 219 97.57 -34.10 14.49
N GLN B 220 97.17 -35.09 15.29
CA GLN B 220 97.44 -36.49 15.00
C GLN B 220 96.34 -37.05 14.12
N TYR B 221 96.72 -37.65 12.99
CA TYR B 221 95.72 -38.32 12.18
C TYR B 221 95.24 -39.57 12.90
N VAL B 222 93.93 -39.77 12.91
CA VAL B 222 93.34 -40.83 13.70
C VAL B 222 92.28 -41.53 12.83
N GLU B 223 92.02 -42.80 13.13
CA GLU B 223 91.00 -43.53 12.40
C GLU B 223 89.64 -43.39 13.07
N ALA B 224 88.60 -43.82 12.35
CA ALA B 224 87.23 -43.62 12.80
C ALA B 224 86.92 -44.40 14.09
N GLY B 225 87.36 -45.66 14.18
CA GLY B 225 86.98 -46.47 15.32
C GLY B 225 87.62 -46.04 16.64
N THR B 226 88.75 -45.34 16.57
CA THR B 226 89.50 -44.97 17.76
C THR B 226 88.75 -43.95 18.62
N GLU B 227 89.04 -43.97 19.91
CA GLU B 227 88.45 -43.06 20.90
C GLU B 227 89.45 -41.96 21.23
N VAL B 228 89.17 -40.74 20.76
CA VAL B 228 90.02 -39.60 21.10
C VAL B 228 89.99 -39.32 22.59
N VAL B 229 88.84 -39.51 23.23
CA VAL B 229 88.69 -39.42 24.68
C VAL B 229 88.14 -40.76 25.15
N LYS B 230 88.34 -41.06 26.44
CA LYS B 230 87.88 -42.33 26.99
C LYS B 230 86.39 -42.56 26.72
N ASP B 231 85.58 -41.50 26.76
CA ASP B 231 84.15 -41.62 26.51
C ASP B 231 83.73 -41.12 25.14
N ILE B 232 84.62 -40.47 24.40
CA ILE B 232 84.31 -39.90 23.10
C ILE B 232 84.92 -40.77 22.01
N PHE B 233 84.07 -41.40 21.21
CA PHE B 233 84.50 -42.07 19.98
C PHE B 233 84.12 -41.20 18.78
N CYS B 234 85.01 -41.16 17.81
CA CYS B 234 84.80 -40.39 16.59
C CYS B 234 84.07 -41.22 15.54
N GLN B 235 83.38 -40.52 14.63
CA GLN B 235 82.67 -41.15 13.54
C GLN B 235 83.48 -41.25 12.26
N ASN B 236 84.58 -40.50 12.15
CA ASN B 236 85.32 -40.41 10.90
C ASN B 236 86.81 -40.32 11.18
N SER B 237 87.59 -40.65 10.14
CA SER B 237 89.05 -40.57 10.20
C SER B 237 89.51 -39.19 9.74
N GLY B 238 90.50 -38.65 10.44
CA GLY B 238 91.02 -37.35 10.10
C GLY B 238 91.99 -36.85 11.14
N VAL B 239 92.45 -35.62 10.91
CA VAL B 239 93.40 -34.97 11.80
C VAL B 239 92.66 -34.37 12.99
N VAL B 240 93.15 -34.64 14.19
CA VAL B 240 92.49 -34.18 15.42
C VAL B 240 93.03 -32.80 15.78
N GLU B 241 92.17 -31.80 15.67
CA GLU B 241 92.48 -30.44 16.09
C GLU B 241 91.87 -30.23 17.48
N VAL B 242 92.70 -29.90 18.45
CA VAL B 242 92.30 -29.78 19.85
C VAL B 242 92.30 -28.30 20.23
N ILE B 243 91.18 -27.82 20.74
CA ILE B 243 91.03 -26.43 21.20
C ILE B 243 90.93 -26.46 22.71
N GLN B 244 91.95 -25.93 23.37
CA GLN B 244 91.94 -25.78 24.83
C GLN B 244 92.54 -24.42 25.17
N LYS B 245 91.88 -23.71 26.09
CA LYS B 245 92.32 -22.38 26.48
C LYS B 245 92.45 -22.17 27.99
N ASN B 246 91.84 -23.02 28.83
CA ASN B 246 91.83 -22.83 30.27
C ASN B 246 92.24 -24.09 31.01
N ASP B 247 93.17 -24.85 30.42
CA ASP B 247 93.59 -26.17 30.89
C ASP B 247 92.47 -27.19 30.79
N ILE B 248 91.38 -26.87 30.09
CA ILE B 248 90.26 -27.77 29.87
C ILE B 248 89.91 -27.74 28.38
N LEU B 249 89.49 -28.90 27.87
CA LEU B 249 89.11 -28.99 26.46
C LEU B 249 87.86 -28.16 26.18
N ARG B 250 87.91 -27.34 25.14
CA ARG B 250 86.74 -26.60 24.69
C ARG B 250 86.01 -27.35 23.58
N GLU B 251 86.75 -27.82 22.58
CA GLU B 251 86.18 -28.62 21.51
C GLU B 251 87.31 -29.36 20.81
N ILE B 252 86.97 -30.49 20.19
CA ILE B 252 87.89 -31.26 19.37
C ILE B 252 87.29 -31.38 17.97
N ILE B 253 88.09 -31.04 16.96
CA ILE B 253 87.65 -31.04 15.57
C ILE B 253 88.47 -32.06 14.80
N ILE B 254 87.78 -32.92 14.06
CA ILE B 254 88.41 -33.94 13.22
C ILE B 254 88.27 -33.50 11.77
N LYS B 255 89.41 -33.30 11.11
CA LYS B 255 89.43 -32.75 9.77
C LYS B 255 89.86 -33.83 8.78
N PRO B 256 88.91 -34.44 8.06
CA PRO B 256 89.30 -35.45 7.07
C PRO B 256 90.12 -34.81 5.96
N GLY B 257 91.06 -35.58 5.43
CA GLY B 257 91.90 -35.09 4.36
C GLY B 257 93.10 -35.99 4.16
N GLU B 258 94.02 -35.51 3.33
CA GLU B 258 95.25 -36.22 3.01
C GLU B 258 96.43 -35.42 3.56
N LEU B 259 97.26 -36.08 4.35
CA LEU B 259 98.39 -35.42 4.99
C LEU B 259 99.59 -35.47 4.06
N HIS B 260 100.08 -34.29 3.67
CA HIS B 260 101.27 -34.18 2.83
C HIS B 260 102.35 -33.48 3.63
N LEU B 261 103.49 -34.15 3.78
CA LEU B 261 104.62 -33.57 4.50
C LEU B 261 105.16 -32.37 3.73
N VAL B 262 105.78 -31.45 4.45
CA VAL B 262 106.16 -30.15 3.88
C VAL B 262 107.56 -29.79 4.34
N ASP B 263 108.33 -29.21 3.41
CA ASP B 263 109.58 -28.52 3.67
C ASP B 263 109.44 -27.05 3.27
N ASP B 264 110.28 -26.23 3.87
CA ASP B 264 110.22 -24.77 3.80
C ASP B 264 108.90 -24.23 4.32
N PRO B 265 108.66 -24.31 5.63
CA PRO B 265 107.43 -23.71 6.18
C PRO B 265 107.34 -22.22 5.92
N GLU B 266 108.46 -21.51 5.88
CA GLU B 266 108.43 -20.08 5.62
C GLU B 266 107.96 -19.81 4.19
N ALA B 267 108.39 -20.62 3.22
CA ALA B 267 107.83 -20.49 1.88
C ALA B 267 106.39 -20.98 1.85
N ALA B 268 106.12 -22.07 2.58
CA ALA B 268 104.77 -22.60 2.76
C ALA B 268 104.04 -21.83 3.86
N ARG B 269 103.95 -20.53 3.70
CA ARG B 269 103.34 -19.65 4.70
C ARG B 269 102.12 -18.90 4.14
N LEU B 270 102.19 -18.47 2.88
CA LEU B 270 101.08 -17.76 2.26
C LEU B 270 99.81 -18.60 2.14
N LYS B 271 99.95 -19.91 1.93
CA LYS B 271 98.80 -20.73 1.55
C LYS B 271 98.21 -21.46 2.76
N HIS B 272 97.74 -20.68 3.73
CA HIS B 272 97.13 -21.29 4.92
C HIS B 272 95.65 -21.64 4.72
N GLY B 273 94.86 -20.73 4.16
CA GLY B 273 93.51 -21.11 3.85
C GLY B 273 93.33 -21.50 2.39
N THR B 274 93.57 -20.54 1.49
CA THR B 274 93.65 -20.76 0.04
C THR B 274 92.59 -21.68 -0.54
N LEU B 275 92.86 -22.16 -1.74
CA LEU B 275 92.04 -23.11 -2.46
C LEU B 275 92.89 -23.66 -3.58
N ALA B 276 93.09 -24.96 -3.64
CA ALA B 276 94.01 -25.53 -4.61
C ALA B 276 93.21 -26.24 -5.68
N ARG B 277 93.18 -25.64 -6.86
CA ARG B 277 92.58 -26.23 -8.04
C ARG B 277 93.52 -27.28 -8.62
N PRO B 278 92.98 -28.30 -9.28
CA PRO B 278 93.84 -29.32 -9.87
C PRO B 278 94.81 -28.72 -10.88
N GLY B 279 96.06 -29.20 -10.84
CA GLY B 279 97.12 -28.68 -11.68
C GLY B 279 97.98 -27.59 -11.06
N GLU B 280 97.64 -27.12 -9.87
CA GLU B 280 98.43 -26.11 -9.19
C GLU B 280 99.57 -26.74 -8.40
N GLU B 281 100.66 -25.98 -8.25
CA GLU B 281 101.78 -26.43 -7.42
C GLU B 281 101.61 -25.79 -6.05
N VAL B 282 100.97 -26.51 -5.15
CA VAL B 282 100.86 -26.06 -3.76
C VAL B 282 102.22 -26.06 -3.10
N LEU B 283 102.98 -27.13 -3.31
CA LEU B 283 104.34 -27.27 -2.80
C LEU B 283 105.23 -27.71 -3.95
N PRO B 284 106.52 -27.40 -3.90
CA PRO B 284 107.42 -27.80 -5.00
C PRO B 284 107.34 -29.29 -5.28
N GLY B 285 107.01 -29.65 -6.52
CA GLY B 285 106.83 -31.04 -6.88
C GLY B 285 105.46 -31.60 -6.59
N LEU B 286 104.55 -30.82 -6.00
CA LEU B 286 103.23 -31.29 -5.62
C LEU B 286 102.18 -30.68 -6.53
N VAL B 287 101.51 -31.52 -7.30
CA VAL B 287 100.41 -31.11 -8.17
C VAL B 287 99.13 -31.66 -7.56
N VAL B 288 98.05 -30.91 -7.72
CA VAL B 288 96.81 -31.18 -7.00
C VAL B 288 95.94 -32.11 -7.83
N ASP B 289 95.51 -33.22 -7.21
CA ASP B 289 94.66 -34.20 -7.89
C ASP B 289 93.21 -33.74 -7.96
N THR B 290 92.63 -33.36 -6.82
CA THR B 290 91.25 -32.93 -6.75
C THR B 290 91.17 -31.58 -6.05
N LEU B 291 90.03 -30.91 -6.22
CA LEU B 291 89.84 -29.60 -5.62
C LEU B 291 89.94 -29.72 -4.11
N SER B 292 90.87 -28.98 -3.51
CA SER B 292 91.14 -29.10 -2.09
C SER B 292 91.46 -27.73 -1.51
N GLN B 293 91.36 -27.62 -0.19
CA GLN B 293 91.77 -26.42 0.53
C GLN B 293 92.92 -26.79 1.46
N VAL B 294 93.97 -25.98 1.43
CA VAL B 294 95.19 -26.22 2.18
C VAL B 294 94.97 -25.90 3.65
N ASP B 295 95.52 -26.74 4.53
CA ASP B 295 95.43 -26.54 5.98
C ASP B 295 96.84 -26.67 6.55
N TYR B 296 97.49 -25.54 6.84
CA TYR B 296 98.86 -25.57 7.35
C TYR B 296 98.88 -26.11 8.76
N LEU B 297 99.70 -27.13 9.01
CA LEU B 297 99.86 -27.70 10.33
C LEU B 297 101.34 -27.71 10.69
N GLU B 298 101.68 -27.09 11.81
CA GLU B 298 102.98 -27.25 12.45
C GLU B 298 102.81 -28.05 13.72
N ASP B 299 103.94 -28.50 14.27
CA ASP B 299 103.97 -29.24 15.53
C ASP B 299 103.05 -30.46 15.49
N THR B 300 102.89 -31.06 14.33
CA THR B 300 102.24 -32.35 14.24
C THR B 300 103.25 -33.45 14.50
N PRO B 301 102.80 -34.64 14.91
CA PRO B 301 103.70 -35.80 14.84
C PRO B 301 104.13 -35.99 13.39
N GLU B 302 105.37 -36.43 13.21
CA GLU B 302 106.05 -36.57 11.92
C GLU B 302 106.40 -35.23 11.29
N GLY B 303 106.29 -34.13 12.05
CA GLY B 303 106.76 -32.84 11.60
C GLY B 303 105.70 -32.00 10.92
N PRO B 304 106.11 -30.83 10.43
CA PRO B 304 105.15 -29.95 9.75
C PRO B 304 104.59 -30.59 8.49
N ALA B 305 103.34 -30.25 8.19
CA ALA B 305 102.66 -30.81 7.03
C ALA B 305 101.56 -29.85 6.59
N ILE B 306 100.98 -30.15 5.43
CA ILE B 306 99.78 -29.47 4.97
C ILE B 306 98.70 -30.52 4.78
N LEU B 307 97.53 -30.27 5.34
CA LEU B 307 96.40 -31.17 5.25
C LEU B 307 95.52 -30.72 4.08
N MSE B 308 95.40 -31.57 3.08
CA MSE B 308 94.55 -31.29 1.94
C MSE B 308 93.12 -31.62 2.29
O MSE B 308 92.65 -32.73 2.07
CB MSE B 308 94.99 -32.08 0.71
CG MSE B 308 96.36 -31.70 0.20
SE MSE B 308 96.45 -29.81 -0.28
CE MSE B 308 95.84 -29.93 -2.12
N ARG B 309 92.41 -30.65 2.87
CA ARG B 309 91.01 -30.82 3.16
C ARG B 309 90.27 -31.02 1.83
N PRO B 310 89.57 -32.14 1.64
CA PRO B 310 88.83 -32.32 0.39
C PRO B 310 87.53 -31.55 0.46
N VAL B 311 87.34 -30.62 -0.47
CA VAL B 311 86.11 -29.84 -0.55
C VAL B 311 85.27 -30.41 -1.68
N GLN B 312 84.05 -30.79 -1.35
CA GLN B 312 83.11 -31.35 -2.32
C GLN B 312 82.06 -30.31 -2.65
N GLU B 313 81.60 -30.33 -3.89
CA GLU B 313 80.69 -29.33 -4.41
C GLU B 313 79.30 -29.92 -4.61
N PHE B 314 78.28 -29.09 -4.39
CA PHE B 314 76.90 -29.44 -4.66
C PHE B 314 76.33 -28.40 -5.61
N SER B 315 75.90 -28.85 -6.79
CA SER B 315 75.30 -27.96 -7.77
C SER B 315 73.86 -27.66 -7.39
N VAL B 316 73.48 -26.40 -7.54
CA VAL B 316 72.15 -25.94 -7.13
C VAL B 316 71.49 -25.23 -8.30
N PRO B 317 70.39 -25.77 -8.83
CA PRO B 317 69.71 -25.11 -9.95
C PRO B 317 69.04 -23.82 -9.49
N ASP B 318 68.81 -22.94 -10.46
CA ASP B 318 68.13 -21.67 -10.17
C ASP B 318 66.73 -21.91 -9.61
N GLU B 319 65.99 -22.82 -10.23
CA GLU B 319 64.67 -23.20 -9.76
C GLU B 319 64.58 -24.71 -9.64
N PRO B 320 63.89 -25.21 -8.60
CA PRO B 320 63.67 -26.65 -8.49
C PRO B 320 62.58 -27.13 -9.45
N SER B 321 62.58 -28.43 -9.69
CA SER B 321 61.56 -29.03 -10.54
C SER B 321 60.22 -29.04 -9.82
N VAL B 322 59.19 -28.57 -10.53
CA VAL B 322 57.85 -28.43 -9.97
C VAL B 322 56.97 -29.55 -10.52
N PRO B 323 56.23 -30.27 -9.68
CA PRO B 323 55.34 -31.31 -10.20
C PRO B 323 54.22 -30.71 -11.03
N SER B 324 53.74 -31.49 -11.99
CA SER B 324 52.63 -31.06 -12.83
C SER B 324 51.35 -31.00 -12.00
N GLN B 325 50.60 -29.92 -12.18
CA GLN B 325 49.37 -29.72 -11.42
C GLN B 325 48.30 -29.10 -12.32
N ASP B 326 47.08 -29.56 -12.14
CA ASP B 326 45.91 -29.06 -12.87
C ASP B 326 45.05 -28.25 -11.93
N SER B 327 44.75 -27.02 -12.33
CA SER B 327 44.00 -26.07 -11.51
C SER B 327 42.60 -25.88 -12.05
N SER B 328 41.64 -25.77 -11.14
CA SER B 328 40.25 -25.47 -11.44
C SER B 328 40.05 -24.01 -11.04
N ASP B 329 40.12 -23.12 -12.04
CA ASP B 329 40.03 -21.68 -11.80
C ASP B 329 38.97 -21.36 -10.76
N GLY B 330 39.26 -20.38 -9.93
CA GLY B 330 38.41 -20.03 -8.82
C GLY B 330 37.60 -18.76 -9.02
N SER B 331 36.67 -18.56 -8.08
CA SER B 331 35.90 -17.33 -7.95
C SER B 331 36.80 -16.23 -7.42
N GLY B 332 37.82 -15.88 -8.18
CA GLY B 332 38.78 -14.85 -7.83
C GLY B 332 39.96 -15.32 -7.00
N GLN B 333 39.90 -16.51 -6.42
CA GLN B 333 41.00 -17.06 -5.63
C GLN B 333 41.65 -18.18 -6.43
N SER B 334 42.96 -18.07 -6.66
CA SER B 334 43.73 -19.09 -7.34
C SER B 334 44.72 -19.71 -6.37
N ILE B 335 44.65 -21.03 -6.22
CA ILE B 335 45.48 -21.80 -5.31
C ILE B 335 46.47 -22.62 -6.13
N ARG B 336 47.71 -22.75 -5.64
CA ARG B 336 48.74 -23.58 -6.29
C ARG B 336 49.76 -24.02 -5.25
N LEU B 337 50.62 -24.97 -5.66
CA LEU B 337 51.77 -25.43 -4.88
C LEU B 337 53.06 -25.03 -5.59
N ARG B 338 53.85 -24.18 -4.93
CA ARG B 338 55.14 -23.71 -5.42
C ARG B 338 56.29 -24.52 -4.84
N ALA B 339 57.27 -24.83 -5.68
CA ALA B 339 58.47 -25.53 -5.23
C ALA B 339 59.58 -24.53 -4.91
N VAL B 340 60.13 -24.62 -3.71
CA VAL B 340 61.18 -23.69 -3.26
C VAL B 340 62.36 -24.48 -2.70
N GLN B 341 63.54 -23.88 -2.78
CA GLN B 341 64.76 -24.43 -2.21
C GLN B 341 65.21 -23.57 -1.05
N ARG B 342 65.43 -24.18 0.11
CA ARG B 342 65.84 -23.48 1.31
C ARG B 342 67.19 -24.02 1.80
N LEU B 343 68.12 -23.10 2.06
CA LEU B 343 69.41 -23.41 2.68
C LEU B 343 69.33 -23.06 4.17
N PRO B 344 69.41 -24.05 5.07
CA PRO B 344 69.35 -23.73 6.50
C PRO B 344 70.62 -23.11 7.05
N TYR B 345 71.67 -22.92 6.23
CA TYR B 345 72.96 -22.47 6.72
C TYR B 345 73.46 -21.27 5.90
N LYS B 346 74.18 -20.38 6.59
CA LYS B 346 74.60 -19.11 6.03
C LYS B 346 75.85 -19.28 5.15
N HIS B 347 76.18 -18.22 4.41
CA HIS B 347 77.12 -18.29 3.30
C HIS B 347 78.56 -18.51 3.73
N ASP B 348 78.90 -18.36 5.01
CA ASP B 348 80.25 -18.67 5.46
C ASP B 348 80.25 -19.37 6.82
N GLU B 349 79.16 -20.03 7.18
CA GLU B 349 79.02 -20.61 8.50
C GLU B 349 79.81 -21.91 8.62
N ARG B 350 80.47 -22.09 9.76
CA ARG B 350 80.99 -23.40 10.15
C ARG B 350 79.88 -24.15 10.87
N VAL B 351 79.47 -25.27 10.29
CA VAL B 351 78.31 -26.03 10.74
C VAL B 351 78.81 -27.14 11.66
N LYS B 352 78.80 -26.90 12.96
CA LYS B 352 79.30 -27.86 13.93
C LYS B 352 78.35 -29.04 14.06
N SER B 353 78.80 -30.22 13.65
CA SER B 353 77.97 -31.42 13.74
C SER B 353 78.87 -32.64 13.82
N VAL B 354 78.33 -33.71 14.39
CA VAL B 354 78.98 -35.02 14.43
C VAL B 354 78.41 -35.96 13.38
N ASP B 355 77.08 -36.04 13.32
CA ASP B 355 76.40 -36.90 12.36
C ASP B 355 76.15 -36.12 11.07
N GLY B 356 75.51 -36.78 10.10
CA GLY B 356 75.29 -36.16 8.82
C GLY B 356 74.37 -34.96 8.90
N VAL B 357 74.42 -34.15 7.84
CA VAL B 357 73.66 -32.90 7.79
C VAL B 357 73.11 -32.73 6.37
N ASP B 358 71.86 -32.29 6.28
CA ASP B 358 71.25 -31.93 5.00
C ASP B 358 71.23 -30.40 4.89
N LEU B 359 71.77 -29.89 3.78
CA LEU B 359 72.00 -28.45 3.63
C LEU B 359 71.26 -27.83 2.46
N LEU B 360 70.33 -28.55 1.84
CA LEU B 360 69.42 -27.96 0.85
C LEU B 360 68.11 -28.75 0.90
N ARG B 361 67.08 -28.14 1.46
CA ARG B 361 65.76 -28.77 1.55
C ARG B 361 64.85 -28.14 0.50
N THR B 362 64.31 -28.97 -0.38
CA THR B 362 63.38 -28.52 -1.41
C THR B 362 61.98 -28.92 -0.99
N GLN B 363 61.08 -27.94 -0.95
CA GLN B 363 59.77 -28.13 -0.36
C GLN B 363 58.68 -27.60 -1.27
N LEU B 364 57.54 -28.27 -1.24
CA LEU B 364 56.33 -27.78 -1.87
C LEU B 364 55.54 -26.99 -0.85
N VAL B 365 55.17 -25.77 -1.20
CA VAL B 365 54.54 -24.83 -0.28
C VAL B 365 53.23 -24.35 -0.90
N LEU B 366 52.17 -24.33 -0.10
CA LEU B 366 50.89 -23.83 -0.57
C LEU B 366 50.94 -22.32 -0.74
N GLU B 367 50.44 -21.83 -1.87
CA GLU B 367 50.34 -20.39 -2.12
C GLU B 367 49.02 -20.08 -2.79
N ILE B 368 48.23 -19.21 -2.16
CA ILE B 368 46.94 -18.80 -2.69
C ILE B 368 46.96 -17.30 -2.92
N ASP B 378 42.57 -24.63 4.96
CA ASP B 378 42.24 -25.22 3.66
C ASP B 378 42.52 -26.71 3.68
N ILE B 379 41.43 -27.47 3.53
CA ILE B 379 41.46 -28.92 3.63
C ILE B 379 42.14 -29.50 2.39
N GLU B 380 43.21 -30.27 2.61
CA GLU B 380 43.85 -31.02 1.54
C GLU B 380 43.50 -32.49 1.72
N ILE B 381 43.28 -33.19 0.61
CA ILE B 381 42.78 -34.56 0.64
C ILE B 381 43.59 -35.43 -0.33
N VAL B 382 43.51 -36.74 -0.09
CA VAL B 382 44.04 -37.75 -0.99
C VAL B 382 42.87 -38.43 -1.66
N THR B 383 42.68 -38.20 -2.95
CA THR B 383 41.54 -38.73 -3.68
C THR B 383 41.97 -39.88 -4.57
N ASP B 384 40.96 -40.55 -5.13
CA ASP B 384 41.18 -41.64 -6.08
C ASP B 384 41.11 -41.10 -7.50
N GLU B 385 42.00 -41.59 -8.35
CA GLU B 385 41.98 -41.16 -9.75
C GLU B 385 40.68 -41.57 -10.41
N VAL B 386 40.24 -40.74 -11.36
CA VAL B 386 38.99 -41.04 -12.06
C VAL B 386 39.17 -42.26 -12.95
N ASP B 387 40.17 -42.24 -13.83
CA ASP B 387 40.34 -43.33 -14.79
C ASP B 387 41.01 -44.56 -14.16
N PRO B 388 42.28 -44.47 -13.65
CA PRO B 388 42.93 -45.69 -13.15
C PRO B 388 42.76 -45.91 -11.66
N GLU B 389 43.33 -47.00 -11.14
CA GLU B 389 43.29 -47.32 -9.72
C GLU B 389 44.52 -46.79 -8.98
N ALA B 390 44.84 -45.52 -9.19
CA ALA B 390 45.92 -44.85 -8.49
C ALA B 390 45.36 -43.75 -7.59
N GLN B 391 46.24 -43.14 -6.81
CA GLN B 391 45.86 -42.08 -5.89
C GLN B 391 46.47 -40.75 -6.30
N ARG B 392 45.72 -39.67 -6.07
CA ARG B 392 46.14 -38.32 -6.42
C ARG B 392 46.01 -37.41 -5.20
N LEU B 393 46.89 -36.42 -5.13
CA LEU B 393 46.84 -35.42 -4.07
C LEU B 393 46.06 -34.20 -4.55
N GLN B 394 45.20 -33.68 -3.68
CA GLN B 394 44.36 -32.54 -4.01
C GLN B 394 44.35 -31.54 -2.86
N LEU B 395 44.30 -30.26 -3.18
CA LEU B 395 44.12 -29.20 -2.19
C LEU B 395 42.88 -28.40 -2.58
N VAL B 396 41.93 -28.28 -1.66
CA VAL B 396 40.64 -27.65 -1.93
C VAL B 396 40.38 -26.58 -0.87
N ILE B 397 39.95 -25.41 -1.31
CA ILE B 397 39.44 -24.38 -0.42
C ILE B 397 37.93 -24.55 -0.37
N LEU B 398 37.38 -24.76 0.84
CA LEU B 398 35.96 -25.06 0.96
C LEU B 398 35.26 -24.12 1.92
N GLU B 399 33.95 -23.99 1.71
CA GLU B 399 33.04 -23.25 2.56
C GLU B 399 32.12 -24.26 3.24
N SER B 400 32.17 -24.32 4.56
CA SER B 400 31.39 -25.28 5.35
C SER B 400 30.12 -24.62 5.84
N LEU B 401 28.97 -25.12 5.38
CA LEU B 401 27.66 -24.70 5.87
C LEU B 401 27.01 -25.85 6.62
N ILE B 402 26.19 -25.50 7.61
CA ILE B 402 25.50 -26.45 8.47
C ILE B 402 24.01 -26.23 8.38
N ILE B 403 23.26 -27.31 8.18
CA ILE B 403 21.80 -27.29 8.16
C ILE B 403 21.30 -27.75 9.52
N ARG B 404 20.60 -26.85 10.22
CA ARG B 404 19.95 -27.24 11.47
C ARG B 404 18.94 -28.34 11.19
N ARG B 405 18.81 -29.28 12.13
CA ARG B 405 18.04 -30.50 11.88
C ARG B 405 16.60 -30.18 11.50
N ASP B 406 15.80 -29.80 12.51
CA ASP B 406 14.43 -29.34 12.39
C ASP B 406 13.90 -29.08 13.79
N ILE B 407 12.75 -28.42 13.92
CA ILE B 407 12.13 -28.21 15.22
C ILE B 407 10.71 -28.76 15.17
N ALA B 408 10.30 -29.41 16.25
CA ALA B 408 8.89 -29.71 16.41
C ALA B 408 8.18 -28.46 16.90
N ALA B 409 6.87 -28.41 16.65
CA ALA B 409 6.11 -27.22 17.02
C ALA B 409 6.06 -27.06 18.54
N ASP B 410 6.27 -25.82 18.98
CA ASP B 410 6.12 -25.49 20.39
C ASP B 410 5.15 -24.31 20.51
N GLN B 411 5.04 -23.72 21.70
CA GLN B 411 4.04 -22.67 21.91
C GLN B 411 4.31 -21.45 21.05
N THR B 412 5.58 -21.06 20.91
CA THR B 412 5.92 -19.80 20.26
C THR B 412 6.37 -19.97 18.81
N GLN B 413 6.66 -21.19 18.36
CA GLN B 413 7.05 -21.41 16.98
C GLN B 413 6.38 -22.65 16.43
N GLY B 414 6.16 -22.65 15.11
CA GLY B 414 5.63 -23.82 14.44
C GLY B 414 6.72 -24.79 14.06
N SER B 415 6.30 -25.98 13.62
CA SER B 415 7.26 -26.97 13.16
C SER B 415 8.01 -26.47 11.94
N THR B 416 9.21 -27.01 11.74
CA THR B 416 10.03 -26.67 10.59
C THR B 416 10.34 -27.93 9.81
N PHE B 417 10.50 -27.76 8.49
CA PHE B 417 10.83 -28.86 7.60
C PHE B 417 11.90 -28.36 6.63
N THR B 418 13.13 -28.78 6.85
CA THR B 418 14.22 -28.42 5.96
C THR B 418 14.23 -29.34 4.74
N SER B 419 14.68 -28.80 3.61
CA SER B 419 14.73 -29.54 2.36
C SER B 419 16.01 -29.15 1.63
N LEU B 420 16.78 -30.15 1.21
CA LEU B 420 18.08 -29.92 0.59
C LEU B 420 17.90 -29.82 -0.91
N LEU B 421 18.35 -28.70 -1.48
CA LEU B 421 18.12 -28.37 -2.88
C LEU B 421 19.28 -28.75 -3.80
N VAL B 422 20.39 -29.23 -3.26
CA VAL B 422 21.58 -29.49 -4.07
C VAL B 422 21.99 -30.95 -3.87
N LYS B 423 22.60 -31.52 -4.92
CA LYS B 423 23.06 -32.90 -4.91
C LYS B 423 24.58 -32.92 -4.81
N ASP B 424 25.14 -34.12 -4.74
CA ASP B 424 26.53 -34.32 -4.33
C ASP B 424 27.59 -33.85 -5.36
N GLY B 425 27.30 -33.10 -6.42
CA GLY B 425 28.34 -32.71 -7.36
C GLY B 425 28.06 -31.44 -8.13
N ASP B 426 27.18 -30.60 -7.61
CA ASP B 426 26.66 -29.48 -8.37
C ASP B 426 27.59 -28.28 -8.41
N HIS B 427 27.54 -27.56 -9.53
CA HIS B 427 28.29 -26.32 -9.74
C HIS B 427 27.36 -25.17 -9.35
N ILE B 428 27.57 -24.63 -8.16
CA ILE B 428 26.73 -23.59 -7.59
C ILE B 428 27.38 -22.24 -7.84
N GLY B 429 26.54 -21.21 -7.98
CA GLY B 429 27.04 -19.86 -8.14
C GLY B 429 26.92 -19.08 -6.84
N PRO B 430 27.44 -17.87 -6.81
CA PRO B 430 27.38 -17.08 -5.58
C PRO B 430 25.95 -16.71 -5.22
N GLY B 431 25.61 -16.85 -3.95
CA GLY B 431 24.29 -16.53 -3.47
C GLY B 431 23.23 -17.56 -3.82
N ALA B 432 23.62 -18.73 -4.30
CA ALA B 432 22.64 -19.75 -4.67
C ALA B 432 22.09 -20.43 -3.43
N VAL B 433 20.86 -20.92 -3.56
CA VAL B 433 20.15 -21.57 -2.46
C VAL B 433 20.51 -23.04 -2.42
N ILE B 434 20.91 -23.53 -1.25
CA ILE B 434 21.18 -24.95 -1.05
C ILE B 434 20.15 -25.64 -0.19
N ALA B 435 19.39 -24.91 0.63
CA ALA B 435 18.36 -25.52 1.46
C ALA B 435 17.23 -24.52 1.66
N ARG B 436 16.00 -25.01 1.63
CA ARG B 436 14.81 -24.21 1.90
C ARG B 436 14.04 -24.85 3.04
N THR B 437 13.70 -24.04 4.04
CA THR B 437 13.04 -24.51 5.27
C THR B 437 11.64 -23.91 5.34
N ASP B 438 10.65 -24.78 5.51
CA ASP B 438 9.25 -24.39 5.67
C ASP B 438 8.87 -24.39 7.13
N ILE B 439 8.11 -23.37 7.54
CA ILE B 439 7.55 -23.29 8.88
C ILE B 439 6.08 -23.67 8.80
N LYS B 440 5.74 -24.86 9.29
CA LYS B 440 4.39 -25.39 9.18
C LYS B 440 3.50 -24.82 10.27
N ALA B 441 2.20 -24.79 9.99
CA ALA B 441 1.21 -24.30 10.95
C ALA B 441 0.90 -25.36 12.00
N LYS B 442 0.55 -24.88 13.20
CA LYS B 442 0.23 -25.78 14.31
C LYS B 442 -1.20 -26.31 14.20
N GLN B 443 -2.19 -25.42 14.26
CA GLN B 443 -3.57 -25.78 14.03
C GLN B 443 -4.10 -25.01 12.84
N ALA B 444 -5.16 -25.54 12.23
CA ALA B 444 -5.80 -24.83 11.14
C ALA B 444 -6.46 -23.57 11.67
N GLY B 445 -6.57 -22.56 10.81
CA GLY B 445 -7.16 -21.31 11.22
C GLY B 445 -7.01 -20.26 10.14
N GLU B 446 -7.35 -19.03 10.53
CA GLU B 446 -7.25 -17.87 9.65
C GLU B 446 -6.09 -17.00 10.11
N VAL B 447 -5.21 -16.67 9.18
CA VAL B 447 -4.04 -15.84 9.49
C VAL B 447 -4.49 -14.38 9.53
N GLN B 448 -4.09 -13.69 10.60
CA GLN B 448 -4.40 -12.28 10.77
C GLN B 448 -3.13 -11.53 11.15
N GLY B 449 -3.05 -10.28 10.69
CA GLY B 449 -2.00 -9.40 11.13
C GLY B 449 -0.58 -9.91 10.90
N ILE B 450 -0.14 -10.00 9.66
CA ILE B 450 1.25 -10.32 9.39
C ILE B 450 2.03 -9.02 9.41
N VAL B 451 3.26 -9.08 9.92
CA VAL B 451 4.12 -7.90 9.97
C VAL B 451 4.35 -7.39 8.56
N ARG B 452 3.92 -6.16 8.31
CA ARG B 452 3.91 -5.58 6.97
C ARG B 452 5.32 -5.20 6.56
N SER B 453 5.43 -4.29 5.58
CA SER B 453 6.71 -3.80 5.08
C SER B 453 7.29 -4.84 4.13
N GLY B 454 8.17 -5.70 4.63
CA GLY B 454 8.79 -6.69 3.78
C GLY B 454 10.17 -7.05 4.29
N GLU B 455 10.46 -8.35 4.35
CA GLU B 455 11.72 -8.88 4.87
C GLU B 455 11.92 -8.59 6.35
N SER B 456 10.93 -7.96 6.98
CA SER B 456 10.91 -7.76 8.42
C SER B 456 9.74 -8.51 9.08
N VAL B 457 9.28 -9.59 8.46
CA VAL B 457 8.14 -10.36 8.98
C VAL B 457 8.69 -11.39 9.98
N ARG B 458 8.61 -11.05 11.26
CA ARG B 458 9.14 -11.91 12.31
C ARG B 458 8.05 -12.59 13.14
N ARG B 459 6.79 -12.16 13.02
CA ARG B 459 5.70 -12.76 13.77
C ARG B 459 4.47 -12.87 12.88
N ILE B 460 3.75 -13.99 13.01
CA ILE B 460 2.52 -14.22 12.24
C ILE B 460 1.46 -14.77 13.19
N LEU B 461 0.25 -14.18 13.15
CA LEU B 461 -0.85 -14.66 13.98
C LEU B 461 -1.83 -15.49 13.16
N VAL B 462 -2.34 -16.56 13.77
CA VAL B 462 -3.38 -17.40 13.17
C VAL B 462 -4.44 -17.65 14.23
N VAL B 463 -5.68 -17.29 13.93
CA VAL B 463 -6.79 -17.51 14.84
C VAL B 463 -7.39 -18.89 14.57
N THR B 464 -7.51 -19.70 15.62
CA THR B 464 -7.98 -21.06 15.51
C THR B 464 -9.36 -21.16 16.13
N ASP B 465 -9.96 -22.35 16.06
CA ASP B 465 -11.28 -22.55 16.68
C ASP B 465 -11.20 -22.63 18.20
N SER B 466 -10.03 -22.35 18.74
CA SER B 466 -9.83 -22.20 20.18
C SER B 466 -9.78 -20.73 20.60
N ASP B 467 -9.78 -19.82 19.63
CA ASP B 467 -9.82 -18.38 19.87
C ASP B 467 -11.14 -17.78 19.43
N ARG B 468 -11.94 -18.50 18.66
CA ARG B 468 -13.26 -18.05 18.24
C ARG B 468 -14.33 -18.85 18.97
N LEU B 469 -15.47 -18.20 19.20
CA LEU B 469 -16.64 -18.84 19.79
C LEU B 469 -17.85 -18.40 19.00
N ARG B 470 -18.64 -19.36 18.53
CA ARG B 470 -19.91 -19.08 17.87
C ARG B 470 -21.04 -19.21 18.86
N VAL B 471 -21.82 -18.16 19.03
CA VAL B 471 -22.94 -18.11 19.96
C VAL B 471 -24.22 -18.06 19.14
N GLU B 472 -25.15 -18.96 19.44
CA GLU B 472 -26.35 -19.12 18.63
C GLU B 472 -27.45 -18.20 19.14
N THR B 473 -27.91 -17.31 18.27
CA THR B 473 -29.13 -16.54 18.51
C THR B 473 -30.30 -17.24 17.81
N ASN B 474 -31.25 -17.73 18.60
CA ASN B 474 -32.27 -18.60 18.04
C ASN B 474 -33.34 -17.82 17.28
N GLY B 475 -34.08 -16.96 17.97
CA GLY B 475 -35.11 -16.18 17.32
C GLY B 475 -34.80 -14.69 17.27
N ALA B 476 -33.94 -14.24 18.18
CA ALA B 476 -33.68 -12.82 18.33
C ALA B 476 -32.85 -12.29 17.17
N LYS B 477 -32.90 -10.97 16.99
CA LYS B 477 -31.94 -10.33 16.12
C LYS B 477 -30.80 -9.76 16.95
N PRO B 478 -29.55 -10.06 16.62
CA PRO B 478 -28.42 -9.55 17.42
C PRO B 478 -28.45 -8.03 17.54
N THR B 479 -28.36 -7.56 18.78
CA THR B 479 -28.30 -6.13 19.06
C THR B 479 -26.87 -5.59 19.05
N VAL B 480 -25.90 -6.43 18.72
CA VAL B 480 -24.50 -6.05 18.68
C VAL B 480 -24.06 -5.98 17.22
N LYS B 481 -23.11 -5.09 16.96
CA LYS B 481 -22.56 -4.88 15.63
C LYS B 481 -21.10 -5.34 15.61
N VAL B 482 -20.59 -5.55 14.40
CA VAL B 482 -19.23 -6.06 14.26
C VAL B 482 -18.25 -5.03 14.79
N GLY B 483 -17.13 -5.52 15.31
CA GLY B 483 -16.12 -4.66 15.89
C GLY B 483 -16.33 -4.33 17.35
N ASP B 484 -17.49 -4.64 17.92
CA ASP B 484 -17.77 -4.28 19.30
C ASP B 484 -17.02 -5.21 20.23
N LEU B 485 -16.73 -4.71 21.42
CA LEU B 485 -16.02 -5.46 22.45
C LEU B 485 -17.02 -5.85 23.52
N VAL B 486 -17.35 -7.13 23.59
CA VAL B 486 -18.32 -7.62 24.54
C VAL B 486 -17.62 -8.06 25.81
N ARG B 487 -18.23 -7.76 26.94
CA ARG B 487 -17.80 -8.19 28.26
C ARG B 487 -18.82 -9.21 28.77
N PRO B 488 -18.49 -9.98 29.81
CA PRO B 488 -19.43 -10.99 30.29
C PRO B 488 -20.75 -10.36 30.70
N GLY B 489 -21.84 -11.01 30.30
CA GLY B 489 -23.18 -10.54 30.64
C GLY B 489 -23.78 -9.51 29.71
N ASP B 490 -23.10 -9.14 28.62
CA ASP B 490 -23.57 -8.07 27.75
C ASP B 490 -24.67 -8.55 26.82
N GLU B 491 -25.69 -7.72 26.65
CA GLU B 491 -26.83 -8.05 25.79
C GLU B 491 -26.37 -8.17 24.35
N MSE B 492 -26.34 -9.39 23.84
CA MSE B 492 -25.88 -9.65 22.48
C MSE B 492 -27.04 -9.66 21.52
O MSE B 492 -27.08 -8.93 20.54
CB MSE B 492 -25.13 -10.99 22.45
CG MSE B 492 -23.92 -10.98 23.34
SE MSE B 492 -22.55 -12.08 22.56
CE MSE B 492 -22.03 -10.79 21.24
N ALA B 493 -28.00 -10.53 21.83
CA ALA B 493 -29.31 -10.53 21.21
C ALA B 493 -30.33 -10.72 22.32
N LYS B 494 -31.60 -10.57 21.98
CA LYS B 494 -32.64 -10.68 22.99
C LYS B 494 -32.58 -12.05 23.67
N GLY B 495 -32.30 -12.03 24.97
CA GLY B 495 -32.25 -13.25 25.77
C GLY B 495 -30.97 -14.05 25.72
N VAL B 496 -29.91 -13.55 25.07
CA VAL B 496 -28.62 -14.23 25.05
C VAL B 496 -27.53 -13.22 25.33
N THR B 497 -26.62 -13.55 26.26
CA THR B 497 -25.58 -12.65 26.70
C THR B 497 -24.20 -13.27 26.50
N ALA B 498 -23.19 -12.40 26.43
CA ALA B 498 -21.82 -12.84 26.19
C ALA B 498 -21.29 -13.62 27.38
N PRO B 499 -20.70 -14.81 27.16
CA PRO B 499 -20.21 -15.60 28.29
C PRO B 499 -18.86 -15.15 28.84
N GLU B 500 -18.08 -14.43 28.05
CA GLU B 500 -16.71 -14.08 28.45
C GLU B 500 -16.27 -12.89 27.62
N THR B 501 -15.19 -12.26 28.09
CA THR B 501 -14.65 -11.11 27.39
C THR B 501 -14.17 -11.50 26.00
N ALA B 502 -14.60 -10.73 25.00
CA ALA B 502 -14.24 -11.02 23.61
C ALA B 502 -14.63 -9.84 22.73
N ALA B 503 -14.31 -9.97 21.45
CA ALA B 503 -14.70 -9.00 20.42
C ALA B 503 -15.49 -9.72 19.33
N VAL B 504 -16.65 -9.16 18.98
CA VAL B 504 -17.48 -9.77 17.95
C VAL B 504 -16.86 -9.52 16.58
N MSE B 505 -16.60 -10.58 15.85
CA MSE B 505 -15.89 -10.45 14.58
C MSE B 505 -16.77 -10.85 13.41
O MSE B 505 -16.39 -10.67 12.25
CB MSE B 505 -14.61 -11.30 14.61
CG MSE B 505 -13.54 -10.72 15.53
SE MSE B 505 -12.53 -9.24 14.76
CE MSE B 505 -11.22 -10.27 13.75
N ALA B 506 -17.95 -11.40 13.69
CA ALA B 506 -18.92 -11.68 12.65
C ALA B 506 -20.30 -11.71 13.27
N VAL B 507 -21.24 -10.99 12.68
CA VAL B 507 -22.62 -10.96 13.17
C VAL B 507 -23.54 -11.42 12.04
N ALA B 508 -24.41 -12.37 12.35
CA ALA B 508 -25.42 -12.84 11.41
C ALA B 508 -26.78 -12.75 12.08
N ASP B 509 -27.80 -13.35 11.47
CA ASP B 509 -29.12 -13.33 12.07
C ASP B 509 -29.36 -14.50 13.02
N ASP B 510 -28.76 -15.66 12.75
CA ASP B 510 -28.91 -16.81 13.63
C ASP B 510 -27.74 -16.99 14.60
N HIS B 511 -26.54 -16.56 14.22
CA HIS B 511 -25.36 -16.75 15.04
C HIS B 511 -24.58 -15.44 15.12
N VAL B 512 -23.71 -15.36 16.13
CA VAL B 512 -22.70 -14.32 16.21
C VAL B 512 -21.38 -14.98 16.62
N ILE B 513 -20.34 -14.80 15.81
CA ILE B 513 -19.03 -15.36 16.08
C ILE B 513 -18.16 -14.25 16.65
N LEU B 514 -17.57 -14.52 17.80
CA LEU B 514 -16.77 -13.58 18.57
C LEU B 514 -15.38 -14.14 18.82
N ARG B 515 -14.37 -13.29 18.69
CA ARG B 515 -12.98 -13.65 18.91
C ARG B 515 -12.61 -13.33 20.36
N LEU B 516 -12.07 -14.32 21.05
CA LEU B 516 -11.76 -14.16 22.46
C LEU B 516 -10.70 -13.09 22.64
N ALA B 517 -10.94 -12.17 23.58
CA ALA B 517 -10.04 -11.05 23.81
C ALA B 517 -9.89 -10.84 25.31
N ARG B 518 -8.78 -10.20 25.69
CA ARG B 518 -8.59 -9.79 27.08
C ARG B 518 -8.20 -8.32 27.15
N PRO B 519 -8.87 -7.51 27.97
CA PRO B 519 -8.46 -6.12 28.15
C PRO B 519 -7.48 -5.95 29.29
N TYR B 520 -6.62 -4.94 29.15
CA TYR B 520 -5.63 -4.58 30.15
C TYR B 520 -5.70 -3.08 30.37
N LEU B 521 -5.93 -2.67 31.61
CA LEU B 521 -6.00 -1.25 31.91
C LEU B 521 -4.61 -0.65 32.02
N VAL B 522 -4.43 0.54 31.44
CA VAL B 522 -3.18 1.27 31.51
C VAL B 522 -3.49 2.58 32.22
N SER B 523 -2.83 2.80 33.36
CA SER B 523 -3.01 4.01 34.14
C SER B 523 -2.30 5.18 33.47
N PRO B 524 -2.67 6.41 33.83
CA PRO B 524 -2.06 7.58 33.19
C PRO B 524 -0.55 7.59 33.40
N GLY B 525 0.18 8.02 32.36
CA GLY B 525 1.61 8.11 32.42
C GLY B 525 2.35 6.81 32.25
N ALA B 526 1.66 5.72 31.97
CA ALA B 526 2.34 4.44 31.80
C ALA B 526 3.17 4.44 30.53
N VAL B 527 4.22 3.63 30.54
CA VAL B 527 5.17 3.54 29.44
C VAL B 527 4.78 2.36 28.57
N LEU B 528 4.30 2.65 27.37
CA LEU B 528 3.91 1.60 26.44
C LEU B 528 5.15 0.83 26.00
N GLN B 529 5.10 -0.50 26.16
CA GLN B 529 6.17 -1.37 25.71
C GLN B 529 5.87 -1.99 24.36
N ILE B 530 4.81 -1.52 23.69
CA ILE B 530 4.24 -2.22 22.55
C ILE B 530 3.49 -1.20 21.70
N GLU B 531 3.28 -1.54 20.42
CA GLU B 531 2.60 -0.68 19.48
C GLU B 531 1.31 -1.33 18.99
N GLU B 532 0.38 -0.48 18.55
CA GLU B 532 -0.87 -0.96 17.98
C GLU B 532 -0.62 -1.96 16.86
N GLY B 533 -1.30 -3.10 16.93
CA GLY B 533 -1.17 -4.13 15.93
C GLY B 533 -0.06 -5.14 16.20
N ASP B 534 0.73 -4.94 17.23
CA ASP B 534 1.82 -5.85 17.52
C ASP B 534 1.30 -7.21 17.96
N LEU B 535 1.96 -8.25 17.47
CA LEU B 535 1.67 -9.62 17.88
C LEU B 535 2.51 -9.94 19.10
N VAL B 536 1.86 -10.30 20.20
CA VAL B 536 2.56 -10.62 21.45
C VAL B 536 2.33 -12.07 21.79
N GLN B 537 3.29 -12.64 22.51
CA GLN B 537 3.14 -13.96 23.11
C GLN B 537 2.78 -13.80 24.58
N ARG B 538 2.48 -14.94 25.22
CA ARG B 538 2.13 -14.90 26.63
C ARG B 538 3.35 -14.50 27.44
N GLY B 539 3.17 -13.58 28.38
CA GLY B 539 4.26 -13.06 29.17
C GLY B 539 4.98 -11.88 28.55
N ASP B 540 4.70 -11.56 27.29
CA ASP B 540 5.26 -10.36 26.69
C ASP B 540 4.80 -9.12 27.45
N ASN B 541 5.75 -8.21 27.70
CA ASN B 541 5.42 -7.00 28.43
C ASN B 541 4.61 -6.05 27.54
N LEU B 542 3.44 -5.65 28.03
CA LEU B 542 2.59 -4.73 27.28
C LEU B 542 2.83 -3.29 27.66
N ALA B 543 2.99 -3.01 28.95
CA ALA B 543 3.20 -1.64 29.38
C ALA B 543 3.92 -1.65 30.72
N LEU B 544 4.29 -0.46 31.19
CA LEU B 544 4.86 -0.30 32.52
C LEU B 544 4.16 0.85 33.22
N LEU B 545 3.51 0.56 34.35
CA LEU B 545 2.80 1.56 35.12
C LEU B 545 3.72 2.16 36.17
N VAL B 546 3.66 3.49 36.28
CA VAL B 546 4.46 4.24 37.23
C VAL B 546 3.54 4.81 38.31
N PHE B 547 3.66 4.29 39.52
CA PHE B 547 2.88 4.69 40.68
C PHE B 547 3.73 5.55 41.60
N GLU B 548 3.07 6.38 42.39
CA GLU B 548 3.71 7.09 43.49
C GLU B 548 3.12 6.56 44.80
N ARG B 549 3.98 6.01 45.65
CA ARG B 549 3.55 5.43 46.92
C ARG B 549 4.30 6.12 48.06
N ALA B 550 4.10 5.63 49.28
CA ALA B 550 4.62 6.29 50.47
C ALA B 550 6.07 5.88 50.69
N LYS B 551 6.96 6.87 50.79
CA LYS B 551 8.36 6.65 51.17
C LYS B 551 8.40 6.51 52.69
N THR B 552 8.11 5.30 53.15
CA THR B 552 7.85 5.04 54.57
C THR B 552 9.16 5.01 55.37
N GLY B 553 9.86 6.14 55.36
CA GLY B 553 11.11 6.27 56.07
C GLY B 553 11.59 7.69 56.19
N THR C 10 -14.67 8.52 93.00
CA THR C 10 -13.49 8.48 92.15
C THR C 10 -13.06 9.87 91.69
N LYS C 11 -11.80 10.20 91.95
CA LYS C 11 -11.16 11.40 91.44
C LYS C 11 -10.02 10.98 90.53
N ASP C 12 -9.94 11.60 89.35
CA ASP C 12 -8.99 11.18 88.33
C ASP C 12 -7.82 12.15 88.19
N VAL C 13 -6.69 11.59 87.74
CA VAL C 13 -5.42 12.28 87.58
C VAL C 13 -5.17 12.40 86.08
N ALA C 14 -5.34 13.62 85.56
CA ALA C 14 -5.10 13.98 84.18
C ALA C 14 -3.76 14.68 83.99
N SER C 15 -3.14 14.44 82.84
CA SER C 15 -1.87 15.10 82.51
C SER C 15 -2.08 16.57 82.18
N ASP C 16 -1.11 17.40 82.56
CA ASP C 16 -1.12 18.82 82.26
C ASP C 16 -0.36 19.16 80.98
N LEU C 17 0.14 18.15 80.27
CA LEU C 17 0.94 18.39 79.08
C LEU C 17 0.91 17.15 78.20
N ALA C 18 1.08 17.37 76.90
CA ALA C 18 1.23 16.26 75.98
C ALA C 18 2.61 15.62 76.15
N GLY C 19 2.66 14.31 76.00
CA GLY C 19 3.93 13.61 76.14
C GLY C 19 3.73 12.10 76.12
N GLN C 20 4.77 11.41 76.56
CA GLN C 20 4.81 9.95 76.62
C GLN C 20 4.86 9.47 78.05
N VAL C 21 4.13 8.39 78.34
CA VAL C 21 3.99 7.88 79.70
C VAL C 21 5.12 6.91 80.00
N LYS C 22 5.73 7.07 81.18
CA LYS C 22 6.80 6.22 81.67
C LYS C 22 6.54 5.85 83.11
N PHE C 23 6.45 4.55 83.39
CA PHE C 23 6.43 4.03 84.75
C PHE C 23 7.87 3.87 85.23
N VAL C 24 8.16 4.34 86.44
CA VAL C 24 9.51 4.25 87.01
C VAL C 24 9.57 3.24 88.15
N ASN C 25 8.82 3.47 89.23
CA ASN C 25 8.68 2.53 90.34
C ASN C 25 7.18 2.42 90.56
N LEU C 26 6.54 1.64 89.69
CA LEU C 26 5.08 1.54 89.66
C LEU C 26 4.72 0.09 89.38
N ASP C 27 4.32 -0.63 90.42
CA ASP C 27 3.85 -1.99 90.24
C ASP C 27 2.59 -1.98 89.39
N ALA C 28 2.61 -2.71 88.28
CA ALA C 28 1.46 -2.80 87.39
C ALA C 28 0.91 -4.21 87.49
N GLU C 29 -0.30 -4.33 88.03
CA GLU C 29 -0.99 -5.60 88.17
C GLU C 29 -2.26 -5.59 87.33
N GLU C 30 -2.65 -6.73 86.80
CA GLU C 30 -3.90 -6.86 86.06
C GLU C 30 -4.91 -7.64 86.89
N LYS C 31 -5.97 -6.96 87.33
CA LYS C 31 -7.02 -7.54 88.15
C LYS C 31 -8.20 -7.98 87.29
N ARG C 32 -8.80 -9.10 87.66
CA ARG C 32 -9.93 -9.68 86.94
C ARG C 32 -11.18 -9.64 87.82
N ASP C 33 -12.26 -9.09 87.28
CA ASP C 33 -13.55 -8.99 87.95
C ASP C 33 -14.58 -9.87 87.26
N ARG C 34 -15.82 -9.85 87.79
CA ARG C 34 -16.90 -10.57 87.12
C ARG C 34 -17.48 -9.73 86.00
N GLN C 35 -17.91 -8.51 86.32
CA GLN C 35 -18.34 -7.52 85.35
C GLN C 35 -17.17 -6.56 85.09
N GLY C 36 -16.88 -6.29 83.82
CA GLY C 36 -15.71 -5.51 83.52
C GLY C 36 -14.51 -6.34 83.94
N THR C 37 -14.29 -7.43 83.20
CA THR C 37 -13.32 -8.45 83.59
C THR C 37 -11.95 -7.86 83.94
N THR C 38 -11.27 -7.25 82.98
CA THR C 38 -9.88 -6.88 83.17
C THR C 38 -9.72 -5.39 83.44
N THR C 39 -8.85 -5.07 84.41
CA THR C 39 -8.48 -3.71 84.73
C THR C 39 -7.01 -3.65 85.13
N ARG C 40 -6.31 -2.62 84.68
CA ARG C 40 -4.92 -2.42 85.08
C ARG C 40 -4.88 -1.55 86.33
N ILE C 41 -4.18 -2.03 87.35
CA ILE C 41 -4.20 -1.44 88.69
C ILE C 41 -2.76 -1.21 89.14
N ALA C 42 -2.56 -0.17 89.96
CA ALA C 42 -1.32 0.08 90.67
C ALA C 42 -1.52 -0.29 92.14
N PRO C 43 -1.26 -1.54 92.52
CA PRO C 43 -1.61 -1.98 93.89
C PRO C 43 -0.92 -1.18 94.99
N LYS C 44 0.34 -0.78 94.78
CA LYS C 44 1.10 -0.06 95.80
C LYS C 44 1.20 1.42 95.52
N GLY C 45 0.73 1.89 94.38
CA GLY C 45 0.89 3.28 93.99
C GLY C 45 2.29 3.53 93.46
N GLY C 46 2.48 4.72 92.90
CA GLY C 46 3.78 5.07 92.37
C GLY C 46 3.77 6.40 91.66
N LEU C 47 4.66 6.52 90.68
CA LEU C 47 4.82 7.74 89.90
C LEU C 47 4.65 7.43 88.42
N ILE C 48 3.81 8.23 87.75
CA ILE C 48 3.67 8.19 86.31
C ILE C 48 4.33 9.44 85.76
N TRP C 49 5.37 9.28 84.96
CA TRP C 49 6.07 10.41 84.38
C TRP C 49 5.58 10.66 82.96
N VAL C 50 5.32 11.92 82.64
CA VAL C 50 4.99 12.32 81.29
C VAL C 50 6.19 13.07 80.75
N LEU C 51 6.88 12.45 79.80
CA LEU C 51 7.98 13.08 79.07
C LEU C 51 7.38 14.03 78.04
N SER C 52 7.74 15.31 78.12
CA SER C 52 7.11 16.33 77.29
C SER C 52 7.34 16.07 75.82
N GLY C 53 6.33 16.39 75.02
CA GLY C 53 6.46 16.28 73.58
C GLY C 53 5.21 16.79 72.90
N GLU C 54 5.35 17.07 71.61
CA GLU C 54 4.23 17.44 70.76
C GLU C 54 3.61 16.15 70.23
N VAL C 55 2.40 15.85 70.68
CA VAL C 55 1.72 14.62 70.31
C VAL C 55 0.71 14.94 69.21
N TYR C 56 0.75 14.17 68.13
CA TYR C 56 -0.13 14.34 67.00
C TYR C 56 -1.07 13.15 66.94
N ASN C 57 -2.37 13.43 67.02
CA ASN C 57 -3.39 12.43 66.77
C ASN C 57 -3.53 12.21 65.28
N LEU C 58 -3.46 10.99 64.87
CA LEU C 58 -3.53 10.80 63.44
C LEU C 58 -4.94 10.43 63.00
N PRO C 59 -5.31 10.77 61.77
CA PRO C 59 -6.60 10.31 61.23
C PRO C 59 -6.60 8.80 61.12
N PRO C 60 -7.77 8.16 61.07
CA PRO C 60 -7.83 6.71 61.33
C PRO C 60 -7.15 5.85 60.27
N GLY C 61 -6.91 6.36 59.07
CA GLY C 61 -6.24 5.60 58.03
C GLY C 61 -4.78 5.90 57.82
N ALA C 62 -4.14 6.64 58.72
CA ALA C 62 -2.84 7.24 58.43
C ALA C 62 -1.72 6.22 58.43
N GLU C 63 -0.83 6.35 57.43
CA GLU C 63 0.39 5.56 57.36
C GLU C 63 1.58 6.46 57.66
N PRO C 64 2.36 6.19 58.70
CA PRO C 64 3.49 7.07 59.02
C PRO C 64 4.61 6.92 57.99
N VAL C 65 5.25 8.03 57.66
CA VAL C 65 6.40 8.04 56.77
C VAL C 65 7.70 8.38 57.50
N VAL C 66 7.67 8.41 58.83
CA VAL C 66 8.85 8.71 59.63
C VAL C 66 8.99 7.64 60.71
N LYS C 67 10.23 7.23 60.98
CA LYS C 67 10.53 6.26 62.02
C LYS C 67 11.13 6.97 63.23
N ASN C 68 11.14 6.25 64.35
CA ASN C 68 11.68 6.80 65.59
C ASN C 68 13.13 7.22 65.42
N GLY C 69 13.46 8.41 65.93
CA GLY C 69 14.79 8.96 65.86
C GLY C 69 15.00 9.96 64.74
N ASP C 70 14.11 9.99 63.75
CA ASP C 70 14.24 10.92 62.64
C ASP C 70 14.22 12.36 63.15
N ARG C 71 15.07 13.18 62.55
CA ARG C 71 15.06 14.62 62.78
C ARG C 71 14.29 15.25 61.63
N ILE C 72 13.19 15.94 61.94
CA ILE C 72 12.27 16.43 60.94
C ILE C 72 12.22 17.95 60.99
N GLU C 73 12.22 18.56 59.80
CA GLU C 73 12.06 20.00 59.67
C GLU C 73 10.61 20.39 59.98
N ALA C 74 10.42 21.67 60.34
CA ALA C 74 9.08 22.15 60.59
C ALA C 74 8.24 22.01 59.32
N GLY C 75 7.03 21.48 59.46
CA GLY C 75 6.21 21.22 58.29
C GLY C 75 6.56 19.97 57.54
N ALA C 76 7.45 19.13 58.07
CA ALA C 76 7.77 17.88 57.40
C ALA C 76 6.59 16.92 57.46
N VAL C 77 6.53 16.02 56.49
CA VAL C 77 5.44 15.06 56.40
C VAL C 77 5.71 13.92 57.38
N MSE C 78 4.74 13.65 58.26
CA MSE C 78 4.87 12.60 59.26
C MSE C 78 4.08 11.36 58.88
O MSE C 78 4.55 10.23 59.08
CB MSE C 78 4.40 13.11 60.62
CG MSE C 78 5.22 14.25 61.19
SE MSE C 78 4.41 14.92 62.83
CE MSE C 78 2.68 15.44 62.11
N ALA C 79 2.88 11.56 58.35
CA ALA C 79 2.03 10.46 57.91
C ALA C 79 1.21 10.90 56.72
N GLU C 80 0.77 9.92 55.93
CA GLU C 80 -0.07 10.17 54.77
C GLU C 80 -1.32 9.29 54.81
N THR C 81 -2.44 9.87 54.39
CA THR C 81 -3.66 9.14 54.08
C THR C 81 -3.97 9.29 52.60
N THR C 82 -4.76 8.37 52.07
CA THR C 82 -5.12 8.37 50.67
C THR C 82 -6.63 8.16 50.52
N VAL C 83 -7.18 8.80 49.50
CA VAL C 83 -8.56 8.58 49.09
C VAL C 83 -8.52 7.72 47.84
N LYS C 84 -9.11 6.55 47.91
CA LYS C 84 -9.10 5.59 46.82
C LYS C 84 -10.48 5.52 46.17
N THR C 85 -10.53 4.86 45.02
CA THR C 85 -11.76 4.60 44.30
C THR C 85 -12.00 3.10 44.30
N GLU C 86 -13.18 2.69 44.77
CA GLU C 86 -13.54 1.28 44.74
C GLU C 86 -13.72 0.75 43.33
N HIS C 87 -14.46 1.47 42.50
CA HIS C 87 -14.77 1.06 41.13
C HIS C 87 -14.02 1.92 40.14
N GLY C 88 -12.97 1.37 39.54
CA GLY C 88 -12.22 2.15 38.58
C GLY C 88 -13.01 2.40 37.32
N GLY C 89 -12.82 3.59 36.77
CA GLY C 89 -13.48 4.01 35.55
C GLY C 89 -12.71 5.17 34.96
N VAL C 90 -13.41 6.12 34.33
CA VAL C 90 -12.79 7.32 33.79
C VAL C 90 -13.15 8.48 34.71
N VAL C 91 -12.14 9.16 35.22
CA VAL C 91 -12.39 10.20 36.21
C VAL C 91 -12.87 11.47 35.52
N ARG C 92 -13.87 12.10 36.12
CA ARG C 92 -14.38 13.39 35.69
C ARG C 92 -14.31 14.35 36.88
N LEU C 93 -13.77 15.54 36.64
CA LEU C 93 -13.63 16.55 37.68
C LEU C 93 -14.62 17.67 37.39
N PRO C 94 -15.68 17.82 38.17
CA PRO C 94 -16.60 18.95 37.94
C PRO C 94 -15.98 20.28 38.30
N GLU C 95 -16.77 21.34 38.22
CA GLU C 95 -16.31 22.70 38.47
C GLU C 95 -16.01 22.86 39.96
N GLN C 96 -15.75 24.10 40.37
CA GLN C 96 -15.41 24.36 41.76
C GLN C 96 -16.64 24.49 42.65
N GLN C 97 -17.59 23.55 42.56
CA GLN C 97 -18.70 23.50 43.52
C GLN C 97 -18.21 22.80 44.79
N ASP C 98 -17.82 23.58 45.79
CA ASP C 98 -17.25 23.05 47.03
C ASP C 98 -18.38 22.49 47.90
N SER C 99 -18.45 21.16 47.99
CA SER C 99 -19.45 20.49 48.80
C SER C 99 -19.06 20.65 50.27
N LYS C 100 -19.48 21.78 50.85
CA LYS C 100 -19.06 22.19 52.19
C LYS C 100 -17.54 22.26 52.31
N GLY C 101 -16.89 22.76 51.26
CA GLY C 101 -15.46 22.92 51.20
C GLY C 101 -14.75 21.81 50.43
N GLY C 102 -15.30 20.60 50.46
CA GLY C 102 -14.63 19.48 49.83
C GLY C 102 -14.70 19.53 48.31
N ARG C 103 -13.71 18.94 47.67
CA ARG C 103 -13.67 18.83 46.22
C ARG C 103 -14.42 17.57 45.79
N GLU C 104 -15.08 17.65 44.64
CA GLU C 104 -15.92 16.57 44.15
C GLU C 104 -15.23 15.88 42.99
N VAL C 105 -15.22 14.55 42.99
CA VAL C 105 -14.61 13.76 41.93
C VAL C 105 -15.57 12.65 41.55
N GLU C 106 -15.86 12.52 40.26
CA GLU C 106 -16.74 11.46 39.80
C GLU C 106 -15.95 10.45 38.98
N ILE C 107 -16.41 9.20 38.99
CA ILE C 107 -15.73 8.11 38.28
C ILE C 107 -16.77 7.43 37.39
N ILE C 108 -16.61 7.57 36.08
CA ILE C 108 -17.47 6.91 35.12
C ILE C 108 -17.11 5.43 35.13
N THR C 109 -17.93 4.62 35.79
CA THR C 109 -17.71 3.19 35.91
C THR C 109 -18.32 2.42 34.75
N ALA C 110 -19.24 3.04 34.02
CA ALA C 110 -19.77 2.49 32.78
C ALA C 110 -20.35 3.63 31.97
N SER C 111 -20.39 3.45 30.66
CA SER C 111 -20.82 4.53 29.79
C SER C 111 -21.24 3.95 28.45
N VAL C 112 -22.22 4.61 27.84
CA VAL C 112 -22.58 4.34 26.45
C VAL C 112 -22.62 5.68 25.74
N MSE C 113 -22.06 5.73 24.54
CA MSE C 113 -22.05 6.95 23.76
C MSE C 113 -22.56 6.65 22.37
O MSE C 113 -22.24 5.62 21.79
CB MSE C 113 -20.65 7.54 23.69
CG MSE C 113 -20.45 8.51 22.54
SE MSE C 113 -18.62 9.12 22.34
CE MSE C 113 -18.28 9.76 24.14
N LEU C 114 -23.37 7.56 21.81
CA LEU C 114 -23.65 7.50 20.38
C LEU C 114 -22.48 8.17 19.67
N ASP C 115 -21.48 7.37 19.36
CA ASP C 115 -20.45 7.78 18.41
C ASP C 115 -21.07 7.83 17.01
N LYS C 116 -20.36 8.49 16.09
CA LYS C 116 -20.80 8.65 14.71
C LYS C 116 -22.09 9.46 14.61
N ALA C 117 -22.57 9.99 15.73
CA ALA C 117 -23.79 10.78 15.80
C ALA C 117 -23.49 12.12 16.43
N LYS C 118 -23.96 13.20 15.81
CA LYS C 118 -23.64 14.56 16.24
C LYS C 118 -24.81 15.17 16.99
N VAL C 119 -24.52 15.79 18.12
CA VAL C 119 -25.51 16.52 18.91
C VAL C 119 -25.46 17.98 18.52
N LEU C 120 -26.62 18.55 18.23
CA LEU C 120 -26.76 19.94 17.83
C LEU C 120 -27.83 20.59 18.69
N LYS C 121 -27.81 21.92 18.75
CA LYS C 121 -28.75 22.66 19.60
C LYS C 121 -29.53 23.57 18.65
N GLU C 122 -30.57 23.01 18.04
CA GLU C 122 -31.32 23.72 17.02
C GLU C 122 -32.36 24.63 17.69
N THR C 123 -32.33 25.91 17.34
CA THR C 123 -33.36 26.86 17.78
C THR C 123 -34.47 27.04 16.76
N GLN C 124 -34.46 26.25 15.69
CA GLN C 124 -35.51 26.27 14.67
C GLN C 124 -36.84 25.70 15.15
N GLN C 125 -36.93 25.20 16.39
CA GLN C 125 -38.14 24.54 16.87
C GLN C 125 -38.99 25.45 17.76
N GLY C 126 -38.86 26.77 17.62
CA GLY C 126 -39.56 27.71 18.48
C GLY C 126 -38.97 27.87 19.86
N ARG C 127 -38.00 27.05 20.21
CA ARG C 127 -37.25 27.05 21.46
C ARG C 127 -36.11 26.06 21.27
N GLU C 128 -34.95 26.35 21.85
CA GLU C 128 -33.80 25.51 21.57
C GLU C 128 -34.05 24.09 22.03
N HIS C 129 -33.75 23.13 21.17
CA HIS C 129 -33.87 21.71 21.45
C HIS C 129 -32.61 21.00 21.02
N TYR C 130 -32.24 19.96 21.77
CA TYR C 130 -31.09 19.15 21.38
C TYR C 130 -31.54 18.11 20.37
N ILE C 131 -30.84 18.07 19.24
CA ILE C 131 -31.15 17.16 18.14
C ILE C 131 -29.94 16.28 17.89
N ILE C 132 -30.16 14.98 17.81
CA ILE C 132 -29.09 14.01 17.54
C ILE C 132 -29.23 13.59 16.09
N GLU C 133 -28.22 13.89 15.28
CA GLU C 133 -28.19 13.49 13.88
C GLU C 133 -27.34 12.25 13.76
N THR C 134 -27.91 11.20 13.18
CA THR C 134 -27.19 9.97 12.95
C THR C 134 -26.51 10.03 11.59
N ALA C 135 -25.53 9.15 11.40
CA ALA C 135 -24.86 9.06 10.11
C ALA C 135 -25.84 8.79 8.97
N THR C 136 -26.93 8.07 9.26
CA THR C 136 -27.98 7.85 8.26
C THR C 136 -28.77 9.12 7.94
N GLY C 137 -28.76 10.10 8.83
CA GLY C 137 -29.52 11.32 8.64
C GLY C 137 -30.76 11.43 9.50
N GLN C 138 -31.09 10.42 10.29
CA GLN C 138 -32.22 10.52 11.20
C GLN C 138 -31.96 11.55 12.27
N ARG C 139 -33.02 12.25 12.67
CA ARG C 139 -32.97 13.29 13.69
C ARG C 139 -33.78 12.81 14.89
N PHE C 140 -33.13 12.77 16.06
CA PHE C 140 -33.78 12.39 17.30
C PHE C 140 -33.84 13.61 18.21
N SER C 141 -35.02 13.90 18.75
CA SER C 141 -35.16 14.92 19.77
C SER C 141 -34.74 14.34 21.11
N LEU C 142 -33.83 15.04 21.80
CA LEU C 142 -33.32 14.57 23.08
C LEU C 142 -34.30 14.95 24.19
N LYS C 143 -34.75 13.95 24.95
CA LYS C 143 -35.76 14.16 25.97
C LYS C 143 -35.17 14.14 27.39
N ALA C 144 -33.87 14.41 27.52
CA ALA C 144 -33.27 14.57 28.84
C ALA C 144 -32.13 15.57 28.74
N ALA C 145 -32.27 16.70 29.42
CA ALA C 145 -31.26 17.76 29.33
C ALA C 145 -29.99 17.32 30.04
N PRO C 146 -28.82 17.79 29.58
CA PRO C 146 -27.56 17.28 30.14
C PRO C 146 -27.47 17.46 31.65
N GLY C 147 -26.89 16.44 32.30
CA GLY C 147 -26.75 16.39 33.74
C GLY C 147 -27.95 15.85 34.49
N THR C 148 -29.02 15.49 33.81
CA THR C 148 -30.21 14.94 34.44
C THR C 148 -30.08 13.43 34.58
N LYS C 149 -30.66 12.90 35.66
CA LYS C 149 -30.72 11.46 35.86
C LYS C 149 -31.71 10.81 34.90
N VAL C 150 -31.35 9.61 34.43
CA VAL C 150 -32.19 8.84 33.53
C VAL C 150 -32.27 7.42 34.09
N ALA C 151 -33.49 6.95 34.38
CA ALA C 151 -33.69 5.66 35.00
C ALA C 151 -33.65 4.55 33.95
N ASN C 152 -33.40 3.33 34.41
CA ASN C 152 -33.39 2.19 33.52
C ASN C 152 -34.77 2.02 32.89
N GLY C 153 -34.80 1.87 31.57
CA GLY C 153 -36.04 1.76 30.85
C GLY C 153 -36.63 3.09 30.39
N GLN C 154 -36.05 4.20 30.82
CA GLN C 154 -36.60 5.51 30.50
C GLN C 154 -36.19 5.94 29.10
N VAL C 155 -37.10 6.63 28.41
CA VAL C 155 -36.82 7.11 27.05
C VAL C 155 -35.82 8.26 27.12
N VAL C 156 -34.75 8.15 26.34
CA VAL C 156 -33.73 9.19 26.27
C VAL C 156 -34.02 10.15 25.12
N ALA C 157 -34.23 9.62 23.92
CA ALA C 157 -34.54 10.44 22.76
C ALA C 157 -35.66 9.77 21.95
N GLU C 158 -36.37 10.59 21.18
CA GLU C 158 -37.45 10.12 20.32
C GLU C 158 -37.23 10.58 18.89
N LEU C 159 -37.47 9.68 17.94
CA LEU C 159 -37.25 10.02 16.53
C LEU C 159 -38.19 11.14 16.08
N ILE C 160 -37.62 12.13 15.40
CA ILE C 160 -38.40 13.18 14.77
C ILE C 160 -38.94 12.63 13.46
N ASP C 161 -40.23 12.32 13.43
CA ASP C 161 -40.78 11.55 12.32
C ASP C 161 -42.21 12.02 12.07
N ASP C 162 -42.43 12.72 10.96
CA ASP C 162 -43.77 13.14 10.58
C ASP C 162 -44.43 12.13 9.65
N ARG C 163 -43.76 11.04 9.32
CA ARG C 163 -44.48 9.89 8.78
C ARG C 163 -45.31 9.31 9.90
N TYR C 164 -46.24 8.42 9.56
CA TYR C 164 -47.20 7.88 10.52
C TYR C 164 -48.05 8.98 11.14
N HIS C 165 -48.03 10.18 10.57
CA HIS C 165 -48.88 11.29 11.00
C HIS C 165 -50.12 11.31 10.13
N THR C 166 -51.28 11.31 10.75
CA THR C 166 -52.54 11.36 10.02
C THR C 166 -53.05 12.80 9.99
N THR C 167 -54.14 12.99 9.25
CA THR C 167 -54.77 14.32 9.19
C THR C 167 -55.86 14.47 10.23
N THR C 168 -56.67 13.42 10.43
CA THR C 168 -57.65 13.37 11.51
C THR C 168 -57.57 11.98 12.13
N GLY C 169 -58.58 11.66 12.93
CA GLY C 169 -58.70 10.32 13.47
C GLY C 169 -59.18 9.34 12.41
N GLY C 170 -59.47 8.13 12.86
CA GLY C 170 -59.93 7.11 11.94
C GLY C 170 -59.98 5.75 12.58
N ILE C 171 -59.93 4.73 11.72
CA ILE C 171 -60.01 3.33 12.10
C ILE C 171 -58.70 2.67 11.68
N LEU C 172 -58.10 1.93 12.59
CA LEU C 172 -56.77 1.38 12.40
C LEU C 172 -56.85 -0.14 12.39
N LYS C 173 -56.21 -0.76 11.40
CA LYS C 173 -56.07 -2.21 11.34
C LYS C 173 -54.61 -2.57 11.15
N TYR C 174 -54.23 -3.74 11.65
CA TYR C 174 -52.90 -4.26 11.45
C TYR C 174 -52.91 -5.27 10.31
N ALA C 175 -51.74 -5.49 9.72
CA ALA C 175 -51.56 -6.50 8.68
C ALA C 175 -50.18 -7.10 8.90
N ASP C 176 -50.14 -8.29 9.48
CA ASP C 176 -48.94 -9.07 9.80
C ASP C 176 -48.18 -8.51 11.00
N ILE C 177 -48.61 -7.38 11.55
CA ILE C 177 -47.91 -6.76 12.67
C ILE C 177 -48.26 -7.49 13.96
N GLU C 178 -47.24 -7.97 14.66
CA GLU C 178 -47.39 -8.62 15.97
C GLU C 178 -46.77 -7.71 17.01
N VAL C 179 -47.55 -7.34 18.03
CA VAL C 179 -47.07 -6.46 19.09
C VAL C 179 -46.97 -7.24 20.39
N ALA C 180 -46.09 -6.77 21.27
CA ALA C 180 -46.02 -7.28 22.63
C ALA C 180 -47.16 -6.73 23.46
N LYS C 181 -47.92 -7.61 24.10
CA LYS C 181 -49.03 -7.15 24.91
C LYS C 181 -48.50 -6.51 26.20
N LYS C 182 -47.75 -5.44 26.04
CA LYS C 182 -47.23 -4.68 27.18
C LYS C 182 -48.30 -3.70 27.64
N GLY C 183 -48.33 -3.43 28.94
CA GLY C 183 -49.22 -2.39 29.42
C GLY C 183 -48.91 -1.08 28.75
N LYS C 184 -49.94 -0.39 28.24
CA LYS C 184 -49.70 0.87 27.56
C LYS C 184 -49.31 1.99 28.51
N ALA C 185 -49.11 1.70 29.79
CA ALA C 185 -48.61 2.69 30.73
C ALA C 185 -47.31 3.31 30.21
N LYS C 186 -46.52 2.55 29.47
CA LYS C 186 -45.36 3.07 28.77
C LYS C 186 -45.69 3.32 27.30
N GLN C 187 -46.57 4.30 27.10
CA GLN C 187 -46.80 4.96 25.81
C GLN C 187 -47.19 3.99 24.69
N GLY C 188 -47.80 2.85 25.01
CA GLY C 188 -48.27 2.00 23.93
C GLY C 188 -47.75 0.58 23.90
N TYR C 189 -47.85 -0.04 22.73
CA TYR C 189 -47.49 -1.45 22.54
C TYR C 189 -46.24 -1.53 21.67
N GLU C 190 -45.30 -2.38 22.08
CA GLU C 190 -44.05 -2.51 21.36
C GLU C 190 -44.23 -3.41 20.13
N VAL C 191 -43.61 -3.02 19.03
CA VAL C 191 -43.69 -3.78 17.78
C VAL C 191 -42.70 -4.94 17.85
N LEU C 192 -43.20 -6.15 17.63
CA LEU C 192 -42.38 -7.36 17.63
C LEU C 192 -42.15 -7.88 16.22
N LYS C 193 -43.21 -7.96 15.42
CA LYS C 193 -43.11 -8.29 14.01
C LYS C 193 -43.73 -7.16 13.20
N GLY C 194 -43.07 -6.77 12.12
CA GLY C 194 -43.50 -5.66 11.31
C GLY C 194 -44.62 -6.05 10.36
N GLY C 195 -44.94 -5.12 9.47
CA GLY C 195 -45.97 -5.36 8.49
C GLY C 195 -46.52 -4.09 7.87
N THR C 196 -47.83 -4.04 7.68
CA THR C 196 -48.50 -2.86 7.16
C THR C 196 -49.58 -2.40 8.13
N LEU C 197 -49.78 -1.09 8.19
CA LEU C 197 -50.78 -0.48 9.05
C LEU C 197 -51.81 0.21 8.16
N LEU C 198 -53.07 -0.17 8.31
CA LEU C 198 -54.13 0.31 7.43
C LEU C 198 -54.99 1.33 8.17
N TRP C 199 -55.25 2.46 7.52
CA TRP C 199 -55.86 3.61 8.15
C TRP C 199 -57.04 4.10 7.32
N ILE C 200 -58.20 4.20 7.94
CA ILE C 200 -59.43 4.71 7.33
C ILE C 200 -59.78 6.02 8.03
N PRO C 201 -59.62 7.18 7.38
CA PRO C 201 -59.86 8.45 8.08
C PRO C 201 -61.31 8.65 8.47
N GLU C 202 -61.51 9.31 9.61
CA GLU C 202 -62.81 9.81 10.01
C GLU C 202 -62.63 10.87 11.09
N GLU C 203 -63.31 12.00 10.94
CA GLU C 203 -63.19 13.12 11.86
C GLU C 203 -64.36 13.09 12.85
N THR C 204 -64.06 12.76 14.10
CA THR C 204 -65.09 12.56 15.12
C THR C 204 -65.14 13.76 16.05
N HIS C 205 -66.34 14.30 16.26
CA HIS C 205 -66.57 15.41 17.16
C HIS C 205 -67.52 14.98 18.27
N GLU C 206 -67.10 15.17 19.52
CA GLU C 206 -67.92 14.83 20.67
C GLU C 206 -68.80 16.03 21.04
N VAL C 207 -70.12 15.83 20.98
CA VAL C 207 -71.10 16.88 21.23
C VAL C 207 -72.14 16.34 22.20
N ASN C 208 -72.88 17.27 22.81
CA ASN C 208 -73.97 16.90 23.69
C ASN C 208 -75.23 17.73 23.48
N LYS C 209 -75.21 18.69 22.56
CA LYS C 209 -76.37 19.53 22.30
C LYS C 209 -77.49 18.72 21.66
N ASP C 210 -78.71 19.22 21.81
CA ASP C 210 -79.88 18.51 21.30
C ASP C 210 -79.86 18.52 19.77
N ILE C 211 -80.69 17.64 19.19
CA ILE C 211 -80.72 17.46 17.73
C ILE C 211 -81.13 18.74 17.02
N SER C 212 -81.88 19.62 17.69
CA SER C 212 -82.29 20.87 17.06
C SER C 212 -81.09 21.71 16.65
N LEU C 213 -79.95 21.51 17.29
CA LEU C 213 -78.71 22.20 16.89
C LEU C 213 -77.96 21.40 15.82
N LEU C 214 -78.67 21.02 14.76
CA LEU C 214 -78.06 20.40 13.60
C LEU C 214 -78.28 21.30 12.39
N MET C 215 -77.23 21.46 11.59
CA MET C 215 -77.30 22.24 10.36
C MET C 215 -76.97 21.39 9.15
N VAL C 216 -77.13 20.07 9.26
CA VAL C 216 -76.74 19.12 8.22
C VAL C 216 -77.59 17.88 8.38
N GLU C 217 -77.85 17.19 7.27
CA GLU C 217 -78.60 15.95 7.27
C GLU C 217 -77.65 14.75 7.38
N ASP C 218 -78.20 13.62 7.81
CA ASP C 218 -77.41 12.41 7.97
C ASP C 218 -76.95 11.90 6.61
N ASN C 219 -75.68 11.47 6.56
CA ASN C 219 -75.05 10.95 5.35
C ASN C 219 -74.99 11.99 4.23
N GLN C 220 -75.05 13.27 4.58
CA GLN C 220 -74.91 14.34 3.62
C GLN C 220 -73.42 14.67 3.45
N TYR C 221 -72.95 14.70 2.21
CA TYR C 221 -71.57 15.11 1.98
C TYR C 221 -71.44 16.60 2.25
N VAL C 222 -70.36 16.97 2.94
CA VAL C 222 -70.16 18.34 3.36
C VAL C 222 -68.71 18.71 3.04
N GLU C 223 -68.48 19.99 2.79
CA GLU C 223 -67.13 20.46 2.52
C GLU C 223 -66.44 20.92 3.79
N ALA C 224 -65.12 21.06 3.71
CA ALA C 224 -64.34 21.49 4.86
C ALA C 224 -64.67 22.95 5.18
N GLY C 225 -64.71 23.26 6.47
CA GLY C 225 -65.09 24.59 6.91
C GLY C 225 -66.56 24.76 7.21
N THR C 226 -67.42 23.89 6.70
CA THR C 226 -68.85 24.05 6.90
C THR C 226 -69.19 23.82 8.37
N GLU C 227 -70.27 24.45 8.83
CA GLU C 227 -70.70 24.31 10.21
C GLU C 227 -71.80 23.26 10.26
N VAL C 228 -71.41 22.04 10.62
CA VAL C 228 -72.36 20.94 10.79
C VAL C 228 -73.27 21.18 11.99
N VAL C 229 -72.71 21.72 13.06
CA VAL C 229 -73.46 22.10 14.25
C VAL C 229 -73.20 23.58 14.51
N LYS C 230 -74.12 24.22 15.22
CA LYS C 230 -73.95 25.62 15.58
C LYS C 230 -72.65 25.80 16.33
N ASP C 231 -71.79 26.70 15.83
CA ASP C 231 -70.48 27.00 16.40
C ASP C 231 -69.45 25.89 16.14
N ILE C 232 -69.88 24.76 15.59
CA ILE C 232 -68.97 23.65 15.32
C ILE C 232 -68.73 23.65 13.81
N PHE C 233 -67.49 23.96 13.42
CA PHE C 233 -67.05 23.88 12.03
C PHE C 233 -66.16 22.66 11.85
N CYS C 234 -66.31 22.01 10.70
CA CYS C 234 -65.51 20.84 10.37
C CYS C 234 -64.18 21.23 9.77
N GLN C 235 -63.18 20.37 9.96
CA GLN C 235 -61.85 20.60 9.41
C GLN C 235 -61.65 19.92 8.06
N ASN C 236 -62.53 18.99 7.69
CA ASN C 236 -62.34 18.18 6.49
C ASN C 236 -63.67 17.95 5.81
N SER C 237 -63.60 17.62 4.52
CA SER C 237 -64.78 17.29 3.73
C SER C 237 -65.07 15.81 3.80
N GLY C 238 -66.35 15.46 3.88
CA GLY C 238 -66.72 14.07 3.95
C GLY C 238 -68.19 13.90 4.23
N VAL C 239 -68.59 12.64 4.36
CA VAL C 239 -69.98 12.27 4.63
C VAL C 239 -70.25 12.44 6.12
N VAL C 240 -71.34 13.13 6.45
CA VAL C 240 -71.67 13.45 7.83
C VAL C 240 -72.50 12.31 8.40
N GLU C 241 -71.93 11.57 9.33
CA GLU C 241 -72.63 10.53 10.07
C GLU C 241 -73.01 11.10 11.43
N VAL C 242 -74.31 11.06 11.74
CA VAL C 242 -74.86 11.70 12.93
C VAL C 242 -75.19 10.60 13.93
N ILE C 243 -74.65 10.71 15.14
CA ILE C 243 -74.93 9.77 16.22
C ILE C 243 -75.75 10.52 17.26
N GLN C 244 -77.03 10.18 17.34
CA GLN C 244 -77.94 10.70 18.36
C GLN C 244 -78.83 9.55 18.81
N LYS C 245 -79.01 9.42 20.12
CA LYS C 245 -79.79 8.31 20.66
C LYS C 245 -80.89 8.72 21.63
N ASN C 246 -80.86 9.93 22.19
CA ASN C 246 -81.80 10.34 23.22
C ASN C 246 -82.37 11.72 22.92
N ASP C 247 -82.60 12.01 21.64
CA ASP C 247 -83.01 13.31 21.11
C ASP C 247 -81.92 14.38 21.24
N ILE C 248 -80.69 13.98 21.57
CA ILE C 248 -79.56 14.91 21.63
C ILE C 248 -78.40 14.27 20.87
N LEU C 249 -77.61 15.12 20.21
CA LEU C 249 -76.45 14.62 19.49
C LEU C 249 -75.40 14.08 20.46
N ARG C 250 -74.92 12.88 20.18
CA ARG C 250 -73.80 12.31 20.94
C ARG C 250 -72.47 12.61 20.26
N GLU C 251 -72.39 12.37 18.95
CA GLU C 251 -71.21 12.72 18.19
C GLU C 251 -71.58 12.78 16.72
N ILE C 252 -70.79 13.52 15.97
CA ILE C 252 -70.91 13.61 14.52
C ILE C 252 -69.58 13.16 13.92
N ILE C 253 -69.66 12.25 12.94
CA ILE C 253 -68.49 11.67 12.32
C ILE C 253 -68.49 12.09 10.86
N ILE C 254 -67.36 12.62 10.40
CA ILE C 254 -67.17 13.05 9.02
C ILE C 254 -66.25 12.03 8.36
N LYS C 255 -66.77 11.36 7.33
CA LYS C 255 -66.06 10.26 6.69
C LYS C 255 -65.62 10.69 5.30
N PRO C 256 -64.36 11.08 5.11
CA PRO C 256 -63.91 11.46 3.76
C PRO C 256 -63.97 10.30 2.80
N GLY C 257 -64.28 10.61 1.55
CA GLY C 257 -64.39 9.58 0.54
C GLY C 257 -65.07 10.13 -0.70
N GLU C 258 -65.38 9.22 -1.62
CA GLU C 258 -66.07 9.56 -2.86
C GLU C 258 -67.44 8.88 -2.86
N LEU C 259 -68.48 9.68 -3.04
CA LEU C 259 -69.85 9.19 -2.98
C LEU C 259 -70.28 8.70 -4.36
N HIS C 260 -70.63 7.42 -4.47
CA HIS C 260 -71.12 6.84 -5.70
C HIS C 260 -72.55 6.39 -5.52
N LEU C 261 -73.47 6.94 -6.32
CA LEU C 261 -74.85 6.49 -6.28
C LEU C 261 -74.94 5.05 -6.77
N VAL C 262 -75.97 4.34 -6.32
CA VAL C 262 -76.02 2.90 -6.54
C VAL C 262 -77.40 2.46 -6.97
N ASP C 263 -77.42 1.49 -7.89
CA ASP C 263 -78.56 0.69 -8.28
C ASP C 263 -78.27 -0.75 -7.89
N ASP C 264 -79.34 -1.53 -7.68
CA ASP C 264 -79.24 -2.85 -7.07
C ASP C 264 -78.64 -2.64 -5.68
N PRO C 265 -79.39 -2.04 -4.76
CA PRO C 265 -78.86 -1.81 -3.41
C PRO C 265 -78.46 -3.06 -2.68
N GLU C 266 -79.15 -4.18 -2.92
CA GLU C 266 -78.82 -5.42 -2.21
C GLU C 266 -77.45 -5.93 -2.61
N ALA C 267 -77.06 -5.77 -3.88
CA ALA C 267 -75.72 -6.16 -4.29
C ALA C 267 -74.66 -5.23 -3.68
N ALA C 268 -74.99 -3.95 -3.51
CA ALA C 268 -74.09 -3.01 -2.85
C ALA C 268 -73.99 -3.27 -1.35
N ARG C 269 -74.91 -4.05 -0.79
CA ARG C 269 -74.97 -4.28 0.64
C ARG C 269 -74.14 -5.47 1.07
N LEU C 270 -74.00 -6.47 0.19
CA LEU C 270 -73.14 -7.60 0.48
C LEU C 270 -71.70 -7.15 0.73
N LYS C 271 -71.24 -6.13 0.01
CA LYS C 271 -69.87 -5.66 0.11
C LYS C 271 -69.85 -4.43 1.01
N HIS C 272 -69.58 -4.64 2.30
CA HIS C 272 -69.47 -3.55 3.26
C HIS C 272 -68.04 -3.34 3.75
N GLY C 273 -67.18 -4.33 3.61
CA GLY C 273 -65.76 -4.19 3.83
C GLY C 273 -65.17 -4.04 2.46
N THR C 274 -64.66 -5.16 1.91
CA THR C 274 -64.29 -5.26 0.50
C THR C 274 -63.30 -4.16 0.11
N LEU C 275 -62.11 -4.26 0.69
CA LEU C 275 -61.02 -3.39 0.29
C LEU C 275 -60.82 -3.53 -1.21
N ALA C 276 -60.94 -2.44 -1.93
CA ALA C 276 -60.91 -2.46 -3.39
C ALA C 276 -59.60 -1.84 -3.86
N ARG C 277 -58.76 -2.66 -4.49
CA ARG C 277 -57.51 -2.20 -5.04
C ARG C 277 -57.79 -1.31 -6.25
N PRO C 278 -56.90 -0.37 -6.54
CA PRO C 278 -57.12 0.49 -7.72
C PRO C 278 -57.24 -0.35 -8.98
N GLY C 279 -58.21 0.01 -9.81
CA GLY C 279 -58.49 -0.72 -11.04
C GLY C 279 -59.49 -1.84 -10.89
N GLU C 280 -59.96 -2.12 -9.68
CA GLU C 280 -60.95 -3.16 -9.45
C GLU C 280 -62.37 -2.63 -9.65
N GLU C 281 -63.26 -3.52 -10.09
CA GLU C 281 -64.66 -3.20 -10.32
C GLU C 281 -65.47 -3.65 -9.11
N VAL C 282 -65.72 -2.71 -8.19
CA VAL C 282 -66.56 -3.01 -7.03
C VAL C 282 -68.00 -3.29 -7.46
N LEU C 283 -68.56 -2.42 -8.29
CA LEU C 283 -69.88 -2.56 -8.87
C LEU C 283 -69.82 -2.25 -10.36
N PRO C 284 -70.73 -2.80 -11.16
CA PRO C 284 -70.70 -2.53 -12.60
C PRO C 284 -70.69 -1.03 -12.90
N GLY C 285 -69.70 -0.61 -13.67
CA GLY C 285 -69.50 0.80 -13.98
C GLY C 285 -68.67 1.56 -12.97
N LEU C 286 -68.25 0.92 -11.88
CA LEU C 286 -67.46 1.58 -10.83
C LEU C 286 -66.06 0.98 -10.81
N VAL C 287 -65.07 1.78 -11.23
CA VAL C 287 -63.66 1.42 -11.12
C VAL C 287 -63.02 2.36 -10.12
N VAL C 288 -62.13 1.84 -9.30
CA VAL C 288 -61.57 2.57 -8.17
C VAL C 288 -60.23 3.16 -8.59
N ASP C 289 -60.05 4.46 -8.35
CA ASP C 289 -58.79 5.11 -8.69
C ASP C 289 -57.69 4.78 -7.68
N THR C 290 -58.00 4.85 -6.39
CA THR C 290 -57.05 4.58 -5.33
C THR C 290 -57.60 3.50 -4.41
N LEU C 291 -56.73 2.93 -3.59
CA LEU C 291 -57.12 1.85 -2.68
C LEU C 291 -58.20 2.35 -1.74
N SER C 292 -59.36 1.68 -1.73
CA SER C 292 -60.52 2.14 -0.98
C SER C 292 -61.24 0.97 -0.33
N GLN C 293 -62.04 1.29 0.67
CA GLN C 293 -62.92 0.33 1.32
C GLN C 293 -64.36 0.79 1.13
N VAL C 294 -65.23 -0.14 0.75
CA VAL C 294 -66.61 0.18 0.43
C VAL C 294 -67.40 0.45 1.70
N ASP C 295 -68.23 1.49 1.69
CA ASP C 295 -69.11 1.84 2.79
C ASP C 295 -70.50 2.06 2.24
N TYR C 296 -71.36 1.05 2.35
CA TYR C 296 -72.70 1.19 1.83
C TYR C 296 -73.52 2.12 2.74
N LEU C 297 -74.14 3.13 2.14
CA LEU C 297 -74.96 4.09 2.86
C LEU C 297 -76.36 4.08 2.27
N GLU C 298 -77.36 3.87 3.12
CA GLU C 298 -78.75 4.08 2.78
C GLU C 298 -79.28 5.33 3.49
N ASP C 299 -80.46 5.75 3.07
CA ASP C 299 -81.15 6.90 3.65
C ASP C 299 -80.29 8.15 3.62
N THR C 300 -79.43 8.25 2.61
CA THR C 300 -78.73 9.47 2.33
C THR C 300 -79.61 10.38 1.49
N PRO C 301 -79.36 11.69 1.49
CA PRO C 301 -79.94 12.53 0.45
C PRO C 301 -79.45 12.03 -0.91
N GLU C 302 -80.33 12.12 -1.90
CA GLU C 302 -80.13 11.60 -3.25
C GLU C 302 -80.20 10.08 -3.32
N GLY C 303 -80.65 9.41 -2.26
CA GLY C 303 -80.91 7.99 -2.30
C GLY C 303 -79.73 7.14 -1.86
N PRO C 304 -79.87 5.82 -1.98
CA PRO C 304 -78.78 4.93 -1.56
C PRO C 304 -77.53 5.14 -2.40
N ALA C 305 -76.39 4.96 -1.76
CA ALA C 305 -75.09 5.18 -2.40
C ALA C 305 -74.05 4.34 -1.70
N ILE C 306 -72.85 4.29 -2.28
CA ILE C 306 -71.69 3.69 -1.63
C ILE C 306 -70.58 4.73 -1.55
N LEU C 307 -70.02 4.89 -0.36
CA LEU C 307 -68.92 5.81 -0.11
C LEU C 307 -67.63 5.02 -0.18
N MSE C 308 -66.74 5.43 -1.08
CA MSE C 308 -65.44 4.78 -1.17
C MSE C 308 -64.46 5.46 -0.23
O MSE C 308 -63.89 6.51 -0.57
CB MSE C 308 -64.93 4.80 -2.61
CG MSE C 308 -65.80 4.01 -3.57
SE MSE C 308 -66.02 2.15 -3.04
CE MSE C 308 -64.35 1.46 -3.74
N ARG C 309 -64.28 4.87 0.94
CA ARG C 309 -63.39 5.43 1.94
C ARG C 309 -61.94 5.13 1.57
N PRO C 310 -61.07 6.14 1.43
CA PRO C 310 -59.68 5.90 1.04
C PRO C 310 -58.88 5.38 2.24
N VAL C 311 -58.26 4.22 2.06
CA VAL C 311 -57.41 3.61 3.07
C VAL C 311 -55.95 3.87 2.74
N GLN C 312 -55.22 4.44 3.69
CA GLN C 312 -53.80 4.69 3.53
C GLN C 312 -52.99 3.69 4.35
N GLU C 313 -51.83 3.32 3.82
CA GLU C 313 -50.98 2.30 4.43
C GLU C 313 -49.71 2.93 4.98
N PHE C 314 -49.24 2.38 6.10
CA PHE C 314 -47.97 2.75 6.71
C PHE C 314 -47.13 1.49 6.87
N SER C 315 -45.97 1.45 6.23
CA SER C 315 -45.09 0.30 6.36
C SER C 315 -44.35 0.34 7.69
N VAL C 316 -44.24 -0.80 8.34
CA VAL C 316 -43.63 -0.88 9.67
C VAL C 316 -42.53 -1.94 9.62
N PRO C 317 -41.26 -1.56 9.78
CA PRO C 317 -40.19 -2.56 9.76
C PRO C 317 -40.20 -3.42 11.00
N ASP C 318 -39.61 -4.61 10.86
CA ASP C 318 -39.48 -5.51 12.00
C ASP C 318 -38.67 -4.88 13.12
N GLU C 319 -37.55 -4.24 12.77
CA GLU C 319 -36.70 -3.54 13.72
C GLU C 319 -36.49 -2.10 13.24
N PRO C 320 -36.47 -1.15 14.15
CA PRO C 320 -36.12 0.23 13.77
C PRO C 320 -34.62 0.39 13.58
N SER C 321 -34.26 1.46 12.86
CA SER C 321 -32.86 1.78 12.67
C SER C 321 -32.26 2.30 13.97
N VAL C 322 -31.14 1.72 14.38
CA VAL C 322 -30.50 2.02 15.66
C VAL C 322 -29.23 2.83 15.39
N PRO C 323 -29.01 3.94 16.10
CA PRO C 323 -27.74 4.66 15.95
C PRO C 323 -26.58 3.84 16.49
N SER C 324 -25.40 4.08 15.94
CA SER C 324 -24.20 3.38 16.40
C SER C 324 -23.86 3.81 17.81
N GLN C 325 -23.51 2.84 18.66
CA GLN C 325 -23.19 3.12 20.05
C GLN C 325 -22.01 2.28 20.50
N ASP C 326 -21.14 2.90 21.30
CA ASP C 326 -20.00 2.25 21.91
C ASP C 326 -20.23 2.18 23.41
N SER C 327 -20.14 0.98 23.98
CA SER C 327 -20.35 0.80 25.41
C SER C 327 -19.01 0.50 26.07
N SER C 328 -18.74 1.18 27.17
CA SER C 328 -17.55 0.92 27.98
C SER C 328 -18.03 0.31 29.30
N ASP C 329 -18.25 -1.01 29.26
CA ASP C 329 -18.73 -1.71 30.43
C ASP C 329 -17.65 -1.78 31.51
N GLY C 330 -18.09 -1.73 32.76
CA GLY C 330 -17.16 -1.83 33.88
C GLY C 330 -17.88 -2.39 35.08
N SER C 331 -17.07 -2.78 36.07
CA SER C 331 -17.50 -3.23 37.38
C SER C 331 -18.84 -3.97 37.39
N GLY C 332 -19.01 -4.95 36.51
CA GLY C 332 -20.23 -5.73 36.49
C GLY C 332 -21.42 -5.11 35.79
N GLN C 333 -21.34 -3.83 35.42
CA GLN C 333 -22.48 -3.10 34.86
C GLN C 333 -22.35 -2.95 33.36
N SER C 334 -23.41 -3.34 32.64
CA SER C 334 -23.49 -3.15 31.20
C SER C 334 -24.62 -2.16 30.90
N ILE C 335 -24.27 -1.05 30.24
CA ILE C 335 -25.21 0.01 29.89
C ILE C 335 -25.35 0.07 28.37
N ARG C 336 -26.57 0.32 27.90
CA ARG C 336 -26.77 0.51 26.45
C ARG C 336 -28.06 1.25 26.18
N LEU C 337 -28.24 1.65 24.92
CA LEU C 337 -29.47 2.25 24.39
C LEU C 337 -30.14 1.30 23.41
N ARG C 338 -31.36 0.88 23.73
CA ARG C 338 -32.19 0.03 22.89
C ARG C 338 -33.18 0.86 22.09
N ALA C 339 -33.35 0.56 20.81
CA ALA C 339 -34.31 1.25 19.96
C ALA C 339 -35.60 0.46 19.88
N VAL C 340 -36.73 1.11 20.17
CA VAL C 340 -38.03 0.44 20.16
C VAL C 340 -39.02 1.25 19.34
N GLN C 341 -40.00 0.55 18.76
CA GLN C 341 -41.14 1.18 18.09
C GLN C 341 -42.40 0.85 18.87
N ARG C 342 -43.17 1.87 19.22
CA ARG C 342 -44.39 1.71 19.99
C ARG C 342 -45.58 2.17 19.14
N LEU C 343 -46.62 1.33 19.08
CA LEU C 343 -47.88 1.73 18.48
C LEU C 343 -48.82 2.13 19.60
N PRO C 344 -49.21 3.40 19.71
CA PRO C 344 -50.10 3.82 20.80
C PRO C 344 -51.55 3.38 20.63
N TYR C 345 -51.89 2.67 19.56
CA TYR C 345 -53.28 2.34 19.26
C TYR C 345 -53.45 0.85 18.98
N LYS C 346 -54.63 0.34 19.33
CA LYS C 346 -54.95 -1.08 19.31
C LYS C 346 -55.23 -1.57 17.88
N HIS C 347 -55.26 -2.90 17.74
CA HIS C 347 -55.18 -3.54 16.42
C HIS C 347 -56.45 -3.41 15.59
N ASP C 348 -57.57 -2.99 16.19
CA ASP C 348 -58.79 -2.70 15.45
C ASP C 348 -59.49 -1.49 16.05
N GLU C 349 -58.74 -0.60 16.69
CA GLU C 349 -59.29 0.49 17.46
C GLU C 349 -59.81 1.62 16.56
N ARG C 350 -60.95 2.18 16.95
CA ARG C 350 -61.42 3.44 16.39
C ARG C 350 -60.72 4.58 17.13
N VAL C 351 -59.91 5.35 16.41
CA VAL C 351 -59.11 6.41 17.00
C VAL C 351 -59.90 7.69 16.80
N LYS C 352 -60.74 8.02 17.78
CA LYS C 352 -61.62 9.17 17.70
C LYS C 352 -60.82 10.44 17.90
N SER C 353 -60.72 11.26 16.85
CA SER C 353 -59.96 12.50 16.91
C SER C 353 -60.46 13.45 15.84
N VAL C 354 -60.18 14.73 16.04
CA VAL C 354 -60.43 15.76 15.04
C VAL C 354 -59.16 16.11 14.29
N ASP C 355 -58.07 16.37 15.01
CA ASP C 355 -56.79 16.70 14.41
C ASP C 355 -55.96 15.43 14.18
N GLY C 356 -54.76 15.62 13.66
CA GLY C 356 -53.90 14.51 13.28
C GLY C 356 -53.46 13.67 14.46
N VAL C 357 -52.94 12.49 14.12
CA VAL C 357 -52.54 11.48 15.10
C VAL C 357 -51.23 10.82 14.63
N ASP C 358 -50.34 10.56 15.57
CA ASP C 358 -49.13 9.79 15.32
C ASP C 358 -49.34 8.38 15.85
N LEU C 359 -49.11 7.38 14.99
CA LEU C 359 -49.47 6.01 15.31
C LEU C 359 -48.27 5.06 15.31
N LEU C 360 -47.05 5.58 15.23
CA LEU C 360 -45.85 4.77 15.48
C LEU C 360 -44.74 5.70 15.96
N ARG C 361 -44.41 5.62 17.25
CA ARG C 361 -43.31 6.41 17.81
C ARG C 361 -42.10 5.52 18.03
N THR C 362 -40.96 5.87 17.43
CA THR C 362 -39.73 5.12 17.63
C THR C 362 -38.81 5.91 18.56
N GLN C 363 -38.38 5.26 19.63
CA GLN C 363 -37.66 5.93 20.71
C GLN C 363 -36.44 5.12 21.12
N LEU C 364 -35.40 5.85 21.55
CA LEU C 364 -34.23 5.24 22.18
C LEU C 364 -34.47 5.19 23.68
N VAL C 365 -34.26 4.02 24.27
CA VAL C 365 -34.58 3.73 25.66
C VAL C 365 -33.32 3.23 26.36
N LEU C 366 -33.03 3.80 27.52
CA LEU C 366 -31.89 3.35 28.29
C LEU C 366 -32.16 1.98 28.93
N GLU C 367 -31.18 1.08 28.85
CA GLU C 367 -31.27 -0.20 29.55
C GLU C 367 -29.91 -0.54 30.15
N ILE C 368 -29.86 -0.68 31.47
CA ILE C 368 -28.63 -1.07 32.15
C ILE C 368 -28.90 -2.36 32.92
N ALA C 376 -30.26 2.01 40.05
CA ALA C 376 -29.96 1.82 38.63
C ALA C 376 -30.36 3.05 37.81
N ALA C 377 -29.55 4.11 37.89
CA ALA C 377 -29.79 5.36 37.19
C ALA C 377 -28.60 5.68 36.28
N ASP C 378 -28.65 6.84 35.63
CA ASP C 378 -27.67 7.15 34.58
C ASP C 378 -27.67 8.65 34.29
N ILE C 379 -26.57 9.33 34.63
CA ILE C 379 -26.40 10.72 34.24
C ILE C 379 -25.95 10.79 32.79
N GLU C 380 -26.67 11.56 31.97
CA GLU C 380 -26.26 11.73 30.59
C GLU C 380 -25.56 13.07 30.37
N ILE C 381 -24.58 13.04 29.46
CA ILE C 381 -23.68 14.17 29.19
C ILE C 381 -23.65 14.40 27.69
N VAL C 382 -23.34 15.62 27.30
CA VAL C 382 -23.00 15.95 25.93
C VAL C 382 -21.53 16.34 25.93
N THR C 383 -20.68 15.46 25.42
CA THR C 383 -19.24 15.70 25.46
C THR C 383 -18.74 16.05 24.07
N ASP C 384 -17.47 16.46 24.01
CA ASP C 384 -16.81 16.74 22.74
C ASP C 384 -16.04 15.52 22.29
N GLU C 385 -16.09 15.24 20.99
CA GLU C 385 -15.40 14.10 20.44
C GLU C 385 -13.90 14.32 20.62
N VAL C 386 -13.14 13.23 20.73
CA VAL C 386 -11.71 13.37 20.94
C VAL C 386 -11.05 14.03 19.73
N ASP C 387 -11.30 13.50 18.51
CA ASP C 387 -10.60 14.06 17.37
C ASP C 387 -11.23 15.36 16.83
N PRO C 388 -12.49 15.37 16.31
CA PRO C 388 -12.99 16.64 15.74
C PRO C 388 -13.76 17.46 16.75
N GLU C 389 -14.27 18.61 16.29
CA GLU C 389 -15.07 19.49 17.14
C GLU C 389 -16.57 19.20 17.00
N ALA C 390 -16.96 17.94 17.14
CA ALA C 390 -18.38 17.62 17.13
C ALA C 390 -18.80 17.19 18.52
N GLN C 391 -20.11 17.10 18.73
CA GLN C 391 -20.62 16.78 20.05
C GLN C 391 -21.25 15.39 20.02
N ARG C 392 -21.05 14.67 21.11
CA ARG C 392 -21.49 13.29 21.21
C ARG C 392 -22.36 13.16 22.46
N LEU C 393 -23.38 12.33 22.36
CA LEU C 393 -24.22 12.05 23.51
C LEU C 393 -23.69 10.82 24.22
N GLN C 394 -23.61 10.90 25.55
CA GLN C 394 -23.07 9.82 26.34
C GLN C 394 -23.95 9.64 27.57
N LEU C 395 -24.11 8.41 28.01
CA LEU C 395 -24.81 8.12 29.26
C LEU C 395 -23.84 7.37 30.16
N VAL C 396 -23.64 7.90 31.37
CA VAL C 396 -22.58 7.42 32.26
C VAL C 396 -23.18 7.08 33.62
N ILE C 397 -22.79 5.92 34.15
CA ILE C 397 -23.00 5.57 35.54
C ILE C 397 -21.73 5.95 36.28
N LEU C 398 -21.86 6.79 37.31
CA LEU C 398 -20.69 7.36 37.96
C LEU C 398 -20.73 7.16 39.48
N GLU C 399 -19.53 7.11 40.06
CA GLU C 399 -19.28 6.97 41.48
C GLU C 399 -18.71 8.28 42.02
N SER C 400 -19.40 8.88 42.99
CA SER C 400 -19.05 10.19 43.52
C SER C 400 -18.21 10.05 44.79
N LEU C 401 -16.98 10.55 44.74
CA LEU C 401 -16.08 10.66 45.88
C LEU C 401 -15.89 12.12 46.25
N ILE C 402 -15.65 12.36 47.54
CA ILE C 402 -15.46 13.70 48.09
C ILE C 402 -14.09 13.77 48.76
N ILE C 403 -13.32 14.80 48.45
CA ILE C 403 -12.06 15.09 49.12
C ILE C 403 -12.35 16.16 50.16
N ARG C 404 -12.25 15.80 51.44
CA ARG C 404 -12.45 16.77 52.50
C ARG C 404 -11.41 17.87 52.45
N ARG C 405 -11.84 19.10 52.79
CA ARG C 405 -10.94 20.24 52.74
C ARG C 405 -9.80 20.03 53.73
N ASP C 406 -8.68 20.69 53.46
CA ASP C 406 -7.54 20.58 54.38
C ASP C 406 -7.85 21.32 55.69
N ILE C 407 -7.02 21.04 56.70
CA ILE C 407 -7.16 21.66 58.01
C ILE C 407 -5.84 22.32 58.40
N ALA C 408 -5.95 23.46 59.08
CA ALA C 408 -4.80 24.06 59.72
C ALA C 408 -4.48 23.33 61.03
N ALA C 409 -3.23 23.46 61.46
CA ALA C 409 -2.75 22.77 62.65
C ALA C 409 -3.43 23.31 63.92
N ASP C 410 -3.78 22.41 64.81
CA ASP C 410 -4.30 22.74 66.13
C ASP C 410 -3.44 22.06 67.20
N GLN C 411 -3.92 22.07 68.44
CA GLN C 411 -3.13 21.56 69.55
C GLN C 411 -2.82 20.08 69.39
N THR C 412 -3.80 19.28 68.94
CA THR C 412 -3.66 17.84 68.95
C THR C 412 -3.34 17.22 67.59
N GLN C 413 -3.45 17.96 66.49
CA GLN C 413 -3.08 17.42 65.20
C GLN C 413 -2.37 18.49 64.37
N GLY C 414 -1.50 18.03 63.48
CA GLY C 414 -0.79 18.93 62.58
C GLY C 414 -1.60 19.28 61.34
N SER C 415 -1.09 20.26 60.59
CA SER C 415 -1.71 20.68 59.35
C SER C 415 -1.72 19.53 58.34
N THR C 416 -2.67 19.60 57.41
CA THR C 416 -2.80 18.62 56.35
C THR C 416 -2.74 19.33 54.99
N PHE C 417 -2.25 18.61 53.99
CA PHE C 417 -2.14 19.12 52.62
C PHE C 417 -2.55 17.99 51.68
N THR C 418 -3.74 18.08 51.11
CA THR C 418 -4.19 17.12 50.12
C THR C 418 -3.69 17.49 48.73
N SER C 419 -3.51 16.47 47.90
CA SER C 419 -3.01 16.63 46.54
C SER C 419 -3.77 15.69 45.63
N LEU C 420 -4.29 16.24 44.53
CA LEU C 420 -5.13 15.47 43.61
C LEU C 420 -4.24 14.83 42.55
N LEU C 421 -4.31 13.52 42.44
CA LEU C 421 -3.42 12.76 41.58
C LEU C 421 -3.99 12.46 40.20
N VAL C 422 -5.24 12.82 39.95
CA VAL C 422 -5.91 12.45 38.70
C VAL C 422 -6.40 13.71 38.01
N LYS C 423 -6.40 13.65 36.67
CA LYS C 423 -6.86 14.75 35.85
C LYS C 423 -8.16 14.34 35.16
N ASP C 424 -8.79 15.30 34.48
CA ASP C 424 -10.08 15.02 33.89
C ASP C 424 -9.92 14.09 32.70
N GLY C 425 -10.67 13.00 32.69
CA GLY C 425 -10.59 12.04 31.62
C GLY C 425 -9.53 10.96 31.75
N ASP C 426 -9.02 10.70 32.94
CA ASP C 426 -7.99 9.69 33.12
C ASP C 426 -8.64 8.33 33.28
N HIS C 427 -7.95 7.30 32.80
CA HIS C 427 -8.44 5.92 32.94
C HIS C 427 -7.80 5.32 34.19
N ILE C 428 -8.57 5.29 35.26
CA ILE C 428 -8.14 4.83 36.56
C ILE C 428 -8.65 3.40 36.77
N GLY C 429 -7.93 2.63 37.60
CA GLY C 429 -8.34 1.28 37.91
C GLY C 429 -8.99 1.14 39.28
N PRO C 430 -9.47 -0.06 39.58
CA PRO C 430 -10.10 -0.29 40.88
C PRO C 430 -9.08 -0.19 42.00
N GLY C 431 -9.46 0.49 43.08
CA GLY C 431 -8.56 0.62 44.20
C GLY C 431 -7.44 1.60 43.99
N ALA C 432 -7.50 2.41 42.93
CA ALA C 432 -6.46 3.39 42.68
C ALA C 432 -6.62 4.62 43.56
N VAL C 433 -5.51 5.29 43.83
CA VAL C 433 -5.49 6.48 44.66
C VAL C 433 -5.79 7.70 43.78
N ILE C 434 -6.73 8.53 44.20
CA ILE C 434 -7.04 9.75 43.48
C ILE C 434 -6.54 10.99 44.20
N ALA C 435 -6.30 10.92 45.51
CA ALA C 435 -5.78 12.03 46.28
C ALA C 435 -4.93 11.49 47.41
N ARG C 436 -3.82 12.18 47.70
CA ARG C 436 -2.94 11.83 48.80
C ARG C 436 -2.82 13.02 49.75
N THR C 437 -2.99 12.75 51.04
CA THR C 437 -2.98 13.79 52.05
C THR C 437 -1.75 13.62 52.92
N ASP C 438 -0.96 14.68 53.04
CA ASP C 438 0.20 14.70 53.91
C ASP C 438 -0.16 15.38 55.21
N ILE C 439 0.29 14.82 56.32
CA ILE C 439 0.09 15.42 57.63
C ILE C 439 1.41 16.07 58.06
N LYS C 440 1.46 17.39 57.99
CA LYS C 440 2.70 18.11 58.24
C LYS C 440 2.93 18.30 59.74
N ALA C 441 4.21 18.42 60.10
CA ALA C 441 4.59 18.65 61.49
C ALA C 441 4.42 20.12 61.84
N LYS C 442 4.16 20.39 63.12
CA LYS C 442 3.95 21.78 63.52
C LYS C 442 5.29 22.51 63.69
N GLN C 443 6.12 22.06 64.63
CA GLN C 443 7.48 22.59 64.75
C GLN C 443 8.47 21.46 64.59
N ALA C 444 9.70 21.85 64.23
CA ALA C 444 10.77 20.88 64.02
C ALA C 444 11.14 20.19 65.33
N GLY C 445 11.65 18.97 65.19
CA GLY C 445 12.04 18.19 66.35
C GLY C 445 12.42 16.79 65.95
N GLU C 446 12.59 15.94 66.95
CA GLU C 446 12.94 14.54 66.76
C GLU C 446 11.72 13.69 67.10
N VAL C 447 11.34 12.81 66.18
CA VAL C 447 10.19 11.95 66.42
C VAL C 447 10.61 10.78 67.31
N GLN C 448 9.87 10.59 68.40
CA GLN C 448 10.10 9.50 69.34
C GLN C 448 8.78 8.85 69.67
N GLY C 449 8.84 7.56 69.97
CA GLY C 449 7.70 6.83 70.49
C GLY C 449 6.47 6.85 69.59
N ILE C 450 6.57 6.21 68.45
CA ILE C 450 5.43 5.94 67.60
C ILE C 450 4.86 4.59 68.02
N VAL C 451 3.56 4.41 67.80
CA VAL C 451 2.88 3.16 68.13
C VAL C 451 3.66 2.04 67.46
N ARG C 452 4.12 1.07 68.26
CA ARG C 452 5.17 0.15 67.82
C ARG C 452 4.73 -0.75 66.69
N SER C 453 3.44 -1.07 66.60
CA SER C 453 3.00 -1.88 65.47
C SER C 453 2.84 -1.00 64.23
N GLY C 454 2.85 -1.67 63.08
CA GLY C 454 2.79 -0.98 61.81
C GLY C 454 1.36 -0.90 61.30
N GLU C 455 1.02 0.26 60.72
CA GLU C 455 -0.28 0.57 60.15
C GLU C 455 -1.35 0.76 61.22
N SER C 456 -1.01 0.63 62.49
CA SER C 456 -1.89 0.96 63.61
C SER C 456 -1.31 2.13 64.40
N VAL C 457 -0.56 2.99 63.72
CA VAL C 457 0.10 4.16 64.31
C VAL C 457 -0.94 5.27 64.40
N ARG C 458 -1.47 5.48 65.61
CA ARG C 458 -2.56 6.43 65.81
C ARG C 458 -2.10 7.75 66.39
N ARG C 459 -0.91 7.80 66.99
CA ARG C 459 -0.35 9.01 67.56
C ARG C 459 1.15 9.01 67.36
N ILE C 460 1.71 10.19 67.11
CA ILE C 460 3.15 10.34 66.92
C ILE C 460 3.65 11.47 67.81
N LEU C 461 4.72 11.21 68.55
CA LEU C 461 5.33 12.22 69.40
C LEU C 461 6.56 12.80 68.72
N VAL C 462 6.73 14.12 68.86
CA VAL C 462 7.89 14.83 68.34
C VAL C 462 8.40 15.75 69.44
N VAL C 463 9.66 15.58 69.82
CA VAL C 463 10.26 16.42 70.86
C VAL C 463 10.85 17.65 70.20
N THR C 464 10.46 18.82 70.68
CA THR C 464 10.85 20.09 70.10
C THR C 464 11.80 20.82 71.04
N ASP C 465 12.25 22.01 70.60
CA ASP C 465 13.16 22.80 71.43
C ASP C 465 12.49 23.42 72.63
N SER C 466 11.22 23.08 72.85
CA SER C 466 10.51 23.43 74.07
C SER C 466 10.37 22.27 75.02
N ASP C 467 10.69 21.06 74.56
CA ASP C 467 10.50 19.85 75.38
C ASP C 467 11.87 19.30 75.79
N ARG C 468 12.93 19.97 75.36
CA ARG C 468 14.30 19.52 75.73
C ARG C 468 15.14 20.75 76.12
N LEU C 469 16.13 20.55 76.99
CA LEU C 469 17.01 21.65 77.41
C LEU C 469 18.44 21.14 77.51
N ARG C 470 19.37 21.76 76.78
CA ARG C 470 20.80 21.39 76.93
C ARG C 470 21.43 22.37 77.91
N VAL C 471 21.78 21.89 79.11
CA VAL C 471 22.46 22.76 80.10
C VAL C 471 23.97 22.57 79.92
N GLU C 472 24.70 23.67 79.76
CA GLU C 472 26.14 23.56 79.46
C GLU C 472 26.96 23.59 80.76
N THR C 473 27.48 22.43 81.16
CA THR C 473 28.39 22.38 82.33
C THR C 473 29.68 23.07 81.93
N ASN C 474 30.20 23.96 82.79
CA ASN C 474 31.42 24.74 82.41
C ASN C 474 32.63 23.83 82.30
N GLY C 475 33.15 23.32 83.43
CA GLY C 475 34.37 22.51 83.38
C GLY C 475 34.22 21.20 84.12
N ALA C 476 33.17 21.06 84.93
CA ALA C 476 32.94 19.87 85.71
C ALA C 476 32.61 18.68 84.80
N LYS C 477 32.83 17.50 85.34
CA LYS C 477 32.30 16.32 84.66
C LYS C 477 30.96 15.95 85.27
N PRO C 478 29.91 15.81 84.47
CA PRO C 478 28.58 15.52 85.00
C PRO C 478 28.55 14.29 85.89
N THR C 479 27.97 14.45 87.08
CA THR C 479 27.79 13.33 88.00
C THR C 479 26.49 12.59 87.73
N VAL C 480 25.75 13.00 86.71
CA VAL C 480 24.49 12.37 86.34
C VAL C 480 24.71 11.59 85.05
N LYS C 481 24.04 10.45 84.95
CA LYS C 481 24.09 9.58 83.78
C LYS C 481 22.71 9.50 83.16
N VAL C 482 22.66 9.04 81.90
CA VAL C 482 21.38 9.00 81.20
C VAL C 482 20.46 8.01 81.91
N GLY C 483 19.16 8.29 81.84
CA GLY C 483 18.16 7.50 82.52
C GLY C 483 17.77 8.05 83.87
N ASP C 484 18.53 8.99 84.41
CA ASP C 484 18.26 9.55 85.73
C ASP C 484 17.12 10.55 85.65
N LEU C 485 16.40 10.70 86.75
CA LEU C 485 15.29 11.64 86.85
C LEU C 485 15.74 12.81 87.73
N VAL C 486 15.99 13.96 87.12
CA VAL C 486 16.48 15.12 87.87
C VAL C 486 15.31 15.99 88.30
N ARG C 487 15.38 16.48 89.52
CA ARG C 487 14.42 17.43 90.06
C ARG C 487 15.11 18.77 90.28
N PRO C 488 14.36 19.85 90.46
CA PRO C 488 15.02 21.17 90.62
C PRO C 488 15.96 21.19 91.82
N GLY C 489 17.13 21.79 91.61
CA GLY C 489 18.15 21.91 92.64
C GLY C 489 19.10 20.73 92.75
N ASP C 490 18.93 19.70 91.92
CA ASP C 490 19.78 18.52 92.02
C ASP C 490 21.10 18.76 91.29
N GLU C 491 22.20 18.41 91.94
CA GLU C 491 23.52 18.56 91.31
C GLU C 491 23.66 17.59 90.16
N MSE C 492 23.89 18.12 88.97
CA MSE C 492 24.13 17.31 87.78
C MSE C 492 25.63 17.22 87.55
O MSE C 492 26.17 16.17 87.23
CB MSE C 492 23.41 17.90 86.57
CG MSE C 492 21.97 18.27 86.86
SE MSE C 492 20.94 18.59 85.25
CE MSE C 492 21.64 20.35 84.79
N ALA C 493 26.28 18.37 87.72
CA ALA C 493 27.73 18.45 87.80
C ALA C 493 28.09 19.48 88.84
N LYS C 494 29.37 19.53 89.20
CA LYS C 494 29.83 20.43 90.24
C LYS C 494 29.53 21.87 89.86
N GLY C 495 28.72 22.53 90.69
CA GLY C 495 28.38 23.92 90.49
C GLY C 495 27.26 24.20 89.50
N VAL C 496 26.59 23.17 88.99
CA VAL C 496 25.45 23.36 88.11
C VAL C 496 24.34 22.40 88.55
N THR C 497 23.13 22.94 88.72
CA THR C 497 21.99 22.19 89.20
C THR C 497 20.85 22.25 88.20
N ALA C 498 19.97 21.26 88.28
CA ALA C 498 18.86 21.18 87.33
C ALA C 498 17.88 22.32 87.57
N PRO C 499 17.51 23.07 86.52
CA PRO C 499 16.59 24.19 86.72
C PRO C 499 15.13 23.77 86.83
N GLU C 500 14.79 22.57 86.38
CA GLU C 500 13.40 22.14 86.33
C GLU C 500 13.38 20.62 86.24
N THR C 501 12.21 20.05 86.57
CA THR C 501 12.04 18.61 86.54
C THR C 501 12.20 18.09 85.12
N ALA C 502 13.01 17.04 84.97
CA ALA C 502 13.27 16.46 83.66
C ALA C 502 13.99 15.13 83.83
N ALA C 503 14.24 14.47 82.69
CA ALA C 503 15.04 13.25 82.63
C ALA C 503 16.21 13.49 81.68
N VAL C 504 17.42 13.17 82.14
CA VAL C 504 18.62 13.41 81.34
C VAL C 504 18.70 12.39 80.20
N MSE C 505 18.92 12.89 78.98
CA MSE C 505 18.95 12.02 77.80
C MSE C 505 20.37 11.82 77.27
O MSE C 505 20.73 10.74 76.82
CB MSE C 505 18.07 12.60 76.70
CG MSE C 505 16.65 12.88 77.14
SE MSE C 505 15.72 11.29 77.79
CE MSE C 505 15.02 10.61 76.10
N ALA C 506 21.19 12.89 77.32
CA ALA C 506 22.54 12.85 76.80
C ALA C 506 23.49 13.47 77.81
N VAL C 507 24.60 12.78 78.10
CA VAL C 507 25.61 13.28 79.02
C VAL C 507 26.94 13.32 78.29
N ALA C 508 27.60 14.47 78.36
CA ALA C 508 28.94 14.66 77.83
C ALA C 508 29.80 15.25 78.93
N ASP C 509 31.00 15.74 78.60
CA ASP C 509 31.80 16.38 79.63
C ASP C 509 31.45 17.85 79.81
N ASP C 510 31.04 18.51 78.72
CA ASP C 510 30.55 19.88 78.77
C ASP C 510 29.03 19.96 78.73
N HIS C 511 28.35 18.92 78.26
CA HIS C 511 26.91 18.94 78.02
C HIS C 511 26.17 18.10 79.03
N VAL C 512 24.90 18.47 79.25
CA VAL C 512 23.88 17.58 79.81
C VAL C 512 22.60 17.90 79.07
N ILE C 513 22.04 16.94 78.34
CA ILE C 513 20.79 17.16 77.62
C ILE C 513 19.69 16.45 78.39
N LEU C 514 18.65 17.20 78.75
CA LEU C 514 17.56 16.67 79.55
C LEU C 514 16.22 16.96 78.88
N ARG C 515 15.35 15.95 78.89
CA ARG C 515 14.01 16.04 78.32
C ARG C 515 13.05 16.42 79.43
N LEU C 516 12.31 17.50 79.22
CA LEU C 516 11.41 18.01 80.25
C LEU C 516 10.32 16.98 80.55
N ALA C 517 10.09 16.74 81.83
CA ALA C 517 9.12 15.74 82.25
C ALA C 517 8.32 16.28 83.42
N ARG C 518 7.13 15.71 83.63
CA ARG C 518 6.34 16.02 84.80
C ARG C 518 5.92 14.72 85.47
N PRO C 519 6.14 14.58 86.78
CA PRO C 519 5.68 13.40 87.50
C PRO C 519 4.29 13.57 88.08
N TYR C 520 3.59 12.44 88.20
CA TYR C 520 2.25 12.40 88.75
C TYR C 520 2.19 11.30 89.80
N LEU C 521 1.84 11.67 91.03
CA LEU C 521 1.75 10.72 92.12
C LEU C 521 0.44 9.95 92.04
N VAL C 522 0.52 8.64 92.24
CA VAL C 522 -0.63 7.75 92.19
C VAL C 522 -0.77 7.07 93.54
N SER C 523 -1.93 7.24 94.17
CA SER C 523 -2.18 6.62 95.46
C SER C 523 -2.39 5.12 95.27
N PRO C 524 -2.20 4.32 96.32
CA PRO C 524 -2.36 2.86 96.18
C PRO C 524 -3.76 2.49 95.73
N GLY C 525 -3.83 1.46 94.89
CA GLY C 525 -5.11 0.96 94.40
C GLY C 525 -5.74 1.75 93.27
N ALA C 526 -5.05 2.75 92.73
CA ALA C 526 -5.63 3.52 91.63
C ALA C 526 -5.72 2.69 90.36
N VAL C 527 -6.66 3.05 89.51
CA VAL C 527 -6.93 2.34 88.26
C VAL C 527 -6.22 3.09 87.14
N LEU C 528 -5.18 2.49 86.59
CA LEU C 528 -4.44 3.12 85.49
C LEU C 528 -5.33 3.18 84.24
N GLN C 529 -5.44 4.38 83.66
CA GLN C 529 -6.18 4.59 82.43
C GLN C 529 -5.28 4.59 81.20
N ILE C 530 -4.03 4.16 81.35
CA ILE C 530 -3.01 4.34 80.33
C ILE C 530 -1.97 3.25 80.53
N GLU C 531 -1.21 2.97 79.48
CA GLU C 531 -0.19 1.94 79.51
C GLU C 531 1.19 2.57 79.30
N GLU C 532 2.21 1.85 79.77
CA GLU C 532 3.59 2.29 79.59
C GLU C 532 3.88 2.60 78.13
N GLY C 533 4.45 3.78 77.88
CA GLY C 533 4.80 4.21 76.55
C GLY C 533 3.72 4.94 75.79
N ASP C 534 2.52 5.05 76.34
CA ASP C 534 1.43 5.70 75.64
C ASP C 534 1.66 7.20 75.50
N LEU C 535 1.29 7.72 74.33
CA LEU C 535 1.33 9.15 74.06
C LEU C 535 0.01 9.79 74.49
N VAL C 536 0.08 10.78 75.37
CA VAL C 536 -1.10 11.46 75.86
C VAL C 536 -1.06 12.92 75.42
N GLN C 537 -2.24 13.52 75.30
CA GLN C 537 -2.38 14.95 75.11
C GLN C 537 -2.74 15.60 76.44
N ARG C 538 -2.78 16.93 76.46
CA ARG C 538 -3.13 17.62 77.69
C ARG C 538 -4.58 17.32 78.05
N GLY C 539 -4.80 17.03 79.34
CA GLY C 539 -6.12 16.68 79.81
C GLY C 539 -6.47 15.22 79.67
N ASP C 540 -5.65 14.45 78.95
CA ASP C 540 -5.87 13.00 78.90
C ASP C 540 -5.77 12.43 80.29
N ASN C 541 -6.71 11.54 80.61
CA ASN C 541 -6.72 10.95 81.94
C ASN C 541 -5.60 9.93 82.06
N LEU C 542 -4.76 10.10 83.08
CA LEU C 542 -3.67 9.16 83.32
C LEU C 542 -4.11 8.04 84.23
N ALA C 543 -4.89 8.36 85.26
CA ALA C 543 -5.40 7.34 86.17
C ALA C 543 -6.65 7.90 86.83
N LEU C 544 -7.34 7.06 87.60
CA LEU C 544 -8.43 7.55 88.43
C LEU C 544 -8.31 6.92 89.82
N LEU C 545 -8.26 7.77 90.83
CA LEU C 545 -8.13 7.35 92.22
C LEU C 545 -9.53 7.15 92.80
N VAL C 546 -9.67 6.12 93.63
CA VAL C 546 -10.94 5.79 94.26
C VAL C 546 -10.81 6.21 95.73
N PHE C 547 -11.57 7.21 96.13
CA PHE C 547 -11.47 7.77 97.48
C PHE C 547 -12.54 7.21 98.41
N GLU D 7 -15.72 28.95 16.23
CA GLU D 7 -15.62 28.57 14.83
C GLU D 7 -14.17 28.55 14.38
N LYS D 8 -13.82 27.56 13.55
CA LYS D 8 -12.43 27.34 13.18
C LYS D 8 -12.35 26.77 11.77
N VAL D 9 -11.32 27.19 11.03
CA VAL D 9 -11.06 26.68 9.69
C VAL D 9 -9.59 26.29 9.63
N THR D 10 -9.23 25.52 8.61
CA THR D 10 -7.93 24.88 8.51
C THR D 10 -7.06 25.53 7.44
N LYS D 11 -5.85 25.94 7.84
CA LYS D 11 -4.80 26.35 6.91
C LYS D 11 -3.61 25.42 7.14
N ASP D 12 -3.03 24.93 6.06
CA ASP D 12 -1.99 23.92 6.15
C ASP D 12 -0.61 24.52 5.90
N VAL D 13 0.41 23.87 6.46
CA VAL D 13 1.79 24.30 6.40
C VAL D 13 2.50 23.35 5.44
N ALA D 14 2.78 23.82 4.23
CA ALA D 14 3.45 23.02 3.22
C ALA D 14 4.94 23.32 3.19
N SER D 15 5.73 22.28 2.92
CA SER D 15 7.17 22.43 2.83
C SER D 15 7.55 23.19 1.57
N ASP D 16 8.60 24.02 1.67
CA ASP D 16 9.14 24.77 0.56
C ASP D 16 10.28 24.05 -0.15
N LEU D 17 10.59 22.82 0.25
CA LEU D 17 11.72 22.12 -0.33
C LEU D 17 11.54 20.62 -0.17
N ALA D 18 12.13 19.86 -1.09
CA ALA D 18 12.20 18.42 -0.93
C ALA D 18 13.26 18.07 0.11
N GLY D 19 13.00 17.03 0.88
CA GLY D 19 13.94 16.62 1.91
C GLY D 19 13.34 15.55 2.80
N GLN D 20 13.98 15.37 3.96
CA GLN D 20 13.55 14.39 4.94
C GLN D 20 13.07 15.10 6.21
N VAL D 21 12.00 14.57 6.80
CA VAL D 21 11.36 15.18 7.95
C VAL D 21 12.01 14.68 9.23
N LYS D 22 12.33 15.58 10.13
CA LYS D 22 12.90 15.27 11.44
C LYS D 22 12.17 16.09 12.48
N PHE D 23 11.60 15.42 13.48
CA PHE D 23 11.05 16.15 14.61
C PHE D 23 12.16 16.44 15.60
N VAL D 24 12.30 17.71 15.96
CA VAL D 24 13.28 18.15 16.96
C VAL D 24 12.47 18.69 18.13
N ASN D 25 12.45 17.96 19.23
CA ASN D 25 11.72 18.34 20.44
C ASN D 25 10.27 18.66 20.10
N LEU D 26 9.57 17.60 19.68
CA LEU D 26 8.19 17.70 19.22
C LEU D 26 7.47 16.44 19.68
N ASP D 27 6.78 16.54 20.81
CA ASP D 27 5.95 15.43 21.27
C ASP D 27 4.77 15.26 20.33
N ALA D 28 4.62 14.05 19.80
CA ALA D 28 3.55 13.68 18.88
C ALA D 28 2.62 12.70 19.59
N GLU D 29 1.35 13.07 19.68
CA GLU D 29 0.34 12.24 20.32
C GLU D 29 -0.60 11.67 19.26
N GLU D 30 -1.02 10.43 19.44
CA GLU D 30 -2.04 9.84 18.59
C GLU D 30 -3.30 9.70 19.43
N LYS D 31 -4.30 10.51 19.12
CA LYS D 31 -5.56 10.50 19.85
C LYS D 31 -6.56 9.65 19.08
N ARG D 32 -7.21 8.74 19.80
CA ARG D 32 -8.23 7.85 19.25
C ARG D 32 -9.54 8.07 19.98
N ASP D 33 -10.64 7.99 19.26
CA ASP D 33 -11.97 8.22 19.81
C ASP D 33 -12.69 6.89 20.01
N ARG D 34 -13.97 6.99 20.38
CA ARG D 34 -14.78 5.79 20.63
C ARG D 34 -15.18 5.07 19.35
N GLN D 35 -15.15 5.72 18.18
CA GLN D 35 -15.40 4.94 16.97
C GLN D 35 -14.12 4.43 16.32
N GLY D 36 -12.97 4.60 16.97
CA GLY D 36 -11.70 4.16 16.41
C GLY D 36 -10.89 5.20 15.65
N THR D 37 -11.46 6.34 15.29
CA THR D 37 -10.76 7.28 14.43
C THR D 37 -9.53 7.86 15.13
N THR D 38 -8.41 7.89 14.41
CA THR D 38 -7.10 8.28 14.92
C THR D 38 -6.65 9.60 14.31
N THR D 39 -5.98 10.42 15.12
CA THR D 39 -5.36 11.65 14.64
C THR D 39 -4.04 11.90 15.35
N ARG D 40 -3.03 12.32 14.59
CA ARG D 40 -1.74 12.71 15.16
C ARG D 40 -1.71 14.21 15.41
N ILE D 41 -1.35 14.59 16.63
CA ILE D 41 -1.41 15.96 17.12
C ILE D 41 -0.04 16.32 17.69
N ALA D 42 0.29 17.60 17.59
CA ALA D 42 1.42 18.13 18.34
C ALA D 42 0.83 18.93 19.50
N PRO D 43 0.59 18.30 20.65
CA PRO D 43 -0.14 19.00 21.73
C PRO D 43 0.54 20.26 22.21
N LYS D 44 1.87 20.29 22.26
CA LYS D 44 2.60 21.48 22.70
C LYS D 44 3.21 22.25 21.54
N GLY D 45 3.13 21.75 20.32
CA GLY D 45 3.77 22.38 19.20
C GLY D 45 5.26 22.10 19.19
N GLY D 46 5.92 22.54 18.13
CA GLY D 46 7.36 22.32 18.05
C GLY D 46 7.94 22.75 16.72
N LEU D 47 9.01 22.07 16.33
CA LEU D 47 9.69 22.36 15.08
C LEU D 47 9.77 21.09 14.25
N ILE D 48 9.36 21.19 12.99
CA ILE D 48 9.57 20.12 12.01
C ILE D 48 10.67 20.60 11.08
N TRP D 49 11.80 19.90 11.08
CA TRP D 49 12.91 20.27 10.23
C TRP D 49 12.89 19.43 8.97
N VAL D 50 13.09 20.09 7.84
CA VAL D 50 13.24 19.41 6.56
C VAL D 50 14.72 19.51 6.22
N LEU D 51 15.40 18.36 6.30
CA LEU D 51 16.78 18.26 5.88
C LEU D 51 16.80 18.20 4.37
N SER D 52 17.47 19.16 3.75
CA SER D 52 17.40 19.30 2.31
C SER D 52 17.96 18.07 1.60
N GLY D 53 17.35 17.72 0.48
CA GLY D 53 17.84 16.64 -0.34
C GLY D 53 17.02 16.56 -1.60
N GLU D 54 17.60 15.90 -2.61
CA GLU D 54 16.91 15.66 -3.86
C GLU D 54 16.16 14.33 -3.72
N VAL D 55 14.83 14.40 -3.70
CA VAL D 55 13.98 13.24 -3.48
C VAL D 55 13.44 12.77 -4.83
N TYR D 56 13.56 11.48 -5.07
CA TYR D 56 13.14 10.85 -6.32
C TYR D 56 11.93 9.98 -6.03
N ASN D 57 10.82 10.30 -6.68
CA ASN D 57 9.64 9.44 -6.66
C ASN D 57 9.87 8.28 -7.62
N LEU D 58 9.69 7.09 -7.13
CA LEU D 58 10.01 6.00 -8.05
C LEU D 58 8.75 5.45 -8.71
N PRO D 59 8.89 4.90 -9.91
CA PRO D 59 7.76 4.20 -10.54
C PRO D 59 7.37 2.98 -9.73
N PRO D 60 6.13 2.48 -9.89
CA PRO D 60 5.59 1.53 -8.90
C PRO D 60 6.29 0.17 -8.90
N GLY D 61 7.04 -0.17 -9.94
CA GLY D 61 7.75 -1.44 -9.99
C GLY D 61 9.22 -1.38 -9.67
N ALA D 62 9.72 -0.26 -9.14
CA ALA D 62 11.16 -0.03 -9.06
C ALA D 62 11.79 -0.85 -7.93
N GLU D 63 12.92 -1.48 -8.23
CA GLU D 63 13.73 -2.18 -7.24
C GLU D 63 15.02 -1.42 -7.02
N PRO D 64 15.34 -1.04 -5.78
CA PRO D 64 16.53 -0.21 -5.56
C PRO D 64 17.81 -0.98 -5.82
N VAL D 65 18.79 -0.28 -6.39
CA VAL D 65 20.12 -0.82 -6.64
C VAL D 65 21.16 -0.16 -5.73
N VAL D 66 20.72 0.69 -4.81
CA VAL D 66 21.60 1.41 -3.91
C VAL D 66 21.11 1.27 -2.47
N LYS D 67 22.05 1.16 -1.54
CA LYS D 67 21.76 1.11 -0.12
C LYS D 67 22.06 2.48 0.49
N ASN D 68 21.51 2.71 1.68
CA ASN D 68 21.75 3.97 2.36
C ASN D 68 23.23 4.17 2.62
N GLY D 69 23.73 5.37 2.33
CA GLY D 69 25.12 5.71 2.53
C GLY D 69 25.98 5.65 1.29
N ASP D 70 25.51 4.98 0.23
CA ASP D 70 26.29 4.90 -0.99
C ASP D 70 26.54 6.29 -1.58
N ARG D 71 27.75 6.50 -2.07
CA ARG D 71 28.09 7.71 -2.81
C ARG D 71 28.06 7.39 -4.30
N ILE D 72 27.20 8.07 -5.04
CA ILE D 72 26.95 7.79 -6.44
C ILE D 72 27.27 9.03 -7.27
N GLU D 73 27.93 8.82 -8.41
CA GLU D 73 28.22 9.90 -9.33
C GLU D 73 26.94 10.36 -10.05
N ALA D 74 27.00 11.56 -10.61
CA ALA D 74 25.87 12.10 -11.34
C ALA D 74 25.51 11.20 -12.51
N GLY D 75 24.22 10.93 -12.66
CA GLY D 75 23.74 10.02 -13.67
C GLY D 75 23.87 8.55 -13.32
N ALA D 76 24.24 8.22 -12.08
CA ALA D 76 24.31 6.83 -11.67
C ALA D 76 22.93 6.22 -11.55
N VAL D 77 22.86 4.90 -11.73
CA VAL D 77 21.60 4.18 -11.65
C VAL D 77 21.27 3.91 -10.20
N MSE D 78 20.07 4.33 -9.78
CA MSE D 78 19.59 4.08 -8.43
C MSE D 78 18.71 2.84 -8.37
O MSE D 78 18.88 1.98 -7.51
CB MSE D 78 18.81 5.28 -7.90
CG MSE D 78 19.53 6.58 -7.96
SE MSE D 78 18.33 8.05 -7.57
CE MSE D 78 19.66 9.45 -7.41
N ALA D 79 17.76 2.78 -9.29
CA ALA D 79 16.78 1.70 -9.31
C ALA D 79 16.63 1.22 -10.75
N GLU D 80 16.17 -0.03 -10.88
CA GLU D 80 15.88 -0.61 -12.17
C GLU D 80 14.45 -1.13 -12.18
N THR D 81 13.78 -0.94 -13.30
CA THR D 81 12.52 -1.62 -13.58
C THR D 81 12.75 -2.59 -14.72
N THR D 82 11.91 -3.61 -14.78
CA THR D 82 12.05 -4.65 -15.79
C THR D 82 10.71 -4.91 -16.45
N VAL D 83 10.74 -5.20 -17.75
CA VAL D 83 9.56 -5.63 -18.48
C VAL D 83 9.71 -7.12 -18.71
N LYS D 84 8.77 -7.90 -18.20
CA LYS D 84 8.80 -9.35 -18.33
C LYS D 84 7.81 -9.78 -19.40
N THR D 85 7.93 -11.03 -19.82
CA THR D 85 6.99 -11.58 -20.79
C THR D 85 6.21 -12.72 -20.18
N GLU D 86 4.89 -12.57 -20.13
CA GLU D 86 4.01 -13.70 -19.86
C GLU D 86 3.94 -14.58 -21.10
N HIS D 87 4.01 -15.90 -20.90
CA HIS D 87 3.90 -16.86 -22.00
C HIS D 87 4.97 -16.60 -23.07
N GLY D 88 6.20 -16.95 -22.70
CA GLY D 88 7.33 -16.69 -23.57
C GLY D 88 7.30 -17.51 -24.85
N GLY D 89 7.89 -16.94 -25.89
CA GLY D 89 7.95 -17.53 -27.22
C GLY D 89 9.14 -16.97 -27.99
N VAL D 90 8.99 -16.74 -29.30
CA VAL D 90 10.08 -16.17 -30.11
C VAL D 90 9.78 -14.70 -30.37
N VAL D 91 10.70 -13.83 -29.98
CA VAL D 91 10.48 -12.39 -30.06
C VAL D 91 10.73 -11.89 -31.48
N ARG D 92 9.83 -11.03 -31.97
CA ARG D 92 9.96 -10.33 -33.24
C ARG D 92 9.68 -8.84 -33.05
N LEU D 93 10.47 -8.01 -33.75
CA LEU D 93 10.39 -6.56 -33.67
C LEU D 93 9.71 -6.00 -34.91
N PRO D 94 8.51 -5.42 -34.80
CA PRO D 94 7.81 -4.87 -35.97
C PRO D 94 8.42 -3.59 -36.54
N GLU D 95 7.72 -2.99 -37.50
CA GLU D 95 8.20 -1.80 -38.19
C GLU D 95 8.23 -0.62 -37.22
N GLN D 96 8.64 0.54 -37.71
CA GLN D 96 8.67 1.72 -36.85
C GLN D 96 7.37 2.51 -36.91
N GLN D 97 6.22 1.84 -36.82
CA GLN D 97 4.96 2.54 -36.62
C GLN D 97 4.90 2.82 -35.13
N ASP D 98 5.40 3.99 -34.72
CA ASP D 98 5.65 4.26 -33.31
C ASP D 98 4.35 4.49 -32.54
N SER D 99 4.08 3.63 -31.58
CA SER D 99 2.90 3.73 -30.73
C SER D 99 3.14 4.83 -29.70
N LYS D 100 2.87 6.07 -30.14
CA LYS D 100 3.13 7.27 -29.34
C LYS D 100 4.58 7.32 -28.84
N GLY D 101 5.50 6.90 -29.70
CA GLY D 101 6.91 6.94 -29.38
C GLY D 101 7.46 5.61 -28.89
N GLY D 102 6.62 4.82 -28.22
CA GLY D 102 7.11 3.61 -27.59
C GLY D 102 7.46 2.55 -28.62
N ARG D 103 8.37 1.66 -28.24
CA ARG D 103 8.79 0.59 -29.12
C ARG D 103 7.87 -0.61 -28.96
N GLU D 104 7.63 -1.33 -30.05
CA GLU D 104 6.71 -2.45 -30.07
C GLU D 104 7.49 -3.75 -30.16
N VAL D 105 7.09 -4.73 -29.36
CA VAL D 105 7.69 -6.05 -29.38
C VAL D 105 6.58 -7.07 -29.35
N GLU D 106 6.56 -8.01 -30.31
CA GLU D 106 5.60 -9.09 -30.25
C GLU D 106 6.36 -10.39 -30.02
N ILE D 107 5.68 -11.34 -29.39
CA ILE D 107 6.29 -12.62 -29.04
C ILE D 107 5.39 -13.72 -29.59
N ILE D 108 5.91 -14.46 -30.57
CA ILE D 108 5.20 -15.58 -31.17
C ILE D 108 5.16 -16.70 -30.14
N THR D 109 4.00 -16.89 -29.53
CA THR D 109 3.80 -17.91 -28.51
C THR D 109 3.41 -19.26 -29.10
N ALA D 110 2.94 -19.28 -30.35
CA ALA D 110 2.69 -20.52 -31.06
C ALA D 110 2.67 -20.23 -32.55
N SER D 111 2.97 -21.25 -33.36
CA SER D 111 3.10 -21.06 -34.79
C SER D 111 2.95 -22.38 -35.52
N VAL D 112 2.34 -22.31 -36.70
CA VAL D 112 2.27 -23.39 -37.67
C VAL D 112 2.66 -22.84 -39.04
N MSE D 113 3.28 -23.68 -39.86
CA MSE D 113 3.56 -23.30 -41.23
C MSE D 113 3.38 -24.48 -42.18
O MSE D 113 3.89 -25.57 -41.92
CB MSE D 113 4.96 -22.73 -41.36
CG MSE D 113 5.31 -22.27 -42.77
SE MSE D 113 7.23 -22.12 -43.04
CE MSE D 113 7.72 -23.96 -42.60
N LEU D 114 2.67 -24.26 -43.28
CA LEU D 114 2.40 -25.31 -44.25
C LEU D 114 3.65 -25.50 -45.11
N ASP D 115 4.55 -26.37 -44.67
CA ASP D 115 5.60 -26.82 -45.57
C ASP D 115 5.01 -27.73 -46.64
N LYS D 116 5.78 -27.91 -47.72
CA LYS D 116 5.38 -28.71 -48.88
C LYS D 116 4.17 -28.14 -49.60
N ALA D 117 3.69 -26.97 -49.18
CA ALA D 117 2.55 -26.30 -49.79
C ALA D 117 2.96 -24.90 -50.22
N LYS D 118 2.65 -24.55 -51.48
CA LYS D 118 3.07 -23.30 -52.07
C LYS D 118 1.88 -22.36 -52.18
N VAL D 119 2.09 -21.10 -51.78
CA VAL D 119 1.09 -20.05 -51.89
C VAL D 119 1.35 -19.27 -53.18
N LEU D 120 0.30 -19.03 -53.94
CA LEU D 120 0.40 -18.28 -55.18
C LEU D 120 -0.64 -17.16 -55.18
N LYS D 121 -0.35 -16.15 -55.98
CA LYS D 121 -1.09 -14.89 -56.02
C LYS D 121 -1.88 -14.82 -57.33
N GLU D 122 -3.10 -15.38 -57.32
CA GLU D 122 -3.92 -15.45 -58.52
C GLU D 122 -4.52 -14.07 -58.74
N THR D 123 -3.72 -13.24 -59.41
CA THR D 123 -4.14 -11.97 -59.97
C THR D 123 -4.61 -12.12 -61.41
N GLN D 124 -4.78 -13.36 -61.88
CA GLN D 124 -5.32 -13.77 -63.17
C GLN D 124 -6.80 -13.46 -63.30
N GLN D 125 -7.29 -12.79 -62.26
CA GLN D 125 -8.70 -12.47 -62.09
C GLN D 125 -8.77 -11.03 -61.57
N GLY D 126 -9.88 -10.67 -60.94
CA GLY D 126 -10.06 -9.30 -60.48
C GLY D 126 -9.46 -9.17 -59.10
N ARG D 127 -10.27 -9.06 -58.05
CA ARG D 127 -9.69 -9.04 -56.71
C ARG D 127 -8.82 -10.28 -56.53
N GLU D 128 -7.59 -10.06 -56.07
CA GLU D 128 -6.61 -11.13 -56.01
C GLU D 128 -7.10 -12.25 -55.12
N HIS D 129 -6.75 -13.49 -55.48
CA HIS D 129 -7.08 -14.61 -54.61
C HIS D 129 -5.81 -15.39 -54.34
N TYR D 130 -5.63 -15.79 -53.09
CA TYR D 130 -4.47 -16.60 -52.73
C TYR D 130 -4.83 -18.07 -52.88
N ILE D 131 -3.98 -18.83 -53.56
CA ILE D 131 -4.22 -20.25 -53.75
C ILE D 131 -3.07 -21.03 -53.13
N ILE D 132 -3.41 -21.99 -52.27
CA ILE D 132 -2.42 -22.84 -51.63
C ILE D 132 -2.51 -24.20 -52.32
N GLU D 133 -1.43 -24.57 -53.00
CA GLU D 133 -1.33 -25.87 -53.64
C GLU D 133 -0.47 -26.78 -52.77
N THR D 134 -1.00 -27.95 -52.43
CA THR D 134 -0.30 -28.88 -51.58
C THR D 134 0.62 -29.75 -52.43
N ALA D 135 1.58 -30.41 -51.75
CA ALA D 135 2.46 -31.34 -52.45
C ALA D 135 1.67 -32.40 -53.19
N THR D 136 0.50 -32.77 -52.67
CA THR D 136 -0.38 -33.68 -53.37
C THR D 136 -0.99 -33.06 -54.62
N GLY D 137 -1.05 -31.72 -54.69
CA GLY D 137 -1.69 -31.05 -55.80
C GLY D 137 -3.03 -30.43 -55.48
N GLN D 138 -3.52 -30.57 -54.24
CA GLN D 138 -4.79 -29.99 -53.85
C GLN D 138 -4.72 -28.47 -53.94
N ARG D 139 -5.81 -27.84 -54.36
CA ARG D 139 -5.89 -26.40 -54.51
C ARG D 139 -6.90 -25.84 -53.51
N PHE D 140 -6.44 -24.96 -52.63
CA PHE D 140 -7.32 -24.30 -51.68
C PHE D 140 -7.34 -22.79 -51.94
N SER D 141 -8.53 -22.22 -52.09
CA SER D 141 -8.67 -20.77 -52.15
C SER D 141 -8.69 -20.21 -50.74
N LEU D 142 -7.83 -19.26 -50.45
CA LEU D 142 -7.72 -18.70 -49.11
C LEU D 142 -8.82 -17.67 -48.89
N LYS D 143 -9.67 -17.92 -47.90
CA LYS D 143 -10.82 -17.09 -47.61
C LYS D 143 -10.62 -16.27 -46.34
N ALA D 144 -9.34 -16.01 -46.00
CA ALA D 144 -8.98 -15.15 -44.89
C ALA D 144 -7.71 -14.40 -45.30
N ALA D 145 -7.81 -13.09 -45.39
CA ALA D 145 -6.72 -12.29 -45.92
C ALA D 145 -5.53 -12.28 -44.97
N PRO D 146 -4.31 -12.11 -45.50
CA PRO D 146 -3.13 -12.14 -44.63
C PRO D 146 -3.20 -11.07 -43.55
N GLY D 147 -2.73 -11.43 -42.36
CA GLY D 147 -2.78 -10.51 -41.25
C GLY D 147 -4.11 -10.48 -40.52
N THR D 148 -5.08 -11.30 -40.92
CA THR D 148 -6.37 -11.30 -40.27
C THR D 148 -6.35 -12.16 -39.02
N LYS D 149 -7.06 -11.69 -38.00
CA LYS D 149 -7.29 -12.54 -36.83
C LYS D 149 -8.31 -13.60 -37.22
N VAL D 150 -8.07 -14.83 -36.78
CA VAL D 150 -8.94 -15.94 -37.11
C VAL D 150 -9.22 -16.70 -35.82
N ALA D 151 -10.50 -16.82 -35.48
CA ALA D 151 -10.91 -17.43 -34.22
C ALA D 151 -10.94 -18.95 -34.34
N ASN D 152 -10.90 -19.60 -33.19
CA ASN D 152 -10.99 -21.06 -33.17
C ASN D 152 -12.30 -21.50 -33.79
N GLY D 153 -12.23 -22.47 -34.70
CA GLY D 153 -13.39 -22.93 -35.42
C GLY D 153 -13.66 -22.20 -36.73
N GLN D 154 -12.94 -21.14 -37.03
CA GLN D 154 -13.19 -20.36 -38.24
C GLN D 154 -12.49 -21.00 -39.45
N VAL D 155 -13.16 -20.94 -40.60
CA VAL D 155 -12.62 -21.47 -41.84
C VAL D 155 -11.52 -20.56 -42.37
N VAL D 156 -10.37 -21.13 -42.70
CA VAL D 156 -9.28 -20.34 -43.26
C VAL D 156 -9.33 -20.34 -44.79
N ALA D 157 -9.39 -21.51 -45.40
CA ALA D 157 -9.46 -21.64 -46.85
C ALA D 157 -10.46 -22.73 -47.21
N GLU D 158 -10.92 -22.71 -48.45
CA GLU D 158 -11.88 -23.67 -48.97
C GLU D 158 -11.33 -24.40 -50.19
N LEU D 159 -11.54 -25.71 -50.23
CA LEU D 159 -11.04 -26.52 -51.32
C LEU D 159 -11.75 -26.17 -52.63
N ILE D 160 -10.95 -25.94 -53.67
CA ILE D 160 -11.48 -25.83 -55.04
C ILE D 160 -11.59 -27.25 -55.58
N ASP D 161 -12.82 -27.75 -55.70
CA ASP D 161 -13.04 -29.18 -55.92
C ASP D 161 -14.22 -29.35 -56.88
N ASP D 162 -13.94 -29.86 -58.08
CA ASP D 162 -15.00 -30.13 -59.03
C ASP D 162 -15.54 -31.55 -58.92
N ARG D 163 -14.99 -32.37 -58.02
CA ARG D 163 -15.67 -33.59 -57.63
C ARG D 163 -16.89 -33.23 -56.79
N TYR D 164 -17.76 -34.23 -56.59
CA TYR D 164 -19.02 -34.06 -55.88
C TYR D 164 -19.91 -33.00 -56.50
N HIS D 165 -19.60 -32.56 -57.73
CA HIS D 165 -20.42 -31.63 -58.48
C HIS D 165 -21.34 -32.42 -59.40
N THR D 166 -22.63 -32.16 -59.31
CA THR D 166 -23.62 -32.84 -60.13
C THR D 166 -23.96 -31.98 -61.33
N THR D 167 -24.80 -32.52 -62.22
CA THR D 167 -25.24 -31.77 -63.38
C THR D 167 -26.52 -30.99 -63.09
N THR D 168 -27.47 -31.62 -62.39
CA THR D 168 -28.66 -30.94 -61.90
C THR D 168 -28.92 -31.43 -60.47
N GLY D 169 -30.11 -31.13 -59.96
CA GLY D 169 -30.55 -31.63 -58.69
C GLY D 169 -30.92 -33.10 -58.75
N GLY D 170 -31.47 -33.58 -57.64
CA GLY D 170 -31.88 -34.97 -57.57
C GLY D 170 -32.23 -35.37 -56.15
N ILE D 171 -32.15 -36.67 -55.89
CA ILE D 171 -32.47 -37.26 -54.60
C ILE D 171 -31.21 -37.93 -54.07
N LEU D 172 -30.91 -37.66 -52.80
CA LEU D 172 -29.65 -38.05 -52.19
C LEU D 172 -29.89 -39.03 -51.06
N LYS D 173 -29.13 -40.13 -51.06
CA LYS D 173 -29.13 -41.09 -49.96
C LYS D 173 -27.71 -41.35 -49.50
N TYR D 174 -27.59 -41.74 -48.23
CA TYR D 174 -26.31 -42.09 -47.64
C TYR D 174 -26.13 -43.61 -47.66
N ALA D 175 -24.87 -44.04 -47.57
CA ALA D 175 -24.56 -45.47 -47.50
C ALA D 175 -23.35 -45.63 -46.56
N ASP D 176 -23.62 -46.06 -45.33
CA ASP D 176 -22.65 -46.30 -44.26
C ASP D 176 -22.06 -45.02 -43.70
N ILE D 177 -22.39 -43.87 -44.29
CA ILE D 177 -21.87 -42.59 -43.82
C ILE D 177 -22.68 -42.16 -42.60
N GLU D 178 -21.99 -41.93 -41.49
CA GLU D 178 -22.61 -41.40 -40.29
C GLU D 178 -22.09 -39.99 -40.06
N VAL D 179 -23.00 -39.03 -40.02
CA VAL D 179 -22.66 -37.63 -39.83
C VAL D 179 -23.17 -37.21 -38.47
N ALA D 180 -22.56 -36.17 -37.90
CA ALA D 180 -23.12 -35.58 -36.70
C ALA D 180 -24.34 -34.76 -37.09
N LYS D 181 -25.50 -35.11 -36.54
CA LYS D 181 -26.73 -34.39 -36.85
C LYS D 181 -26.74 -33.06 -36.10
N LYS D 182 -25.72 -32.27 -36.38
CA LYS D 182 -25.51 -30.95 -35.80
C LYS D 182 -26.22 -29.85 -36.59
N GLY D 183 -26.53 -28.76 -35.89
CA GLY D 183 -27.09 -27.57 -36.46
C GLY D 183 -26.31 -27.00 -37.63
N LYS D 184 -27.05 -26.45 -38.60
CA LYS D 184 -26.51 -25.93 -39.85
C LYS D 184 -25.61 -24.71 -39.65
N ALA D 185 -25.27 -24.37 -38.41
CA ALA D 185 -24.45 -23.19 -38.13
C ALA D 185 -23.20 -23.10 -38.99
N LYS D 186 -22.57 -24.22 -39.32
CA LYS D 186 -21.48 -24.21 -40.30
C LYS D 186 -21.89 -24.91 -41.59
N GLN D 187 -22.72 -24.22 -42.38
CA GLN D 187 -22.93 -24.53 -43.79
C GLN D 187 -23.27 -25.99 -44.04
N GLY D 188 -23.93 -26.65 -43.09
CA GLY D 188 -24.31 -28.03 -43.31
C GLY D 188 -23.87 -28.93 -42.17
N TYR D 189 -23.77 -30.22 -42.47
CA TYR D 189 -23.54 -31.27 -41.49
C TYR D 189 -22.13 -31.85 -41.62
N GLU D 190 -21.52 -32.11 -40.46
CA GLU D 190 -20.13 -32.55 -40.39
C GLU D 190 -19.99 -34.02 -40.76
N VAL D 191 -18.96 -34.34 -41.54
CA VAL D 191 -18.67 -35.72 -41.91
C VAL D 191 -17.84 -36.35 -40.79
N LEU D 192 -18.32 -37.45 -40.23
CA LEU D 192 -17.62 -38.18 -39.17
C LEU D 192 -17.09 -39.53 -39.64
N LYS D 193 -17.92 -40.33 -40.29
CA LYS D 193 -17.53 -41.61 -40.87
C LYS D 193 -17.82 -41.61 -42.36
N GLY D 194 -16.89 -42.15 -43.14
CA GLY D 194 -17.03 -42.16 -44.58
C GLY D 194 -17.92 -43.29 -45.06
N GLY D 195 -17.97 -43.43 -46.38
CA GLY D 195 -18.77 -44.45 -47.01
C GLY D 195 -19.04 -44.12 -48.47
N THR D 196 -20.28 -44.36 -48.90
CA THR D 196 -20.69 -44.03 -50.26
C THR D 196 -21.89 -43.09 -50.21
N LEU D 197 -21.97 -42.19 -51.18
CA LEU D 197 -23.08 -41.27 -51.31
C LEU D 197 -23.79 -41.62 -52.61
N LEU D 198 -25.10 -41.91 -52.52
CA LEU D 198 -25.86 -42.39 -53.66
C LEU D 198 -26.74 -41.26 -54.16
N TRP D 199 -26.72 -41.03 -55.47
CA TRP D 199 -27.35 -39.86 -56.07
C TRP D 199 -28.21 -40.30 -57.24
N ILE D 200 -29.48 -39.92 -57.22
CA ILE D 200 -30.44 -40.18 -58.29
C ILE D 200 -30.78 -38.84 -58.93
N PRO D 201 -30.27 -38.55 -60.13
CA PRO D 201 -30.50 -37.22 -60.71
C PRO D 201 -31.95 -36.99 -61.09
N GLU D 202 -32.37 -35.73 -60.97
CA GLU D 202 -33.63 -35.27 -61.54
C GLU D 202 -33.57 -33.75 -61.65
N GLU D 203 -33.94 -33.24 -62.82
CA GLU D 203 -33.85 -31.81 -63.11
C GLU D 203 -35.24 -31.20 -62.95
N THR D 204 -35.41 -30.41 -61.87
CA THR D 204 -36.71 -29.85 -61.52
C THR D 204 -36.76 -28.38 -61.88
N HIS D 205 -37.82 -27.97 -62.57
CA HIS D 205 -38.05 -26.59 -62.96
C HIS D 205 -39.33 -26.09 -62.31
N GLU D 206 -39.25 -24.97 -61.58
CA GLU D 206 -40.40 -24.37 -60.94
C GLU D 206 -41.09 -23.42 -61.92
N VAL D 207 -42.36 -23.70 -62.23
CA VAL D 207 -43.11 -22.95 -63.22
C VAL D 207 -44.47 -22.57 -62.64
N ASN D 208 -45.10 -21.59 -63.29
CA ASN D 208 -46.45 -21.15 -62.92
C ASN D 208 -47.36 -20.97 -64.12
N LYS D 209 -46.88 -21.22 -65.34
CA LYS D 209 -47.72 -21.09 -66.53
C LYS D 209 -48.82 -22.15 -66.51
N ASP D 210 -49.90 -21.86 -67.24
CA ASP D 210 -51.04 -22.76 -67.27
C ASP D 210 -50.68 -24.07 -67.96
N ILE D 211 -51.52 -25.09 -67.75
CA ILE D 211 -51.26 -26.40 -68.32
C ILE D 211 -51.29 -26.34 -69.84
N SER D 212 -52.04 -25.39 -70.40
CA SER D 212 -52.10 -25.23 -71.85
C SER D 212 -50.74 -24.86 -72.44
N LEU D 213 -49.85 -24.29 -71.64
CA LEU D 213 -48.49 -23.98 -72.08
C LEU D 213 -47.56 -25.17 -71.87
N LEU D 214 -47.95 -26.33 -72.39
CA LEU D 214 -47.11 -27.52 -72.38
C LEU D 214 -46.85 -27.96 -73.82
N MET D 215 -45.61 -28.36 -74.08
CA MET D 215 -45.20 -28.89 -75.36
C MET D 215 -44.68 -30.32 -75.21
N VAL D 216 -45.14 -31.01 -74.17
CA VAL D 216 -44.65 -32.35 -73.83
C VAL D 216 -45.76 -33.11 -73.12
N GLU D 217 -45.76 -34.42 -73.29
CA GLU D 217 -46.72 -35.29 -72.61
C GLU D 217 -46.12 -35.81 -71.31
N ASP D 218 -47.00 -36.24 -70.41
CA ASP D 218 -46.55 -36.75 -69.13
C ASP D 218 -45.79 -38.06 -69.31
N ASN D 219 -44.69 -38.20 -68.59
CA ASN D 219 -43.82 -39.38 -68.65
C ASN D 219 -43.19 -39.58 -70.03
N GLN D 220 -43.07 -38.51 -70.81
CA GLN D 220 -42.45 -38.56 -72.13
C GLN D 220 -40.95 -38.37 -72.03
N TYR D 221 -40.19 -39.28 -72.63
CA TYR D 221 -38.75 -39.09 -72.72
C TYR D 221 -38.44 -37.95 -73.69
N VAL D 222 -37.49 -37.10 -73.31
CA VAL D 222 -37.20 -35.90 -74.08
C VAL D 222 -35.70 -35.75 -74.21
N GLU D 223 -35.26 -35.08 -75.28
CA GLU D 223 -33.85 -34.78 -75.48
C GLU D 223 -33.49 -33.45 -74.83
N ALA D 224 -32.18 -33.19 -74.74
CA ALA D 224 -31.71 -32.00 -74.04
C ALA D 224 -32.16 -30.72 -74.74
N GLY D 225 -32.08 -30.68 -76.07
CA GLY D 225 -32.37 -29.44 -76.78
C GLY D 225 -33.84 -29.06 -76.79
N THR D 226 -34.73 -30.01 -76.55
CA THR D 226 -36.17 -29.76 -76.67
C THR D 226 -36.66 -28.81 -75.58
N GLU D 227 -37.71 -28.06 -75.92
CA GLU D 227 -38.35 -27.13 -75.00
C GLU D 227 -39.62 -27.76 -74.46
N VAL D 228 -39.59 -28.15 -73.18
CA VAL D 228 -40.79 -28.70 -72.55
C VAL D 228 -41.89 -27.66 -72.49
N VAL D 229 -41.53 -26.40 -72.24
CA VAL D 229 -42.45 -25.27 -72.31
C VAL D 229 -41.85 -24.28 -73.30
N LYS D 230 -42.71 -23.39 -73.83
CA LYS D 230 -42.24 -22.42 -74.82
C LYS D 230 -41.06 -21.61 -74.29
N ASP D 231 -41.14 -21.13 -73.05
CA ASP D 231 -40.06 -20.34 -72.48
C ASP D 231 -39.05 -21.17 -71.68
N ILE D 232 -39.36 -22.43 -71.39
CA ILE D 232 -38.48 -23.29 -70.61
C ILE D 232 -37.86 -24.34 -71.52
N PHE D 233 -36.53 -24.28 -71.65
CA PHE D 233 -35.77 -25.33 -72.30
C PHE D 233 -35.12 -26.19 -71.23
N CYS D 234 -35.10 -27.49 -71.45
CA CYS D 234 -34.47 -28.39 -70.49
C CYS D 234 -32.97 -28.48 -70.78
N GLN D 235 -32.20 -28.77 -69.74
CA GLN D 235 -30.75 -28.87 -69.89
C GLN D 235 -30.28 -30.30 -70.12
N ASN D 236 -31.12 -31.30 -69.89
CA ASN D 236 -30.70 -32.69 -69.92
C ASN D 236 -31.78 -33.55 -70.55
N SER D 237 -31.37 -34.72 -71.03
CA SER D 237 -32.29 -35.70 -71.60
C SER D 237 -32.82 -36.62 -70.52
N GLY D 238 -34.11 -36.91 -70.59
CA GLY D 238 -34.73 -37.79 -69.60
C GLY D 238 -36.23 -37.79 -69.76
N VAL D 239 -36.87 -38.51 -68.85
CA VAL D 239 -38.33 -38.65 -68.83
C VAL D 239 -38.93 -37.41 -68.17
N VAL D 240 -39.92 -36.81 -68.83
CA VAL D 240 -40.55 -35.58 -68.34
C VAL D 240 -41.75 -35.96 -67.47
N GLU D 241 -41.63 -35.71 -66.18
CA GLU D 241 -42.74 -35.88 -65.24
C GLU D 241 -43.37 -34.52 -65.01
N VAL D 242 -44.67 -34.41 -65.27
CA VAL D 242 -45.39 -33.15 -65.20
C VAL D 242 -46.26 -33.16 -63.95
N ILE D 243 -46.04 -32.19 -63.08
CA ILE D 243 -46.82 -32.02 -61.85
C ILE D 243 -47.62 -30.73 -61.97
N GLN D 244 -48.95 -30.87 -62.04
CA GLN D 244 -49.84 -29.72 -62.03
C GLN D 244 -51.01 -30.02 -61.11
N LYS D 245 -51.37 -29.05 -60.26
CA LYS D 245 -52.40 -29.24 -59.26
C LYS D 245 -53.51 -28.20 -59.29
N ASN D 246 -53.33 -27.06 -59.96
CA ASN D 246 -54.29 -25.96 -59.91
C ASN D 246 -54.67 -25.52 -61.32
N ASP D 247 -54.73 -26.46 -62.26
CA ASP D 247 -54.91 -26.20 -63.69
C ASP D 247 -53.74 -25.42 -64.28
N ILE D 248 -52.65 -25.28 -63.52
CA ILE D 248 -51.43 -24.63 -63.96
C ILE D 248 -50.26 -25.51 -63.57
N LEU D 249 -49.22 -25.50 -64.39
CA LEU D 249 -48.04 -26.30 -64.10
C LEU D 249 -47.34 -25.76 -62.85
N ARG D 250 -47.04 -26.66 -61.92
CA ARG D 250 -46.24 -26.32 -60.75
C ARG D 250 -44.76 -26.62 -60.95
N GLU D 251 -44.44 -27.80 -61.46
CA GLU D 251 -43.05 -28.10 -61.80
C GLU D 251 -43.00 -29.23 -62.81
N ILE D 252 -41.91 -29.24 -63.57
CA ILE D 252 -41.61 -30.28 -64.54
C ILE D 252 -40.25 -30.87 -64.18
N ILE D 253 -40.18 -32.20 -64.10
CA ILE D 253 -38.99 -32.91 -63.67
C ILE D 253 -38.46 -33.73 -64.84
N ILE D 254 -37.17 -33.60 -65.12
CA ILE D 254 -36.51 -34.36 -66.17
C ILE D 254 -35.68 -35.45 -65.48
N LYS D 255 -36.03 -36.71 -65.73
CA LYS D 255 -35.40 -37.83 -65.05
C LYS D 255 -34.60 -38.66 -66.05
N PRO D 256 -33.28 -38.50 -66.10
CA PRO D 256 -32.48 -39.32 -67.01
C PRO D 256 -32.51 -40.79 -66.62
N GLY D 257 -32.44 -41.64 -67.64
CA GLY D 257 -32.45 -43.07 -67.41
C GLY D 257 -32.68 -43.82 -68.71
N GLU D 258 -32.89 -45.12 -68.57
CA GLU D 258 -33.14 -46.01 -69.70
C GLU D 258 -34.56 -46.55 -69.59
N LEU D 259 -35.36 -46.34 -70.63
CA LEU D 259 -36.75 -46.77 -70.64
C LEU D 259 -36.84 -48.17 -71.22
N HIS D 260 -37.38 -49.10 -70.44
CA HIS D 260 -37.57 -50.48 -70.87
C HIS D 260 -39.07 -50.76 -70.94
N LEU D 261 -39.53 -51.21 -72.11
CA LEU D 261 -40.93 -51.57 -72.27
C LEU D 261 -41.26 -52.76 -71.38
N VAL D 262 -42.53 -52.89 -71.00
CA VAL D 262 -42.91 -53.82 -69.94
C VAL D 262 -44.13 -54.62 -70.35
N ASP D 263 -44.08 -55.92 -70.04
CA ASP D 263 -45.20 -56.84 -70.00
C ASP D 263 -45.36 -57.33 -68.57
N ASP D 264 -46.57 -57.76 -68.23
CA ASP D 264 -46.95 -58.05 -66.85
C ASP D 264 -46.79 -56.79 -66.01
N PRO D 265 -47.66 -55.79 -66.20
CA PRO D 265 -47.56 -54.56 -65.40
C PRO D 265 -47.68 -54.79 -63.90
N GLU D 266 -48.48 -55.77 -63.49
CA GLU D 266 -48.67 -56.01 -62.06
C GLU D 266 -47.38 -56.49 -61.40
N ALA D 267 -46.59 -57.31 -62.10
CA ALA D 267 -45.29 -57.69 -61.55
C ALA D 267 -44.31 -56.52 -61.56
N ALA D 268 -44.42 -55.64 -62.55
CA ALA D 268 -43.56 -54.46 -62.61
C ALA D 268 -43.95 -53.41 -61.56
N ARG D 269 -45.21 -53.40 -61.12
CA ARG D 269 -45.69 -52.36 -60.23
C ARG D 269 -45.47 -52.68 -58.76
N LEU D 270 -45.28 -53.96 -58.42
CA LEU D 270 -44.96 -54.32 -57.05
C LEU D 270 -43.69 -53.61 -56.59
N LYS D 271 -42.73 -53.47 -57.51
CA LYS D 271 -41.41 -52.91 -57.25
C LYS D 271 -41.24 -51.52 -57.86
N HIS D 272 -42.28 -50.68 -57.74
CA HIS D 272 -42.26 -49.36 -58.37
C HIS D 272 -41.03 -48.54 -57.97
N GLY D 273 -40.79 -48.38 -56.67
CA GLY D 273 -39.61 -47.68 -56.19
C GLY D 273 -38.47 -48.47 -55.55
N THR D 274 -38.03 -49.58 -56.13
CA THR D 274 -36.90 -50.34 -55.60
C THR D 274 -35.61 -50.06 -56.40
N LEU D 275 -34.48 -50.55 -55.88
CA LEU D 275 -33.18 -50.49 -56.51
C LEU D 275 -32.82 -51.82 -57.15
N ALA D 276 -31.75 -51.81 -57.96
CA ALA D 276 -31.38 -52.98 -58.76
C ALA D 276 -29.87 -53.05 -58.99
N ARG D 277 -29.25 -54.15 -58.52
CA ARG D 277 -27.84 -54.38 -58.74
C ARG D 277 -27.58 -54.75 -60.20
N PRO D 278 -26.38 -54.43 -60.71
CA PRO D 278 -26.06 -54.81 -62.09
C PRO D 278 -26.10 -56.33 -62.27
N GLY D 279 -26.73 -56.77 -63.35
CA GLY D 279 -26.86 -58.19 -63.60
C GLY D 279 -28.07 -58.84 -62.97
N GLU D 280 -28.86 -58.09 -62.20
CA GLU D 280 -30.03 -58.64 -61.57
C GLU D 280 -31.20 -58.66 -62.54
N GLU D 281 -32.09 -59.64 -62.37
CA GLU D 281 -33.28 -59.76 -63.19
C GLU D 281 -34.41 -59.09 -62.42
N VAL D 282 -34.62 -57.81 -62.71
CA VAL D 282 -35.72 -57.05 -62.13
C VAL D 282 -37.05 -57.61 -62.62
N LEU D 283 -37.15 -57.83 -63.93
CA LEU D 283 -38.28 -58.44 -64.60
C LEU D 283 -37.74 -59.53 -65.51
N PRO D 284 -38.52 -60.58 -65.77
CA PRO D 284 -38.04 -61.66 -66.64
C PRO D 284 -37.57 -61.15 -67.98
N GLY D 285 -36.32 -61.49 -68.32
CA GLY D 285 -35.71 -61.06 -69.55
C GLY D 285 -35.01 -59.70 -69.51
N LEU D 286 -35.06 -58.99 -68.39
CA LEU D 286 -34.44 -57.68 -68.27
C LEU D 286 -33.28 -57.77 -67.30
N VAL D 287 -32.06 -57.60 -67.81
CA VAL D 287 -30.85 -57.57 -66.99
C VAL D 287 -30.25 -56.17 -67.05
N VAL D 288 -29.70 -55.74 -65.91
CA VAL D 288 -29.25 -54.37 -65.71
C VAL D 288 -27.76 -54.30 -65.98
N ASP D 289 -27.34 -53.33 -66.80
CA ASP D 289 -25.91 -53.19 -67.11
C ASP D 289 -25.14 -52.54 -65.96
N THR D 290 -25.62 -51.42 -65.45
CA THR D 290 -24.97 -50.70 -64.36
C THR D 290 -25.98 -50.46 -63.25
N LEU D 291 -25.49 -50.09 -62.08
CA LEU D 291 -26.37 -49.88 -60.92
C LEU D 291 -27.45 -48.85 -61.24
N SER D 292 -28.71 -49.25 -61.07
CA SER D 292 -29.84 -48.41 -61.46
C SER D 292 -30.94 -48.54 -60.41
N GLN D 293 -31.86 -47.58 -60.43
CA GLN D 293 -33.03 -47.57 -59.56
C GLN D 293 -34.30 -47.69 -60.40
N VAL D 294 -35.22 -48.55 -59.97
CA VAL D 294 -36.44 -48.83 -60.71
C VAL D 294 -37.43 -47.68 -60.57
N ASP D 295 -38.01 -47.25 -61.68
CA ASP D 295 -39.09 -46.25 -61.68
C ASP D 295 -40.19 -46.74 -62.61
N TYR D 296 -41.22 -47.36 -62.07
CA TYR D 296 -42.31 -47.87 -62.90
C TYR D 296 -43.23 -46.74 -63.36
N LEU D 297 -43.50 -46.68 -64.67
CA LEU D 297 -44.36 -45.66 -65.25
C LEU D 297 -45.50 -46.31 -66.03
N GLU D 298 -46.74 -45.93 -65.71
CA GLU D 298 -47.91 -46.28 -66.51
C GLU D 298 -48.45 -45.07 -67.26
N ASP D 299 -49.33 -45.36 -68.21
CA ASP D 299 -50.04 -44.34 -68.99
C ASP D 299 -49.08 -43.34 -69.62
N THR D 300 -47.88 -43.81 -69.94
CA THR D 300 -46.90 -43.07 -70.70
C THR D 300 -47.15 -43.24 -72.19
N PRO D 301 -46.65 -42.31 -73.02
CA PRO D 301 -46.56 -42.61 -74.44
C PRO D 301 -45.66 -43.82 -74.65
N GLU D 302 -45.99 -44.62 -75.66
CA GLU D 302 -45.38 -45.90 -75.98
C GLU D 302 -45.75 -47.00 -74.99
N GLY D 303 -46.72 -46.75 -74.11
CA GLY D 303 -47.25 -47.78 -73.24
C GLY D 303 -46.56 -47.84 -71.89
N PRO D 304 -46.94 -48.80 -71.06
CA PRO D 304 -46.30 -48.94 -69.75
C PRO D 304 -44.83 -49.28 -69.91
N ALA D 305 -44.02 -48.78 -68.97
CA ALA D 305 -42.58 -48.99 -69.07
C ALA D 305 -41.96 -48.95 -67.68
N ILE D 306 -40.68 -49.33 -67.64
CA ILE D 306 -39.86 -49.21 -66.44
C ILE D 306 -38.66 -48.35 -66.79
N LEU D 307 -38.42 -47.31 -65.99
CA LEU D 307 -37.33 -46.38 -66.20
C LEU D 307 -36.15 -46.78 -65.30
N MSE D 308 -35.01 -47.04 -65.91
CA MSE D 308 -33.77 -47.34 -65.21
C MSE D 308 -32.98 -46.08 -64.88
O MSE D 308 -32.06 -45.70 -65.60
CB MSE D 308 -32.90 -48.28 -66.05
CG MSE D 308 -33.36 -49.75 -66.12
SE MSE D 308 -33.51 -50.71 -64.42
CE MSE D 308 -35.21 -50.04 -63.75
N ARG D 309 -33.35 -45.43 -63.78
CA ARG D 309 -32.64 -44.25 -63.34
C ARG D 309 -31.24 -44.66 -62.88
N PRO D 310 -30.18 -44.10 -63.46
CA PRO D 310 -28.82 -44.48 -63.04
C PRO D 310 -28.45 -43.80 -61.73
N VAL D 311 -28.02 -44.60 -60.77
CA VAL D 311 -27.59 -44.11 -59.46
C VAL D 311 -26.07 -43.95 -59.52
N GLN D 312 -25.60 -42.75 -59.24
CA GLN D 312 -24.17 -42.47 -59.25
C GLN D 312 -23.66 -42.34 -57.83
N GLU D 313 -22.45 -42.83 -57.61
CA GLU D 313 -21.86 -42.91 -56.28
C GLU D 313 -20.70 -41.95 -56.13
N PHE D 314 -20.56 -41.42 -54.92
CA PHE D 314 -19.44 -40.57 -54.53
C PHE D 314 -18.77 -41.20 -53.32
N SER D 315 -17.50 -41.56 -53.44
CA SER D 315 -16.76 -42.14 -52.34
C SER D 315 -16.38 -41.06 -51.34
N VAL D 316 -16.56 -41.35 -50.05
CA VAL D 316 -16.31 -40.35 -49.01
C VAL D 316 -15.36 -40.94 -47.97
N PRO D 317 -14.14 -40.42 -47.84
CA PRO D 317 -13.24 -40.93 -46.81
C PRO D 317 -13.71 -40.52 -45.42
N ASP D 318 -13.29 -41.30 -44.42
CA ASP D 318 -13.60 -40.94 -43.04
C ASP D 318 -12.99 -39.59 -42.70
N GLU D 319 -11.72 -39.40 -43.05
CA GLU D 319 -11.02 -38.13 -42.92
C GLU D 319 -10.35 -37.80 -44.25
N PRO D 320 -10.35 -36.54 -44.66
CA PRO D 320 -9.62 -36.15 -45.86
C PRO D 320 -8.12 -36.08 -45.62
N SER D 321 -7.38 -36.08 -46.73
CA SER D 321 -5.93 -35.96 -46.66
C SER D 321 -5.56 -34.58 -46.13
N VAL D 322 -4.63 -34.55 -45.19
CA VAL D 322 -4.27 -33.33 -44.47
C VAL D 322 -3.01 -32.74 -45.07
N PRO D 323 -2.98 -31.45 -45.39
CA PRO D 323 -1.74 -30.84 -45.91
C PRO D 323 -0.64 -30.84 -44.87
N SER D 324 0.60 -30.91 -45.37
CA SER D 324 1.77 -30.91 -44.49
C SER D 324 1.96 -29.56 -43.82
N GLN D 325 2.19 -29.58 -42.51
CA GLN D 325 2.42 -28.38 -41.73
C GLN D 325 3.40 -28.71 -40.59
N ASP D 326 4.31 -27.79 -40.30
CA ASP D 326 5.25 -27.95 -39.19
C ASP D 326 4.89 -26.94 -38.11
N SER D 327 4.57 -27.44 -36.91
CA SER D 327 4.12 -26.65 -35.77
C SER D 327 5.12 -26.71 -34.63
N SER D 328 5.31 -25.58 -33.94
CA SER D 328 6.13 -25.51 -32.72
C SER D 328 5.19 -25.25 -31.54
N ASP D 329 4.61 -26.33 -31.02
CA ASP D 329 3.69 -26.24 -29.89
C ASP D 329 4.42 -25.83 -28.61
N GLY D 330 3.72 -25.08 -27.76
CA GLY D 330 4.30 -24.67 -26.49
C GLY D 330 3.42 -23.69 -25.76
N SER D 331 3.77 -23.49 -24.49
CA SER D 331 3.19 -22.47 -23.60
C SER D 331 1.66 -22.46 -23.66
N GLY D 332 1.06 -23.64 -23.54
CA GLY D 332 -0.38 -23.79 -23.46
C GLY D 332 -1.13 -23.63 -24.76
N GLN D 333 -0.51 -23.06 -25.79
CA GLN D 333 -1.17 -22.81 -27.06
C GLN D 333 -0.62 -23.78 -28.10
N SER D 334 -1.50 -24.61 -28.64
CA SER D 334 -1.18 -25.52 -29.74
C SER D 334 -2.07 -25.18 -30.93
N ILE D 335 -1.46 -24.88 -32.06
CA ILE D 335 -2.20 -24.48 -33.26
C ILE D 335 -2.14 -25.61 -34.28
N ARG D 336 -3.24 -25.81 -35.01
CA ARG D 336 -3.27 -26.70 -36.16
C ARG D 336 -4.38 -26.27 -37.11
N LEU D 337 -4.33 -26.79 -38.33
CA LEU D 337 -5.39 -26.66 -39.31
C LEU D 337 -5.97 -28.03 -39.61
N ARG D 338 -7.21 -28.27 -39.18
CA ARG D 338 -7.90 -29.54 -39.41
C ARG D 338 -8.85 -29.41 -40.59
N ALA D 339 -8.87 -30.44 -41.43
CA ALA D 339 -9.75 -30.47 -42.61
C ALA D 339 -11.05 -31.17 -42.29
N VAL D 340 -12.17 -30.51 -42.58
CA VAL D 340 -13.50 -31.05 -42.33
C VAL D 340 -14.33 -30.95 -43.60
N GLN D 341 -15.28 -31.87 -43.75
CA GLN D 341 -16.18 -31.94 -44.89
C GLN D 341 -17.62 -31.65 -44.47
N ARG D 342 -18.28 -30.77 -45.21
CA ARG D 342 -19.66 -30.40 -44.93
C ARG D 342 -20.55 -30.85 -46.08
N LEU D 343 -21.61 -31.60 -45.75
CA LEU D 343 -22.68 -31.97 -46.66
C LEU D 343 -23.89 -31.11 -46.37
N PRO D 344 -24.31 -30.22 -47.25
CA PRO D 344 -25.46 -29.35 -46.96
C PRO D 344 -26.83 -30.03 -47.06
N TYR D 345 -26.91 -31.31 -47.37
CA TYR D 345 -28.20 -31.95 -47.63
C TYR D 345 -28.37 -33.21 -46.81
N LYS D 346 -29.62 -33.47 -46.40
CA LYS D 346 -29.95 -34.57 -45.52
C LYS D 346 -30.06 -35.88 -46.31
N HIS D 347 -30.13 -36.99 -45.57
CA HIS D 347 -29.97 -38.33 -46.12
C HIS D 347 -31.14 -38.80 -46.98
N ASP D 348 -32.27 -38.08 -47.01
CA ASP D 348 -33.35 -38.46 -47.90
C ASP D 348 -34.01 -37.27 -48.57
N GLU D 349 -33.31 -36.16 -48.71
CA GLU D 349 -33.89 -34.94 -49.26
C GLU D 349 -33.95 -35.01 -50.79
N ARG D 350 -35.05 -34.52 -51.35
CA ARG D 350 -35.12 -34.25 -52.78
C ARG D 350 -34.54 -32.86 -53.03
N VAL D 351 -33.43 -32.80 -53.75
CA VAL D 351 -32.69 -31.55 -53.95
C VAL D 351 -33.13 -31.00 -55.30
N LYS D 352 -34.14 -30.13 -55.27
CA LYS D 352 -34.71 -29.56 -56.48
C LYS D 352 -33.78 -28.48 -57.03
N SER D 353 -33.24 -28.72 -58.23
CA SER D 353 -32.34 -27.76 -58.85
C SER D 353 -32.37 -27.92 -60.36
N VAL D 354 -31.99 -26.86 -61.06
CA VAL D 354 -31.82 -26.88 -62.51
C VAL D 354 -30.36 -27.01 -62.89
N ASP D 355 -29.50 -26.20 -62.29
CA ASP D 355 -28.07 -26.21 -62.57
C ASP D 355 -27.37 -27.20 -61.65
N GLY D 356 -26.04 -27.30 -61.79
CA GLY D 356 -25.28 -28.23 -61.00
C GLY D 356 -25.27 -27.87 -59.52
N VAL D 357 -24.87 -28.84 -58.71
CA VAL D 357 -24.87 -28.70 -57.26
C VAL D 357 -23.61 -29.34 -56.71
N ASP D 358 -22.98 -28.68 -55.74
CA ASP D 358 -21.85 -29.23 -55.00
C ASP D 358 -22.36 -29.71 -53.64
N LEU D 359 -22.07 -30.97 -53.31
CA LEU D 359 -22.66 -31.60 -52.14
C LEU D 359 -21.62 -32.07 -51.13
N LEU D 360 -20.36 -31.67 -51.27
CA LEU D 360 -19.35 -31.90 -50.24
C LEU D 360 -18.32 -30.79 -50.34
N ARG D 361 -18.33 -29.85 -49.40
CA ARG D 361 -17.34 -28.79 -49.37
C ARG D 361 -16.32 -29.09 -48.28
N THR D 362 -15.05 -29.14 -48.66
CA THR D 362 -13.96 -29.44 -47.73
C THR D 362 -13.21 -28.18 -47.38
N GLN D 363 -13.10 -27.90 -46.09
CA GLN D 363 -12.50 -26.67 -45.60
C GLN D 363 -11.53 -26.99 -44.47
N LEU D 364 -10.41 -26.27 -44.44
CA LEU D 364 -9.48 -26.34 -43.32
C LEU D 364 -9.77 -25.21 -42.32
N VAL D 365 -9.88 -25.59 -41.06
CA VAL D 365 -10.28 -24.73 -39.96
C VAL D 365 -9.19 -24.76 -38.90
N LEU D 366 -8.78 -23.60 -38.41
CA LEU D 366 -7.79 -23.59 -37.33
C LEU D 366 -8.41 -24.04 -36.01
N GLU D 367 -7.62 -24.80 -35.27
CA GLU D 367 -7.96 -25.29 -33.94
C GLU D 367 -6.77 -25.01 -33.04
N ILE D 368 -7.03 -24.30 -31.94
CA ILE D 368 -5.98 -23.91 -31.01
C ILE D 368 -6.21 -24.54 -29.65
N GLY D 369 -5.33 -24.23 -28.69
CA GLY D 369 -5.18 -24.97 -27.46
C GLY D 369 -6.43 -25.19 -26.62
N SER D 370 -6.31 -26.07 -25.63
CA SER D 370 -7.42 -26.51 -24.80
C SER D 370 -7.54 -25.76 -23.48
N GLU D 371 -6.92 -24.58 -23.38
CA GLU D 371 -7.05 -23.76 -22.18
C GLU D 371 -8.39 -23.02 -22.23
N ALA D 372 -8.56 -22.04 -21.36
CA ALA D 372 -9.65 -21.09 -21.53
C ALA D 372 -9.08 -19.87 -22.22
N PRO D 373 -9.10 -19.82 -23.56
CA PRO D 373 -8.37 -18.77 -24.27
C PRO D 373 -9.07 -17.44 -24.33
N GLN D 374 -10.32 -17.36 -23.87
CA GLN D 374 -11.17 -16.20 -24.09
C GLN D 374 -11.23 -15.87 -25.58
N LEU D 375 -11.28 -16.93 -26.39
CA LEU D 375 -11.20 -16.86 -27.85
C LEU D 375 -9.96 -16.08 -28.29
N ALA D 376 -8.80 -16.63 -27.95
CA ALA D 376 -7.55 -16.06 -28.44
C ALA D 376 -7.51 -16.12 -29.96
N ALA D 377 -7.26 -14.97 -30.58
CA ALA D 377 -7.27 -14.89 -32.03
C ALA D 377 -5.96 -15.45 -32.58
N ASP D 378 -5.82 -15.40 -33.91
CA ASP D 378 -4.59 -15.86 -34.56
C ASP D 378 -4.37 -14.99 -35.78
N ILE D 379 -3.38 -14.10 -35.72
CA ILE D 379 -2.99 -13.34 -36.90
C ILE D 379 -2.18 -14.27 -37.79
N GLU D 380 -2.69 -14.54 -38.98
CA GLU D 380 -1.98 -15.38 -39.94
C GLU D 380 -1.40 -14.54 -41.05
N ILE D 381 -0.22 -14.95 -41.51
CA ILE D 381 0.56 -14.19 -42.48
C ILE D 381 0.98 -15.12 -43.61
N VAL D 382 1.32 -14.52 -44.74
CA VAL D 382 1.94 -15.21 -45.85
C VAL D 382 3.39 -14.77 -45.91
N THR D 383 4.29 -15.66 -45.53
CA THR D 383 5.71 -15.36 -45.43
C THR D 383 6.46 -16.01 -46.58
N ASP D 384 7.75 -15.69 -46.67
CA ASP D 384 8.61 -16.27 -47.69
C ASP D 384 9.32 -17.49 -47.14
N GLU D 385 9.45 -18.51 -48.00
CA GLU D 385 10.13 -19.74 -47.61
C GLU D 385 11.58 -19.45 -47.27
N VAL D 386 12.16 -20.30 -46.41
CA VAL D 386 13.52 -20.06 -45.97
C VAL D 386 14.49 -20.19 -47.14
N ASP D 387 14.51 -21.36 -47.77
CA ASP D 387 15.45 -21.62 -48.86
C ASP D 387 15.03 -21.09 -50.23
N PRO D 388 13.85 -21.49 -50.77
CA PRO D 388 13.56 -21.18 -52.19
C PRO D 388 12.81 -19.90 -52.44
N GLU D 389 12.51 -19.67 -53.72
CA GLU D 389 11.77 -18.51 -54.19
C GLU D 389 10.27 -18.79 -54.24
N ALA D 390 9.74 -19.38 -53.18
CA ALA D 390 8.31 -19.60 -53.03
C ALA D 390 7.81 -18.91 -51.77
N GLN D 391 6.49 -18.89 -51.61
CA GLN D 391 5.83 -18.33 -50.44
C GLN D 391 5.05 -19.41 -49.71
N ARG D 392 5.02 -19.32 -48.38
CA ARG D 392 4.31 -20.28 -47.54
C ARG D 392 3.37 -19.55 -46.60
N LEU D 393 2.26 -20.21 -46.28
CA LEU D 393 1.28 -19.67 -45.35
C LEU D 393 1.65 -20.09 -43.94
N GLN D 394 1.56 -19.14 -43.01
CA GLN D 394 1.95 -19.36 -41.63
C GLN D 394 0.86 -18.79 -40.73
N LEU D 395 0.62 -19.45 -39.61
CA LEU D 395 -0.32 -18.98 -38.60
C LEU D 395 0.45 -18.80 -37.29
N VAL D 396 0.46 -17.59 -36.77
CA VAL D 396 1.25 -17.24 -35.60
C VAL D 396 0.36 -16.51 -34.62
N ILE D 397 0.42 -16.89 -33.34
CA ILE D 397 -0.22 -16.13 -32.29
C ILE D 397 0.79 -15.16 -31.72
N LEU D 398 0.40 -13.89 -31.65
CA LEU D 398 1.31 -12.83 -31.24
C LEU D 398 0.85 -12.30 -29.89
N GLU D 399 1.81 -11.97 -29.04
CA GLU D 399 1.56 -11.27 -27.80
C GLU D 399 2.27 -9.93 -27.97
N SER D 400 1.50 -8.87 -28.16
CA SER D 400 2.05 -7.57 -28.49
C SER D 400 2.14 -6.74 -27.22
N LEU D 401 3.37 -6.44 -26.81
CA LEU D 401 3.63 -5.52 -25.72
C LEU D 401 4.36 -4.28 -26.24
N ILE D 402 4.15 -3.17 -25.53
CA ILE D 402 4.74 -1.89 -25.89
C ILE D 402 5.64 -1.43 -24.76
N ILE D 403 6.84 -1.00 -25.11
CA ILE D 403 7.80 -0.42 -24.18
C ILE D 403 7.65 1.09 -24.25
N ARG D 404 7.23 1.70 -23.13
CA ARG D 404 7.17 3.14 -23.05
C ARG D 404 8.55 3.72 -23.24
N ARG D 405 8.62 4.84 -23.94
CA ARG D 405 9.90 5.36 -24.42
C ARG D 405 10.88 5.68 -23.30
N ASP D 406 10.65 6.77 -22.58
CA ASP D 406 11.47 7.20 -21.45
C ASP D 406 10.91 8.52 -20.95
N ILE D 407 11.43 8.96 -19.80
CA ILE D 407 11.11 10.27 -19.25
C ILE D 407 12.42 11.03 -19.07
N ALA D 408 12.40 12.32 -19.37
CA ALA D 408 13.53 13.16 -19.02
C ALA D 408 13.46 13.52 -17.54
N ALA D 409 14.62 13.89 -16.98
CA ALA D 409 14.67 14.20 -15.56
C ALA D 409 13.87 15.47 -15.29
N ASP D 410 13.03 15.42 -14.26
CA ASP D 410 12.28 16.60 -13.84
C ASP D 410 12.50 16.85 -12.36
N GLN D 411 11.67 17.72 -11.79
CA GLN D 411 11.86 18.15 -10.40
C GLN D 411 11.73 16.98 -9.43
N THR D 412 10.75 16.10 -9.63
CA THR D 412 10.41 15.09 -8.64
C THR D 412 10.92 13.68 -8.97
N GLN D 413 11.33 13.42 -10.22
CA GLN D 413 11.85 12.10 -10.57
C GLN D 413 13.04 12.28 -11.51
N GLY D 414 13.95 11.31 -11.48
CA GLY D 414 15.09 11.34 -12.36
C GLY D 414 14.80 10.79 -13.74
N SER D 415 15.74 11.03 -14.64
CA SER D 415 15.67 10.52 -16.00
C SER D 415 15.73 8.99 -16.00
N THR D 416 15.18 8.40 -17.06
CA THR D 416 15.21 6.97 -17.26
C THR D 416 15.89 6.65 -18.58
N PHE D 417 16.51 5.47 -18.62
CA PHE D 417 17.21 4.98 -19.81
C PHE D 417 16.81 3.51 -19.98
N THR D 418 15.94 3.27 -20.96
CA THR D 418 15.53 1.91 -21.27
C THR D 418 16.53 1.25 -22.23
N SER D 419 16.65 -0.06 -22.11
CA SER D 419 17.56 -0.85 -22.92
C SER D 419 16.88 -2.15 -23.29
N LEU D 420 16.91 -2.48 -24.58
CA LEU D 420 16.22 -3.65 -25.11
C LEU D 420 17.18 -4.83 -25.08
N LEU D 421 16.76 -5.91 -24.41
CA LEU D 421 17.63 -7.05 -24.19
C LEU D 421 17.43 -8.17 -25.21
N VAL D 422 16.44 -8.04 -26.09
CA VAL D 422 16.12 -9.11 -27.04
C VAL D 422 16.17 -8.56 -28.46
N LYS D 423 16.55 -9.42 -29.38
CA LYS D 423 16.63 -9.12 -30.81
C LYS D 423 15.55 -9.88 -31.56
N ASP D 424 15.50 -9.67 -32.88
CA ASP D 424 14.40 -10.14 -33.71
C ASP D 424 14.37 -11.66 -33.84
N GLY D 425 15.43 -12.36 -33.45
CA GLY D 425 15.43 -13.81 -33.61
C GLY D 425 15.69 -14.62 -32.36
N ASP D 426 15.44 -14.05 -31.19
CA ASP D 426 15.76 -14.72 -29.93
C ASP D 426 14.61 -15.62 -29.48
N HIS D 427 14.98 -16.74 -28.86
CA HIS D 427 14.02 -17.67 -28.25
C HIS D 427 14.00 -17.40 -26.74
N ILE D 428 12.99 -16.66 -26.28
CA ILE D 428 12.90 -16.32 -24.86
C ILE D 428 11.90 -17.25 -24.19
N GLY D 429 12.09 -17.45 -22.89
CA GLY D 429 11.23 -18.29 -22.10
C GLY D 429 10.24 -17.49 -21.28
N PRO D 430 9.35 -18.18 -20.56
CA PRO D 430 8.34 -17.47 -19.77
C PRO D 430 8.98 -16.67 -18.64
N GLY D 431 8.48 -15.44 -18.45
CA GLY D 431 9.00 -14.57 -17.42
C GLY D 431 10.34 -13.94 -17.71
N ALA D 432 10.81 -14.02 -18.96
CA ALA D 432 12.12 -13.46 -19.31
C ALA D 432 12.05 -11.94 -19.44
N VAL D 433 13.19 -11.30 -19.19
CA VAL D 433 13.29 -9.85 -19.30
C VAL D 433 13.63 -9.50 -20.74
N ILE D 434 12.83 -8.62 -21.32
CA ILE D 434 13.09 -8.13 -22.67
C ILE D 434 13.51 -6.66 -22.69
N ALA D 435 13.25 -5.91 -21.62
CA ALA D 435 13.67 -4.53 -21.53
C ALA D 435 13.97 -4.21 -20.07
N ARG D 436 15.06 -3.45 -19.87
CA ARG D 436 15.47 -3.00 -18.54
C ARG D 436 15.57 -1.48 -18.56
N THR D 437 14.94 -0.82 -17.60
CA THR D 437 14.95 0.63 -17.52
C THR D 437 15.70 1.05 -16.26
N ASP D 438 16.71 1.88 -16.43
CA ASP D 438 17.48 2.42 -15.31
C ASP D 438 16.97 3.81 -14.97
N ILE D 439 16.85 4.09 -13.68
CA ILE D 439 16.45 5.41 -13.20
C ILE D 439 17.74 6.10 -12.76
N LYS D 440 18.22 7.02 -13.59
CA LYS D 440 19.50 7.67 -13.39
C LYS D 440 19.40 8.83 -12.41
N ALA D 441 20.53 9.15 -11.80
CA ALA D 441 20.63 10.26 -10.87
C ALA D 441 20.71 11.59 -11.59
N LYS D 442 20.20 12.63 -10.93
CA LYS D 442 20.26 13.97 -11.51
C LYS D 442 21.62 14.60 -11.27
N GLN D 443 22.00 14.80 -10.01
CA GLN D 443 23.36 15.20 -9.65
C GLN D 443 23.95 14.17 -8.69
N ALA D 444 25.28 14.16 -8.61
CA ALA D 444 25.99 13.25 -7.73
C ALA D 444 25.72 13.57 -6.25
N GLY D 445 25.83 12.54 -5.42
CA GLY D 445 25.59 12.71 -4.01
C GLY D 445 25.62 11.38 -3.28
N GLU D 446 25.21 11.44 -2.01
CA GLU D 446 25.12 10.28 -1.13
C GLU D 446 23.65 9.97 -0.86
N VAL D 447 23.27 8.72 -1.08
CA VAL D 447 21.88 8.30 -0.88
C VAL D 447 21.62 8.03 0.59
N GLN D 448 20.57 8.64 1.13
CA GLN D 448 20.15 8.44 2.51
C GLN D 448 18.63 8.25 2.54
N GLY D 449 18.16 7.49 3.53
CA GLY D 449 16.73 7.40 3.78
C GLY D 449 15.87 6.87 2.65
N ILE D 450 15.99 5.59 2.36
CA ILE D 450 15.11 4.92 1.40
C ILE D 450 13.85 4.46 2.13
N VAL D 451 12.71 4.53 1.45
CA VAL D 451 11.48 4.00 2.06
C VAL D 451 11.69 2.52 2.25
N ARG D 452 11.86 2.10 3.51
CA ARG D 452 12.35 0.76 3.79
C ARG D 452 11.27 -0.32 3.75
N SER D 453 10.12 -0.11 3.12
CA SER D 453 9.18 -1.21 3.02
C SER D 453 9.67 -2.19 1.95
N GLY D 454 9.24 -3.43 2.04
CA GLY D 454 9.78 -4.43 1.13
C GLY D 454 9.16 -4.36 -0.24
N GLU D 455 9.98 -4.06 -1.26
CA GLU D 455 9.52 -3.97 -2.63
C GLU D 455 8.49 -2.85 -2.78
N SER D 456 8.26 -2.11 -1.70
CA SER D 456 7.40 -0.93 -1.70
C SER D 456 8.25 0.34 -1.59
N VAL D 457 9.44 0.31 -2.18
CA VAL D 457 10.37 1.43 -2.14
C VAL D 457 9.92 2.45 -3.18
N ARG D 458 9.26 3.50 -2.71
CA ARG D 458 8.64 4.47 -3.59
C ARG D 458 9.38 5.80 -3.68
N ARG D 459 10.25 6.11 -2.73
CA ARG D 459 10.98 7.36 -2.75
C ARG D 459 12.40 7.13 -2.24
N ILE D 460 13.35 7.84 -2.85
CA ILE D 460 14.75 7.77 -2.45
C ILE D 460 15.29 9.19 -2.33
N LEU D 461 15.95 9.47 -1.20
CA LEU D 461 16.55 10.77 -0.98
C LEU D 461 18.05 10.69 -1.27
N VAL D 462 18.59 11.72 -1.91
CA VAL D 462 20.01 11.81 -2.19
C VAL D 462 20.48 13.20 -1.82
N VAL D 463 21.48 13.29 -0.95
CA VAL D 463 22.07 14.56 -0.55
C VAL D 463 23.19 14.88 -1.53
N THR D 464 23.11 16.04 -2.15
CA THR D 464 24.07 16.46 -3.17
C THR D 464 24.93 17.58 -2.61
N ASP D 465 25.87 18.05 -3.42
CA ASP D 465 26.65 19.19 -2.93
C ASP D 465 25.84 20.49 -2.97
N SER D 466 24.54 20.34 -3.23
CA SER D 466 23.57 21.43 -3.13
C SER D 466 22.76 21.35 -1.85
N ASP D 467 22.85 20.25 -1.09
CA ASP D 467 22.16 20.15 0.19
C ASP D 467 23.09 20.06 1.39
N ARG D 468 24.33 19.62 1.21
CA ARG D 468 25.34 19.68 2.25
C ARG D 468 26.45 20.63 1.80
N LEU D 469 27.11 21.24 2.76
CA LEU D 469 28.21 22.16 2.51
C LEU D 469 29.39 21.83 3.41
N ARG D 470 30.56 21.75 2.80
CA ARG D 470 31.82 21.62 3.53
C ARG D 470 32.38 23.03 3.71
N VAL D 471 32.59 23.43 4.95
CA VAL D 471 33.10 24.76 5.28
C VAL D 471 34.49 24.60 5.85
N GLU D 472 35.44 25.36 5.31
CA GLU D 472 36.85 25.21 5.63
C GLU D 472 37.22 26.12 6.81
N THR D 473 37.68 25.52 7.90
CA THR D 473 38.35 26.24 8.97
C THR D 473 39.84 26.14 8.69
N ASN D 474 40.47 27.27 8.41
CA ASN D 474 41.85 27.25 7.90
C ASN D 474 42.84 27.00 9.03
N GLY D 475 42.92 27.91 9.99
CA GLY D 475 43.79 27.75 11.13
C GLY D 475 42.98 27.54 12.38
N ALA D 476 41.72 27.96 12.34
CA ALA D 476 40.86 27.93 13.51
C ALA D 476 40.46 26.50 13.86
N LYS D 477 40.12 26.30 15.13
CA LYS D 477 39.44 25.08 15.50
C LYS D 477 37.95 25.34 15.56
N PRO D 478 37.13 24.54 14.88
CA PRO D 478 35.68 24.78 14.89
C PRO D 478 35.12 24.82 16.30
N THR D 479 34.38 25.88 16.59
CA THR D 479 33.74 26.07 17.87
C THR D 479 32.35 25.44 17.94
N VAL D 480 31.94 24.75 16.88
CA VAL D 480 30.63 24.10 16.81
C VAL D 480 30.82 22.60 16.94
N LYS D 481 29.83 21.95 17.54
CA LYS D 481 29.85 20.51 17.70
C LYS D 481 28.74 19.88 16.85
N VAL D 482 28.93 18.60 16.53
CA VAL D 482 27.98 17.90 15.68
C VAL D 482 26.64 17.76 16.40
N GLY D 483 25.56 18.08 15.69
CA GLY D 483 24.23 18.04 16.26
C GLY D 483 23.61 19.41 16.46
N ASP D 484 24.40 20.46 16.37
CA ASP D 484 23.90 21.81 16.60
C ASP D 484 23.09 22.27 15.40
N LEU D 485 22.16 23.18 15.65
CA LEU D 485 21.34 23.77 14.60
C LEU D 485 21.87 25.18 14.40
N VAL D 486 22.59 25.40 13.29
CA VAL D 486 23.23 26.67 13.04
C VAL D 486 22.29 27.57 12.25
N ARG D 487 22.29 28.84 12.62
CA ARG D 487 21.51 29.85 11.95
C ARG D 487 22.43 30.80 11.20
N PRO D 488 21.92 31.59 10.26
CA PRO D 488 22.80 32.49 9.50
C PRO D 488 23.56 33.46 10.39
N GLY D 489 24.84 33.64 10.10
CA GLY D 489 25.70 34.54 10.83
C GLY D 489 26.38 33.95 12.05
N ASP D 490 26.16 32.67 12.35
CA ASP D 490 26.73 32.06 13.54
C ASP D 490 28.17 31.61 13.29
N GLU D 491 29.05 31.93 14.25
CA GLU D 491 30.45 31.55 14.18
C GLU D 491 30.60 30.04 14.32
N MSE D 492 31.01 29.37 13.25
CA MSE D 492 31.49 28.00 13.34
C MSE D 492 32.86 28.00 14.01
O MSE D 492 33.21 27.08 14.76
CB MSE D 492 31.58 27.34 11.97
CG MSE D 492 30.29 26.65 11.54
SE MSE D 492 29.14 27.78 10.47
CE MSE D 492 29.87 27.41 8.70
N ALA D 493 33.63 29.06 13.74
CA ALA D 493 34.96 29.24 14.29
C ALA D 493 35.38 30.67 13.98
N LYS D 494 36.49 31.09 14.56
CA LYS D 494 36.99 32.44 14.36
C LYS D 494 37.24 32.71 12.88
N GLY D 495 36.53 33.70 12.34
CA GLY D 495 36.66 34.08 10.95
C GLY D 495 35.84 33.29 9.96
N VAL D 496 34.97 32.39 10.41
CA VAL D 496 34.06 31.67 9.54
C VAL D 496 32.67 31.69 10.17
N THR D 497 31.67 32.09 9.38
CA THR D 497 30.30 32.22 9.85
C THR D 497 29.36 31.38 8.98
N ALA D 498 28.22 31.02 9.57
CA ALA D 498 27.25 30.21 8.85
C ALA D 498 26.58 31.03 7.75
N PRO D 499 26.53 30.53 6.51
CA PRO D 499 25.88 31.31 5.45
C PRO D 499 24.38 31.21 5.46
N GLU D 500 23.82 30.14 6.04
CA GLU D 500 22.38 29.91 6.02
C GLU D 500 22.05 28.86 7.08
N THR D 501 20.76 28.77 7.39
CA THR D 501 20.30 27.81 8.39
C THR D 501 20.60 26.38 7.95
N ALA D 502 21.17 25.59 8.84
CA ALA D 502 21.56 24.22 8.54
C ALA D 502 21.88 23.49 9.86
N ALA D 503 22.18 22.20 9.74
CA ALA D 503 22.61 21.38 10.86
C ALA D 503 23.96 20.74 10.55
N VAL D 504 24.90 20.88 11.49
CA VAL D 504 26.24 20.34 11.30
C VAL D 504 26.23 18.82 11.43
N MSE D 505 26.87 18.13 10.48
CA MSE D 505 26.83 16.67 10.41
C MSE D 505 28.15 16.01 10.79
O MSE D 505 28.16 14.96 11.43
CB MSE D 505 26.42 16.24 9.01
CG MSE D 505 25.05 16.76 8.57
SE MSE D 505 23.69 16.57 9.94
CE MSE D 505 23.78 14.64 10.22
N ALA D 506 29.27 16.60 10.37
CA ALA D 506 30.59 16.08 10.69
C ALA D 506 31.55 17.25 10.84
N VAL D 507 32.29 17.28 11.94
CA VAL D 507 33.22 18.36 12.24
C VAL D 507 34.62 17.79 12.45
N ALA D 508 35.60 18.39 11.78
CA ALA D 508 37.01 18.06 11.95
C ALA D 508 37.77 19.35 12.27
N ASP D 509 39.09 19.33 12.23
CA ASP D 509 39.84 20.55 12.47
C ASP D 509 40.01 21.39 11.21
N ASP D 510 40.05 20.74 10.05
CA ASP D 510 40.10 21.44 8.77
C ASP D 510 38.73 21.58 8.12
N HIS D 511 37.76 20.75 8.52
CA HIS D 511 36.45 20.73 7.90
C HIS D 511 35.37 20.94 8.95
N VAL D 512 34.23 21.44 8.50
CA VAL D 512 32.97 21.33 9.22
C VAL D 512 31.89 21.07 8.17
N ILE D 513 31.20 19.94 8.29
CA ILE D 513 30.19 19.54 7.32
C ILE D 513 28.82 19.85 7.89
N LEU D 514 28.04 20.65 7.17
CA LEU D 514 26.70 21.02 7.62
C LEU D 514 25.70 20.72 6.51
N ARG D 515 24.57 20.10 6.86
CA ARG D 515 23.52 19.78 5.90
C ARG D 515 22.46 20.87 5.92
N LEU D 516 22.14 21.40 4.75
CA LEU D 516 21.17 22.48 4.67
C LEU D 516 19.81 22.00 5.13
N ALA D 517 19.18 22.77 6.02
CA ALA D 517 17.89 22.40 6.58
C ALA D 517 17.00 23.63 6.65
N ARG D 518 15.70 23.39 6.69
CA ARG D 518 14.73 24.46 6.92
C ARG D 518 13.78 24.08 8.04
N PRO D 519 13.59 24.93 9.04
CA PRO D 519 12.64 24.64 10.10
C PRO D 519 11.24 25.18 9.81
N TYR D 520 10.26 24.48 10.37
CA TYR D 520 8.86 24.86 10.25
C TYR D 520 8.22 24.83 11.63
N LEU D 521 7.67 25.96 12.06
CA LEU D 521 7.06 26.05 13.37
C LEU D 521 5.64 25.46 13.35
N VAL D 522 5.32 24.68 14.37
CA VAL D 522 4.02 24.04 14.51
C VAL D 522 3.40 24.52 15.81
N SER D 523 2.24 25.17 15.71
CA SER D 523 1.53 25.64 16.88
C SER D 523 0.89 24.48 17.63
N PRO D 524 0.60 24.65 18.92
CA PRO D 524 0.02 23.54 19.68
C PRO D 524 -1.30 23.07 19.10
N GLY D 525 -1.52 21.76 19.17
CA GLY D 525 -2.74 21.16 18.68
C GLY D 525 -2.81 20.96 17.18
N ALA D 526 -1.73 21.24 16.46
CA ALA D 526 -1.75 21.07 15.02
C ALA D 526 -1.82 19.59 14.66
N VAL D 527 -2.37 19.31 13.48
CA VAL D 527 -2.58 17.94 13.04
C VAL D 527 -1.42 17.57 12.14
N LEU D 528 -0.55 16.68 12.63
CA LEU D 528 0.60 16.24 11.86
C LEU D 528 0.15 15.45 10.64
N GLN D 529 0.62 15.86 9.46
CA GLN D 529 0.39 15.15 8.22
C GLN D 529 1.56 14.27 7.83
N ILE D 530 2.52 14.08 8.75
CA ILE D 530 3.80 13.50 8.39
C ILE D 530 4.40 12.84 9.62
N GLU D 531 5.30 11.90 9.40
CA GLU D 531 5.98 11.16 10.46
C GLU D 531 7.48 11.41 10.39
N GLU D 532 8.14 11.23 11.53
CA GLU D 532 9.59 11.35 11.60
C GLU D 532 10.24 10.45 10.54
N GLY D 533 11.15 11.04 9.77
CA GLY D 533 11.88 10.31 8.75
C GLY D 533 11.24 10.28 7.38
N ASP D 534 10.04 10.82 7.23
CA ASP D 534 9.37 10.80 5.93
C ASP D 534 10.09 11.71 4.93
N LEU D 535 10.18 11.24 3.70
CA LEU D 535 10.72 12.02 2.59
C LEU D 535 9.58 12.81 1.95
N VAL D 536 9.71 14.13 1.91
CA VAL D 536 8.69 14.99 1.34
C VAL D 536 9.26 15.72 0.14
N GLN D 537 8.39 16.07 -0.79
CA GLN D 537 8.71 16.96 -1.90
C GLN D 537 8.21 18.36 -1.60
N ARG D 538 8.55 19.30 -2.47
CA ARG D 538 8.13 20.68 -2.27
C ARG D 538 6.62 20.78 -2.41
N GLY D 539 5.99 21.51 -1.48
CA GLY D 539 4.55 21.66 -1.43
C GLY D 539 3.83 20.58 -0.66
N ASP D 540 4.52 19.51 -0.26
CA ASP D 540 3.90 18.50 0.60
C ASP D 540 3.50 19.11 1.93
N ASN D 541 2.30 18.77 2.39
CA ASN D 541 1.81 19.28 3.67
C ASN D 541 2.52 18.57 4.83
N LEU D 542 3.09 19.36 5.72
CA LEU D 542 3.75 18.83 6.90
C LEU D 542 2.80 18.74 8.09
N ALA D 543 1.94 19.74 8.25
CA ALA D 543 0.93 19.77 9.30
C ALA D 543 -0.18 20.69 8.84
N LEU D 544 -1.28 20.72 9.59
CA LEU D 544 -2.36 21.66 9.33
C LEU D 544 -2.84 22.28 10.62
N LEU D 545 -2.83 23.62 10.65
CA LEU D 545 -3.30 24.38 11.80
C LEU D 545 -4.79 24.69 11.62
N VAL D 546 -5.53 24.62 12.71
CA VAL D 546 -6.94 24.96 12.74
C VAL D 546 -7.03 26.29 13.48
N PHE D 547 -7.46 27.33 12.78
CA PHE D 547 -7.40 28.70 13.31
C PHE D 547 -8.72 29.04 14.00
N GLU D 548 -8.64 29.24 15.31
CA GLU D 548 -9.75 29.70 16.13
C GLU D 548 -9.80 31.22 16.24
N ARG D 549 -8.65 31.87 16.13
CA ARG D 549 -8.53 33.33 16.29
C ARG D 549 -9.47 34.11 15.37
N THR E 81 3.73 28.15 34.24
CA THR E 81 2.57 27.87 35.08
C THR E 81 1.45 28.90 34.86
N THR E 82 0.20 28.40 34.89
CA THR E 82 -0.95 29.21 34.55
C THR E 82 -2.20 28.57 35.15
N VAL E 83 -3.24 29.39 35.30
CA VAL E 83 -4.53 28.94 35.82
C VAL E 83 -5.51 28.95 34.65
N LYS E 84 -6.04 27.77 34.32
CA LYS E 84 -6.97 27.61 33.22
C LYS E 84 -8.31 27.14 33.77
N THR E 85 -9.39 27.84 33.39
CA THR E 85 -10.71 27.48 33.88
C THR E 85 -11.19 26.18 33.25
N GLU E 86 -11.72 25.29 34.08
CA GLU E 86 -12.32 24.05 33.62
C GLU E 86 -13.82 24.26 33.40
N HIS E 87 -14.35 23.61 32.37
CA HIS E 87 -15.77 23.68 32.03
C HIS E 87 -16.20 25.13 31.77
N GLY E 88 -15.65 25.68 30.69
CA GLY E 88 -15.85 27.07 30.32
C GLY E 88 -17.28 27.54 30.23
N GLY E 89 -17.45 28.86 30.24
CA GLY E 89 -18.76 29.50 30.24
C GLY E 89 -18.63 31.00 30.20
N VAL E 90 -19.39 31.70 31.04
CA VAL E 90 -19.23 33.14 31.19
C VAL E 90 -18.39 33.39 32.43
N VAL E 91 -17.74 34.55 32.49
CA VAL E 91 -16.93 34.94 33.64
C VAL E 91 -17.60 36.13 34.32
N ARG E 92 -17.74 36.02 35.64
CA ARG E 92 -18.24 37.11 36.48
C ARG E 92 -17.15 37.50 37.45
N LEU E 93 -16.81 38.79 37.49
CA LEU E 93 -15.78 39.29 38.38
C LEU E 93 -16.42 40.13 39.48
N PRO E 94 -16.56 39.61 40.69
CA PRO E 94 -17.13 40.42 41.77
C PRO E 94 -16.20 41.58 42.15
N GLU E 95 -16.73 42.47 42.98
CA GLU E 95 -16.00 43.65 43.40
C GLU E 95 -14.94 43.27 44.42
N GLN E 96 -14.32 44.26 45.05
CA GLN E 96 -13.16 44.02 45.90
C GLN E 96 -13.51 43.19 47.13
N GLN E 97 -13.07 41.93 47.13
CA GLN E 97 -13.25 41.00 48.25
C GLN E 97 -11.86 40.55 48.68
N ASP E 98 -11.26 41.28 49.61
CA ASP E 98 -9.89 41.00 50.06
C ASP E 98 -9.94 39.87 51.08
N SER E 99 -10.08 38.65 50.58
CA SER E 99 -10.09 37.45 51.42
C SER E 99 -8.65 37.08 51.73
N LYS E 100 -8.05 37.85 52.63
CA LYS E 100 -6.65 37.66 53.03
C LYS E 100 -5.70 37.76 51.83
N GLY E 101 -6.02 38.65 50.90
CA GLY E 101 -5.15 38.88 49.76
C GLY E 101 -5.38 37.95 48.58
N GLY E 102 -6.58 37.96 48.03
CA GLY E 102 -6.87 37.15 46.85
C GLY E 102 -8.04 37.70 46.07
N ARG E 103 -8.09 37.32 44.79
CA ARG E 103 -9.16 37.73 43.89
C ARG E 103 -10.05 36.53 43.57
N GLU E 104 -11.32 36.80 43.31
CA GLU E 104 -12.28 35.76 42.95
C GLU E 104 -12.76 35.98 41.52
N VAL E 105 -12.71 34.92 40.74
CA VAL E 105 -13.20 34.88 39.36
C VAL E 105 -14.29 33.82 39.34
N GLU E 106 -15.55 34.23 39.42
CA GLU E 106 -16.64 33.28 39.33
C GLU E 106 -16.89 32.90 37.89
N ILE E 107 -17.36 31.68 37.67
CA ILE E 107 -17.68 31.19 36.34
C ILE E 107 -19.17 30.83 36.30
N ILE E 108 -19.92 31.52 35.44
CA ILE E 108 -21.30 31.15 35.14
C ILE E 108 -21.26 30.04 34.11
N THR E 109 -21.26 28.79 34.58
CA THR E 109 -21.16 27.66 33.68
C THR E 109 -22.47 27.42 32.94
N ALA E 110 -23.59 27.50 33.64
CA ALA E 110 -24.91 27.27 33.05
C ALA E 110 -25.84 28.39 33.48
N SER E 111 -26.81 28.70 32.61
CA SER E 111 -27.71 29.80 32.87
C SER E 111 -29.01 29.59 32.10
N VAL E 112 -30.11 30.08 32.68
CA VAL E 112 -31.40 30.14 32.01
C VAL E 112 -31.98 31.53 32.18
N MSE E 113 -32.61 32.02 31.12
CA MSE E 113 -33.36 33.26 31.17
C MSE E 113 -34.70 33.04 30.47
O MSE E 113 -34.76 32.37 29.46
CB MSE E 113 -32.59 34.40 30.50
CG MSE E 113 -33.36 35.70 30.40
SE MSE E 113 -32.38 37.06 29.40
CE MSE E 113 -31.95 36.01 27.81
N LEU E 114 -35.76 33.61 31.04
CA LEU E 114 -37.10 33.48 30.46
C LEU E 114 -37.35 34.71 29.59
N ASP E 115 -36.93 34.62 28.34
CA ASP E 115 -37.34 35.62 27.37
C ASP E 115 -38.84 35.47 27.10
N LYS E 116 -39.42 36.51 26.51
CA LYS E 116 -40.87 36.62 26.39
C LYS E 116 -41.54 36.52 27.76
N ALA E 117 -40.93 37.14 28.76
CA ALA E 117 -41.44 37.11 30.13
C ALA E 117 -41.03 38.39 30.83
N LYS E 118 -41.99 39.27 31.07
CA LYS E 118 -41.75 40.55 31.74
C LYS E 118 -41.96 40.38 33.24
N VAL E 119 -40.98 40.81 34.03
CA VAL E 119 -41.05 40.73 35.48
C VAL E 119 -41.53 42.08 36.00
N LEU E 120 -42.74 42.10 36.56
CA LEU E 120 -43.32 43.30 37.11
C LEU E 120 -43.69 43.04 38.57
N LYS E 121 -43.69 44.10 39.37
CA LYS E 121 -43.95 44.02 40.81
C LYS E 121 -45.30 44.64 41.12
N GLU E 122 -46.10 43.92 41.92
CA GLU E 122 -47.39 44.41 42.36
C GLU E 122 -47.26 45.31 43.57
N THR E 123 -48.08 46.35 43.62
CA THR E 123 -48.08 47.27 44.77
C THR E 123 -49.52 47.62 45.14
N GLN E 124 -50.43 46.66 44.99
CA GLN E 124 -51.80 46.80 45.49
C GLN E 124 -52.27 45.60 46.29
N GLN E 125 -51.54 44.48 46.25
CA GLN E 125 -51.80 43.32 47.09
C GLN E 125 -51.23 43.57 48.48
N GLY E 126 -51.05 42.51 49.27
CA GLY E 126 -50.49 42.66 50.59
C GLY E 126 -48.99 42.89 50.53
N ARG E 127 -48.22 42.17 51.34
CA ARG E 127 -46.77 42.32 51.29
C ARG E 127 -46.27 42.06 49.87
N GLU E 128 -45.40 42.96 49.40
CA GLU E 128 -45.12 43.09 47.98
C GLU E 128 -44.60 41.79 47.37
N HIS E 129 -45.16 41.43 46.22
CA HIS E 129 -44.91 40.18 45.52
C HIS E 129 -44.13 40.45 44.22
N TYR E 130 -43.94 39.38 43.44
CA TYR E 130 -43.31 39.47 42.14
C TYR E 130 -44.11 38.64 41.15
N ILE E 131 -44.38 39.21 39.98
CA ILE E 131 -45.22 38.57 38.97
C ILE E 131 -44.48 38.59 37.63
N ILE E 132 -44.73 37.55 36.83
CA ILE E 132 -44.16 37.41 35.49
C ILE E 132 -45.30 37.27 34.49
N GLU E 133 -45.27 38.11 33.45
CA GLU E 133 -46.16 38.01 32.30
C GLU E 133 -45.43 37.26 31.20
N THR E 134 -45.99 36.12 30.79
CA THR E 134 -45.32 35.24 29.86
C THR E 134 -45.62 35.64 28.41
N ALA E 135 -45.17 34.82 27.46
CA ALA E 135 -45.46 35.07 26.05
C ALA E 135 -46.95 34.95 25.77
N THR E 136 -47.61 33.98 26.39
CA THR E 136 -49.03 33.72 26.16
C THR E 136 -49.94 34.46 27.15
N GLY E 137 -49.43 35.51 27.79
CA GLY E 137 -50.24 36.35 28.64
C GLY E 137 -50.50 35.81 30.03
N GLN E 138 -50.08 34.59 30.34
CA GLN E 138 -50.33 34.02 31.65
C GLN E 138 -49.47 34.71 32.70
N ARG E 139 -49.93 34.65 33.95
CA ARG E 139 -49.32 35.37 35.06
C ARG E 139 -48.80 34.37 36.08
N PHE E 140 -47.54 34.53 36.47
CA PHE E 140 -46.91 33.66 37.46
C PHE E 140 -46.45 34.47 38.66
N SER E 141 -46.80 34.03 39.85
CA SER E 141 -46.33 34.64 41.09
C SER E 141 -45.02 33.99 41.50
N LEU E 142 -43.99 34.82 41.71
CA LEU E 142 -42.66 34.34 42.05
C LEU E 142 -42.58 33.99 43.53
N LYS E 143 -42.09 32.79 43.83
CA LYS E 143 -41.90 32.33 45.20
C LYS E 143 -40.47 31.82 45.39
N ALA E 144 -39.52 32.62 44.90
CA ALA E 144 -38.09 32.32 45.07
C ALA E 144 -37.35 33.64 45.12
N ALA E 145 -36.83 33.99 46.29
CA ALA E 145 -36.21 35.29 46.47
C ALA E 145 -34.93 35.39 45.64
N PRO E 146 -34.67 36.55 45.03
CA PRO E 146 -33.44 36.71 44.24
C PRO E 146 -32.19 36.56 45.09
N GLY E 147 -31.15 35.98 44.48
CA GLY E 147 -29.89 35.75 45.16
C GLY E 147 -29.85 34.57 46.08
N THR E 148 -31.01 34.09 46.55
CA THR E 148 -31.05 32.96 47.46
C THR E 148 -30.65 31.67 46.75
N LYS E 149 -30.06 30.76 47.52
CA LYS E 149 -29.79 29.42 47.02
C LYS E 149 -31.12 28.72 46.70
N VAL E 150 -31.28 28.31 45.46
CA VAL E 150 -32.50 27.63 45.01
C VAL E 150 -32.06 26.25 44.51
N ALA E 151 -32.12 25.25 45.38
CA ALA E 151 -31.64 23.93 45.05
C ALA E 151 -32.61 23.23 44.10
N ASN E 152 -32.27 21.98 43.76
CA ASN E 152 -33.06 21.22 42.80
C ASN E 152 -34.45 20.92 43.37
N GLY E 153 -35.48 21.17 42.57
CA GLY E 153 -36.83 20.79 42.92
C GLY E 153 -37.62 21.82 43.72
N GLN E 154 -37.08 23.00 43.96
CA GLN E 154 -37.80 24.02 44.73
C GLN E 154 -38.72 24.83 43.82
N VAL E 155 -39.92 25.11 44.32
CA VAL E 155 -40.92 25.81 43.52
C VAL E 155 -40.46 27.25 43.30
N VAL E 156 -40.27 27.62 42.03
CA VAL E 156 -39.85 28.97 41.70
C VAL E 156 -41.05 29.91 41.59
N ALA E 157 -42.09 29.47 40.87
CA ALA E 157 -43.26 30.31 40.65
C ALA E 157 -44.50 29.43 40.55
N GLU E 158 -45.66 30.06 40.80
CA GLU E 158 -46.94 29.38 40.74
C GLU E 158 -47.93 30.22 39.94
N LEU E 159 -48.73 29.56 39.10
CA LEU E 159 -49.75 30.25 38.33
C LEU E 159 -51.01 30.41 39.16
N ILE E 160 -51.60 31.61 39.12
CA ILE E 160 -52.89 31.89 39.72
C ILE E 160 -53.95 31.72 38.64
N ASP E 161 -54.73 30.66 38.74
CA ASP E 161 -55.73 30.31 37.72
C ASP E 161 -57.12 30.61 38.26
N ASP E 162 -57.88 31.43 37.54
CA ASP E 162 -59.31 31.54 37.81
C ASP E 162 -60.08 30.36 37.27
N ARG E 163 -59.47 29.59 36.36
CA ARG E 163 -60.01 28.29 36.00
C ARG E 163 -59.87 27.33 37.17
N TYR E 164 -60.65 26.24 37.12
CA TYR E 164 -60.72 25.26 38.20
C TYR E 164 -61.20 25.91 39.50
N HIS E 165 -61.97 26.99 39.39
CA HIS E 165 -62.49 27.73 40.55
C HIS E 165 -64.01 27.73 40.47
N THR E 166 -64.63 26.82 41.21
CA THR E 166 -66.08 26.73 41.28
C THR E 166 -66.60 27.66 42.38
N THR E 167 -67.87 27.49 42.75
CA THR E 167 -68.45 28.28 43.84
C THR E 167 -68.21 27.65 45.20
N THR E 168 -68.62 26.39 45.39
CA THR E 168 -68.51 25.71 46.67
C THR E 168 -67.89 24.34 46.49
N GLY E 169 -67.81 23.59 47.61
CA GLY E 169 -67.12 22.32 47.63
C GLY E 169 -67.99 21.15 47.20
N GLY E 170 -67.41 19.96 47.32
CA GLY E 170 -68.08 18.76 46.84
C GLY E 170 -67.13 17.58 46.73
N ILE E 171 -67.54 16.62 45.91
CA ILE E 171 -66.82 15.36 45.72
C ILE E 171 -66.15 15.38 44.35
N LEU E 172 -64.91 14.89 44.31
CA LEU E 172 -64.09 14.91 43.11
C LEU E 172 -63.88 13.49 42.59
N LYS E 173 -63.77 13.37 41.26
CA LYS E 173 -63.56 12.09 40.60
C LYS E 173 -62.67 12.31 39.38
N TYR E 174 -61.94 11.26 39.00
CA TYR E 174 -61.03 11.31 37.87
C TYR E 174 -61.67 10.75 36.62
N ALA E 175 -61.02 11.00 35.47
CA ALA E 175 -61.36 10.33 34.23
C ALA E 175 -60.10 10.30 33.38
N ASP E 176 -59.44 9.13 33.35
CA ASP E 176 -58.22 8.85 32.59
C ASP E 176 -57.00 9.59 33.11
N ILE E 177 -57.11 10.33 34.21
CA ILE E 177 -56.00 11.11 34.75
C ILE E 177 -55.18 10.19 35.63
N GLU E 178 -54.12 9.61 35.07
CA GLU E 178 -53.16 8.86 35.87
C GLU E 178 -52.32 9.85 36.67
N VAL E 179 -52.51 9.85 37.99
CA VAL E 179 -51.80 10.76 38.87
C VAL E 179 -50.68 10.00 39.58
N ALA E 180 -49.51 10.61 39.65
CA ALA E 180 -48.39 10.00 40.34
C ALA E 180 -48.62 10.02 41.84
N LYS E 181 -49.17 8.92 42.38
CA LYS E 181 -49.51 8.84 43.79
C LYS E 181 -48.24 8.60 44.62
N LYS E 182 -47.38 9.60 44.61
CA LYS E 182 -46.15 9.57 45.38
C LYS E 182 -46.37 10.26 46.72
N GLY E 183 -45.28 10.49 47.46
CA GLY E 183 -45.41 11.00 48.81
C GLY E 183 -45.99 12.40 48.88
N LYS E 184 -46.56 12.72 50.04
CA LYS E 184 -47.13 14.03 50.32
C LYS E 184 -46.10 15.02 50.81
N ALA E 185 -44.81 14.81 50.49
CA ALA E 185 -43.77 15.70 50.96
C ALA E 185 -43.96 17.13 50.47
N LYS E 186 -44.52 17.31 49.26
CA LYS E 186 -44.71 18.63 48.67
C LYS E 186 -46.15 18.78 48.19
N GLN E 187 -47.03 19.13 49.11
CA GLN E 187 -48.36 19.71 48.84
C GLN E 187 -49.13 18.94 47.76
N GLY E 188 -49.47 17.69 48.08
CA GLY E 188 -50.44 16.96 47.28
C GLY E 188 -49.90 15.94 46.31
N TYR E 189 -50.59 15.77 45.18
CA TYR E 189 -50.28 14.74 44.20
C TYR E 189 -49.84 15.39 42.89
N GLU E 190 -49.20 14.59 42.05
CA GLU E 190 -48.62 15.05 40.80
C GLU E 190 -49.38 14.47 39.61
N VAL E 191 -49.14 15.04 38.44
CA VAL E 191 -49.80 14.65 37.20
C VAL E 191 -48.74 14.19 36.20
N LEU E 192 -48.87 12.95 35.73
CA LEU E 192 -48.08 12.44 34.62
C LEU E 192 -48.89 12.11 33.37
N LYS E 193 -50.19 11.85 33.51
CA LYS E 193 -51.08 11.70 32.37
C LYS E 193 -52.32 12.54 32.59
N GLY E 194 -52.84 13.12 31.52
CA GLY E 194 -53.99 14.01 31.60
C GLY E 194 -55.31 13.28 31.46
N GLY E 195 -56.35 14.06 31.27
CA GLY E 195 -57.70 13.55 31.17
C GLY E 195 -58.69 14.63 31.61
N THR E 196 -59.84 14.18 32.12
CA THR E 196 -60.91 15.07 32.54
C THR E 196 -61.25 14.83 34.00
N LEU E 197 -61.36 15.91 34.76
CA LEU E 197 -61.66 15.86 36.18
C LEU E 197 -63.13 16.22 36.36
N LEU E 198 -63.89 15.31 36.98
CA LEU E 198 -65.34 15.39 37.10
C LEU E 198 -65.69 15.74 38.54
N TRP E 199 -66.59 16.69 38.74
CA TRP E 199 -66.80 17.22 40.09
C TRP E 199 -68.30 17.37 40.38
N ILE E 200 -68.74 16.81 41.50
CA ILE E 200 -70.13 16.84 41.93
C ILE E 200 -70.22 17.78 43.13
N PRO E 201 -70.97 18.89 43.04
CA PRO E 201 -70.99 19.85 44.16
C PRO E 201 -71.81 19.34 45.34
N GLU E 202 -71.24 19.45 46.53
CA GLU E 202 -71.99 19.27 47.78
C GLU E 202 -71.34 20.14 48.85
N GLU E 203 -72.12 21.05 49.42
CA GLU E 203 -71.64 21.85 50.53
C GLU E 203 -71.70 21.05 51.82
N THR E 204 -70.87 21.43 52.78
CA THR E 204 -70.81 20.72 54.06
C THR E 204 -70.50 21.72 55.17
N HIS E 205 -71.37 21.78 56.17
CA HIS E 205 -71.15 22.59 57.37
C HIS E 205 -70.81 21.68 58.53
N GLU E 206 -69.73 21.98 59.24
CA GLU E 206 -69.39 21.31 60.48
C GLU E 206 -70.00 22.10 61.63
N VAL E 207 -71.07 21.58 62.22
CA VAL E 207 -71.79 22.27 63.27
C VAL E 207 -71.83 21.37 64.51
N ASN E 208 -72.20 21.96 65.64
CA ASN E 208 -72.33 21.20 66.87
C ASN E 208 -73.57 21.58 67.66
N LYS E 209 -74.51 22.29 67.03
CA LYS E 209 -75.78 22.58 67.67
C LYS E 209 -76.62 21.31 67.78
N ASP E 210 -77.45 21.25 68.81
CA ASP E 210 -78.34 20.11 68.95
C ASP E 210 -79.36 20.08 67.80
N ILE E 211 -79.90 18.88 67.55
CA ILE E 211 -80.82 18.70 66.43
C ILE E 211 -82.07 19.55 66.56
N SER E 212 -82.39 20.01 67.77
CA SER E 212 -83.55 20.87 67.97
C SER E 212 -83.37 22.24 67.33
N LEU E 213 -82.13 22.67 67.09
CA LEU E 213 -81.87 23.94 66.41
C LEU E 213 -81.59 23.67 64.92
N LEU E 214 -82.67 23.33 64.23
CA LEU E 214 -82.71 23.20 62.78
C LEU E 214 -83.93 23.94 62.22
N MET E 215 -83.70 24.72 61.17
CA MET E 215 -84.76 25.39 60.46
C MET E 215 -85.16 24.65 59.18
N VAL E 216 -84.57 23.47 58.94
CA VAL E 216 -84.86 22.68 57.75
C VAL E 216 -84.80 21.20 58.13
N GLU E 217 -85.49 20.38 57.36
CA GLU E 217 -85.54 18.94 57.58
C GLU E 217 -84.83 18.21 56.45
N ASP E 218 -84.70 16.89 56.63
CA ASP E 218 -83.93 16.08 55.70
C ASP E 218 -84.60 16.01 54.34
N ASN E 219 -83.79 16.12 53.28
CA ASN E 219 -84.21 16.05 51.88
C ASN E 219 -85.22 17.13 51.51
N GLN E 220 -85.44 18.11 52.37
CA GLN E 220 -86.33 19.24 52.06
C GLN E 220 -85.49 20.31 51.36
N TYR E 221 -85.87 20.63 50.13
CA TYR E 221 -85.11 21.59 49.34
C TYR E 221 -85.09 22.95 50.02
N VAL E 222 -83.91 23.54 50.12
CA VAL E 222 -83.72 24.87 50.69
C VAL E 222 -83.23 25.79 49.58
N GLU E 223 -83.69 27.05 49.62
CA GLU E 223 -83.34 28.00 48.58
C GLU E 223 -82.02 28.69 48.96
N ALA E 224 -81.50 29.48 48.02
CA ALA E 224 -80.17 30.09 48.17
C ALA E 224 -80.14 31.22 49.19
N GLY E 225 -81.29 31.66 49.71
CA GLY E 225 -81.31 32.82 50.58
C GLY E 225 -81.43 32.51 52.06
N THR E 226 -82.12 31.43 52.41
CA THR E 226 -82.42 31.13 53.81
C THR E 226 -81.16 30.59 54.51
N GLU E 227 -81.29 30.38 55.82
CA GLU E 227 -80.26 29.77 56.64
C GLU E 227 -80.78 28.44 57.15
N VAL E 228 -80.04 27.36 56.85
CA VAL E 228 -80.47 26.03 57.29
C VAL E 228 -80.48 25.95 58.81
N VAL E 229 -79.45 26.52 59.45
CA VAL E 229 -79.41 26.69 60.90
C VAL E 229 -79.28 28.18 61.17
N LYS E 230 -79.80 28.61 62.32
CA LYS E 230 -79.77 30.05 62.62
C LYS E 230 -78.32 30.51 62.77
N ASP E 231 -77.49 29.74 63.47
CA ASP E 231 -76.11 30.15 63.70
C ASP E 231 -75.18 29.84 62.52
N ILE E 232 -75.63 29.02 61.57
CA ILE E 232 -74.80 28.64 60.43
C ILE E 232 -75.56 29.01 59.16
N PHE E 233 -75.02 29.97 58.40
CA PHE E 233 -75.69 30.44 57.20
C PHE E 233 -75.38 29.54 56.01
N CYS E 234 -76.34 29.46 55.10
CA CYS E 234 -76.27 28.61 53.92
C CYS E 234 -76.18 29.47 52.66
N GLN E 235 -75.36 29.03 51.71
CA GLN E 235 -75.17 29.75 50.46
C GLN E 235 -75.48 28.92 49.22
N ASN E 236 -75.99 27.70 49.38
CA ASN E 236 -76.28 26.81 48.26
C ASN E 236 -77.73 26.39 48.29
N SER E 237 -78.39 26.44 47.13
CA SER E 237 -79.77 26.00 46.99
C SER E 237 -79.77 24.54 46.61
N GLY E 238 -80.06 23.67 47.57
CA GLY E 238 -80.04 22.24 47.30
C GLY E 238 -80.64 21.46 48.45
N VAL E 239 -80.53 20.14 48.34
CA VAL E 239 -81.08 19.23 49.35
C VAL E 239 -80.16 19.20 50.55
N VAL E 240 -80.72 19.40 51.74
CA VAL E 240 -79.95 19.41 52.97
C VAL E 240 -79.86 17.98 53.48
N GLU E 241 -78.65 17.42 53.44
CA GLU E 241 -78.40 16.09 54.00
C GLU E 241 -77.93 16.25 55.44
N VAL E 242 -78.79 15.88 56.39
CA VAL E 242 -78.50 16.04 57.81
C VAL E 242 -78.17 14.68 58.37
N ILE E 243 -77.00 14.56 59.00
CA ILE E 243 -76.54 13.32 59.61
C ILE E 243 -76.39 13.57 61.11
N GLN E 244 -77.18 12.85 61.91
CA GLN E 244 -77.21 13.03 63.35
C GLN E 244 -76.91 11.69 64.03
N LYS E 245 -75.93 11.68 64.93
CA LYS E 245 -75.72 10.50 65.77
C LYS E 245 -75.40 10.81 67.23
N ASN E 246 -75.01 12.04 67.58
CA ASN E 246 -74.65 12.39 68.95
C ASN E 246 -75.70 13.28 69.60
N ASP E 247 -76.97 13.09 69.24
CA ASP E 247 -78.07 13.96 69.60
C ASP E 247 -77.85 15.39 69.12
N ILE E 248 -76.86 15.60 68.26
CA ILE E 248 -76.56 16.88 67.67
C ILE E 248 -76.40 16.68 66.16
N LEU E 249 -76.17 17.78 65.47
CA LEU E 249 -75.93 17.77 64.04
C LEU E 249 -74.44 17.60 63.80
N ARG E 250 -74.05 16.46 63.23
CA ARG E 250 -72.65 16.30 62.85
C ARG E 250 -72.31 17.21 61.67
N GLU E 251 -73.01 17.04 60.56
CA GLU E 251 -72.81 17.88 59.40
C GLU E 251 -74.15 18.02 58.68
N ILE E 252 -74.33 19.15 58.01
CA ILE E 252 -75.46 19.39 57.13
C ILE E 252 -74.91 19.56 55.72
N ILE E 253 -75.22 18.61 54.86
CA ILE E 253 -74.67 18.56 53.50
C ILE E 253 -75.73 19.08 52.54
N ILE E 254 -75.43 20.20 51.88
CA ILE E 254 -76.37 20.85 50.97
C ILE E 254 -75.92 20.53 49.55
N LYS E 255 -76.70 19.71 48.87
CA LYS E 255 -76.32 19.17 47.57
C LYS E 255 -77.20 19.74 46.47
N PRO E 256 -76.68 20.60 45.59
CA PRO E 256 -77.51 21.16 44.54
C PRO E 256 -77.90 20.12 43.49
N GLY E 257 -78.99 20.41 42.79
CA GLY E 257 -79.45 19.54 41.73
C GLY E 257 -80.86 19.87 41.33
N GLU E 258 -81.42 19.02 40.46
CA GLU E 258 -82.78 19.16 39.98
C GLU E 258 -83.62 18.02 40.54
N LEU E 259 -84.74 18.36 41.17
CA LEU E 259 -85.54 17.40 41.91
C LEU E 259 -86.75 16.97 41.09
N HIS E 260 -86.93 15.66 40.94
CA HIS E 260 -88.06 15.09 40.23
C HIS E 260 -88.76 14.07 41.13
N LEU E 261 -90.05 13.86 40.88
CA LEU E 261 -90.82 12.88 41.64
C LEU E 261 -90.86 11.56 40.88
N VAL E 262 -90.53 10.47 41.59
CA VAL E 262 -90.46 9.14 41.01
C VAL E 262 -91.78 8.41 41.23
N ASP E 263 -92.22 7.66 40.22
CA ASP E 263 -93.43 6.88 40.32
C ASP E 263 -93.20 5.49 40.91
N ASP E 264 -92.07 4.86 40.59
CA ASP E 264 -91.79 3.49 41.01
C ASP E 264 -90.46 3.42 41.75
N PRO E 265 -90.45 3.14 43.05
CA PRO E 265 -89.20 2.99 43.79
C PRO E 265 -88.61 1.60 43.57
N GLU E 266 -87.41 1.41 44.13
CA GLU E 266 -86.67 0.15 44.12
C GLU E 266 -86.15 -0.17 42.72
N ALA E 267 -86.54 0.64 41.73
CA ALA E 267 -85.96 0.62 40.40
C ALA E 267 -85.24 1.92 40.06
N ALA E 268 -85.75 3.04 40.55
CA ALA E 268 -85.00 4.29 40.52
C ALA E 268 -83.84 4.25 41.51
N ARG E 269 -84.09 3.72 42.70
CA ARG E 269 -83.09 3.71 43.76
C ARG E 269 -81.90 2.83 43.41
N LEU E 270 -82.11 1.77 42.62
CA LEU E 270 -81.00 0.91 42.23
C LEU E 270 -80.10 1.59 41.21
N LYS E 271 -80.64 2.52 40.41
CA LYS E 271 -79.85 3.28 39.46
C LYS E 271 -79.10 4.44 40.11
N HIS E 272 -79.21 4.59 41.44
CA HIS E 272 -78.49 5.65 42.14
C HIS E 272 -76.98 5.45 42.07
N GLY E 273 -76.51 4.24 41.81
CA GLY E 273 -75.08 4.02 41.68
C GLY E 273 -74.53 4.51 40.36
N THR E 274 -73.22 4.72 40.34
CA THR E 274 -72.47 5.15 39.16
C THR E 274 -73.04 6.49 38.67
N LEU E 275 -72.82 6.84 37.41
CA LEU E 275 -73.23 8.12 36.86
C LEU E 275 -74.17 7.91 35.68
N ALA E 276 -74.92 8.97 35.38
CA ALA E 276 -75.84 8.97 34.25
C ALA E 276 -75.17 9.59 33.03
N ARG E 277 -75.23 8.89 31.90
CA ARG E 277 -74.60 9.38 30.69
C ARG E 277 -75.31 10.65 30.21
N PRO E 278 -74.58 11.55 29.55
CA PRO E 278 -75.22 12.76 29.00
C PRO E 278 -76.23 12.39 27.93
N GLY E 279 -77.47 12.80 28.13
CA GLY E 279 -78.55 12.38 27.25
C GLY E 279 -78.83 10.90 27.40
N GLU E 280 -79.37 10.51 28.56
CA GLU E 280 -79.70 9.13 28.85
C GLU E 280 -80.97 9.09 29.68
N GLU E 281 -81.78 8.06 29.46
CA GLU E 281 -83.04 7.89 30.19
C GLU E 281 -82.82 6.86 31.28
N VAL E 282 -82.22 7.31 32.40
CA VAL E 282 -82.02 6.44 33.55
C VAL E 282 -83.36 6.09 34.17
N LEU E 283 -84.17 7.10 34.46
CA LEU E 283 -85.55 6.92 34.91
C LEU E 283 -86.48 7.28 33.76
N PRO E 284 -87.36 6.38 33.34
CA PRO E 284 -88.20 6.66 32.17
C PRO E 284 -89.00 7.94 32.35
N GLY E 285 -88.98 8.77 31.32
CA GLY E 285 -89.60 10.09 31.36
C GLY E 285 -88.65 11.23 31.63
N LEU E 286 -87.43 10.94 32.10
CA LEU E 286 -86.44 11.97 32.40
C LEU E 286 -85.22 11.76 31.50
N VAL E 287 -84.82 12.83 30.81
CA VAL E 287 -83.63 12.83 29.97
C VAL E 287 -82.74 13.99 30.40
N VAL E 288 -81.52 13.66 30.85
CA VAL E 288 -80.58 14.67 31.31
C VAL E 288 -79.65 15.01 30.14
N ASP E 289 -79.90 16.17 29.51
CA ASP E 289 -79.02 16.63 28.43
C ASP E 289 -77.64 16.96 28.97
N THR E 290 -77.54 17.42 30.21
CA THR E 290 -76.26 17.65 30.87
C THR E 290 -75.84 16.41 31.65
N LEU E 291 -74.53 16.27 31.84
CA LEU E 291 -74.01 15.11 32.54
C LEU E 291 -74.30 15.24 34.02
N SER E 292 -74.82 14.18 34.63
CA SER E 292 -75.26 14.24 36.02
C SER E 292 -74.90 12.95 36.74
N GLN E 293 -74.84 13.03 38.06
CA GLN E 293 -74.68 11.87 38.93
C GLN E 293 -76.00 11.65 39.66
N VAL E 294 -76.57 10.47 39.49
CA VAL E 294 -77.92 10.21 39.97
C VAL E 294 -77.87 9.96 41.48
N ASP E 295 -78.66 10.72 42.23
CA ASP E 295 -78.81 10.54 43.66
C ASP E 295 -80.28 10.27 43.96
N TYR E 296 -80.55 9.35 44.88
CA TYR E 296 -81.92 8.97 45.22
C TYR E 296 -82.28 9.50 46.59
N LEU E 297 -83.39 10.23 46.67
CA LEU E 297 -83.86 10.83 47.92
C LEU E 297 -85.12 10.08 48.35
N GLU E 298 -85.10 9.54 49.55
CA GLU E 298 -86.23 8.79 50.09
C GLU E 298 -86.73 9.47 51.36
N ASP E 299 -88.01 9.25 51.67
CA ASP E 299 -88.66 9.84 52.85
C ASP E 299 -88.70 11.36 52.76
N THR E 300 -88.67 11.90 51.55
CA THR E 300 -88.78 13.33 51.34
C THR E 300 -90.20 13.80 51.63
N PRO E 301 -90.41 15.12 51.84
CA PRO E 301 -91.75 15.63 52.17
C PRO E 301 -92.88 15.08 51.29
N GLU E 302 -92.78 15.24 49.98
CA GLU E 302 -93.84 14.83 49.06
C GLU E 302 -93.32 13.74 48.13
N GLY E 303 -93.40 12.49 48.60
CA GLY E 303 -93.08 11.35 47.77
C GLY E 303 -91.60 11.14 47.56
N PRO E 304 -91.23 10.02 46.93
CA PRO E 304 -89.81 9.78 46.61
C PRO E 304 -89.30 10.79 45.58
N ALA E 305 -88.00 11.04 45.63
CA ALA E 305 -87.40 12.05 44.78
C ALA E 305 -86.11 11.53 44.18
N ILE E 306 -85.71 12.13 43.05
CA ILE E 306 -84.43 11.86 42.42
C ILE E 306 -83.72 13.19 42.21
N LEU E 307 -82.53 13.32 42.80
CA LEU E 307 -81.72 14.52 42.69
C LEU E 307 -80.65 14.30 41.63
N MSE E 308 -80.68 15.13 40.60
CA MSE E 308 -79.70 15.04 39.51
C MSE E 308 -78.59 16.07 39.72
O MSE E 308 -78.57 17.10 39.04
CB MSE E 308 -80.39 15.27 38.15
CG MSE E 308 -81.45 14.24 37.81
SE MSE E 308 -80.72 12.60 37.07
CE MSE E 308 -82.26 12.02 36.02
N ARG E 309 -77.69 15.79 40.63
CA ARG E 309 -76.56 16.69 40.86
C ARG E 309 -75.61 16.61 39.68
N PRO E 310 -75.39 17.70 38.95
CA PRO E 310 -74.55 17.65 37.76
C PRO E 310 -73.07 17.56 38.11
N VAL E 311 -72.29 17.07 37.14
CA VAL E 311 -70.85 16.96 37.25
C VAL E 311 -70.22 17.97 36.30
N GLN E 312 -69.31 18.78 36.82
CA GLN E 312 -68.60 19.75 36.01
C GLN E 312 -67.19 19.21 35.71
N GLU E 313 -66.71 19.50 34.51
CA GLU E 313 -65.48 18.89 34.02
C GLU E 313 -64.42 19.95 33.76
N PHE E 314 -63.19 19.64 34.15
CA PHE E 314 -62.02 20.44 33.80
C PHE E 314 -61.00 19.55 33.11
N SER E 315 -60.44 20.03 32.00
CA SER E 315 -59.44 19.28 31.26
C SER E 315 -58.09 19.49 31.91
N VAL E 316 -57.54 18.43 32.52
CA VAL E 316 -56.19 18.49 33.07
C VAL E 316 -55.26 17.84 32.06
N PRO E 317 -54.53 18.61 31.27
CA PRO E 317 -53.71 18.02 30.21
C PRO E 317 -52.58 17.20 30.79
N ASP E 318 -51.91 16.46 29.90
CA ASP E 318 -50.78 15.64 30.31
C ASP E 318 -49.70 16.49 30.96
N GLU E 319 -49.27 17.54 30.27
CA GLU E 319 -48.34 18.54 30.78
C GLU E 319 -48.72 19.90 30.22
N PRO E 320 -48.55 20.96 30.98
CA PRO E 320 -48.87 22.31 30.50
C PRO E 320 -47.76 22.85 29.60
N SER E 321 -47.95 24.10 29.16
CA SER E 321 -47.01 24.76 28.26
C SER E 321 -46.12 25.70 29.06
N VAL E 322 -44.81 25.48 28.98
CA VAL E 322 -43.83 26.21 29.77
C VAL E 322 -43.54 27.54 29.09
N PRO E 323 -43.20 28.60 29.83
CA PRO E 323 -42.80 29.86 29.19
C PRO E 323 -41.49 29.72 28.43
N SER E 324 -41.25 30.68 27.55
CA SER E 324 -40.08 30.65 26.68
C SER E 324 -38.79 30.64 27.50
N GLN E 325 -37.84 29.81 27.08
CA GLN E 325 -36.58 29.65 27.79
C GLN E 325 -35.41 29.72 26.83
N ASP E 326 -34.34 30.39 27.27
CA ASP E 326 -33.08 30.45 26.56
C ASP E 326 -31.97 30.02 27.52
N SER E 327 -31.09 29.14 27.05
CA SER E 327 -30.09 28.57 27.95
C SER E 327 -28.85 28.14 27.17
N SER E 328 -27.73 28.12 27.87
CA SER E 328 -26.49 27.50 27.40
C SER E 328 -26.04 26.50 28.47
N ASP E 329 -25.82 25.26 28.07
CA ASP E 329 -25.56 24.18 29.00
C ASP E 329 -24.06 23.96 29.16
N GLY E 330 -23.69 23.00 30.01
CA GLY E 330 -22.31 22.85 30.39
C GLY E 330 -21.74 21.45 30.33
N SER E 331 -22.14 20.66 29.32
CA SER E 331 -21.59 19.33 29.09
C SER E 331 -21.74 18.45 30.33
N GLY E 332 -23.01 18.16 30.63
CA GLY E 332 -23.35 17.47 31.85
C GLY E 332 -23.87 18.38 32.94
N GLN E 333 -24.28 19.60 32.61
CA GLN E 333 -24.79 20.55 33.58
C GLN E 333 -25.71 21.53 32.86
N SER E 334 -26.91 21.73 33.41
CA SER E 334 -27.91 22.60 32.82
C SER E 334 -28.89 23.01 33.91
N ILE E 335 -29.66 24.05 33.61
CA ILE E 335 -30.80 24.45 34.43
C ILE E 335 -32.00 24.51 33.51
N ARG E 336 -33.18 24.19 34.03
CA ARG E 336 -34.40 24.35 33.24
C ARG E 336 -35.60 24.44 34.18
N LEU E 337 -36.50 25.38 33.88
CA LEU E 337 -37.73 25.57 34.66
C LEU E 337 -38.82 24.71 34.04
N ARG E 338 -39.03 23.53 34.61
CA ARG E 338 -40.00 22.57 34.12
C ARG E 338 -41.33 22.75 34.87
N ALA E 339 -42.42 22.86 34.11
CA ALA E 339 -43.73 23.13 34.67
C ALA E 339 -44.45 21.83 35.00
N VAL E 340 -45.04 21.77 36.19
CA VAL E 340 -45.75 20.59 36.66
C VAL E 340 -47.18 20.97 37.03
N GLN E 341 -48.02 19.95 37.14
CA GLN E 341 -49.42 20.12 37.53
C GLN E 341 -49.66 19.33 38.81
N ARG E 342 -50.25 20.00 39.81
CA ARG E 342 -50.50 19.41 41.12
C ARG E 342 -52.00 19.32 41.37
N LEU E 343 -52.46 18.11 41.68
CA LEU E 343 -53.86 17.87 42.04
C LEU E 343 -53.96 17.59 43.53
N PRO E 344 -54.65 18.43 44.31
CA PRO E 344 -54.63 18.26 45.77
C PRO E 344 -55.53 17.15 46.30
N TYR E 345 -56.66 16.89 45.63
CA TYR E 345 -57.68 15.99 46.16
C TYR E 345 -57.72 14.69 45.38
N LYS E 346 -58.08 13.62 46.09
CA LYS E 346 -57.93 12.26 45.59
C LYS E 346 -59.09 11.87 44.68
N HIS E 347 -59.16 10.58 44.31
CA HIS E 347 -60.06 10.14 43.25
C HIS E 347 -61.52 10.09 43.70
N ASP E 348 -61.79 9.73 44.96
CA ASP E 348 -63.17 9.68 45.42
C ASP E 348 -63.33 10.25 46.81
N GLU E 349 -62.48 11.21 47.19
CA GLU E 349 -62.57 11.84 48.49
C GLU E 349 -63.60 12.95 48.48
N ARG E 350 -64.46 12.99 49.51
CA ARG E 350 -65.41 14.08 49.65
C ARG E 350 -64.72 15.26 50.34
N VAL E 351 -64.60 16.36 49.62
CA VAL E 351 -63.94 17.55 50.15
C VAL E 351 -64.94 18.35 50.96
N LYS E 352 -64.72 18.46 52.26
CA LYS E 352 -65.63 19.15 53.16
C LYS E 352 -65.17 20.59 53.31
N SER E 353 -65.59 21.43 52.38
CA SER E 353 -65.28 22.85 52.39
C SER E 353 -66.53 23.65 52.06
N VAL E 354 -66.47 24.95 52.38
CA VAL E 354 -67.59 25.84 52.15
C VAL E 354 -67.28 26.89 51.08
N ASP E 355 -66.06 27.43 51.10
CA ASP E 355 -65.68 28.50 50.18
C ASP E 355 -65.13 27.90 48.90
N GLY E 356 -64.62 28.77 48.01
CA GLY E 356 -64.11 28.32 46.73
C GLY E 356 -62.72 27.74 46.84
N VAL E 357 -62.51 26.56 46.26
CA VAL E 357 -61.27 25.82 46.37
C VAL E 357 -60.70 25.58 44.98
N ASP E 358 -59.39 25.74 44.85
CA ASP E 358 -58.68 25.30 43.65
C ASP E 358 -58.42 23.81 43.74
N LEU E 359 -58.87 23.07 42.73
CA LEU E 359 -58.54 21.65 42.61
C LEU E 359 -57.47 21.38 41.57
N LEU E 360 -56.88 22.43 40.99
CA LEU E 360 -55.75 22.29 40.09
C LEU E 360 -54.99 23.61 40.08
N ARG E 361 -53.73 23.58 40.49
CA ARG E 361 -52.88 24.77 40.47
C ARG E 361 -51.60 24.42 39.72
N THR E 362 -51.28 25.24 38.71
CA THR E 362 -50.14 24.98 37.85
C THR E 362 -48.93 25.77 38.31
N GLN E 363 -47.77 25.12 38.32
CA GLN E 363 -46.52 25.71 38.78
C GLN E 363 -45.45 25.54 37.70
N LEU E 364 -44.26 26.06 38.00
CA LEU E 364 -43.06 25.80 37.20
C LEU E 364 -41.88 25.72 38.17
N VAL E 365 -41.43 24.49 38.41
CA VAL E 365 -40.36 24.18 39.36
C VAL E 365 -39.05 24.05 38.60
N LEU E 366 -37.95 24.49 39.21
CA LEU E 366 -36.69 24.36 38.50
C LEU E 366 -36.09 22.99 38.74
N GLU E 367 -35.42 22.47 37.72
CA GLU E 367 -34.60 21.27 37.86
C GLU E 367 -33.22 21.58 37.30
N ILE E 368 -32.20 21.12 38.04
CA ILE E 368 -30.81 21.35 37.69
C ILE E 368 -30.18 20.01 37.41
N GLY E 369 -29.52 19.90 36.24
CA GLY E 369 -28.73 18.75 35.91
C GLY E 369 -27.27 19.08 36.13
N SER E 370 -26.56 18.16 36.77
CA SER E 370 -25.16 18.33 37.09
C SER E 370 -24.67 17.01 37.63
N GLU E 371 -23.40 16.98 38.01
CA GLU E 371 -22.86 15.90 38.81
C GLU E 371 -22.03 16.48 39.94
N ALA E 372 -22.50 17.60 40.47
CA ALA E 372 -22.01 18.15 41.72
C ALA E 372 -23.05 17.84 42.79
N PRO E 373 -22.87 16.77 43.58
CA PRO E 373 -23.78 16.53 44.70
C PRO E 373 -23.64 17.61 45.76
N GLN E 374 -24.31 17.43 46.90
CA GLN E 374 -24.47 18.47 47.92
C GLN E 374 -25.41 19.58 47.42
N LEU E 375 -26.40 19.18 46.62
CA LEU E 375 -27.45 20.08 46.14
C LEU E 375 -26.86 21.30 45.43
N ALA E 376 -26.20 21.02 44.30
CA ALA E 376 -25.74 22.08 43.41
C ALA E 376 -26.84 23.10 43.20
N ALA E 377 -26.60 24.30 43.71
CA ALA E 377 -27.64 25.32 43.87
C ALA E 377 -27.54 26.38 42.79
N ASP E 378 -28.59 27.20 42.73
CA ASP E 378 -28.73 28.25 41.74
C ASP E 378 -28.78 29.61 42.40
N ILE E 379 -28.29 30.62 41.69
CA ILE E 379 -28.41 32.02 42.09
C ILE E 379 -29.43 32.67 41.17
N GLU E 380 -30.50 33.21 41.75
CA GLU E 380 -31.57 33.83 40.99
C GLU E 380 -31.43 35.34 41.04
N ILE E 381 -31.55 35.98 39.89
CA ILE E 381 -31.44 37.43 39.78
C ILE E 381 -32.41 37.93 38.72
N VAL E 382 -33.08 39.05 39.02
CA VAL E 382 -33.97 39.71 38.07
C VAL E 382 -33.14 40.79 37.38
N THR E 383 -32.76 40.54 36.14
CA THR E 383 -31.82 41.39 35.43
C THR E 383 -32.48 42.02 34.22
N ASP E 384 -31.69 42.84 33.51
CA ASP E 384 -32.20 43.64 32.40
C ASP E 384 -32.34 42.79 31.14
N GLU E 385 -32.58 43.44 30.01
CA GLU E 385 -32.74 42.78 28.73
C GLU E 385 -31.78 43.39 27.72
N VAL E 386 -31.76 42.80 26.53
CA VAL E 386 -30.91 43.31 25.45
C VAL E 386 -31.58 44.48 24.75
N ASP E 387 -32.72 44.24 24.11
CA ASP E 387 -33.41 45.29 23.36
C ASP E 387 -34.20 46.24 24.27
N PRO E 388 -35.18 45.78 25.03
CA PRO E 388 -36.04 46.71 25.77
C PRO E 388 -35.56 46.94 27.19
N GLU E 389 -36.22 47.90 27.84
CA GLU E 389 -35.96 48.24 29.25
C GLU E 389 -36.92 47.51 30.19
N ALA E 390 -37.01 46.19 30.05
CA ALA E 390 -37.85 45.37 30.91
C ALA E 390 -36.97 44.48 31.80
N GLN E 391 -37.61 43.87 32.78
CA GLN E 391 -36.93 42.99 33.73
C GLN E 391 -37.29 41.54 33.45
N ARG E 392 -36.27 40.67 33.46
CA ARG E 392 -36.45 39.26 33.18
C ARG E 392 -35.73 38.42 34.23
N LEU E 393 -36.32 37.27 34.54
CA LEU E 393 -35.74 36.33 35.48
C LEU E 393 -34.51 35.66 34.90
N GLN E 394 -33.55 35.34 35.76
CA GLN E 394 -32.36 34.61 35.34
C GLN E 394 -31.86 33.75 36.47
N LEU E 395 -31.40 32.55 36.13
CA LEU E 395 -30.83 31.60 37.09
C LEU E 395 -29.44 31.22 36.61
N VAL E 396 -28.45 31.34 37.49
CA VAL E 396 -27.06 31.13 37.13
C VAL E 396 -26.41 30.20 38.15
N ILE E 397 -25.22 29.71 37.80
CA ILE E 397 -24.41 28.88 38.68
C ILE E 397 -23.10 29.61 38.94
N LEU E 398 -22.86 29.96 40.20
CA LEU E 398 -21.61 30.58 40.60
C LEU E 398 -20.60 29.51 41.01
N GLU E 399 -19.32 29.78 40.74
CA GLU E 399 -18.28 28.80 40.98
C GLU E 399 -17.15 29.32 41.86
N SER E 400 -16.78 30.61 41.72
CA SER E 400 -15.83 31.28 42.61
C SER E 400 -14.46 30.60 42.60
N LEU E 401 -13.82 30.65 41.44
CA LEU E 401 -12.41 30.31 41.37
C LEU E 401 -11.61 31.36 42.12
N ILE E 402 -10.53 30.94 42.78
CA ILE E 402 -9.71 31.84 43.59
C ILE E 402 -8.33 31.96 42.96
N ILE E 403 -7.91 33.21 42.74
CA ILE E 403 -6.57 33.51 42.24
C ILE E 403 -5.83 34.22 43.37
N ARG E 404 -4.74 33.61 43.85
CA ARG E 404 -3.97 34.20 44.92
C ARG E 404 -3.20 35.42 44.42
N ARG E 405 -2.95 36.36 45.34
CA ARG E 405 -2.42 37.66 44.96
C ARG E 405 -1.04 37.54 44.32
N ASP E 406 -0.11 36.87 45.00
CA ASP E 406 1.26 36.76 44.54
C ASP E 406 2.00 35.77 45.43
N ILE E 407 3.29 35.64 45.19
CA ILE E 407 4.20 34.90 46.06
C ILE E 407 5.43 35.78 46.27
N ALA E 408 5.73 36.11 47.53
CA ALA E 408 6.84 36.98 47.83
C ALA E 408 8.17 36.31 47.49
N ALA E 409 9.16 37.13 47.18
CA ALA E 409 10.47 36.62 46.79
C ALA E 409 11.29 36.21 48.00
N ASP E 410 11.97 35.07 47.87
CA ASP E 410 12.84 34.56 48.93
C ASP E 410 13.98 33.79 48.28
N GLN E 411 14.68 32.97 49.07
CA GLN E 411 15.87 32.30 48.58
C GLN E 411 15.58 31.02 47.81
N THR E 412 14.33 30.52 47.84
CA THR E 412 13.96 29.32 47.10
C THR E 412 13.37 29.64 45.73
N GLN E 413 12.32 30.46 45.69
CA GLN E 413 11.75 30.96 44.44
C GLN E 413 11.66 32.48 44.51
N GLY E 414 11.16 33.09 43.44
CA GLY E 414 11.09 34.54 43.37
C GLY E 414 9.68 35.09 43.34
N SER E 415 9.56 36.40 43.13
CA SER E 415 8.25 37.02 43.03
C SER E 415 7.57 36.60 41.73
N THR E 416 6.29 36.25 41.81
CA THR E 416 5.52 35.76 40.68
C THR E 416 4.48 36.81 40.29
N PHE E 417 4.49 37.21 39.02
CA PHE E 417 3.56 38.20 38.50
C PHE E 417 2.30 37.48 38.04
N THR E 418 1.33 37.41 38.94
CA THR E 418 0.04 36.77 38.62
C THR E 418 -0.80 37.77 37.83
N SER E 419 -0.89 37.53 36.53
CA SER E 419 -1.62 38.41 35.61
C SER E 419 -2.87 37.69 35.12
N LEU E 420 -4.04 38.27 35.39
CA LEU E 420 -5.29 37.69 34.95
C LEU E 420 -5.49 37.93 33.46
N LEU E 421 -6.22 37.02 32.81
CA LEU E 421 -6.47 37.11 31.37
C LEU E 421 -7.96 37.04 31.07
N VAL E 422 -8.80 37.66 31.91
CA VAL E 422 -10.24 37.68 31.69
C VAL E 422 -10.79 39.04 32.09
N LYS E 423 -11.81 39.48 31.37
CA LYS E 423 -12.53 40.71 31.68
C LYS E 423 -13.69 40.39 32.62
N ASP E 424 -14.60 41.35 32.78
CA ASP E 424 -15.74 41.17 33.67
C ASP E 424 -16.87 40.37 33.04
N GLY E 425 -16.93 40.28 31.71
CA GLY E 425 -18.04 39.62 31.06
C GLY E 425 -17.69 38.80 29.82
N ASP E 426 -16.48 38.24 29.79
CA ASP E 426 -16.02 37.48 28.63
C ASP E 426 -16.74 36.14 28.54
N HIS E 427 -16.59 35.50 27.38
CA HIS E 427 -17.11 34.16 27.12
C HIS E 427 -15.91 33.22 27.01
N ILE E 428 -15.63 32.50 28.09
CA ILE E 428 -14.46 31.63 28.16
C ILE E 428 -14.82 30.26 27.60
N GLY E 429 -13.95 29.73 26.73
CA GLY E 429 -14.07 28.37 26.28
C GLY E 429 -13.58 27.40 27.32
N PRO E 430 -13.95 26.12 27.17
CA PRO E 430 -13.54 25.11 28.17
C PRO E 430 -12.05 24.82 28.12
N GLY E 431 -11.32 25.22 29.16
CA GLY E 431 -9.90 25.04 29.22
C GLY E 431 -9.06 26.24 28.82
N ALA E 432 -9.69 27.38 28.55
CA ALA E 432 -8.95 28.56 28.12
C ALA E 432 -8.15 29.14 29.29
N VAL E 433 -7.17 29.97 28.94
CA VAL E 433 -6.29 30.58 29.92
C VAL E 433 -6.95 31.80 30.53
N ILE E 434 -7.05 31.82 31.86
CA ILE E 434 -7.57 32.98 32.58
C ILE E 434 -6.52 33.64 33.46
N ALA E 435 -5.34 33.05 33.61
CA ALA E 435 -4.27 33.64 34.39
C ALA E 435 -2.94 33.11 33.88
N ARG E 436 -1.92 33.97 33.94
CA ARG E 436 -0.56 33.61 33.57
C ARG E 436 0.38 34.05 34.67
N THR E 437 1.24 33.15 35.12
CA THR E 437 2.21 33.42 36.17
C THR E 437 3.58 32.92 35.73
N ASP E 438 4.56 33.05 36.63
CA ASP E 438 5.95 32.76 36.29
C ASP E 438 6.53 31.66 37.17
N THR F 10 48.82 68.15 9.40
CA THR F 10 49.09 66.82 9.93
C THR F 10 48.65 66.71 11.38
N LYS F 11 47.65 65.86 11.62
CA LYS F 11 47.10 65.65 12.95
C LYS F 11 47.59 64.33 13.54
N ASP F 12 47.52 64.25 14.87
CA ASP F 12 48.03 63.09 15.60
C ASP F 12 46.89 62.39 16.32
N VAL F 13 46.97 61.06 16.38
CA VAL F 13 45.98 60.24 17.05
C VAL F 13 46.58 59.74 18.35
N ALA F 14 45.94 60.10 19.47
CA ALA F 14 46.40 59.75 20.80
C ALA F 14 45.42 58.79 21.46
N SER F 15 45.93 58.00 22.40
CA SER F 15 45.11 57.02 23.09
C SER F 15 44.11 57.70 24.02
N ASP F 16 42.99 57.01 24.28
CA ASP F 16 41.95 57.51 25.16
C ASP F 16 41.96 56.86 26.54
N LEU F 17 42.63 55.72 26.69
CA LEU F 17 42.68 55.01 27.96
C LEU F 17 44.10 54.48 28.18
N ALA F 18 44.45 54.31 29.45
CA ALA F 18 45.75 53.78 29.80
C ALA F 18 45.78 52.27 29.68
N GLY F 19 46.98 51.73 29.46
CA GLY F 19 47.15 50.30 29.36
C GLY F 19 48.15 49.85 28.32
N GLN F 20 48.43 48.56 28.27
CA GLN F 20 49.42 48.03 27.35
C GLN F 20 48.92 48.13 25.91
N VAL F 21 49.87 48.33 24.99
CA VAL F 21 49.58 48.54 23.57
C VAL F 21 49.89 47.25 22.82
N LYS F 22 48.96 46.82 21.95
CA LYS F 22 49.14 45.63 21.13
C LYS F 22 48.74 45.95 19.70
N PHE F 23 49.68 45.83 18.78
CA PHE F 23 49.36 45.90 17.36
C PHE F 23 48.77 44.57 16.94
N VAL F 24 47.61 44.59 16.28
CA VAL F 24 46.96 43.33 15.87
C VAL F 24 47.20 43.02 14.40
N ASN F 25 46.97 44.00 13.51
CA ASN F 25 47.27 43.84 12.09
C ASN F 25 47.96 45.13 11.64
N LEU F 26 49.28 45.18 11.83
CA LEU F 26 50.02 46.41 11.57
C LEU F 26 51.49 46.06 11.37
N ASP F 27 52.02 46.35 10.18
CA ASP F 27 53.42 46.16 9.86
C ASP F 27 54.09 47.52 9.78
N ALA F 28 55.22 47.66 10.49
CA ALA F 28 55.92 48.94 10.61
C ALA F 28 57.28 48.84 9.96
N GLU F 29 57.67 49.91 9.26
CA GLU F 29 58.99 50.01 8.65
C GLU F 29 59.90 50.83 9.54
N GLU F 30 61.12 50.34 9.77
CA GLU F 30 62.14 51.09 10.48
C GLU F 30 62.96 51.90 9.47
N LYS F 31 62.33 52.96 8.97
CA LYS F 31 62.89 53.75 7.89
C LYS F 31 64.02 54.62 8.41
N ARG F 32 65.12 54.67 7.66
CA ARG F 32 66.33 55.37 8.07
C ARG F 32 66.68 56.45 7.06
N ASP F 33 66.98 57.66 7.57
CA ASP F 33 67.24 58.83 6.74
C ASP F 33 68.57 59.47 7.11
N ARG F 34 68.82 60.68 6.57
CA ARG F 34 70.05 61.40 6.89
C ARG F 34 69.98 62.05 8.27
N GLN F 35 69.01 62.94 8.47
CA GLN F 35 68.83 63.67 9.72
C GLN F 35 67.52 63.24 10.34
N GLY F 36 67.55 62.91 11.62
CA GLY F 36 66.45 62.17 12.21
C GLY F 36 66.41 60.80 11.57
N THR F 37 67.46 60.02 11.82
CA THR F 37 67.73 58.80 11.06
C THR F 37 66.59 57.79 11.15
N THR F 38 66.35 57.23 12.32
CA THR F 38 65.45 56.09 12.46
C THR F 38 64.06 56.57 12.85
N THR F 39 63.06 56.11 12.10
CA THR F 39 61.67 56.38 12.41
C THR F 39 60.83 55.15 12.10
N ARG F 40 59.91 54.83 13.01
CA ARG F 40 59.01 53.70 12.84
C ARG F 40 57.73 54.19 12.18
N ILE F 41 57.49 53.75 10.94
CA ILE F 41 56.35 54.21 10.16
C ILE F 41 55.38 53.05 9.97
N ALA F 42 54.14 53.39 9.60
CA ALA F 42 53.08 52.43 9.33
C ALA F 42 52.60 52.68 7.91
N PRO F 43 53.32 52.16 6.90
CA PRO F 43 53.00 52.53 5.51
C PRO F 43 51.60 52.14 5.07
N LYS F 44 51.09 50.99 5.54
CA LYS F 44 49.78 50.51 5.12
C LYS F 44 48.70 50.69 6.18
N GLY F 45 49.05 51.30 7.32
CA GLY F 45 48.10 51.45 8.41
C GLY F 45 47.93 50.16 9.19
N GLY F 46 47.00 50.20 10.14
CA GLY F 46 46.74 49.04 10.95
C GLY F 46 45.92 49.40 12.17
N LEU F 47 45.89 48.46 13.13
CA LEU F 47 45.11 48.61 14.34
C LEU F 47 46.03 48.45 15.56
N ILE F 48 46.09 49.51 16.37
CA ILE F 48 46.84 49.55 17.61
C ILE F 48 45.85 49.51 18.77
N TRP F 49 45.54 48.31 19.25
CA TRP F 49 44.63 48.17 20.38
C TRP F 49 45.31 48.63 21.66
N VAL F 50 44.55 49.32 22.51
CA VAL F 50 45.03 49.67 23.84
C VAL F 50 44.31 48.79 24.84
N LEU F 51 44.94 47.67 25.21
CA LEU F 51 44.39 46.82 26.26
C LEU F 51 44.34 47.59 27.56
N SER F 52 43.17 47.60 28.20
CA SER F 52 42.95 48.47 29.35
C SER F 52 43.76 48.01 30.55
N GLY F 53 43.90 48.90 31.52
CA GLY F 53 44.64 48.62 32.73
C GLY F 53 45.19 49.87 33.38
N GLU F 54 45.06 49.98 34.69
CA GLU F 54 45.63 51.10 35.42
C GLU F 54 47.14 51.08 35.32
N VAL F 55 47.72 52.23 34.95
CA VAL F 55 49.16 52.35 34.73
C VAL F 55 49.72 53.29 35.80
N TYR F 56 50.71 52.81 36.53
CA TYR F 56 51.37 53.59 37.57
C TYR F 56 52.74 54.03 37.06
N ASN F 57 52.99 55.33 37.11
CA ASN F 57 54.28 55.92 36.78
C ASN F 57 55.21 55.76 37.98
N LEU F 58 56.18 54.88 37.86
CA LEU F 58 57.12 54.69 38.97
C LEU F 58 58.11 55.85 39.02
N PRO F 59 58.59 56.19 40.21
CA PRO F 59 59.64 57.21 40.35
C PRO F 59 60.93 56.74 39.69
N PRO F 60 61.93 57.63 39.55
CA PRO F 60 63.12 57.27 38.76
C PRO F 60 63.84 56.01 39.22
N GLY F 61 63.84 55.71 40.53
CA GLY F 61 64.62 54.60 41.03
C GLY F 61 63.83 53.46 41.65
N ALA F 62 62.73 53.07 41.02
CA ALA F 62 61.83 52.06 41.58
C ALA F 62 62.17 50.69 41.01
N GLU F 63 62.43 49.73 41.90
CA GLU F 63 62.65 48.34 41.51
C GLU F 63 61.41 47.52 41.85
N PRO F 64 60.75 46.92 40.88
CA PRO F 64 59.48 46.23 41.18
C PRO F 64 59.67 45.04 42.11
N VAL F 65 58.68 44.84 42.99
CA VAL F 65 58.61 43.65 43.83
C VAL F 65 57.41 42.79 43.48
N VAL F 66 56.74 43.07 42.36
CA VAL F 66 55.67 42.24 41.83
C VAL F 66 56.00 41.92 40.38
N LYS F 67 55.84 40.65 40.01
CA LYS F 67 56.19 40.15 38.69
C LYS F 67 54.93 39.94 37.85
N ASN F 68 55.11 39.36 36.67
CA ASN F 68 54.02 39.16 35.73
C ASN F 68 53.00 38.17 36.31
N GLY F 69 51.76 38.63 36.49
CA GLY F 69 50.67 37.77 36.87
C GLY F 69 50.34 37.72 38.35
N ASP F 70 51.00 38.54 39.17
CA ASP F 70 50.71 38.51 40.61
C ASP F 70 49.34 39.08 40.89
N ARG F 71 48.58 38.37 41.73
CA ARG F 71 47.27 38.83 42.21
C ARG F 71 47.49 39.60 43.50
N ILE F 72 47.54 40.93 43.40
CA ILE F 72 47.83 41.79 44.53
C ILE F 72 46.60 42.65 44.81
N GLU F 73 46.16 42.67 46.07
CA GLU F 73 45.01 43.46 46.44
C GLU F 73 45.45 44.91 46.73
N ALA F 74 44.48 45.75 47.10
CA ALA F 74 44.67 47.19 47.09
C ALA F 74 45.73 47.60 48.13
N GLY F 75 46.77 48.27 47.66
CA GLY F 75 47.78 48.83 48.54
C GLY F 75 49.05 48.03 48.71
N ALA F 76 49.24 46.96 47.93
CA ALA F 76 50.43 46.13 48.09
C ALA F 76 51.67 46.89 47.63
N VAL F 77 52.83 46.39 48.06
CA VAL F 77 54.10 47.02 47.73
C VAL F 77 54.41 46.67 46.27
N MSE F 78 54.45 47.69 45.41
CA MSE F 78 54.69 47.49 43.98
C MSE F 78 56.16 47.59 43.62
O MSE F 78 56.70 46.72 42.93
CB MSE F 78 53.92 48.52 43.15
CG MSE F 78 52.53 48.08 42.74
SE MSE F 78 51.68 49.41 41.59
CE MSE F 78 50.18 48.33 40.97
N ALA F 79 56.81 48.66 44.08
CA ALA F 79 58.23 48.88 43.82
C ALA F 79 58.80 49.74 44.93
N GLU F 80 60.00 49.40 45.38
CA GLU F 80 60.68 50.11 46.46
C GLU F 80 61.82 50.93 45.89
N THR F 81 61.88 52.20 46.26
CA THR F 81 62.98 53.09 45.92
C THR F 81 63.92 53.23 47.10
N THR F 82 65.14 53.67 46.81
CA THR F 82 66.18 53.76 47.83
C THR F 82 66.86 55.12 47.77
N VAL F 83 66.91 55.79 48.92
CA VAL F 83 67.72 57.00 49.08
C VAL F 83 68.85 56.65 50.03
N LYS F 84 70.00 56.25 49.47
CA LYS F 84 71.07 55.67 50.26
C LYS F 84 71.90 56.76 50.93
N THR F 85 72.99 56.33 51.57
CA THR F 85 74.05 57.19 52.04
C THR F 85 75.35 56.80 51.34
N GLU F 86 76.43 57.47 51.72
CA GLU F 86 77.78 57.17 51.25
C GLU F 86 78.76 57.99 52.10
N HIS F 87 79.96 57.45 52.34
CA HIS F 87 80.91 58.06 53.29
C HIS F 87 80.23 58.26 54.64
N GLY F 88 79.71 57.15 55.19
CA GLY F 88 78.95 57.18 56.42
C GLY F 88 79.71 57.68 57.62
N GLY F 89 79.15 58.68 58.30
CA GLY F 89 79.71 59.19 59.53
C GLY F 89 78.74 59.05 60.68
N VAL F 90 78.26 60.17 61.21
CA VAL F 90 77.26 60.19 62.27
C VAL F 90 76.08 61.03 61.80
N VAL F 91 74.88 60.66 62.24
CA VAL F 91 73.63 61.26 61.78
C VAL F 91 73.00 62.03 62.92
N ARG F 92 72.60 63.27 62.63
CA ARG F 92 71.81 64.09 63.55
C ARG F 92 70.49 64.42 62.88
N LEU F 93 69.39 64.16 63.58
CA LEU F 93 68.04 64.38 63.04
C LEU F 93 67.33 65.44 63.87
N PRO F 94 67.31 66.70 63.42
CA PRO F 94 66.69 67.76 64.21
C PRO F 94 65.17 67.72 64.21
N GLU F 95 64.55 68.77 64.75
CA GLU F 95 63.10 68.83 64.91
C GLU F 95 62.43 69.09 63.57
N GLN F 96 61.12 69.37 63.59
CA GLN F 96 60.33 69.48 62.37
C GLN F 96 60.76 70.68 61.54
N GLN F 97 60.99 70.45 60.25
CA GLN F 97 61.27 71.51 59.27
C GLN F 97 60.70 71.05 57.94
N ASP F 98 59.53 71.59 57.59
CA ASP F 98 58.84 71.21 56.37
C ASP F 98 59.54 71.83 55.16
N SER F 99 60.58 71.13 54.69
CA SER F 99 61.35 71.57 53.53
C SER F 99 60.51 71.30 52.28
N LYS F 100 59.62 72.25 52.01
CA LYS F 100 58.61 72.10 50.94
C LYS F 100 57.79 70.84 51.14
N GLY F 101 57.52 70.51 52.40
CA GLY F 101 56.77 69.32 52.75
C GLY F 101 57.65 68.19 53.25
N GLY F 102 58.79 68.00 52.60
CA GLY F 102 59.67 66.91 52.92
C GLY F 102 60.51 67.18 54.16
N ARG F 103 61.32 66.18 54.51
CA ARG F 103 62.19 66.24 55.68
C ARG F 103 63.65 66.35 55.25
N GLU F 104 64.52 66.45 56.25
CA GLU F 104 65.94 66.69 56.03
C GLU F 104 66.75 65.70 56.86
N VAL F 105 67.57 64.91 56.19
CA VAL F 105 68.48 63.97 56.84
C VAL F 105 69.91 64.48 56.66
N GLU F 106 70.69 64.41 57.73
CA GLU F 106 72.07 64.89 57.74
C GLU F 106 72.98 63.76 58.20
N ILE F 107 74.17 63.69 57.62
CA ILE F 107 75.17 62.68 58.00
C ILE F 107 76.57 63.29 58.02
N GLU F 399 76.38 66.39 55.19
CA GLU F 399 75.74 66.45 53.87
C GLU F 399 74.28 66.84 53.99
N SER F 400 73.70 67.29 52.88
CA SER F 400 72.30 67.69 52.81
C SER F 400 71.50 66.58 52.14
N LEU F 401 70.55 66.01 52.86
CA LEU F 401 69.66 64.99 52.32
C LEU F 401 68.23 65.54 52.37
N ILE F 402 67.84 66.27 51.33
CA ILE F 402 66.48 66.80 51.23
C ILE F 402 65.60 65.69 50.66
N ILE F 403 64.72 65.15 51.50
CA ILE F 403 63.91 63.99 51.14
C ILE F 403 62.45 64.43 51.01
N ARG F 404 61.82 64.07 49.91
CA ARG F 404 60.43 64.45 49.68
C ARG F 404 59.51 63.68 50.62
N ARG F 405 58.49 64.38 51.12
CA ARG F 405 57.60 63.82 52.14
C ARG F 405 56.84 62.60 51.63
N ASP F 406 55.93 62.80 50.68
CA ASP F 406 55.10 61.75 50.12
C ASP F 406 54.25 62.37 49.01
N ILE F 407 53.55 61.51 48.28
CA ILE F 407 52.66 61.92 47.21
C ILE F 407 51.37 61.13 47.33
N ALA F 408 50.23 61.83 47.27
CA ALA F 408 48.94 61.15 47.29
C ALA F 408 48.66 60.51 45.94
N ALA F 409 47.70 59.60 45.94
CA ALA F 409 47.35 58.87 44.72
C ALA F 409 46.66 59.80 43.73
N ASP F 410 47.18 59.84 42.50
CA ASP F 410 46.56 60.62 41.44
C ASP F 410 46.43 59.77 40.17
N GLN F 411 46.09 60.41 39.06
CA GLN F 411 45.79 59.66 37.83
C GLN F 411 47.02 58.97 37.27
N THR F 412 48.21 59.51 37.48
CA THR F 412 49.42 59.03 36.82
C THR F 412 50.27 58.12 37.70
N GLN F 413 50.40 58.42 38.99
CA GLN F 413 51.25 57.62 39.87
C GLN F 413 50.47 57.27 41.14
N GLY F 414 51.04 56.36 41.92
CA GLY F 414 50.40 55.88 43.13
C GLY F 414 50.96 56.52 44.39
N SER F 415 50.24 56.29 45.49
CA SER F 415 50.64 56.85 46.78
C SER F 415 51.94 56.22 47.27
N THR F 416 52.73 57.02 47.98
CA THR F 416 54.03 56.60 48.49
C THR F 416 54.09 56.83 50.00
N PHE F 417 54.64 55.84 50.71
CA PHE F 417 54.88 55.94 52.14
C PHE F 417 56.33 55.59 52.43
N THR F 418 56.97 56.37 53.30
CA THR F 418 58.39 56.25 53.57
C THR F 418 58.63 55.49 54.89
N SER F 419 59.90 55.15 55.12
CA SER F 419 60.32 54.47 56.33
C SER F 419 61.78 54.80 56.60
N LEU F 420 62.11 54.95 57.88
CA LEU F 420 63.46 55.30 58.31
C LEU F 420 64.04 54.16 59.14
N LEU F 421 65.21 53.68 58.73
CA LEU F 421 65.88 52.58 59.40
C LEU F 421 66.95 53.03 60.39
N VAL F 422 67.20 54.33 60.50
CA VAL F 422 68.28 54.85 61.33
C VAL F 422 67.69 55.69 62.45
N LYS F 423 68.19 55.47 63.66
CA LYS F 423 67.82 56.29 64.81
C LYS F 423 68.68 57.55 64.80
N ASP F 424 68.68 58.30 65.90
CA ASP F 424 69.30 59.61 65.95
C ASP F 424 70.78 59.57 66.30
N GLY F 425 71.35 58.39 66.56
CA GLY F 425 72.75 58.33 66.97
C GLY F 425 73.53 57.14 66.47
N ASP F 426 73.02 56.45 65.45
CA ASP F 426 73.68 55.26 64.94
C ASP F 426 74.96 55.61 64.18
N HIS F 427 75.83 54.61 64.05
CA HIS F 427 77.05 54.72 63.25
C HIS F 427 76.79 54.07 61.90
N ILE F 428 76.43 54.88 60.92
CA ILE F 428 76.05 54.39 59.60
C ILE F 428 77.31 54.02 58.83
N GLY F 429 77.39 52.77 58.39
CA GLY F 429 78.44 52.36 57.48
C GLY F 429 78.24 53.02 56.14
N PRO F 430 79.33 53.25 55.40
CA PRO F 430 79.20 53.95 54.11
C PRO F 430 78.37 53.15 53.13
N GLY F 431 77.18 53.64 52.81
CA GLY F 431 76.23 52.93 51.98
C GLY F 431 75.14 52.19 52.73
N ALA F 432 75.12 52.27 54.06
CA ALA F 432 74.09 51.60 54.84
C ALA F 432 72.73 52.27 54.65
N VAL F 433 71.68 51.55 55.02
CA VAL F 433 70.32 51.96 54.72
C VAL F 433 69.87 53.07 55.65
N ILE F 434 69.20 54.07 55.08
CA ILE F 434 68.47 55.05 55.89
C ILE F 434 67.01 55.17 55.50
N ALA F 435 66.62 54.85 54.27
CA ALA F 435 65.28 55.09 53.78
C ALA F 435 64.74 53.86 53.06
N ARG F 436 63.42 53.71 53.11
CA ARG F 436 62.73 52.62 52.42
C ARG F 436 61.34 53.13 52.07
N THR F 437 61.17 53.55 50.82
CA THR F 437 59.91 54.14 50.34
C THR F 437 59.28 53.23 49.31
N ASP F 438 58.00 52.95 49.48
CA ASP F 438 57.24 52.08 48.58
C ASP F 438 56.21 52.91 47.82
N ILE F 439 55.68 52.31 46.75
CA ILE F 439 54.62 52.91 45.95
C ILE F 439 53.40 52.02 46.09
N LYS F 440 52.35 52.53 46.72
CA LYS F 440 51.15 51.76 46.95
C LYS F 440 50.24 51.80 45.72
N ALA F 441 49.22 50.93 45.74
CA ALA F 441 48.29 50.79 44.62
C ALA F 441 46.92 51.31 45.03
N LYS F 442 46.28 52.04 44.12
CA LYS F 442 44.96 52.61 44.40
C LYS F 442 43.90 51.53 44.50
N GLN F 443 43.90 50.56 43.58
CA GLN F 443 42.84 49.57 43.47
C GLN F 443 43.44 48.18 43.33
N ALA F 444 42.64 47.18 43.73
CA ALA F 444 43.08 45.80 43.81
C ALA F 444 42.95 45.09 42.47
N GLY F 445 43.95 44.27 42.14
CA GLY F 445 43.88 43.51 40.90
C GLY F 445 45.02 42.56 40.63
N GLU F 446 45.40 42.46 39.36
CA GLU F 446 46.47 41.59 38.89
C GLU F 446 47.45 42.41 38.06
N VAL F 447 48.74 42.24 38.32
CA VAL F 447 49.78 43.02 37.64
C VAL F 447 50.25 42.26 36.41
N GLN F 448 50.28 42.94 35.27
CA GLN F 448 50.67 42.34 34.00
C GLN F 448 51.54 43.31 33.22
N GLY F 449 52.71 42.84 32.80
CA GLY F 449 53.51 43.59 31.85
C GLY F 449 54.30 44.75 32.43
N ILE F 450 55.25 44.47 33.32
CA ILE F 450 56.20 45.47 33.76
C ILE F 450 57.28 45.62 32.70
N VAL F 451 57.89 46.81 32.64
CA VAL F 451 58.93 47.05 31.64
C VAL F 451 60.11 46.13 31.91
N ARG F 452 60.52 45.39 30.88
CA ARG F 452 61.48 44.30 31.04
C ARG F 452 62.93 44.75 30.82
N SER F 453 63.24 46.01 31.08
CA SER F 453 64.60 46.52 30.98
C SER F 453 65.15 46.77 32.37
N GLY F 454 66.32 46.19 32.65
CA GLY F 454 66.93 46.36 33.96
C GLY F 454 67.33 47.81 34.21
N GLU F 455 67.21 48.23 35.47
CA GLU F 455 67.51 49.57 35.98
C GLU F 455 66.62 50.65 35.36
N SER F 456 65.69 50.28 34.48
CA SER F 456 64.70 51.21 33.93
C SER F 456 63.36 50.48 33.88
N VAL F 457 62.61 50.56 34.97
CA VAL F 457 61.23 50.06 35.00
C VAL F 457 60.33 51.26 35.21
N ARG F 458 59.90 51.88 34.10
CA ARG F 458 59.26 53.19 34.18
C ARG F 458 57.83 53.09 34.70
N ARG F 459 57.06 52.11 34.24
CA ARG F 459 55.64 52.05 34.54
C ARG F 459 55.21 50.61 34.81
N ILE F 460 54.17 50.47 35.62
CA ILE F 460 53.64 49.16 36.00
C ILE F 460 52.14 49.14 35.73
N LEU F 461 51.66 48.09 35.07
CA LEU F 461 50.24 47.92 34.80
C LEU F 461 49.61 46.95 35.79
N VAL F 462 48.43 47.32 36.28
CA VAL F 462 47.59 46.44 37.09
C VAL F 462 46.15 46.60 36.63
N VAL F 463 45.44 45.49 36.55
CA VAL F 463 44.04 45.47 36.11
C VAL F 463 43.17 45.11 37.30
N THR F 464 42.09 45.87 37.48
CA THR F 464 41.30 45.83 38.70
C THR F 464 39.88 45.36 38.40
N ASP F 465 39.02 45.43 39.41
CA ASP F 465 37.63 45.01 39.25
C ASP F 465 36.90 45.89 38.23
N SER F 466 37.36 47.12 38.05
CA SER F 466 36.72 48.04 37.12
C SER F 466 37.11 47.79 35.67
N ASP F 467 38.10 46.95 35.40
CA ASP F 467 38.62 46.75 34.05
C ASP F 467 38.10 45.48 33.38
N ARG F 468 37.83 44.42 34.15
CA ARG F 468 37.39 43.16 33.59
C ARG F 468 35.89 42.99 33.79
N LEU F 469 35.23 42.39 32.80
CA LEU F 469 33.81 42.09 32.88
C LEU F 469 33.60 40.60 32.66
N ARG F 470 32.79 40.00 33.53
CA ARG F 470 32.41 38.59 33.40
C ARG F 470 30.97 38.51 32.89
N VAL F 471 30.77 37.79 31.80
CA VAL F 471 29.46 37.59 31.21
C VAL F 471 29.08 36.12 31.40
N GLU F 472 27.88 35.88 31.93
CA GLU F 472 27.48 34.53 32.25
C GLU F 472 26.88 33.85 31.03
N THR F 473 27.46 32.71 30.64
CA THR F 473 26.92 31.87 29.57
C THR F 473 26.28 30.66 30.24
N ASN F 474 24.94 30.62 30.24
CA ASN F 474 24.23 29.62 31.02
C ASN F 474 24.41 28.22 30.45
N GLY F 475 24.29 28.06 29.13
CA GLY F 475 24.33 26.73 28.55
C GLY F 475 25.28 26.54 27.37
N ALA F 476 25.69 27.63 26.73
CA ALA F 476 26.41 27.55 25.47
C ALA F 476 27.91 27.37 25.68
N LYS F 477 28.59 27.08 24.57
CA LYS F 477 30.04 26.94 24.52
C LYS F 477 30.65 28.11 23.76
N PRO F 478 31.60 28.82 24.37
CA PRO F 478 32.12 30.04 23.72
C PRO F 478 32.88 29.72 22.43
N THR F 479 32.85 30.68 21.51
CA THR F 479 33.57 30.61 20.25
C THR F 479 34.81 31.50 20.23
N VAL F 480 35.20 32.06 21.38
CA VAL F 480 36.30 33.00 21.45
C VAL F 480 37.40 32.43 22.33
N LYS F 481 38.65 32.76 22.00
CA LYS F 481 39.82 32.24 22.68
C LYS F 481 40.66 33.39 23.22
N VAL F 482 41.70 33.01 23.99
CA VAL F 482 42.40 33.97 24.85
C VAL F 482 42.99 35.11 24.02
N GLY F 483 43.65 34.79 22.92
CA GLY F 483 44.33 35.81 22.13
C GLY F 483 43.42 36.70 21.31
N ASP F 484 42.14 36.38 21.22
CA ASP F 484 41.23 37.13 20.37
C ASP F 484 40.87 38.48 20.97
N LEU F 485 40.40 39.37 20.10
CA LEU F 485 39.88 40.68 20.50
C LEU F 485 38.53 40.87 19.82
N VAL F 486 37.52 41.23 20.60
CA VAL F 486 36.15 41.24 20.10
C VAL F 486 35.65 42.68 19.94
N ARG F 487 34.56 42.82 19.20
CA ARG F 487 33.95 44.08 18.86
C ARG F 487 32.51 44.11 19.34
N PRO F 488 31.92 45.29 19.51
CA PRO F 488 30.51 45.37 19.96
C PRO F 488 29.58 44.72 18.95
N GLY F 489 28.92 43.65 19.39
CA GLY F 489 28.04 42.87 18.56
C GLY F 489 28.62 41.57 18.05
N ASP F 490 29.93 41.37 18.18
CA ASP F 490 30.56 40.13 17.77
C ASP F 490 30.10 38.98 18.66
N GLU F 491 30.06 37.79 18.08
CA GLU F 491 29.69 36.59 18.83
C GLU F 491 30.91 36.07 19.59
N MSE F 492 30.74 35.86 20.89
CA MSE F 492 31.78 35.24 21.70
C MSE F 492 31.35 33.83 22.07
O MSE F 492 32.16 32.90 22.12
CB MSE F 492 32.05 36.06 22.96
CG MSE F 492 32.56 37.47 22.69
SE MSE F 492 33.01 38.40 24.34
CE MSE F 492 31.30 38.24 25.26
N ALA F 493 30.06 33.68 22.35
CA ALA F 493 29.45 32.39 22.66
C ALA F 493 28.17 32.24 21.86
N LYS F 494 27.71 30.99 21.74
CA LYS F 494 26.50 30.70 20.98
C LYS F 494 25.30 31.37 21.62
N GLY F 495 24.74 32.37 20.93
CA GLY F 495 23.63 33.13 21.45
C GLY F 495 24.01 34.34 22.28
N VAL F 496 25.30 34.57 22.52
CA VAL F 496 25.77 35.70 23.32
C VAL F 496 26.61 36.60 22.43
N THR F 497 26.26 37.88 22.39
CA THR F 497 27.00 38.88 21.63
C THR F 497 27.71 39.81 22.59
N ALA F 498 28.95 40.16 22.25
CA ALA F 498 29.77 40.97 23.14
C ALA F 498 29.16 42.36 23.32
N PRO F 499 29.04 42.86 24.55
CA PRO F 499 28.43 44.18 24.75
C PRO F 499 29.37 45.35 24.56
N GLU F 500 30.68 45.10 24.47
CA GLU F 500 31.65 46.18 24.43
C GLU F 500 32.88 45.74 23.66
N THR F 501 33.67 46.71 23.22
CA THR F 501 34.97 46.42 22.64
C THR F 501 35.91 45.99 23.76
N ALA F 502 36.46 44.79 23.66
CA ALA F 502 37.29 44.25 24.73
C ALA F 502 38.09 43.08 24.20
N ALA F 503 39.03 42.62 25.03
CA ALA F 503 39.83 41.44 24.75
C ALA F 503 39.56 40.42 25.84
N VAL F 504 39.20 39.20 25.44
CA VAL F 504 38.84 38.18 26.43
C VAL F 504 40.10 37.67 27.11
N MSE F 505 40.00 37.46 28.42
CA MSE F 505 41.16 37.07 29.22
C MSE F 505 41.05 35.64 29.71
O MSE F 505 41.96 34.83 29.49
CB MSE F 505 41.32 38.02 30.41
CG MSE F 505 42.78 38.37 30.71
SE MSE F 505 43.82 36.87 31.37
CE MSE F 505 42.85 36.52 33.03
N ALA F 506 39.95 35.30 30.38
CA ALA F 506 39.79 33.99 30.99
C ALA F 506 38.41 33.43 30.63
N VAL F 507 38.39 32.37 29.83
CA VAL F 507 37.14 31.80 29.32
C VAL F 507 37.00 30.39 29.87
N ALA F 508 35.83 30.09 30.43
CA ALA F 508 35.46 28.76 30.89
C ALA F 508 34.18 28.33 30.18
N ASP F 509 33.63 27.19 30.62
CA ASP F 509 32.40 26.69 30.00
C ASP F 509 31.24 27.64 30.23
N ASP F 510 31.12 28.18 31.44
CA ASP F 510 30.09 29.16 31.75
C ASP F 510 30.66 30.55 32.06
N HIS F 511 31.96 30.66 32.29
CA HIS F 511 32.60 31.93 32.59
C HIS F 511 33.33 32.44 31.35
N VAL F 512 33.03 33.68 30.96
CA VAL F 512 33.84 34.41 29.99
C VAL F 512 34.16 35.77 30.59
N ILE F 513 35.45 36.02 30.84
CA ILE F 513 35.94 37.23 31.49
C ILE F 513 36.81 37.95 30.48
N LEU F 514 36.38 39.13 30.06
CA LEU F 514 37.03 39.90 29.01
C LEU F 514 37.48 41.25 29.56
N ARG F 515 38.63 41.70 29.08
CA ARG F 515 39.25 42.94 29.53
C ARG F 515 39.03 44.03 28.48
N LEU F 516 38.62 45.21 28.94
CA LEU F 516 38.23 46.29 28.02
C LEU F 516 39.40 46.70 27.13
N ALA F 517 39.05 47.21 25.95
CA ALA F 517 40.03 47.73 25.01
C ALA F 517 39.32 48.60 23.99
N ARG F 518 40.07 49.47 23.33
CA ARG F 518 39.53 50.35 22.31
C ARG F 518 40.43 50.31 21.09
N PRO F 519 39.86 50.19 19.88
CA PRO F 519 40.68 50.20 18.66
C PRO F 519 40.92 51.61 18.14
N TYR F 520 42.03 51.73 17.42
CA TYR F 520 42.41 52.99 16.78
C TYR F 520 42.92 52.68 15.39
N LEU F 521 42.29 53.26 14.37
CA LEU F 521 42.67 53.01 12.99
C LEU F 521 43.79 53.97 12.62
N VAL F 522 45.00 53.44 12.49
CA VAL F 522 46.14 54.22 12.00
C VAL F 522 45.99 54.39 10.50
N SER F 523 45.83 55.63 10.05
CA SER F 523 45.73 55.89 8.62
C SER F 523 47.08 55.63 7.95
N PRO F 524 47.07 55.31 6.65
CA PRO F 524 48.34 55.03 5.96
C PRO F 524 49.29 56.22 6.03
N GLY F 525 50.58 55.91 6.20
CA GLY F 525 51.61 56.92 6.25
C GLY F 525 51.89 57.53 7.60
N ALA F 526 51.40 56.92 8.68
CA ALA F 526 51.50 57.51 10.01
C ALA F 526 52.81 57.11 10.68
N VAL F 527 53.38 58.05 11.44
CA VAL F 527 54.57 57.79 12.23
C VAL F 527 54.14 57.16 13.55
N LEU F 528 54.68 55.99 13.87
CA LEU F 528 54.35 55.30 15.11
C LEU F 528 55.10 55.97 16.25
N GLN F 529 54.36 56.67 17.10
CA GLN F 529 54.93 57.29 18.29
C GLN F 529 55.04 56.32 19.45
N ILE F 530 54.58 55.08 19.28
CA ILE F 530 54.61 54.06 20.32
C ILE F 530 55.09 52.76 19.69
N GLU F 531 55.52 51.83 20.54
CA GLU F 531 56.05 50.55 20.11
C GLU F 531 55.15 49.42 20.60
N GLU F 532 55.43 48.21 20.13
CA GLU F 532 54.68 47.04 20.52
C GLU F 532 54.91 46.74 22.00
N GLY F 533 53.81 46.71 22.77
CA GLY F 533 53.91 46.41 24.18
C GLY F 533 54.20 47.59 25.09
N ASP F 534 54.33 48.80 24.55
CA ASP F 534 54.58 49.96 25.40
C ASP F 534 53.41 50.23 26.33
N LEU F 535 53.74 50.67 27.54
CA LEU F 535 52.75 51.02 28.54
C LEU F 535 52.47 52.53 28.43
N VAL F 536 51.27 52.87 27.99
CA VAL F 536 50.88 54.25 27.78
C VAL F 536 49.96 54.69 28.91
N GLN F 537 49.77 56.00 29.02
CA GLN F 537 48.83 56.60 29.96
C GLN F 537 47.70 57.25 29.17
N ARG F 538 46.80 57.92 29.89
CA ARG F 538 45.69 58.58 29.24
C ARG F 538 46.18 59.78 28.43
N GLY F 539 45.94 59.76 27.12
CA GLY F 539 46.33 60.84 26.24
C GLY F 539 47.68 60.70 25.58
N ASP F 540 48.47 59.70 25.95
CA ASP F 540 49.77 59.51 25.32
C ASP F 540 49.61 59.20 23.83
N ASN F 541 50.45 59.83 23.02
CA ASN F 541 50.31 59.73 21.56
C ASN F 541 50.61 58.32 21.08
N LEU F 542 49.86 57.90 20.05
CA LEU F 542 50.06 56.60 19.44
C LEU F 542 50.36 56.65 17.95
N ALA F 543 49.96 57.70 17.24
CA ALA F 543 50.25 57.79 15.82
C ALA F 543 50.34 59.25 15.40
N LEU F 544 51.17 59.52 14.40
CA LEU F 544 51.35 60.86 13.84
C LEU F 544 51.03 60.77 12.35
N LEU F 545 49.82 61.19 11.98
CA LEU F 545 49.35 61.07 10.61
C LEU F 545 49.86 62.26 9.78
N VAL F 546 50.36 61.97 8.58
CA VAL F 546 50.83 63.02 7.68
C VAL F 546 49.70 63.45 6.75
#